data_6VEJ
#
_entry.id   6VEJ
#
_cell.length_a   1.00
_cell.length_b   1.00
_cell.length_c   1.00
_cell.angle_alpha   90.00
_cell.angle_beta   90.00
_cell.angle_gamma   90.00
#
_symmetry.space_group_name_H-M   'P 1'
#
loop_
_entity.id
_entity.type
_entity.pdbx_description
1 polymer 'Probable Resistance-Nodulation-Cell Division (RND) efflux transporter'
2 polymer 'Probable Resistance-Nodulation-Cell Division (RND) efflux membrane fusion protein,Probable Resistance-Nodulation-Cell Division (RND) efflux membrane fusion protein'
3 non-polymer DODECYL-ALPHA-D-MALTOSIDE
4 non-polymer '(2R)-2-(hexadecanoyloxy)propyl nonadecanoate'
5 non-polymer 'PALMITIC ACID'
#
loop_
_entity_poly.entity_id
_entity_poly.type
_entity_poly.pdbx_seq_one_letter_code
_entity_poly.pdbx_strand_id
1 'polypeptide(L)'
;MAKGGFNLSDWALRHQSLVWYLMAVSLVMGVFSYLNLGREEDPSFAIKTMVIQTRWPGATVDDTLEQVTDRIEKKLEELD
SLDYVKSYTRPGESTVFVYLKDTTKAGDIPDIWYQVRKKISDIQGEFPQGIQGPGFNDEFGDVFGSVYAFTADGLDFRQL
RDYVEKVRLDIRSVKDLGKVQMIGAQNEVIYLNFSTRKLAALGLDQRQVVQSLQAQNAVTPSGVVEAGPERISVRTSGNF
RSEKDLQAVNLRVNDRFYRLSDLASISRDFVDPPTSLFRYKGEPAIGLAVAMKEGGNILEFGEALNARMQEITGELPVGV
GVHQVSNQAQVVKKAVGGFTRALFEAVVIVLIVSFVSLGLRAGLVVACSIPLVLAMVFVFMEYTDITMQRVSLGALIIAL
GLLVDDAMITVEMMITRLELGDSLHDSATYAYTSTAFPMLTGTLVTVAGFVPIGLNASSAGEYTFTLFAVIAVALLLSWI
VAVLFAPVIAVHILPKTLKHKSEQKKGRIAERFDSLLHLAMRRRWTTIFLTALLFGVSLFLMKFVQHQFFPSSDRPELLV
DLNLPQNSSIHETRAVMDRLEATLKDDEDIDHWSAYVGEGAIRFYLPLDQQLQNNFYGQLVIVTKDLEARERVAARLRDR
LRKDYVGISTYVQPLEMGPPVGRPIQYRVSGPQIDKVREYAMGLAGVLDGNPNIGDIVYDWNEPGKMLKIDIAQDKARQL
GLSSEDVAQIMNSVVTGSAVTQVRDDIYLVNVIGRAEDSERGSLETLESLQIVTPSGTSIPLKAFAKVSYELEQPLVWRR
DRKPTITVKASLRGEIQPTDLVARLAPEVKRFADGLPANYRIEVGGTVEESGKAEGPIAKVVPLMLFLMATFLMIQLQSV
QKLFLVASVAPLGLIGVVAALLPTGTPMGFVAILGILALIGIIIRNSVILVTQIDAFEKDGKTPWEAVLEATHHRTRPIL
LTAAAASLGMIPIAREVFWGPMAYAMIGGIVAATLLTLIFLPALYVAWYRIPEPGRHHHHHH
;
A,B,C
2 'polypeptide(L)'
;CGAEPPAEEHVRVLAQTVKMAEFASATSITGDIQARVQADQSFRVGGKIVERLVDVGDHVAAGQVLARLDPQDQRSNVEN
AQAAVAAQQAQSKLADLNYQRQKALLPKGYTSQSEYDQALASVRSAQSSLKAAQAQLANARDLLSYTELRASDAGVITAR
QAEVGQVVQATVPIFTLARDGERDAVFNVYESLFSHDVDGQRITVSLLGKPEVTASGKVREITPTVDERSGTLKVKVGLD
SVPAEMSLGSVVNASVAAPAEHSVVLPWSALSKVGEQPAVWLLDQQGKARLQPVRVARYASEKVVIDGGLEAGQTVVTVG
GQLLHPGQVVEVAQPPQPTQSTASRDAVGGGQPGNSRGGDEPPPAPPRPVLTVTVKTLKNDDLGRFAGSIQARYESVLGF
RTNGRIASRLFDVGDFVGKGALLATLDPTDQQNQLRASQGDLASAEAQLIDAQANARRQEELFARSVTAQARLDDARTRL
KTSQASFDQAKAAVQQARDQLSYTRLVTDFDGVITTWHAEAGQVVSAGQAVVTLARPEVREAVFDLPTEVAESLPADARF
LVSAQLDPQARTTGSIRELGPQADASTRTRRVRLSLAQTPEAFRLGSTIQVQLSSAGSVRSVLPASVLLERDGKTQVWVV
DGKQSSVALREVQVLSRDERQVVIGQGLADGDRVVRAGVNSLKPGQKIKLDEDAR
;
P,Q,R
#
# COMPACT_ATOMS: atom_id res chain seq x y z
N MET A 1 -13.21 -36.91 -35.21
CA MET A 1 -12.62 -37.65 -36.33
C MET A 1 -13.64 -37.76 -37.47
N ALA A 2 -14.09 -36.61 -37.97
CA ALA A 2 -15.07 -36.53 -39.06
C ALA A 2 -16.31 -37.35 -38.73
N LYS A 3 -16.87 -37.10 -37.55
CA LYS A 3 -18.06 -37.81 -37.07
C LYS A 3 -19.11 -36.81 -36.66
N GLY A 4 -20.18 -36.70 -37.45
CA GLY A 4 -21.27 -35.78 -37.17
C GLY A 4 -21.00 -34.32 -37.44
N GLY A 5 -19.91 -34.00 -38.14
CA GLY A 5 -19.57 -32.63 -38.43
C GLY A 5 -19.27 -32.35 -39.90
N PHE A 6 -18.03 -31.93 -40.16
CA PHE A 6 -17.48 -31.61 -41.48
C PHE A 6 -18.34 -30.62 -42.26
N ASN A 7 -19.16 -29.82 -41.59
CA ASN A 7 -19.98 -28.83 -42.28
C ASN A 7 -19.19 -27.56 -42.61
N LEU A 8 -17.88 -27.57 -42.34
CA LEU A 8 -17.04 -26.40 -42.62
C LEU A 8 -17.14 -25.95 -44.07
N SER A 9 -16.95 -26.90 -44.99
CA SER A 9 -16.96 -26.60 -46.42
C SER A 9 -18.28 -26.00 -46.87
N ASP A 10 -19.39 -26.72 -46.66
CA ASP A 10 -20.69 -26.25 -47.11
C ASP A 10 -21.03 -24.89 -46.49
N TRP A 11 -21.10 -24.83 -45.16
CA TRP A 11 -21.44 -23.57 -44.50
C TRP A 11 -20.54 -22.44 -44.97
N ALA A 12 -19.26 -22.74 -45.24
CA ALA A 12 -18.38 -21.71 -45.74
C ALA A 12 -18.82 -21.25 -47.12
N LEU A 13 -19.13 -22.22 -47.98
CA LEU A 13 -19.62 -21.90 -49.32
C LEU A 13 -20.91 -21.13 -49.25
N ARG A 14 -21.73 -21.42 -48.25
CA ARG A 14 -22.99 -20.74 -48.04
C ARG A 14 -22.74 -19.48 -47.21
N HIS A 15 -23.77 -18.67 -47.04
CA HIS A 15 -23.67 -17.43 -46.26
C HIS A 15 -22.54 -16.56 -46.79
N GLN A 16 -22.38 -16.52 -48.11
CA GLN A 16 -21.34 -15.76 -48.79
C GLN A 16 -21.22 -14.33 -48.28
N SER A 17 -22.31 -13.57 -48.41
CA SER A 17 -22.31 -12.18 -47.98
C SER A 17 -21.88 -12.03 -46.53
N LEU A 18 -22.19 -13.00 -45.68
CA LEU A 18 -21.81 -12.90 -44.27
C LEU A 18 -20.30 -12.83 -44.14
N VAL A 19 -19.59 -13.84 -44.67
CA VAL A 19 -18.14 -13.85 -44.59
C VAL A 19 -17.57 -12.61 -45.25
N TRP A 20 -18.18 -12.19 -46.36
CA TRP A 20 -17.71 -10.99 -47.05
C TRP A 20 -17.73 -9.78 -46.12
N TYR A 21 -18.87 -9.55 -45.48
CA TYR A 21 -18.98 -8.40 -44.57
C TYR A 21 -18.04 -8.53 -43.39
N LEU A 22 -17.89 -9.74 -42.85
CA LEU A 22 -16.99 -9.93 -41.73
C LEU A 22 -15.58 -9.55 -42.11
N MET A 23 -15.15 -9.99 -43.30
CA MET A 23 -13.82 -9.66 -43.78
C MET A 23 -13.65 -8.15 -43.91
N ALA A 24 -14.63 -7.50 -44.53
CA ALA A 24 -14.55 -6.06 -44.72
C ALA A 24 -14.43 -5.31 -43.39
N VAL A 25 -15.33 -5.62 -42.45
CA VAL A 25 -15.30 -4.90 -41.17
C VAL A 25 -14.00 -5.17 -40.43
N SER A 26 -13.52 -6.42 -40.47
CA SER A 26 -12.27 -6.71 -39.79
C SER A 26 -11.13 -5.92 -40.39
N LEU A 27 -11.08 -5.85 -41.72
CA LEU A 27 -10.03 -5.09 -42.39
C LEU A 27 -10.05 -3.63 -41.99
N VAL A 28 -11.21 -2.98 -42.10
CA VAL A 28 -11.28 -1.56 -41.78
C VAL A 28 -10.94 -1.33 -40.30
N MET A 29 -11.38 -2.22 -39.42
CA MET A 29 -11.09 -2.06 -38.00
C MET A 29 -9.59 -2.08 -37.76
N GLY A 30 -8.91 -3.10 -38.29
CA GLY A 30 -7.48 -3.17 -38.12
C GLY A 30 -6.77 -1.98 -38.72
N VAL A 31 -7.23 -1.55 -39.89
CA VAL A 31 -6.62 -0.39 -40.55
C VAL A 31 -6.67 0.82 -39.65
N PHE A 32 -7.87 1.21 -39.23
CA PHE A 32 -8.00 2.39 -38.38
C PHE A 32 -7.22 2.24 -37.09
N SER A 33 -7.22 1.05 -36.50
CA SER A 33 -6.50 0.87 -35.25
C SER A 33 -5.00 1.00 -35.42
N TYR A 34 -4.47 0.63 -36.59
CA TYR A 34 -3.04 0.69 -36.83
C TYR A 34 -2.44 2.05 -36.52
N LEU A 35 -3.10 3.12 -36.96
CA LEU A 35 -2.57 4.46 -36.72
C LEU A 35 -2.42 4.76 -35.23
N ASN A 36 -3.34 4.27 -34.42
CA ASN A 36 -3.30 4.51 -32.97
C ASN A 36 -2.70 3.33 -32.23
N LEU A 37 -1.69 2.68 -32.81
CA LEU A 37 -1.08 1.53 -32.15
C LEU A 37 -0.07 1.96 -31.09
N GLY A 38 1.00 2.63 -31.51
CA GLY A 38 2.00 3.05 -30.52
C GLY A 38 3.32 2.40 -30.90
N ARG A 39 4.37 3.20 -30.90
CA ARG A 39 5.71 2.75 -31.26
C ARG A 39 6.70 3.07 -30.16
N GLU A 40 7.56 2.11 -29.85
CA GLU A 40 8.56 2.29 -28.82
C GLU A 40 9.76 1.41 -29.14
N GLU A 41 10.91 1.78 -28.60
CA GLU A 41 12.16 1.07 -28.83
C GLU A 41 12.07 -0.40 -28.45
N ASP A 42 11.83 -0.71 -27.18
CA ASP A 42 11.73 -2.09 -26.73
C ASP A 42 11.04 -2.08 -25.37
N PRO A 43 10.39 -3.18 -24.99
CA PRO A 43 9.69 -3.21 -23.70
C PRO A 43 10.60 -2.84 -22.54
N SER A 44 10.02 -2.11 -21.59
CA SER A 44 10.77 -1.66 -20.42
C SER A 44 10.65 -2.74 -19.34
N PHE A 45 11.64 -3.62 -19.27
CA PHE A 45 11.63 -4.66 -18.26
C PHE A 45 11.74 -4.01 -16.89
N ALA A 46 10.95 -4.50 -15.94
CA ALA A 46 10.94 -3.93 -14.61
C ALA A 46 12.29 -4.03 -13.92
N ILE A 47 12.97 -2.90 -13.73
CA ILE A 47 14.25 -2.91 -13.05
C ILE A 47 14.00 -3.12 -11.56
N LYS A 48 14.82 -3.93 -10.94
CA LYS A 48 14.67 -4.27 -9.53
C LYS A 48 15.90 -3.82 -8.76
N THR A 49 15.78 -2.72 -8.02
CA THR A 49 16.89 -2.20 -7.25
C THR A 49 16.40 -1.07 -6.37
N MET A 50 17.01 -0.93 -5.20
CA MET A 50 16.67 0.14 -4.28
C MET A 50 17.94 0.75 -3.74
N VAL A 51 17.98 2.07 -3.70
CA VAL A 51 19.13 2.81 -3.21
C VAL A 51 18.74 3.48 -1.90
N ILE A 52 19.60 3.37 -0.90
CA ILE A 52 19.33 3.99 0.39
C ILE A 52 20.60 4.70 0.83
N GLN A 53 20.55 6.03 0.87
CA GLN A 53 21.69 6.84 1.28
C GLN A 53 21.57 7.26 2.73
N THR A 54 22.71 7.59 3.33
CA THR A 54 22.71 8.04 4.71
C THR A 54 24.02 8.76 4.98
N ARG A 55 23.95 10.00 5.41
CA ARG A 55 25.12 10.80 5.68
C ARG A 55 25.46 10.77 7.17
N TRP A 56 26.54 11.47 7.51
CA TRP A 56 27.03 11.61 8.86
C TRP A 56 27.99 12.78 8.88
N PRO A 57 28.01 13.61 9.90
CA PRO A 57 28.90 14.77 9.97
C PRO A 57 30.36 14.45 10.29
N GLY A 58 30.91 13.47 9.58
CA GLY A 58 32.29 13.09 9.80
C GLY A 58 32.54 12.20 10.99
N ALA A 59 33.30 11.13 10.76
CA ALA A 59 33.68 10.14 11.75
C ALA A 59 34.59 9.13 11.07
N THR A 60 35.31 8.35 11.88
CA THR A 60 36.20 7.35 11.32
C THR A 60 35.38 6.33 10.54
N VAL A 61 35.68 6.21 9.26
CA VAL A 61 34.98 5.31 8.33
C VAL A 61 34.68 3.96 8.94
N ASP A 62 35.65 3.37 9.63
CA ASP A 62 35.42 2.06 10.25
C ASP A 62 34.28 2.13 11.25
N ASP A 63 34.33 3.11 12.16
CA ASP A 63 33.26 3.24 13.14
C ASP A 63 31.96 3.59 12.44
N THR A 64 32.02 4.46 11.42
CA THR A 64 30.84 4.85 10.68
C THR A 64 30.12 3.62 10.15
N LEU A 65 30.83 2.75 9.45
CA LEU A 65 30.22 1.55 8.91
C LEU A 65 29.73 0.64 10.02
N GLU A 66 30.65 0.20 10.90
CA GLU A 66 30.32 -0.71 11.98
C GLU A 66 29.13 -0.25 12.80
N GLN A 67 28.81 1.04 12.80
CA GLN A 67 27.69 1.53 13.60
C GLN A 67 26.42 1.70 12.79
N VAL A 68 26.47 2.48 11.71
CA VAL A 68 25.27 2.73 10.92
C VAL A 68 25.05 1.66 9.87
N THR A 69 26.06 1.39 9.05
CA THR A 69 25.90 0.42 7.97
C THR A 69 25.57 -0.97 8.50
N ASP A 70 26.32 -1.43 9.50
CA ASP A 70 26.08 -2.75 10.04
C ASP A 70 24.68 -2.88 10.61
N ARG A 71 24.23 -1.88 11.37
CA ARG A 71 22.89 -1.96 11.94
C ARG A 71 21.83 -1.94 10.85
N ILE A 72 21.98 -1.08 9.86
CA ILE A 72 21.01 -1.02 8.77
C ILE A 72 20.93 -2.36 8.07
N GLU A 73 22.09 -2.91 7.71
CA GLU A 73 22.14 -4.19 7.01
C GLU A 73 21.51 -5.31 7.83
N LYS A 74 21.90 -5.43 9.10
CA LYS A 74 21.37 -6.50 9.93
C LYS A 74 19.86 -6.37 10.09
N LYS A 75 19.37 -5.16 10.36
CA LYS A 75 17.94 -4.98 10.53
C LYS A 75 17.19 -5.30 9.25
N LEU A 76 17.67 -4.80 8.12
CA LEU A 76 16.99 -5.04 6.85
C LEU A 76 17.11 -6.48 6.38
N GLU A 77 18.12 -7.21 6.85
CA GLU A 77 18.31 -8.59 6.43
C GLU A 77 17.05 -9.44 6.58
N GLU A 78 16.32 -9.26 7.69
CA GLU A 78 15.12 -10.03 7.93
C GLU A 78 14.07 -9.88 6.84
N LEU A 79 14.14 -8.82 6.04
CA LEU A 79 13.16 -8.61 4.99
C LEU A 79 13.10 -9.83 4.07
N ASP A 80 11.90 -10.17 3.64
CA ASP A 80 11.68 -11.30 2.75
C ASP A 80 11.83 -10.89 1.29
N SER A 81 12.08 -11.89 0.46
CA SER A 81 12.23 -11.76 -1.00
C SER A 81 13.43 -10.94 -1.42
N LEU A 82 14.40 -10.72 -0.55
CA LEU A 82 15.59 -9.96 -0.91
C LEU A 82 16.73 -10.92 -1.19
N ASP A 83 17.59 -10.56 -2.14
CA ASP A 83 18.72 -11.42 -2.49
C ASP A 83 20.07 -10.80 -2.22
N TYR A 84 20.38 -9.65 -2.81
CA TYR A 84 21.67 -9.02 -2.64
C TYR A 84 21.58 -7.77 -1.78
N VAL A 85 22.57 -7.63 -0.89
CA VAL A 85 22.69 -6.49 0.01
C VAL A 85 24.09 -5.92 -0.22
N LYS A 86 24.21 -5.01 -1.17
CA LYS A 86 25.51 -4.44 -1.51
C LYS A 86 25.78 -3.22 -0.64
N SER A 87 26.82 -3.33 0.17
CA SER A 87 27.22 -2.26 1.06
C SER A 87 28.17 -1.32 0.34
N TYR A 88 28.19 -0.07 0.79
CA TYR A 88 29.07 0.92 0.19
C TYR A 88 29.39 1.92 1.28
N THR A 89 30.67 2.11 1.58
CA THR A 89 31.06 3.04 2.63
C THR A 89 32.03 4.07 2.09
N ARG A 90 32.05 5.22 2.74
CA ARG A 90 32.91 6.33 2.40
C ARG A 90 33.34 6.97 3.71
N PRO A 91 34.23 7.97 3.70
CA PRO A 91 34.63 8.59 4.97
C PRO A 91 33.47 8.97 5.88
N GLY A 92 32.37 9.47 5.31
CA GLY A 92 31.23 9.85 6.11
C GLY A 92 29.89 9.55 5.46
N GLU A 93 29.88 8.61 4.51
CA GLU A 93 28.67 8.26 3.80
C GLU A 93 28.45 6.75 3.81
N SER A 94 27.19 6.36 3.92
CA SER A 94 26.79 4.96 3.91
C SER A 94 25.74 4.81 2.83
N THR A 95 25.90 3.79 2.00
CA THR A 95 24.97 3.53 0.92
C THR A 95 24.63 2.05 0.89
N VAL A 96 23.35 1.76 0.74
CA VAL A 96 22.84 0.41 0.71
C VAL A 96 22.16 0.16 -0.62
N PHE A 97 22.50 -0.95 -1.26
CA PHE A 97 21.91 -1.36 -2.52
C PHE A 97 21.14 -2.63 -2.23
N VAL A 98 19.86 -2.62 -2.59
CA VAL A 98 19.00 -3.78 -2.37
C VAL A 98 18.61 -4.35 -3.73
N TYR A 99 18.83 -5.65 -3.90
CA TYR A 99 18.49 -6.34 -5.13
C TYR A 99 17.64 -7.55 -4.79
N LEU A 100 16.37 -7.52 -5.19
CA LEU A 100 15.51 -8.65 -4.91
C LEU A 100 15.73 -9.74 -5.95
N LYS A 101 15.21 -10.93 -5.65
CA LYS A 101 15.37 -12.05 -6.56
C LYS A 101 14.57 -11.84 -7.85
N ASP A 102 15.20 -12.15 -8.98
CA ASP A 102 14.55 -12.00 -10.28
C ASP A 102 13.63 -13.20 -10.55
N THR A 103 12.72 -13.42 -9.62
CA THR A 103 11.77 -14.49 -9.73
C THR A 103 10.37 -14.07 -9.30
N THR A 104 10.21 -12.84 -8.83
CA THR A 104 8.93 -12.33 -8.37
C THR A 104 8.21 -11.60 -9.49
N LYS A 105 6.89 -11.54 -9.37
CA LYS A 105 6.07 -10.86 -10.35
C LYS A 105 6.17 -9.36 -10.16
N ALA A 106 5.80 -8.62 -11.19
CA ALA A 106 5.82 -7.17 -11.13
C ALA A 106 4.57 -6.69 -10.40
N GLY A 107 4.32 -5.40 -10.45
CA GLY A 107 3.14 -4.85 -9.79
C GLY A 107 3.21 -4.71 -8.29
N ASP A 108 3.59 -5.78 -7.59
CA ASP A 108 3.69 -5.73 -6.14
C ASP A 108 5.00 -5.12 -5.66
N ILE A 109 5.90 -4.75 -6.57
CA ILE A 109 7.17 -4.15 -6.16
C ILE A 109 6.95 -2.99 -5.19
N PRO A 110 6.01 -2.07 -5.42
CA PRO A 110 5.81 -1.00 -4.44
C PRO A 110 5.52 -1.53 -3.05
N ASP A 111 4.84 -2.67 -2.94
CA ASP A 111 4.58 -3.23 -1.63
C ASP A 111 5.88 -3.57 -0.94
N ILE A 112 6.82 -4.16 -1.66
CA ILE A 112 8.11 -4.49 -1.07
C ILE A 112 8.81 -3.21 -0.65
N TRP A 113 8.73 -2.17 -1.49
CA TRP A 113 9.37 -0.91 -1.14
C TRP A 113 8.79 -0.38 0.16
N TYR A 114 7.47 -0.42 0.28
CA TYR A 114 6.80 0.04 1.49
C TYR A 114 7.26 -0.78 2.69
N GLN A 115 7.44 -2.08 2.49
CA GLN A 115 7.91 -2.92 3.57
C GLN A 115 9.27 -2.46 4.05
N VAL A 116 10.14 -2.10 3.10
CA VAL A 116 11.46 -1.61 3.46
C VAL A 116 11.34 -0.33 4.28
N ARG A 117 10.54 0.60 3.79
CA ARG A 117 10.36 1.86 4.50
C ARG A 117 9.87 1.61 5.91
N LYS A 118 8.97 0.65 6.08
CA LYS A 118 8.46 0.31 7.39
C LYS A 118 9.58 -0.22 8.28
N LYS A 119 10.29 -1.23 7.79
CA LYS A 119 11.38 -1.84 8.54
C LYS A 119 12.42 -0.84 9.00
N ILE A 120 12.63 0.23 8.24
CA ILE A 120 13.65 1.19 8.66
C ILE A 120 13.07 2.33 9.50
N SER A 121 11.80 2.68 9.30
CA SER A 121 11.18 3.77 10.04
C SER A 121 11.34 3.59 11.55
N ASP A 122 10.87 2.46 12.07
CA ASP A 122 10.95 2.21 13.51
C ASP A 122 12.40 2.19 14.00
N ILE A 123 13.25 1.38 13.36
CA ILE A 123 14.64 1.29 13.77
C ILE A 123 15.35 2.65 13.72
N GLN A 124 14.79 3.63 13.02
CA GLN A 124 15.43 4.94 12.95
C GLN A 124 15.64 5.54 14.33
N GLY A 125 14.74 5.27 15.27
CA GLY A 125 14.87 5.83 16.61
C GLY A 125 16.07 5.38 17.43
N GLU A 126 16.99 4.62 16.82
CA GLU A 126 18.16 4.14 17.54
C GLU A 126 19.49 4.71 17.06
N PHE A 127 19.54 5.24 15.84
CA PHE A 127 20.78 5.78 15.33
C PHE A 127 21.19 7.03 16.10
N PRO A 128 22.46 7.42 16.00
CA PRO A 128 22.90 8.63 16.69
C PRO A 128 22.34 9.86 15.98
N GLN A 129 22.82 11.02 16.36
CA GLN A 129 22.36 12.28 15.78
C GLN A 129 22.69 12.46 14.29
N GLY A 130 23.22 11.47 13.57
CA GLY A 130 23.53 11.66 12.17
C GLY A 130 22.29 11.70 11.30
N ILE A 131 22.41 12.40 10.17
CA ILE A 131 21.30 12.52 9.22
C ILE A 131 20.97 11.16 8.63
N GLN A 132 19.74 11.03 8.12
CA GLN A 132 19.30 9.77 7.52
C GLN A 132 18.02 10.00 6.73
N GLY A 133 17.97 9.42 5.54
CA GLY A 133 16.80 9.52 4.70
C GLY A 133 16.89 8.58 3.51
N PRO A 134 15.86 7.76 3.31
CA PRO A 134 15.86 6.83 2.17
C PRO A 134 15.83 7.59 0.86
N GLY A 135 16.87 7.41 0.07
CA GLY A 135 16.99 8.08 -1.21
C GLY A 135 15.91 7.78 -2.22
N PHE A 136 15.86 6.53 -2.70
CA PHE A 136 14.87 6.14 -3.70
C PHE A 136 14.22 4.82 -3.33
N ASN A 137 12.95 4.86 -2.95
CA ASN A 137 12.27 3.60 -2.70
C ASN A 137 12.15 2.85 -4.00
N ASP A 138 12.20 3.59 -5.11
CA ASP A 138 12.15 3.10 -6.46
C ASP A 138 12.98 4.05 -7.30
N GLU A 139 13.50 3.56 -8.41
CA GLU A 139 14.33 4.38 -9.29
C GLU A 139 13.45 5.05 -10.34
N PHE A 140 13.03 6.28 -10.06
CA PHE A 140 12.22 7.02 -11.04
C PHE A 140 13.01 7.32 -12.29
N GLY A 141 14.33 7.37 -12.19
CA GLY A 141 15.20 7.67 -13.31
C GLY A 141 15.26 6.53 -14.29
N ASP A 142 14.16 6.32 -15.01
CA ASP A 142 14.06 5.25 -15.99
C ASP A 142 14.07 5.76 -17.42
N VAL A 143 13.20 6.70 -17.77
CA VAL A 143 13.17 7.25 -19.11
C VAL A 143 13.58 8.69 -19.05
N PHE A 144 14.20 9.16 -20.14
CA PHE A 144 14.65 10.54 -20.23
C PHE A 144 14.74 10.92 -21.69
N GLY A 145 14.01 11.97 -22.07
CA GLY A 145 14.05 12.42 -23.46
C GLY A 145 15.34 13.17 -23.70
N SER A 146 15.30 14.13 -24.60
CA SER A 146 16.51 14.89 -24.89
C SER A 146 16.84 15.80 -23.71
N VAL A 147 18.14 15.95 -23.46
CA VAL A 147 18.63 16.81 -22.41
C VAL A 147 19.16 18.06 -23.10
N TYR A 148 19.21 19.16 -22.36
CA TYR A 148 19.64 20.42 -22.95
C TYR A 148 20.63 21.13 -22.04
N ALA A 149 21.80 21.43 -22.60
CA ALA A 149 22.86 22.13 -21.89
C ALA A 149 22.78 23.61 -22.25
N PHE A 150 22.93 24.45 -21.24
CA PHE A 150 22.87 25.90 -21.40
C PHE A 150 24.24 26.46 -21.05
N THR A 151 25.11 26.54 -22.05
CA THR A 151 26.45 27.06 -21.82
C THR A 151 26.44 28.58 -21.71
N ALA A 152 27.37 29.10 -20.92
CA ALA A 152 27.50 30.53 -20.69
C ALA A 152 28.75 30.77 -19.87
N ASP A 153 29.29 31.99 -19.98
CA ASP A 153 30.47 32.38 -19.24
C ASP A 153 30.40 33.88 -18.98
N GLY A 154 31.05 34.31 -17.91
CA GLY A 154 31.03 35.72 -17.55
C GLY A 154 29.68 36.12 -17.01
N LEU A 155 29.08 35.30 -16.17
CA LEU A 155 27.76 35.58 -15.60
C LEU A 155 27.63 34.86 -14.27
N ASP A 156 26.48 35.06 -13.63
CA ASP A 156 26.20 34.45 -12.34
C ASP A 156 25.64 33.04 -12.50
N PHE A 157 26.27 32.07 -11.83
CA PHE A 157 25.71 30.73 -11.88
C PHE A 157 24.34 30.76 -11.26
N ARG A 158 24.14 31.67 -10.30
CA ARG A 158 22.84 31.84 -9.68
C ARG A 158 21.81 32.23 -10.73
N GLN A 159 22.09 33.33 -11.46
CA GLN A 159 21.16 33.77 -12.49
C GLN A 159 21.01 32.69 -13.56
N LEU A 160 22.04 31.88 -13.76
CA LEU A 160 21.95 30.81 -14.73
C LEU A 160 20.88 29.81 -14.29
N ARG A 161 20.97 29.37 -13.04
CA ARG A 161 19.98 28.44 -12.50
C ARG A 161 18.60 29.07 -12.50
N ASP A 162 18.53 30.38 -12.25
CA ASP A 162 17.25 31.07 -12.26
C ASP A 162 16.63 31.01 -13.64
N TYR A 163 17.45 31.24 -14.67
CA TYR A 163 16.95 31.16 -16.03
C TYR A 163 16.48 29.76 -16.33
N VAL A 164 17.22 28.76 -15.86
CA VAL A 164 16.82 27.37 -16.08
C VAL A 164 15.48 27.11 -15.43
N GLU A 165 15.26 27.67 -14.24
CA GLU A 165 13.99 27.48 -13.55
C GLU A 165 12.86 28.14 -14.33
N LYS A 166 13.13 29.33 -14.87
CA LYS A 166 12.14 30.01 -15.68
C LYS A 166 11.80 29.13 -16.88
N VAL A 167 12.82 28.46 -17.41
CA VAL A 167 12.63 27.55 -18.53
C VAL A 167 11.72 26.41 -18.10
N ARG A 168 11.91 25.91 -16.89
CA ARG A 168 11.06 24.82 -16.40
C ARG A 168 9.62 25.28 -16.32
N LEU A 169 9.39 26.48 -15.81
CA LEU A 169 8.03 27.00 -15.71
C LEU A 169 7.40 27.13 -17.08
N ASP A 170 8.16 27.64 -18.06
CA ASP A 170 7.60 27.76 -19.41
C ASP A 170 7.39 26.39 -20.04
N ILE A 171 8.22 25.42 -19.68
CA ILE A 171 8.11 24.08 -20.23
C ILE A 171 6.85 23.41 -19.73
N ARG A 172 6.48 23.65 -18.47
CA ARG A 172 5.26 23.05 -17.91
C ARG A 172 4.08 23.22 -18.85
N SER A 173 4.11 24.25 -19.68
CA SER A 173 3.02 24.48 -20.63
C SER A 173 2.93 23.40 -21.69
N VAL A 174 3.98 22.60 -21.89
CA VAL A 174 3.91 21.54 -22.90
C VAL A 174 2.81 20.55 -22.52
N LYS A 175 2.30 19.85 -23.52
CA LYS A 175 1.21 18.89 -23.35
C LYS A 175 1.45 17.82 -22.30
N ASP A 176 2.45 16.97 -22.50
CA ASP A 176 2.74 15.90 -21.55
C ASP A 176 4.13 16.09 -20.96
N LEU A 177 4.26 15.85 -19.66
CA LEU A 177 5.53 16.01 -18.98
C LEU A 177 5.68 14.98 -17.89
N GLY A 178 6.86 14.37 -17.83
CA GLY A 178 7.17 13.40 -16.79
C GLY A 178 7.99 14.14 -15.75
N LYS A 179 9.21 13.69 -15.53
CA LYS A 179 10.07 14.36 -14.56
C LYS A 179 10.98 15.34 -15.24
N VAL A 180 11.36 16.37 -14.50
CA VAL A 180 12.26 17.43 -14.97
C VAL A 180 13.32 17.57 -13.88
N GLN A 181 14.57 17.25 -14.23
CA GLN A 181 15.64 17.32 -13.26
C GLN A 181 16.87 18.02 -13.82
N MET A 182 17.41 18.95 -13.04
CA MET A 182 18.62 19.67 -13.41
C MET A 182 19.81 18.84 -12.96
N ILE A 183 21.02 19.38 -13.15
CA ILE A 183 22.25 18.70 -12.77
C ILE A 183 23.29 19.75 -12.41
N GLY A 184 24.39 19.29 -11.80
CA GLY A 184 25.49 20.13 -11.42
C GLY A 184 25.13 21.46 -10.77
N ALA A 185 24.10 21.46 -9.94
CA ALA A 185 23.71 22.70 -9.29
C ALA A 185 24.83 23.18 -8.37
N GLN A 186 24.75 24.46 -8.01
CA GLN A 186 25.74 25.07 -7.14
C GLN A 186 25.05 25.64 -5.91
N ASN A 187 25.59 25.35 -4.74
CA ASN A 187 25.04 25.80 -3.47
C ASN A 187 26.13 26.59 -2.77
N GLU A 188 26.08 27.91 -2.92
CA GLU A 188 27.07 28.76 -2.28
C GLU A 188 26.93 28.72 -0.77
N VAL A 189 28.07 28.79 -0.08
CA VAL A 189 28.12 28.78 1.37
C VAL A 189 28.80 30.07 1.81
N ILE A 190 28.88 30.29 3.12
CA ILE A 190 29.49 31.50 3.66
C ILE A 190 30.37 31.12 4.84
N TYR A 191 31.68 31.22 4.67
CA TYR A 191 32.61 30.93 5.74
C TYR A 191 32.77 32.17 6.60
N LEU A 192 32.97 31.96 7.90
CA LEU A 192 33.17 33.07 8.83
C LEU A 192 34.42 32.77 9.64
N ASN A 193 35.57 33.21 9.15
CA ASN A 193 36.81 33.00 9.86
C ASN A 193 36.94 34.04 10.95
N PHE A 194 37.38 33.60 12.13
CA PHE A 194 37.51 34.49 13.28
C PHE A 194 38.97 34.72 13.66
N SER A 195 39.25 35.96 14.07
CA SER A 195 40.59 36.34 14.52
C SER A 195 40.70 35.89 15.98
N THR A 196 40.84 34.58 16.14
CA THR A 196 40.92 33.91 17.44
C THR A 196 41.79 34.67 18.43
N ARG A 197 42.93 35.17 18.00
CA ARG A 197 43.80 35.91 18.90
C ARG A 197 43.09 37.15 19.44
N LYS A 198 42.57 38.00 18.55
CA LYS A 198 41.86 39.19 18.99
C LYS A 198 40.60 38.81 19.74
N LEU A 199 39.93 37.73 19.33
CA LEU A 199 38.73 37.30 20.01
C LEU A 199 39.02 36.99 21.46
N ALA A 200 40.10 36.24 21.72
CA ALA A 200 40.48 35.93 23.09
C ALA A 200 40.92 37.20 23.80
N ALA A 201 41.57 38.10 23.08
CA ALA A 201 42.01 39.36 23.68
C ALA A 201 40.82 40.13 24.22
N LEU A 202 39.69 40.06 23.52
CA LEU A 202 38.48 40.74 23.97
C LEU A 202 37.81 39.99 25.13
N GLY A 203 38.33 38.81 25.48
CA GLY A 203 37.78 38.03 26.56
C GLY A 203 36.61 37.14 26.20
N LEU A 204 35.97 37.36 25.06
CA LEU A 204 34.83 36.55 24.66
C LEU A 204 35.24 35.48 23.65
N ASP A 205 34.29 34.61 23.35
CA ASP A 205 34.47 33.52 22.40
C ASP A 205 33.40 33.59 21.32
N GLN A 206 33.72 33.03 20.16
CA GLN A 206 32.78 33.07 19.03
C GLN A 206 31.50 32.28 19.31
N ARG A 207 31.53 31.31 20.22
CA ARG A 207 30.32 30.55 20.49
C ARG A 207 29.21 31.47 20.99
N GLN A 208 29.57 32.45 21.81
CA GLN A 208 28.57 33.40 22.30
C GLN A 208 28.00 34.18 21.13
N VAL A 209 28.86 34.54 20.17
CA VAL A 209 28.40 35.26 18.99
C VAL A 209 27.42 34.39 18.22
N VAL A 210 27.71 33.09 18.16
CA VAL A 210 26.83 32.15 17.47
C VAL A 210 25.47 32.15 18.13
N GLN A 211 25.45 32.03 19.46
CA GLN A 211 24.19 32.03 20.19
C GLN A 211 23.41 33.31 19.95
N SER A 212 24.09 34.45 19.99
CA SER A 212 23.41 35.72 19.77
C SER A 212 22.82 35.80 18.38
N LEU A 213 23.58 35.38 17.37
CA LEU A 213 23.08 35.41 16.01
C LEU A 213 21.90 34.45 15.85
N GLN A 214 21.94 33.31 16.55
CA GLN A 214 20.83 32.37 16.48
C GLN A 214 19.57 33.00 17.04
N ALA A 215 19.69 33.62 18.22
CA ALA A 215 18.54 34.26 18.84
C ALA A 215 18.03 35.41 17.99
N GLN A 216 18.91 36.04 17.21
CA GLN A 216 18.49 37.16 16.38
C GLN A 216 17.79 36.68 15.11
N ASN A 217 18.27 35.59 14.52
CA ASN A 217 17.68 35.07 13.30
C ASN A 217 16.37 34.34 13.56
N ALA A 218 16.28 33.63 14.69
CA ALA A 218 15.08 32.87 15.01
C ALA A 218 13.85 33.73 15.27
N VAL A 219 13.92 35.05 15.13
CA VAL A 219 12.77 35.93 15.36
C VAL A 219 12.24 36.39 14.03
N THR A 220 10.98 36.07 13.74
CA THR A 220 10.38 36.49 12.48
C THR A 220 10.23 38.00 12.49
N PRO A 221 10.61 38.68 11.41
CA PRO A 221 10.50 40.15 11.39
C PRO A 221 9.12 40.67 11.03
N SER A 222 8.09 39.84 11.14
CA SER A 222 6.75 40.27 10.82
C SER A 222 5.74 39.52 11.66
N GLY A 223 4.47 39.89 11.54
CA GLY A 223 3.40 39.24 12.28
C GLY A 223 2.06 39.94 12.18
N VAL A 224 0.98 39.16 12.16
CA VAL A 224 -0.36 39.73 12.08
C VAL A 224 -0.73 40.36 13.41
N VAL A 225 -1.39 41.52 13.36
CA VAL A 225 -1.78 42.24 14.57
C VAL A 225 -3.29 42.46 14.66
N GLU A 226 -3.94 42.74 13.53
CA GLU A 226 -5.40 43.00 13.48
C GLU A 226 -5.83 43.99 14.56
N ALA A 227 -4.98 45.03 14.76
CA ALA A 227 -5.25 46.04 15.77
C ALA A 227 -6.64 46.65 15.62
N GLY A 228 -7.07 46.89 14.38
CA GLY A 228 -8.38 47.47 14.14
C GLY A 228 -9.34 46.45 13.57
N PRO A 229 -10.54 46.89 13.20
CA PRO A 229 -11.51 45.95 12.61
C PRO A 229 -10.95 45.24 11.39
N GLU A 230 -10.29 45.97 10.50
CA GLU A 230 -9.71 45.36 9.32
C GLU A 230 -8.41 44.63 9.69
N ARG A 231 -8.04 43.67 8.85
CA ARG A 231 -6.83 42.90 9.08
C ARG A 231 -5.59 43.77 8.89
N ILE A 232 -4.72 43.76 9.89
CA ILE A 232 -3.49 44.54 9.86
C ILE A 232 -2.35 43.63 10.29
N SER A 233 -1.15 43.95 9.80
CA SER A 233 0.05 43.19 10.13
C SER A 233 1.25 44.12 10.09
N VAL A 234 2.26 43.79 10.89
CA VAL A 234 3.48 44.58 10.95
C VAL A 234 4.59 43.78 10.27
N ARG A 235 5.61 44.51 9.81
CA ARG A 235 6.73 43.89 9.12
C ARG A 235 7.95 44.79 9.27
N THR A 236 9.04 44.23 9.77
CA THR A 236 10.27 44.98 9.96
C THR A 236 11.39 44.38 9.12
N SER A 237 12.50 45.11 9.02
CA SER A 237 13.67 44.69 8.26
C SER A 237 14.86 44.57 9.21
N GLY A 238 14.96 43.43 9.88
CA GLY A 238 16.05 43.21 10.81
C GLY A 238 16.71 41.85 10.75
N ASN A 239 16.11 40.90 10.04
CA ASN A 239 16.71 39.58 9.99
C ASN A 239 17.80 39.49 8.93
N PHE A 240 18.69 38.52 9.12
CA PHE A 240 19.81 38.31 8.22
C PHE A 240 19.35 37.74 6.88
N ARG A 241 19.78 38.39 5.80
CA ARG A 241 19.44 37.95 4.46
C ARG A 241 20.62 37.97 3.50
N SER A 242 21.75 38.57 3.87
CA SER A 242 22.92 38.63 3.02
C SER A 242 24.14 38.91 3.90
N GLU A 243 25.31 38.98 3.27
CA GLU A 243 26.54 39.25 4.01
C GLU A 243 26.47 40.60 4.70
N LYS A 244 26.02 41.63 3.98
CA LYS A 244 25.92 42.94 4.61
C LYS A 244 24.86 42.94 5.71
N ASP A 245 23.83 42.10 5.56
CA ASP A 245 22.77 42.02 6.55
C ASP A 245 23.27 41.52 7.90
N LEU A 246 24.49 40.97 7.94
CA LEU A 246 25.08 40.48 9.17
C LEU A 246 26.40 41.16 9.49
N GLN A 247 26.96 41.92 8.55
CA GLN A 247 28.23 42.59 8.79
C GLN A 247 28.12 43.69 9.85
N ALA A 248 26.95 44.29 10.00
CA ALA A 248 26.75 45.38 10.96
C ALA A 248 26.01 44.95 12.22
N VAL A 249 26.27 43.76 12.75
CA VAL A 249 25.60 43.30 13.95
C VAL A 249 26.42 43.71 15.17
N ASN A 250 25.75 44.24 16.19
CA ASN A 250 26.38 44.70 17.40
C ASN A 250 26.27 43.64 18.50
N LEU A 251 26.69 43.99 19.70
CA LEU A 251 26.67 43.10 20.85
C LEU A 251 26.28 43.94 22.07
N ARG A 252 26.52 43.41 23.26
CA ARG A 252 26.18 44.13 24.48
C ARG A 252 27.30 45.10 24.88
N VAL A 253 26.99 45.96 25.86
CA VAL A 253 27.96 46.92 26.36
C VAL A 253 29.12 46.20 27.04
N ASN A 254 28.81 45.32 27.98
CA ASN A 254 29.85 44.56 28.67
C ASN A 254 30.50 43.55 27.74
N ASP A 255 29.98 43.40 26.52
CA ASP A 255 30.49 42.47 25.53
C ASP A 255 31.27 43.18 24.42
N ARG A 256 31.56 44.47 24.59
CA ARG A 256 32.29 45.26 23.60
C ARG A 256 31.60 45.16 22.24
N PHE A 257 30.40 45.72 22.19
CA PHE A 257 29.63 45.72 20.96
C PHE A 257 30.46 46.29 19.81
N TYR A 258 30.83 45.43 18.88
CA TYR A 258 31.64 45.80 17.73
C TYR A 258 31.06 45.18 16.47
N ARG A 259 31.56 45.65 15.34
CA ARG A 259 31.12 45.13 14.06
C ARG A 259 31.81 43.81 13.80
N LEU A 260 31.14 42.92 13.06
CA LEU A 260 31.73 41.63 12.75
C LEU A 260 33.06 41.81 12.03
N SER A 261 33.13 42.78 11.11
CA SER A 261 34.38 43.04 10.41
C SER A 261 35.47 43.44 11.40
N ASP A 262 35.10 44.25 12.39
CA ASP A 262 36.04 44.68 13.42
C ASP A 262 36.51 43.51 14.28
N LEU A 263 35.85 42.36 14.20
CA LEU A 263 36.23 41.19 14.98
C LEU A 263 36.64 40.01 14.13
N ALA A 264 35.85 39.64 13.12
CA ALA A 264 36.15 38.50 12.28
C ALA A 264 36.12 38.91 10.81
N SER A 265 36.47 37.95 9.95
CA SER A 265 36.49 38.15 8.51
C SER A 265 35.23 37.55 7.92
N ILE A 266 34.34 38.39 7.41
CA ILE A 266 33.10 37.90 6.82
C ILE A 266 33.41 37.50 5.38
N SER A 267 33.81 36.24 5.20
CA SER A 267 34.15 35.76 3.87
C SER A 267 32.92 35.79 2.96
N ARG A 268 33.09 36.36 1.78
CA ARG A 268 32.01 36.44 0.81
C ARG A 268 31.56 35.04 0.43
N ASP A 269 30.25 34.89 0.20
CA ASP A 269 29.71 33.59 -0.18
C ASP A 269 30.44 33.07 -1.42
N PHE A 270 30.66 31.76 -1.44
CA PHE A 270 31.36 31.16 -2.57
C PHE A 270 30.94 29.70 -2.67
N VAL A 271 31.19 29.11 -3.84
CA VAL A 271 30.84 27.72 -4.06
C VAL A 271 31.81 26.82 -3.32
N ASP A 272 31.29 25.76 -2.73
CA ASP A 272 32.05 24.80 -1.95
C ASP A 272 32.82 23.84 -2.86
N PRO A 273 33.71 23.03 -2.30
CA PRO A 273 34.44 22.05 -3.13
C PRO A 273 33.46 21.17 -3.86
N PRO A 274 33.48 21.19 -5.19
CA PRO A 274 32.52 20.41 -5.98
C PRO A 274 32.41 18.95 -5.61
N THR A 275 31.25 18.38 -5.91
CA THR A 275 30.92 16.98 -5.68
C THR A 275 30.33 16.32 -6.92
N SER A 276 29.85 17.09 -7.88
CA SER A 276 29.28 16.58 -9.11
C SER A 276 29.42 17.68 -10.15
N LEU A 277 30.19 17.43 -11.20
CA LEU A 277 30.42 18.43 -12.23
C LEU A 277 29.97 17.93 -13.59
N PHE A 278 29.31 18.82 -14.31
CA PHE A 278 28.84 18.55 -15.66
C PHE A 278 29.65 19.41 -16.62
N ARG A 279 29.82 18.92 -17.84
CA ARG A 279 30.62 19.66 -18.80
C ARG A 279 30.23 19.24 -20.21
N TYR A 280 30.06 20.22 -21.09
CA TYR A 280 29.72 19.97 -22.48
C TYR A 280 30.85 20.44 -23.37
N LYS A 281 31.31 19.55 -24.25
CA LYS A 281 32.40 19.85 -25.17
C LYS A 281 33.56 20.50 -24.45
N GLY A 282 33.95 19.90 -23.33
CA GLY A 282 35.03 20.43 -22.54
C GLY A 282 34.76 21.77 -21.90
N GLU A 283 33.50 22.22 -21.89
CA GLU A 283 33.18 23.49 -21.29
C GLU A 283 32.11 23.32 -20.23
N PRO A 284 32.26 23.98 -19.08
CA PRO A 284 31.25 23.87 -18.02
C PRO A 284 29.89 24.33 -18.52
N ALA A 285 28.85 23.67 -18.05
CA ALA A 285 27.49 24.00 -18.45
C ALA A 285 26.52 23.42 -17.43
N ILE A 286 25.23 23.53 -17.72
CA ILE A 286 24.19 23.01 -16.85
C ILE A 286 23.14 22.36 -17.73
N GLY A 287 22.98 21.05 -17.59
CA GLY A 287 22.00 20.33 -18.39
C GLY A 287 20.68 20.21 -17.68
N LEU A 288 19.68 19.80 -18.43
CA LEU A 288 18.33 19.63 -17.90
C LEU A 288 17.71 18.42 -18.56
N ALA A 289 17.51 17.35 -17.79
CA ALA A 289 16.91 16.14 -18.32
C ALA A 289 15.41 16.18 -18.09
N VAL A 290 14.66 15.81 -19.12
CA VAL A 290 13.21 15.78 -19.07
C VAL A 290 12.76 14.38 -19.39
N ALA A 291 11.72 13.93 -18.70
CA ALA A 291 11.16 12.61 -18.90
C ALA A 291 9.76 12.73 -19.48
N MET A 292 9.40 11.77 -20.33
CA MET A 292 8.08 11.78 -20.92
C MET A 292 7.10 11.19 -19.92
N LYS A 293 5.97 11.87 -19.73
CA LYS A 293 4.97 11.38 -18.80
C LYS A 293 4.56 9.97 -19.20
N GLU A 294 4.43 9.10 -18.20
CA GLU A 294 4.05 7.72 -18.47
C GLU A 294 2.77 7.69 -19.30
N GLY A 295 2.73 6.77 -20.26
CA GLY A 295 1.59 6.67 -21.14
C GLY A 295 1.55 7.73 -22.22
N GLY A 296 2.51 8.66 -22.21
CA GLY A 296 2.53 9.71 -23.22
C GLY A 296 2.98 9.15 -24.56
N ASN A 297 2.26 9.53 -25.61
CA ASN A 297 2.58 9.07 -26.97
C ASN A 297 3.90 9.70 -27.41
N ILE A 298 4.93 8.87 -27.54
CA ILE A 298 6.24 9.34 -27.98
C ILE A 298 6.13 9.74 -29.44
N LEU A 299 7.19 10.37 -29.96
CA LEU A 299 7.34 10.88 -31.32
C LEU A 299 6.58 12.18 -31.50
N GLU A 300 5.77 12.57 -30.54
CA GLU A 300 5.02 13.82 -30.58
C GLU A 300 5.43 14.74 -29.44
N PHE A 301 5.68 14.15 -28.27
CA PHE A 301 6.14 14.91 -27.12
C PHE A 301 7.40 15.65 -27.51
N GLY A 302 8.30 14.99 -28.25
CA GLY A 302 9.51 15.64 -28.68
C GLY A 302 9.24 16.75 -29.69
N GLU A 303 8.23 16.57 -30.53
CA GLU A 303 7.91 17.61 -31.50
C GLU A 303 7.47 18.88 -30.80
N ALA A 304 6.48 18.75 -29.91
CA ALA A 304 6.02 19.91 -29.18
C ALA A 304 7.15 20.48 -28.32
N LEU A 305 8.00 19.60 -27.79
CA LEU A 305 9.11 20.05 -26.96
C LEU A 305 10.07 20.91 -27.76
N ASN A 306 10.50 20.44 -28.93
CA ASN A 306 11.43 21.24 -29.73
C ASN A 306 10.77 22.53 -30.18
N ALA A 307 9.47 22.51 -30.46
CA ALA A 307 8.80 23.75 -30.85
C ALA A 307 8.86 24.75 -29.71
N ARG A 308 8.51 24.30 -28.50
CA ARG A 308 8.59 25.18 -27.34
C ARG A 308 10.01 25.65 -27.14
N MET A 309 10.99 24.78 -27.45
CA MET A 309 12.38 25.17 -27.33
C MET A 309 12.69 26.29 -28.29
N GLN A 310 12.12 26.23 -29.50
CA GLN A 310 12.33 27.30 -30.47
C GLN A 310 11.80 28.61 -29.91
N GLU A 311 10.63 28.56 -29.28
CA GLU A 311 10.08 29.78 -28.69
C GLU A 311 10.97 30.28 -27.57
N ILE A 312 11.42 29.38 -26.70
CA ILE A 312 12.31 29.75 -25.60
C ILE A 312 13.55 30.43 -26.17
N THR A 313 14.09 29.89 -27.26
CA THR A 313 15.24 30.51 -27.89
C THR A 313 14.86 31.91 -28.34
N GLY A 314 13.65 32.06 -28.88
CA GLY A 314 13.20 33.38 -29.26
C GLY A 314 13.25 34.30 -28.07
N GLU A 315 13.12 33.75 -26.87
CA GLU A 315 13.18 34.49 -25.63
C GLU A 315 14.49 34.27 -24.88
N LEU A 316 15.43 33.52 -25.44
CA LEU A 316 16.69 33.26 -24.77
C LEU A 316 17.45 34.56 -24.57
N PRO A 317 17.80 34.92 -23.34
CA PRO A 317 18.54 36.17 -23.13
C PRO A 317 19.96 36.09 -23.63
N VAL A 318 20.73 37.15 -23.42
CA VAL A 318 22.11 37.18 -23.87
C VAL A 318 22.92 36.10 -23.17
N GLY A 319 24.05 35.73 -23.78
CA GLY A 319 24.96 34.73 -23.26
C GLY A 319 24.33 33.42 -22.82
N VAL A 320 23.65 32.74 -23.74
CA VAL A 320 22.99 31.47 -23.44
C VAL A 320 23.11 30.58 -24.68
N GLY A 321 23.73 29.42 -24.51
CA GLY A 321 23.89 28.49 -25.62
C GLY A 321 23.14 27.20 -25.37
N VAL A 322 22.07 27.00 -26.13
CA VAL A 322 21.25 25.80 -26.01
C VAL A 322 21.85 24.69 -26.84
N HIS A 323 21.97 23.50 -26.26
CA HIS A 323 22.53 22.36 -26.96
C HIS A 323 21.73 21.12 -26.59
N GLN A 324 21.14 20.47 -27.60
CA GLN A 324 20.35 19.27 -27.40
C GLN A 324 21.22 18.03 -27.47
N VAL A 325 20.93 17.07 -26.60
CA VAL A 325 21.64 15.80 -26.56
C VAL A 325 20.63 14.69 -26.38
N SER A 326 20.86 13.57 -27.06
CA SER A 326 20.00 12.38 -26.98
C SER A 326 18.58 12.65 -27.49
N ASN A 327 18.47 13.01 -28.76
CA ASN A 327 17.18 13.25 -29.39
C ASN A 327 16.71 11.87 -29.84
N GLN A 328 16.18 11.10 -28.88
CA GLN A 328 15.73 9.75 -29.19
C GLN A 328 14.61 9.72 -30.22
N ALA A 329 13.88 10.81 -30.41
CA ALA A 329 12.83 10.79 -31.42
C ALA A 329 13.42 10.40 -32.76
N GLN A 330 14.59 10.94 -33.08
CA GLN A 330 15.25 10.60 -34.34
C GLN A 330 15.73 9.16 -34.32
N VAL A 331 16.22 8.70 -33.17
CA VAL A 331 16.67 7.32 -33.05
C VAL A 331 15.54 6.36 -33.36
N VAL A 332 14.39 6.58 -32.70
CA VAL A 332 13.23 5.75 -32.91
C VAL A 332 12.76 5.84 -34.36
N LYS A 333 12.84 7.04 -34.93
CA LYS A 333 12.42 7.21 -36.32
C LYS A 333 13.25 6.33 -37.25
N LYS A 334 14.57 6.46 -37.17
CA LYS A 334 15.43 5.65 -38.02
C LYS A 334 15.24 4.16 -37.75
N ALA A 335 15.09 3.79 -36.49
CA ALA A 335 14.90 2.40 -36.13
C ALA A 335 13.65 1.83 -36.79
N VAL A 336 12.49 2.41 -36.50
CA VAL A 336 11.24 1.93 -37.09
C VAL A 336 11.31 1.98 -38.60
N GLY A 337 12.03 2.95 -39.17
CA GLY A 337 12.14 3.00 -40.62
C GLY A 337 12.81 1.77 -41.17
N GLY A 338 14.00 1.45 -40.64
CA GLY A 338 14.69 0.26 -41.09
C GLY A 338 13.90 -1.00 -40.82
N PHE A 339 13.16 -1.01 -39.71
CA PHE A 339 12.35 -2.17 -39.35
C PHE A 339 11.28 -2.42 -40.40
N THR A 340 10.47 -1.40 -40.67
CA THR A 340 9.43 -1.55 -41.68
C THR A 340 10.03 -1.87 -43.03
N ARG A 341 11.22 -1.34 -43.30
CA ARG A 341 11.88 -1.64 -44.57
C ARG A 341 12.14 -3.12 -44.69
N ALA A 342 12.79 -3.69 -43.66
CA ALA A 342 13.07 -5.12 -43.67
C ALA A 342 11.77 -5.92 -43.72
N LEU A 343 10.72 -5.43 -43.08
CA LEU A 343 9.44 -6.13 -43.10
C LEU A 343 8.92 -6.22 -44.52
N PHE A 344 8.90 -5.09 -45.22
CA PHE A 344 8.45 -5.08 -46.60
C PHE A 344 9.33 -5.98 -47.46
N GLU A 345 10.62 -6.03 -47.15
CA GLU A 345 11.52 -6.89 -47.91
C GLU A 345 11.14 -8.36 -47.73
N ALA A 346 10.87 -8.76 -46.49
CA ALA A 346 10.47 -10.14 -46.27
C ALA A 346 9.15 -10.44 -46.96
N VAL A 347 8.23 -9.47 -46.94
CA VAL A 347 6.94 -9.67 -47.60
C VAL A 347 7.14 -9.90 -49.08
N VAL A 348 7.95 -9.06 -49.73
CA VAL A 348 8.15 -9.21 -51.16
C VAL A 348 8.90 -10.50 -51.49
N ILE A 349 9.81 -10.95 -50.61
CA ILE A 349 10.48 -12.20 -50.96
C ILE A 349 9.51 -13.36 -50.87
N VAL A 350 8.63 -13.36 -49.86
CA VAL A 350 7.64 -14.44 -49.79
C VAL A 350 6.71 -14.32 -50.99
N LEU A 351 6.47 -13.09 -51.43
CA LEU A 351 5.61 -12.86 -52.59
C LEU A 351 6.19 -13.52 -53.83
N ILE A 352 7.47 -13.23 -54.12
CA ILE A 352 8.10 -13.83 -55.29
C ILE A 352 8.18 -15.34 -55.11
N VAL A 353 8.26 -15.81 -53.87
CA VAL A 353 8.30 -17.25 -53.63
C VAL A 353 7.00 -17.87 -54.13
N SER A 354 5.87 -17.31 -53.70
CA SER A 354 4.59 -17.83 -54.17
C SER A 354 4.43 -17.63 -55.66
N PHE A 355 5.01 -16.55 -56.19
CA PHE A 355 4.93 -16.27 -57.63
C PHE A 355 5.56 -17.38 -58.44
N VAL A 356 6.84 -17.67 -58.17
CA VAL A 356 7.53 -18.72 -58.90
C VAL A 356 7.02 -20.11 -58.54
N SER A 357 6.36 -20.25 -57.39
CA SER A 357 5.85 -21.56 -56.98
C SER A 357 4.74 -22.03 -57.91
N LEU A 358 3.66 -21.28 -58.00
CA LEU A 358 2.54 -21.63 -58.86
C LEU A 358 2.62 -21.00 -60.24
N GLY A 359 3.49 -20.02 -60.45
CA GLY A 359 3.61 -19.37 -61.73
C GLY A 359 2.46 -18.44 -62.02
N LEU A 360 1.26 -18.99 -62.14
CA LEU A 360 0.07 -18.20 -62.40
C LEU A 360 -0.24 -17.31 -61.20
N ARG A 361 -1.17 -16.38 -61.41
CA ARG A 361 -1.59 -15.47 -60.35
C ARG A 361 -2.56 -16.20 -59.43
N ALA A 362 -2.17 -17.38 -58.96
CA ALA A 362 -3.03 -18.16 -58.07
C ALA A 362 -2.70 -17.85 -56.61
N GLY A 363 -1.48 -18.15 -56.18
CA GLY A 363 -1.11 -17.85 -54.81
C GLY A 363 -1.09 -16.38 -54.50
N LEU A 364 -1.09 -15.54 -55.54
CA LEU A 364 -1.08 -14.10 -55.35
C LEU A 364 -2.30 -13.66 -54.55
N VAL A 365 -3.44 -14.28 -54.78
CA VAL A 365 -4.61 -13.91 -54.01
C VAL A 365 -4.39 -14.27 -52.55
N VAL A 366 -3.68 -15.38 -52.30
CA VAL A 366 -3.39 -15.74 -50.91
C VAL A 366 -2.52 -14.67 -50.29
N ALA A 367 -1.52 -14.20 -51.05
CA ALA A 367 -0.68 -13.12 -50.55
C ALA A 367 -1.54 -11.92 -50.21
N CYS A 368 -2.52 -11.63 -51.04
CA CYS A 368 -3.43 -10.51 -50.78
C CYS A 368 -4.20 -10.75 -49.48
N SER A 369 -4.48 -12.02 -49.19
CA SER A 369 -5.20 -12.38 -47.98
C SER A 369 -4.31 -12.29 -46.74
N ILE A 370 -3.00 -12.30 -46.93
CA ILE A 370 -2.09 -12.23 -45.79
C ILE A 370 -2.28 -10.98 -44.92
N PRO A 371 -2.35 -9.77 -45.47
CA PRO A 371 -2.50 -8.58 -44.62
C PRO A 371 -3.67 -8.60 -43.65
N LEU A 372 -4.70 -9.41 -43.95
CA LEU A 372 -5.86 -9.48 -43.07
C LEU A 372 -5.46 -9.89 -41.66
N VAL A 373 -4.75 -11.00 -41.53
CA VAL A 373 -4.31 -11.45 -40.21
C VAL A 373 -3.40 -10.41 -39.57
N LEU A 374 -2.66 -9.66 -40.39
CA LEU A 374 -1.80 -8.62 -39.83
C LEU A 374 -2.63 -7.57 -39.13
N ALA A 375 -3.65 -7.07 -39.81
CA ALA A 375 -4.51 -6.05 -39.19
C ALA A 375 -5.19 -6.62 -37.95
N MET A 376 -5.57 -7.90 -38.00
CA MET A 376 -6.23 -8.51 -36.85
C MET A 376 -5.29 -8.54 -35.64
N VAL A 377 -4.06 -8.99 -35.84
CA VAL A 377 -3.14 -9.01 -34.71
C VAL A 377 -2.84 -7.59 -34.26
N PHE A 378 -2.91 -6.63 -35.18
CA PHE A 378 -2.67 -5.24 -34.79
C PHE A 378 -3.73 -4.79 -33.82
N VAL A 379 -5.00 -5.02 -34.17
CA VAL A 379 -6.08 -4.62 -33.27
C VAL A 379 -5.97 -5.40 -31.97
N PHE A 380 -5.48 -6.64 -32.03
CA PHE A 380 -5.31 -7.42 -30.81
C PHE A 380 -4.32 -6.71 -29.90
N MET A 381 -3.17 -6.35 -30.45
CA MET A 381 -2.17 -5.62 -29.68
C MET A 381 -2.77 -4.36 -29.11
N GLU A 382 -3.61 -3.68 -29.90
CA GLU A 382 -4.26 -2.47 -29.43
C GLU A 382 -5.05 -2.75 -28.16
N TYR A 383 -5.91 -3.75 -28.20
CA TYR A 383 -6.69 -4.09 -27.02
C TYR A 383 -5.79 -4.42 -25.85
N THR A 384 -4.68 -5.09 -26.11
CA THR A 384 -3.73 -5.47 -25.07
C THR A 384 -2.64 -4.44 -24.87
N ASP A 385 -2.70 -3.32 -25.58
CA ASP A 385 -1.72 -2.23 -25.49
C ASP A 385 -0.30 -2.69 -25.78
N ILE A 386 -0.12 -3.85 -26.38
CA ILE A 386 1.23 -4.32 -26.67
C ILE A 386 1.75 -3.50 -27.84
N THR A 387 2.52 -2.46 -27.53
CA THR A 387 3.06 -1.58 -28.55
C THR A 387 4.07 -2.31 -29.43
N MET A 388 4.59 -1.58 -30.41
CA MET A 388 5.56 -2.12 -31.34
C MET A 388 6.98 -1.91 -30.86
N GLN A 389 7.87 -2.79 -31.32
CA GLN A 389 9.30 -2.79 -31.04
C GLN A 389 9.92 -3.90 -31.86
N ARG A 390 11.24 -3.81 -32.04
CA ARG A 390 11.99 -4.77 -32.83
C ARG A 390 11.57 -6.22 -32.61
N VAL A 391 11.62 -6.67 -31.36
CA VAL A 391 11.25 -8.05 -31.04
C VAL A 391 9.94 -8.48 -31.68
N SER A 392 8.89 -7.69 -31.49
CA SER A 392 7.59 -8.00 -32.07
C SER A 392 7.64 -8.06 -33.58
N LEU A 393 8.48 -7.23 -34.19
CA LEU A 393 8.59 -7.21 -35.65
C LEU A 393 9.18 -8.55 -36.09
N GLY A 394 10.24 -9.01 -35.41
CA GLY A 394 10.79 -10.30 -35.78
C GLY A 394 9.76 -11.39 -35.61
N ALA A 395 8.99 -11.32 -34.52
CA ALA A 395 7.94 -12.29 -34.31
C ALA A 395 6.93 -12.24 -35.44
N LEU A 396 6.62 -11.03 -35.90
CA LEU A 396 5.69 -10.87 -37.01
C LEU A 396 6.21 -11.58 -38.24
N ILE A 397 7.50 -11.45 -38.51
CA ILE A 397 8.10 -12.10 -39.67
C ILE A 397 7.93 -13.61 -39.57
N ILE A 398 8.30 -14.16 -38.41
CA ILE A 398 8.18 -15.61 -38.23
C ILE A 398 6.75 -16.08 -38.42
N ALA A 399 5.81 -15.42 -37.74
CA ALA A 399 4.40 -15.80 -37.84
C ALA A 399 3.89 -15.69 -39.26
N LEU A 400 4.23 -14.61 -39.97
CA LEU A 400 3.75 -14.46 -41.33
C LEU A 400 4.26 -15.60 -42.20
N GLY A 401 5.53 -15.96 -42.03
CA GLY A 401 6.06 -17.05 -42.83
C GLY A 401 5.28 -18.34 -42.60
N LEU A 402 5.07 -18.69 -41.33
CA LEU A 402 4.36 -19.93 -41.02
C LEU A 402 2.92 -19.90 -41.54
N LEU A 403 2.20 -18.81 -41.27
CA LEU A 403 0.81 -18.72 -41.70
C LEU A 403 0.68 -18.76 -43.21
N VAL A 404 1.53 -18.02 -43.92
CA VAL A 404 1.43 -18.04 -45.37
C VAL A 404 1.78 -19.43 -45.86
N ASP A 405 2.65 -20.14 -45.14
CA ASP A 405 2.99 -21.50 -45.53
C ASP A 405 1.75 -22.38 -45.49
N ASP A 406 1.03 -22.34 -44.37
CA ASP A 406 -0.18 -23.15 -44.25
C ASP A 406 -1.21 -22.78 -45.31
N ALA A 407 -1.49 -21.49 -45.45
CA ALA A 407 -2.48 -21.06 -46.43
C ALA A 407 -2.11 -21.48 -47.84
N MET A 408 -0.83 -21.31 -48.20
CA MET A 408 -0.39 -21.68 -49.55
C MET A 408 -0.49 -23.17 -49.78
N ILE A 409 -0.12 -23.99 -48.79
CA ILE A 409 -0.23 -25.43 -49.03
C ILE A 409 -1.68 -25.83 -49.20
N THR A 410 -2.58 -25.17 -48.45
CA THR A 410 -3.99 -25.50 -48.60
C THR A 410 -4.45 -25.15 -50.00
N VAL A 411 -4.12 -23.95 -50.46
CA VAL A 411 -4.51 -23.52 -51.81
C VAL A 411 -3.92 -24.46 -52.86
N GLU A 412 -2.67 -24.89 -52.65
CA GLU A 412 -2.02 -25.77 -53.60
C GLU A 412 -2.74 -27.09 -53.70
N MET A 413 -3.03 -27.71 -52.56
CA MET A 413 -3.73 -28.99 -52.61
C MET A 413 -5.10 -28.81 -53.25
N MET A 414 -5.76 -27.67 -52.99
CA MET A 414 -7.07 -27.44 -53.58
C MET A 414 -6.97 -27.38 -55.10
N ILE A 415 -6.10 -26.52 -55.62
CA ILE A 415 -5.96 -26.36 -57.06
C ILE A 415 -5.50 -27.65 -57.71
N THR A 416 -4.65 -28.42 -57.04
CA THR A 416 -4.17 -29.66 -57.63
C THR A 416 -5.29 -30.68 -57.71
N ARG A 417 -6.00 -30.91 -56.59
CA ARG A 417 -7.09 -31.87 -56.60
C ARG A 417 -8.19 -31.46 -57.58
N LEU A 418 -8.41 -30.16 -57.75
CA LEU A 418 -9.44 -29.73 -58.68
C LEU A 418 -8.96 -29.80 -60.13
N GLU A 419 -7.67 -29.59 -60.36
CA GLU A 419 -7.12 -29.64 -61.71
C GLU A 419 -7.07 -31.07 -62.21
N LEU A 420 -6.54 -31.98 -61.40
CA LEU A 420 -6.45 -33.37 -61.81
C LEU A 420 -7.81 -34.00 -62.06
N GLY A 421 -8.87 -33.44 -61.47
CA GLY A 421 -10.21 -33.97 -61.62
C GLY A 421 -11.18 -32.88 -62.06
N ASP A 422 -12.40 -32.98 -61.52
CA ASP A 422 -13.46 -32.04 -61.85
C ASP A 422 -13.12 -30.63 -61.36
N SER A 423 -13.61 -29.64 -62.10
CA SER A 423 -13.41 -28.23 -61.80
C SER A 423 -14.66 -27.71 -61.10
N LEU A 424 -14.69 -27.82 -59.78
CA LEU A 424 -15.84 -27.36 -59.02
C LEU A 424 -15.46 -27.11 -57.58
N HIS A 425 -16.16 -26.17 -56.96
CA HIS A 425 -15.92 -25.90 -55.55
C HIS A 425 -16.15 -27.16 -54.74
N ASP A 426 -17.21 -27.89 -55.07
CA ASP A 426 -17.47 -29.14 -54.39
C ASP A 426 -16.42 -30.17 -54.74
N SER A 427 -15.74 -29.98 -55.88
CA SER A 427 -14.67 -30.87 -56.31
C SER A 427 -13.40 -30.62 -55.54
N ALA A 428 -13.61 -29.80 -54.51
CA ALA A 428 -12.58 -29.41 -53.56
C ALA A 428 -13.08 -29.43 -52.13
N THR A 429 -14.40 -29.47 -51.92
CA THR A 429 -14.93 -29.53 -50.56
C THR A 429 -14.44 -30.77 -49.85
N TYR A 430 -14.23 -31.86 -50.60
CA TYR A 430 -13.70 -33.07 -49.98
C TYR A 430 -12.28 -32.84 -49.53
N ALA A 431 -11.49 -32.11 -50.32
CA ALA A 431 -10.13 -31.81 -49.93
C ALA A 431 -10.14 -30.99 -48.65
N TYR A 432 -11.10 -30.06 -48.55
CA TYR A 432 -11.20 -29.24 -47.35
C TYR A 432 -11.54 -30.12 -46.15
N THR A 433 -12.63 -30.87 -46.26
CA THR A 433 -13.08 -31.75 -45.19
C THR A 433 -11.99 -32.73 -44.77
N SER A 434 -11.13 -33.11 -45.70
CA SER A 434 -10.08 -34.07 -45.38
C SER A 434 -8.89 -33.41 -44.69
N THR A 435 -8.22 -32.48 -45.37
CA THR A 435 -7.04 -31.84 -44.82
C THR A 435 -7.33 -30.70 -43.85
N ALA A 436 -8.57 -30.51 -43.40
CA ALA A 436 -8.83 -29.42 -42.47
C ALA A 436 -8.17 -29.68 -41.12
N PHE A 437 -8.57 -30.75 -40.45
CA PHE A 437 -8.02 -31.09 -39.13
C PHE A 437 -6.50 -31.07 -39.08
N PRO A 438 -5.76 -31.65 -40.03
CA PRO A 438 -4.29 -31.61 -39.93
C PRO A 438 -3.73 -30.21 -39.77
N MET A 439 -4.27 -29.24 -40.51
CA MET A 439 -3.78 -27.88 -40.38
C MET A 439 -3.90 -27.40 -38.93
N LEU A 440 -5.08 -27.59 -38.35
CA LEU A 440 -5.31 -27.19 -36.97
C LEU A 440 -4.32 -27.86 -36.03
N THR A 441 -4.15 -29.17 -36.21
CA THR A 441 -3.24 -29.93 -35.36
C THR A 441 -1.83 -29.36 -35.42
N GLY A 442 -1.26 -29.27 -36.62
CA GLY A 442 0.09 -28.76 -36.75
C GLY A 442 0.25 -27.35 -36.20
N THR A 443 -0.71 -26.48 -36.50
CA THR A 443 -0.63 -25.11 -36.01
C THR A 443 -0.61 -25.07 -34.49
N LEU A 444 -1.53 -25.80 -33.86
CA LEU A 444 -1.56 -25.81 -32.40
C LEU A 444 -0.29 -26.41 -31.83
N VAL A 445 0.26 -27.43 -32.49
CA VAL A 445 1.49 -28.02 -32.00
C VAL A 445 2.61 -27.00 -32.02
N THR A 446 2.66 -26.20 -33.09
CA THR A 446 3.70 -25.18 -33.19
C THR A 446 3.50 -24.12 -32.10
N VAL A 447 2.27 -23.70 -31.86
CA VAL A 447 2.08 -22.70 -30.81
C VAL A 447 2.50 -23.29 -29.47
N ALA A 448 2.27 -24.59 -29.28
CA ALA A 448 2.68 -25.23 -28.04
C ALA A 448 4.20 -25.18 -27.92
N GLY A 449 4.89 -25.51 -29.00
CA GLY A 449 6.35 -25.45 -28.98
C GLY A 449 6.85 -24.05 -28.70
N PHE A 450 6.07 -23.05 -29.07
CA PHE A 450 6.46 -21.67 -28.82
C PHE A 450 6.26 -21.28 -27.36
N VAL A 451 5.19 -21.79 -26.75
CA VAL A 451 4.82 -21.51 -25.36
C VAL A 451 5.95 -21.40 -24.35
N PRO A 452 6.88 -22.37 -24.24
CA PRO A 452 7.95 -22.29 -23.23
C PRO A 452 8.55 -20.91 -22.98
N ILE A 453 8.98 -20.24 -24.05
CA ILE A 453 9.58 -18.93 -23.89
C ILE A 453 8.63 -17.94 -23.24
N GLY A 454 7.33 -18.22 -23.27
CA GLY A 454 6.37 -17.30 -22.68
C GLY A 454 5.93 -17.63 -21.28
N LEU A 455 6.82 -18.22 -20.47
CA LEU A 455 6.44 -18.55 -19.10
C LEU A 455 7.50 -18.25 -18.05
N ASN A 456 8.75 -17.98 -18.41
CA ASN A 456 9.76 -17.72 -17.40
C ASN A 456 9.51 -16.38 -16.71
N ALA A 457 9.75 -16.37 -15.41
CA ALA A 457 9.60 -15.16 -14.61
C ALA A 457 10.89 -14.35 -14.56
N SER A 458 11.91 -14.81 -15.27
CA SER A 458 13.20 -14.12 -15.29
C SER A 458 13.07 -12.74 -15.93
N SER A 459 14.11 -11.94 -15.74
CA SER A 459 14.12 -10.61 -16.32
C SER A 459 14.11 -10.67 -17.84
N ALA A 460 14.60 -11.76 -18.41
CA ALA A 460 14.63 -11.89 -19.86
C ALA A 460 13.26 -12.20 -20.43
N GLY A 461 12.40 -12.85 -19.64
CA GLY A 461 11.07 -13.20 -20.12
C GLY A 461 10.26 -12.02 -20.61
N GLU A 462 10.66 -10.80 -20.27
CA GLU A 462 9.92 -9.63 -20.71
C GLU A 462 9.95 -9.50 -22.22
N TYR A 463 11.14 -9.46 -22.80
CA TYR A 463 11.27 -9.36 -24.25
C TYR A 463 10.60 -10.52 -24.96
N THR A 464 10.60 -11.69 -24.33
CA THR A 464 9.99 -12.87 -24.93
C THR A 464 8.48 -12.85 -24.90
N PHE A 465 7.91 -12.21 -23.88
CA PHE A 465 6.45 -12.16 -23.75
C PHE A 465 5.79 -11.59 -24.99
N THR A 466 6.33 -10.49 -25.51
CA THR A 466 5.75 -9.86 -26.69
C THR A 466 5.72 -10.82 -27.87
N LEU A 467 6.88 -11.35 -28.23
CA LEU A 467 6.94 -12.26 -29.37
C LEU A 467 6.05 -13.47 -29.17
N PHE A 468 5.93 -13.94 -27.92
CA PHE A 468 5.07 -15.10 -27.68
C PHE A 468 3.62 -14.76 -28.01
N ALA A 469 3.13 -13.63 -27.47
CA ALA A 469 1.76 -13.24 -27.76
C ALA A 469 1.54 -13.06 -29.25
N VAL A 470 2.49 -12.40 -29.90
CA VAL A 470 2.39 -12.17 -31.34
C VAL A 470 2.24 -13.48 -32.09
N ILE A 471 3.19 -14.39 -31.91
CA ILE A 471 3.17 -15.68 -32.60
C ILE A 471 1.86 -16.41 -32.34
N ALA A 472 1.47 -16.51 -31.07
CA ALA A 472 0.25 -17.23 -30.71
C ALA A 472 -0.98 -16.69 -31.43
N VAL A 473 -1.31 -15.43 -31.18
CA VAL A 473 -2.50 -14.84 -31.79
C VAL A 473 -2.43 -14.93 -33.31
N ALA A 474 -1.28 -14.60 -33.88
CA ALA A 474 -1.13 -14.62 -35.33
C ALA A 474 -1.43 -16.00 -35.89
N LEU A 475 -0.81 -17.04 -35.33
CA LEU A 475 -1.02 -18.39 -35.83
C LEU A 475 -2.47 -18.81 -35.74
N LEU A 476 -3.11 -18.57 -34.59
CA LEU A 476 -4.50 -19.00 -34.46
C LEU A 476 -5.40 -18.28 -35.47
N LEU A 477 -5.32 -16.96 -35.51
CA LEU A 477 -6.14 -16.22 -36.46
C LEU A 477 -5.82 -16.63 -37.88
N SER A 478 -4.57 -17.02 -38.13
CA SER A 478 -4.18 -17.45 -39.46
C SER A 478 -4.90 -18.72 -39.85
N TRP A 479 -4.96 -19.68 -38.94
CA TRP A 479 -5.65 -20.92 -39.27
C TRP A 479 -7.13 -20.66 -39.53
N ILE A 480 -7.75 -19.83 -38.70
CA ILE A 480 -9.17 -19.56 -38.92
C ILE A 480 -9.38 -18.84 -40.25
N VAL A 481 -8.45 -17.97 -40.62
CA VAL A 481 -8.58 -17.26 -41.89
C VAL A 481 -8.44 -18.23 -43.05
N ALA A 482 -7.45 -19.12 -42.98
CA ALA A 482 -7.24 -20.08 -44.04
C ALA A 482 -8.45 -20.96 -44.23
N VAL A 483 -9.06 -21.40 -43.13
CA VAL A 483 -10.24 -22.27 -43.25
C VAL A 483 -11.54 -21.51 -43.50
N LEU A 484 -11.55 -20.18 -43.39
CA LEU A 484 -12.78 -19.45 -43.62
C LEU A 484 -12.73 -18.47 -44.78
N PHE A 485 -11.65 -18.42 -45.55
CA PHE A 485 -11.64 -17.47 -46.66
C PHE A 485 -11.26 -18.11 -47.98
N ALA A 486 -10.46 -19.16 -47.93
CA ALA A 486 -10.06 -19.85 -49.16
C ALA A 486 -11.20 -20.14 -50.11
N PRO A 487 -12.42 -20.51 -49.66
CA PRO A 487 -13.50 -20.77 -50.62
C PRO A 487 -13.85 -19.63 -51.57
N VAL A 488 -14.25 -18.48 -51.03
CA VAL A 488 -14.64 -17.36 -51.89
C VAL A 488 -13.47 -16.95 -52.79
N ILE A 489 -12.29 -16.80 -52.20
CA ILE A 489 -11.11 -16.40 -52.96
C ILE A 489 -10.89 -17.33 -54.13
N ALA A 490 -11.21 -18.61 -53.96
CA ALA A 490 -11.03 -19.54 -55.06
C ALA A 490 -12.16 -19.42 -56.07
N VAL A 491 -13.41 -19.43 -55.59
CA VAL A 491 -14.58 -19.35 -56.43
C VAL A 491 -14.64 -18.08 -57.26
N HIS A 492 -13.82 -17.08 -56.97
CA HIS A 492 -13.90 -15.87 -57.76
C HIS A 492 -12.64 -15.48 -58.52
N ILE A 493 -11.46 -15.94 -58.11
CA ILE A 493 -10.26 -15.55 -58.83
C ILE A 493 -9.49 -16.78 -59.30
N LEU A 494 -10.21 -17.84 -59.67
CA LEU A 494 -9.48 -19.02 -60.11
C LEU A 494 -10.09 -19.63 -61.36
N PRO A 495 -9.24 -20.08 -62.28
CA PRO A 495 -9.73 -20.70 -63.52
C PRO A 495 -10.25 -22.11 -63.27
N LYS A 496 -10.56 -22.83 -64.34
CA LYS A 496 -11.08 -24.19 -64.25
C LYS A 496 -9.93 -25.20 -64.21
N THR A 497 -10.28 -26.49 -64.36
CA THR A 497 -9.31 -27.56 -64.33
C THR A 497 -8.47 -27.59 -65.60
N LEU A 498 -7.56 -28.55 -65.65
CA LEU A 498 -6.66 -28.78 -66.76
C LEU A 498 -6.22 -30.24 -66.71
N LYS A 499 -5.18 -30.57 -67.46
CA LYS A 499 -4.62 -31.91 -67.51
C LYS A 499 -3.27 -31.95 -66.81
N HIS A 500 -3.00 -33.07 -66.14
CA HIS A 500 -1.75 -33.23 -65.40
C HIS A 500 -0.53 -33.00 -66.27
N LYS A 501 0.46 -32.32 -65.68
CA LYS A 501 1.73 -31.97 -66.30
C LYS A 501 2.61 -31.36 -65.21
N SER A 502 3.92 -31.57 -65.33
CA SER A 502 4.87 -31.04 -64.36
C SER A 502 5.94 -30.23 -65.07
N GLU A 503 6.42 -29.21 -64.38
CA GLU A 503 7.47 -28.35 -64.92
C GLU A 503 8.72 -29.17 -65.22
N GLN A 504 9.09 -29.25 -66.50
CA GLN A 504 10.24 -30.04 -66.90
C GLN A 504 11.55 -29.56 -66.28
N LYS A 505 11.64 -28.28 -65.89
CA LYS A 505 12.87 -27.81 -65.27
C LYS A 505 13.17 -28.61 -64.01
N LYS A 506 12.13 -28.90 -63.23
CA LYS A 506 12.27 -29.71 -62.03
C LYS A 506 12.32 -31.19 -62.38
N GLY A 507 12.31 -31.51 -63.68
CA GLY A 507 12.37 -32.91 -64.10
C GLY A 507 13.64 -33.60 -63.64
N ARG A 508 14.78 -32.96 -63.86
CA ARG A 508 16.05 -33.56 -63.43
C ARG A 508 16.08 -33.71 -61.92
N ILE A 509 15.52 -32.73 -61.20
CA ILE A 509 15.46 -32.80 -59.75
C ILE A 509 14.63 -33.99 -59.33
N ALA A 510 13.52 -34.23 -60.05
CA ALA A 510 12.66 -35.36 -59.74
C ALA A 510 13.39 -36.66 -60.04
N GLU A 511 14.19 -36.68 -61.10
CA GLU A 511 14.96 -37.88 -61.44
C GLU A 511 15.90 -38.22 -60.29
N ARG A 512 16.66 -37.22 -59.85
CA ARG A 512 17.59 -37.43 -58.74
C ARG A 512 16.87 -37.85 -57.47
N PHE A 513 15.73 -37.21 -57.17
CA PHE A 513 14.99 -37.53 -55.95
C PHE A 513 14.47 -38.96 -55.98
N ASP A 514 13.79 -39.35 -57.07
CA ASP A 514 13.28 -40.70 -57.13
C ASP A 514 14.41 -41.72 -57.11
N SER A 515 15.51 -41.42 -57.80
CA SER A 515 16.64 -42.34 -57.80
C SER A 515 17.20 -42.52 -56.40
N LEU A 516 17.45 -41.41 -55.69
CA LEU A 516 17.97 -41.52 -54.34
C LEU A 516 16.97 -42.21 -53.43
N LEU A 517 15.68 -42.06 -53.70
CA LEU A 517 14.68 -42.74 -52.90
C LEU A 517 14.80 -44.25 -53.08
N HIS A 518 14.88 -44.68 -54.34
CA HIS A 518 15.02 -46.10 -54.62
C HIS A 518 16.29 -46.65 -53.98
N LEU A 519 17.39 -45.90 -54.10
CA LEU A 519 18.65 -46.33 -53.51
C LEU A 519 18.54 -46.44 -51.99
N ALA A 520 17.91 -45.45 -51.36
CA ALA A 520 17.74 -45.49 -49.91
C ALA A 520 16.95 -46.73 -49.53
N MET A 521 15.98 -47.11 -50.38
CA MET A 521 15.22 -48.31 -50.10
C MET A 521 16.04 -49.56 -50.36
N ARG A 522 17.07 -49.46 -51.21
CA ARG A 522 17.91 -50.62 -51.50
C ARG A 522 18.64 -51.10 -50.26
N ARG A 523 19.10 -50.16 -49.42
CA ARG A 523 19.83 -50.50 -48.20
C ARG A 523 19.31 -49.59 -47.08
N ARG A 524 18.32 -50.08 -46.35
CA ARG A 524 17.74 -49.30 -45.26
C ARG A 524 18.71 -49.19 -44.09
N TRP A 525 19.35 -50.29 -43.72
CA TRP A 525 20.30 -50.27 -42.60
C TRP A 525 21.40 -49.25 -42.81
N THR A 526 21.81 -49.03 -44.06
CA THR A 526 22.85 -48.04 -44.32
C THR A 526 22.38 -46.66 -43.91
N THR A 527 21.13 -46.32 -44.20
CA THR A 527 20.59 -45.02 -43.83
C THR A 527 20.59 -44.86 -42.32
N ILE A 528 20.21 -45.92 -41.60
CA ILE A 528 20.20 -45.86 -40.15
C ILE A 528 21.61 -45.65 -39.61
N PHE A 529 22.58 -46.34 -40.20
CA PHE A 529 23.97 -46.19 -39.79
C PHE A 529 24.43 -44.75 -39.98
N LEU A 530 24.12 -44.19 -41.16
CA LEU A 530 24.50 -42.82 -41.45
C LEU A 530 23.86 -41.85 -40.47
N THR A 531 22.57 -42.02 -40.20
CA THR A 531 21.89 -41.15 -39.27
C THR A 531 22.52 -41.22 -37.89
N ALA A 532 22.81 -42.44 -37.43
CA ALA A 532 23.43 -42.62 -36.12
C ALA A 532 24.76 -41.90 -36.04
N LEU A 533 25.64 -42.14 -36.99
CA LEU A 533 26.95 -41.49 -36.96
C LEU A 533 26.83 -39.97 -37.04
N LEU A 534 25.92 -39.47 -37.87
CA LEU A 534 25.75 -38.02 -38.00
C LEU A 534 25.29 -37.40 -36.69
N PHE A 535 24.23 -37.94 -36.10
CA PHE A 535 23.74 -37.38 -34.85
C PHE A 535 24.79 -37.48 -33.75
N GLY A 536 25.51 -38.60 -33.71
CA GLY A 536 26.53 -38.76 -32.70
C GLY A 536 27.64 -37.74 -32.83
N VAL A 537 28.19 -37.59 -34.05
CA VAL A 537 29.26 -36.62 -34.23
C VAL A 537 28.76 -35.22 -33.95
N SER A 538 27.49 -34.93 -34.23
CA SER A 538 26.96 -33.59 -33.95
C SER A 538 26.99 -33.32 -32.47
N LEU A 539 26.33 -34.20 -31.69
CA LEU A 539 26.32 -34.02 -30.25
C LEU A 539 27.74 -33.99 -29.69
N PHE A 540 28.66 -34.71 -30.35
CA PHE A 540 30.05 -34.72 -29.91
C PHE A 540 30.69 -33.35 -30.09
N LEU A 541 30.63 -32.81 -31.30
CA LEU A 541 31.21 -31.51 -31.60
C LEU A 541 30.56 -30.38 -30.83
N MET A 542 29.39 -30.62 -30.23
CA MET A 542 28.70 -29.57 -29.47
C MET A 542 29.56 -28.94 -28.36
N LYS A 543 30.56 -29.66 -27.84
CA LYS A 543 31.34 -29.15 -26.72
C LYS A 543 31.98 -27.77 -26.95
N PHE A 544 32.87 -27.66 -27.92
CA PHE A 544 33.54 -26.37 -28.14
C PHE A 544 32.64 -25.27 -28.67
N VAL A 545 31.36 -25.54 -28.92
CA VAL A 545 30.48 -24.48 -29.41
C VAL A 545 30.35 -23.44 -28.31
N GLN A 546 30.77 -22.22 -28.58
CA GLN A 546 30.73 -21.16 -27.58
C GLN A 546 29.33 -20.57 -27.46
N HIS A 547 29.02 -20.11 -26.24
CA HIS A 547 27.72 -19.52 -25.93
C HIS A 547 27.90 -18.11 -25.37
N GLN A 548 26.96 -17.23 -25.70
CA GLN A 548 26.96 -15.87 -25.20
C GLN A 548 25.52 -15.51 -24.89
N PHE A 549 25.33 -14.80 -23.78
CA PHE A 549 23.97 -14.43 -23.39
C PHE A 549 23.46 -13.20 -24.11
N PHE A 550 24.29 -12.22 -24.36
CA PHE A 550 23.76 -11.04 -25.01
C PHE A 550 24.76 -10.37 -25.91
N PRO A 551 24.32 -9.84 -27.04
CA PRO A 551 25.21 -9.10 -27.94
C PRO A 551 25.27 -7.67 -27.47
N SER A 552 25.90 -6.78 -28.23
CA SER A 552 25.96 -5.39 -27.84
C SER A 552 24.84 -4.63 -28.55
N SER A 553 24.90 -3.30 -28.46
CA SER A 553 23.90 -2.44 -29.08
C SER A 553 24.57 -1.63 -30.17
N ASP A 554 23.98 -1.64 -31.36
CA ASP A 554 24.50 -0.92 -32.52
C ASP A 554 24.34 0.58 -32.41
N ARG A 555 23.87 1.07 -31.27
CA ARG A 555 23.68 2.50 -31.09
C ARG A 555 24.96 3.25 -31.41
N PRO A 556 24.90 4.32 -32.20
CA PRO A 556 26.11 5.09 -32.53
C PRO A 556 26.75 5.78 -31.34
N GLU A 557 26.20 5.62 -30.14
CA GLU A 557 26.76 6.25 -28.95
C GLU A 557 27.81 5.34 -28.34
N LEU A 558 28.73 5.95 -27.61
CA LEU A 558 29.80 5.21 -26.96
C LEU A 558 30.18 5.94 -25.68
N LEU A 559 30.71 5.19 -24.71
CA LEU A 559 31.09 5.83 -23.46
C LEU A 559 32.44 5.29 -23.02
N VAL A 560 33.09 6.05 -22.15
CA VAL A 560 34.40 5.67 -21.63
C VAL A 560 34.46 6.05 -20.16
N ASP A 561 35.02 5.15 -19.35
CA ASP A 561 35.12 5.40 -17.92
C ASP A 561 36.58 5.37 -17.49
N LEU A 562 36.87 6.17 -16.47
CA LEU A 562 38.21 6.28 -15.91
C LEU A 562 38.12 6.22 -14.40
N ASN A 563 39.15 5.64 -13.80
CA ASN A 563 39.25 5.51 -12.35
C ASN A 563 40.70 5.79 -11.97
N LEU A 564 40.86 6.71 -11.04
CA LEU A 564 42.18 7.10 -10.57
C LEU A 564 42.70 6.06 -9.57
N PRO A 565 44.03 5.91 -9.45
CA PRO A 565 44.58 4.92 -8.53
C PRO A 565 44.09 5.10 -7.10
N GLN A 566 44.25 6.28 -6.54
CA GLN A 566 43.81 6.56 -5.18
C GLN A 566 42.89 7.77 -5.21
N ASN A 567 42.18 7.97 -4.10
CA ASN A 567 41.27 9.09 -3.99
C ASN A 567 42.05 10.37 -3.76
N SER A 568 41.74 11.39 -4.55
CA SER A 568 42.40 12.68 -4.45
C SER A 568 41.31 13.73 -4.58
N SER A 569 41.72 14.99 -4.64
CA SER A 569 40.74 16.04 -4.80
C SER A 569 40.09 15.91 -6.17
N ILE A 570 38.80 16.24 -6.24
CA ILE A 570 38.10 16.17 -7.50
C ILE A 570 38.80 17.00 -8.56
N HIS A 571 39.62 17.96 -8.13
CA HIS A 571 40.37 18.79 -9.07
C HIS A 571 41.25 17.94 -9.97
N GLU A 572 41.84 16.88 -9.42
CA GLU A 572 42.69 16.02 -10.22
C GLU A 572 41.86 15.29 -11.27
N THR A 573 40.66 14.86 -10.89
CA THR A 573 39.78 14.20 -11.85
C THR A 573 39.46 15.16 -12.99
N ARG A 574 39.13 16.40 -12.64
CA ARG A 574 38.84 17.38 -13.68
C ARG A 574 40.07 17.65 -14.53
N ALA A 575 41.26 17.55 -13.94
CA ALA A 575 42.48 17.77 -14.70
C ALA A 575 42.63 16.71 -15.79
N VAL A 576 42.50 15.44 -15.39
CA VAL A 576 42.59 14.37 -16.38
C VAL A 576 41.49 14.54 -17.41
N MET A 577 40.31 14.94 -16.96
CA MET A 577 39.18 15.13 -17.85
C MET A 577 39.51 16.16 -18.92
N ASP A 578 39.90 17.37 -18.51
CA ASP A 578 40.21 18.42 -19.47
C ASP A 578 41.36 18.04 -20.37
N ARG A 579 42.34 17.29 -19.87
CA ARG A 579 43.44 16.89 -20.74
C ARG A 579 42.92 15.98 -21.85
N LEU A 580 42.14 14.96 -21.47
CA LEU A 580 41.57 14.07 -22.46
C LEU A 580 40.68 14.84 -23.43
N GLU A 581 39.96 15.84 -22.92
CA GLU A 581 39.10 16.64 -23.78
C GLU A 581 39.92 17.41 -24.81
N ALA A 582 40.98 18.09 -24.34
CA ALA A 582 41.85 18.83 -25.25
C ALA A 582 42.44 17.89 -26.29
N THR A 583 42.63 16.62 -25.93
CA THR A 583 43.16 15.68 -26.89
C THR A 583 42.17 15.42 -28.00
N LEU A 584 40.91 15.17 -27.66
CA LEU A 584 39.86 14.90 -28.64
C LEU A 584 38.89 16.07 -28.70
N LYS A 585 39.10 16.96 -29.65
CA LYS A 585 38.19 18.08 -29.82
C LYS A 585 37.99 18.45 -31.29
N ASP A 586 38.59 17.72 -32.21
CA ASP A 586 38.44 18.01 -33.63
C ASP A 586 38.81 16.76 -34.41
N ASP A 587 37.81 16.06 -34.93
CA ASP A 587 37.98 14.85 -35.71
C ASP A 587 36.61 14.44 -36.21
N GLU A 588 36.60 13.62 -37.26
CA GLU A 588 35.34 13.16 -37.82
C GLU A 588 34.69 12.17 -36.86
N ASP A 589 33.36 12.08 -36.94
CA ASP A 589 32.54 11.22 -36.09
C ASP A 589 32.62 11.62 -34.63
N ILE A 590 33.19 12.79 -34.34
CA ILE A 590 33.34 13.28 -32.97
C ILE A 590 32.41 14.48 -32.82
N ASP A 591 31.30 14.29 -32.14
CA ASP A 591 30.32 15.34 -31.90
C ASP A 591 29.41 14.89 -30.78
N HIS A 592 28.74 15.84 -30.14
CA HIS A 592 27.84 15.57 -29.03
C HIS A 592 28.53 14.70 -27.98
N TRP A 593 29.59 15.26 -27.42
CA TRP A 593 30.38 14.59 -26.40
C TRP A 593 30.35 15.41 -25.12
N SER A 594 30.05 14.76 -24.01
CA SER A 594 29.97 15.43 -22.72
C SER A 594 30.75 14.65 -21.67
N ALA A 595 31.03 15.33 -20.57
CA ALA A 595 31.78 14.80 -19.45
C ALA A 595 30.88 14.57 -18.25
N TYR A 596 31.43 13.87 -17.26
CA TYR A 596 30.72 13.56 -16.02
C TYR A 596 31.79 13.39 -14.95
N VAL A 597 31.84 14.32 -14.00
CA VAL A 597 32.82 14.30 -12.93
C VAL A 597 32.09 13.96 -11.63
N GLY A 598 32.15 12.70 -11.23
CA GLY A 598 31.54 12.24 -10.00
C GLY A 598 30.29 11.40 -10.17
N GLU A 599 29.59 11.52 -11.29
CA GLU A 599 28.37 10.75 -11.48
C GLU A 599 27.95 10.80 -12.93
N GLY A 600 27.39 9.70 -13.41
CA GLY A 600 26.92 9.61 -14.78
C GLY A 600 25.42 9.48 -14.83
N ALA A 601 24.74 10.38 -15.54
CA ALA A 601 23.28 10.34 -15.64
C ALA A 601 22.84 9.06 -16.33
N ILE A 602 21.54 8.84 -16.43
CA ILE A 602 20.99 7.64 -17.04
C ILE A 602 20.19 8.01 -18.29
N ARG A 603 20.52 7.36 -19.40
CA ARG A 603 19.83 7.58 -20.67
C ARG A 603 18.61 6.66 -20.75
N PHE A 604 18.86 5.36 -20.71
CA PHE A 604 17.84 4.32 -20.76
C PHE A 604 18.11 3.36 -19.62
N TYR A 605 17.21 2.40 -19.46
CA TYR A 605 17.39 1.40 -18.42
C TYR A 605 18.40 0.36 -18.85
N LEU A 606 19.18 0.64 -19.90
CA LEU A 606 20.17 -0.32 -20.37
C LEU A 606 21.33 -0.44 -19.38
N PRO A 607 22.10 0.62 -19.10
CA PRO A 607 23.22 0.46 -18.16
C PRO A 607 22.91 0.85 -16.73
N LEU A 608 23.86 0.58 -15.85
CA LEU A 608 23.80 0.95 -14.44
C LEU A 608 24.58 2.27 -14.33
N ASP A 609 24.86 2.70 -13.11
CA ASP A 609 25.58 3.96 -12.96
C ASP A 609 26.25 4.05 -11.60
N GLN A 610 27.56 4.26 -11.60
CA GLN A 610 28.29 4.42 -10.35
C GLN A 610 27.77 5.72 -9.75
N GLN A 611 27.08 5.63 -8.61
CA GLN A 611 26.47 6.81 -8.01
C GLN A 611 27.41 7.93 -7.60
N LEU A 612 28.25 7.71 -6.59
CA LEU A 612 29.15 8.77 -6.14
C LEU A 612 30.52 8.20 -5.83
N GLN A 613 31.37 8.18 -6.85
CA GLN A 613 32.74 7.69 -6.73
C GLN A 613 33.62 8.71 -7.44
N ASN A 614 33.35 9.98 -7.14
CA ASN A 614 34.10 11.09 -7.72
C ASN A 614 35.60 10.86 -7.67
N ASN A 615 36.14 10.63 -6.49
CA ASN A 615 37.56 10.39 -6.30
C ASN A 615 38.05 9.10 -6.94
N PHE A 616 37.15 8.30 -7.50
CA PHE A 616 37.55 7.05 -8.14
C PHE A 616 36.76 6.74 -9.40
N TYR A 617 35.99 7.68 -9.96
CA TYR A 617 35.20 7.33 -11.13
C TYR A 617 34.85 8.57 -11.93
N GLY A 618 34.86 8.43 -13.26
CA GLY A 618 34.53 9.50 -14.17
C GLY A 618 33.84 8.93 -15.38
N GLN A 619 33.26 9.81 -16.20
CA GLN A 619 32.56 9.33 -17.38
C GLN A 619 32.68 10.32 -18.53
N LEU A 620 32.69 9.79 -19.75
CA LEU A 620 32.74 10.61 -20.95
C LEU A 620 31.89 9.93 -22.01
N VAL A 621 30.83 10.61 -22.43
CA VAL A 621 29.92 10.10 -23.45
C VAL A 621 30.23 10.79 -24.77
N ILE A 622 30.29 10.01 -25.85
CA ILE A 622 30.58 10.55 -27.16
C ILE A 622 29.58 9.98 -28.16
N VAL A 623 29.26 10.78 -29.17
CA VAL A 623 28.33 10.40 -30.22
C VAL A 623 29.09 10.31 -31.53
N THR A 624 28.92 9.20 -32.23
CA THR A 624 29.59 9.01 -33.51
C THR A 624 28.63 9.35 -34.65
N LYS A 625 29.17 9.39 -35.86
CA LYS A 625 28.33 9.71 -37.00
C LYS A 625 27.59 8.48 -37.53
N ASP A 626 28.32 7.41 -37.83
CA ASP A 626 27.68 6.21 -38.34
C ASP A 626 28.07 4.95 -37.57
N LEU A 627 29.30 4.90 -37.07
CA LEU A 627 29.76 3.72 -36.35
C LEU A 627 30.93 4.07 -35.46
N GLU A 628 30.85 3.67 -34.18
CA GLU A 628 31.94 3.94 -33.27
C GLU A 628 33.20 3.24 -33.74
N ALA A 629 33.05 2.11 -34.41
CA ALA A 629 34.17 1.35 -34.94
C ALA A 629 34.38 1.62 -36.42
N ARG A 630 33.69 2.62 -36.97
CA ARG A 630 33.87 2.96 -38.39
C ARG A 630 35.35 3.11 -38.69
N GLU A 631 36.01 3.98 -37.94
CA GLU A 631 37.44 4.19 -38.02
C GLU A 631 38.10 3.66 -36.77
N ARG A 632 37.41 2.76 -36.06
CA ARG A 632 37.89 2.17 -34.82
C ARG A 632 38.19 3.25 -33.80
N VAL A 633 37.27 4.21 -33.67
CA VAL A 633 37.45 5.30 -32.73
C VAL A 633 37.79 4.75 -31.35
N ALA A 634 37.16 3.64 -30.98
CA ALA A 634 37.44 3.03 -29.69
C ALA A 634 38.90 2.59 -29.62
N ALA A 635 39.41 1.99 -30.70
CA ALA A 635 40.80 1.55 -30.70
C ALA A 635 41.73 2.76 -30.63
N ARG A 636 41.39 3.83 -31.34
CA ARG A 636 42.22 5.03 -31.29
C ARG A 636 42.25 5.58 -29.88
N LEU A 637 41.10 5.54 -29.19
CA LEU A 637 41.04 6.03 -27.82
C LEU A 637 41.87 5.13 -26.91
N ARG A 638 41.86 3.82 -27.17
CA ARG A 638 42.65 2.91 -26.37
C ARG A 638 44.13 3.23 -26.52
N ASP A 639 44.57 3.48 -27.75
CA ASP A 639 45.97 3.83 -27.95
C ASP A 639 46.28 5.16 -27.30
N ARG A 640 45.32 6.09 -27.33
CA ARG A 640 45.51 7.39 -26.69
C ARG A 640 45.75 7.22 -25.21
N LEU A 641 44.85 6.51 -24.54
CA LEU A 641 45.02 6.28 -23.10
C LEU A 641 46.28 5.49 -22.82
N ARG A 642 46.69 4.61 -23.74
CA ARG A 642 47.92 3.86 -23.54
C ARG A 642 49.10 4.82 -23.50
N LYS A 643 49.17 5.72 -24.47
CA LYS A 643 50.23 6.72 -24.49
C LYS A 643 50.06 7.73 -23.38
N ASP A 644 48.88 7.75 -22.75
CA ASP A 644 48.59 8.68 -21.66
C ASP A 644 49.30 8.20 -20.39
N TYR A 645 49.11 8.98 -19.32
CA TYR A 645 49.73 8.68 -18.04
C TYR A 645 49.39 7.27 -17.56
N VAL A 646 50.36 6.67 -16.86
CA VAL A 646 50.27 5.32 -16.32
C VAL A 646 49.44 5.31 -15.04
N GLY A 647 49.10 4.11 -14.58
CA GLY A 647 48.33 3.95 -13.35
C GLY A 647 46.97 4.60 -13.36
N ILE A 648 46.37 4.76 -14.53
CA ILE A 648 45.05 5.36 -14.66
C ILE A 648 44.14 4.30 -15.26
N SER A 649 43.32 3.67 -14.43
CA SER A 649 42.42 2.65 -14.93
C SER A 649 41.45 3.27 -15.92
N THR A 650 41.30 2.62 -17.07
CA THR A 650 40.41 3.16 -18.09
C THR A 650 39.75 2.00 -18.83
N TYR A 651 38.56 2.26 -19.35
CA TYR A 651 37.86 1.21 -20.07
C TYR A 651 36.86 1.81 -21.04
N VAL A 652 36.85 1.27 -22.26
CA VAL A 652 35.93 1.71 -23.30
C VAL A 652 34.65 0.92 -23.17
N GLN A 653 33.56 1.46 -23.71
CA GLN A 653 32.34 0.70 -23.57
C GLN A 653 31.26 1.04 -24.60
N PRO A 654 30.89 0.07 -25.40
CA PRO A 654 29.79 0.26 -26.35
C PRO A 654 28.52 -0.13 -25.62
N LEU A 655 27.45 0.64 -25.75
CA LEU A 655 26.22 0.32 -25.05
C LEU A 655 25.81 -1.12 -25.28
N GLU A 656 25.27 -1.74 -24.23
CA GLU A 656 24.86 -3.13 -24.24
C GLU A 656 23.34 -3.26 -24.17
N MET A 657 22.80 -4.22 -24.91
CA MET A 657 21.38 -4.50 -24.96
C MET A 657 21.06 -5.66 -24.01
N GLY A 658 20.13 -5.43 -23.09
CA GLY A 658 19.73 -6.44 -22.14
C GLY A 658 19.90 -5.97 -20.71
N PRO A 659 19.63 -6.85 -19.75
CA PRO A 659 19.77 -6.49 -18.34
C PRO A 659 21.20 -6.11 -18.03
N PRO A 660 21.41 -5.09 -17.21
CA PRO A 660 22.78 -4.68 -16.89
C PRO A 660 23.58 -5.81 -16.27
N VAL A 661 24.86 -5.88 -16.65
CA VAL A 661 25.77 -6.89 -16.15
C VAL A 661 27.10 -6.31 -15.69
N GLY A 662 27.26 -4.98 -15.75
CA GLY A 662 28.52 -4.38 -15.33
C GLY A 662 29.66 -4.87 -16.19
N ARG A 663 30.82 -5.04 -15.56
CA ARG A 663 31.99 -5.51 -16.29
C ARG A 663 31.72 -6.92 -16.81
N PRO A 664 32.28 -7.28 -17.97
CA PRO A 664 32.03 -8.60 -18.52
C PRO A 664 32.59 -9.74 -17.67
N ILE A 665 33.73 -9.54 -17.02
CA ILE A 665 34.33 -10.59 -16.20
C ILE A 665 34.77 -10.01 -14.86
N GLN A 666 34.25 -10.59 -13.78
CA GLN A 666 34.57 -10.17 -12.43
C GLN A 666 34.64 -11.39 -11.52
N TYR A 667 35.12 -11.16 -10.30
CA TYR A 667 35.24 -12.21 -9.30
C TYR A 667 35.18 -11.54 -7.93
N ARG A 668 34.48 -12.19 -7.00
CA ARG A 668 34.34 -11.67 -5.66
C ARG A 668 35.02 -12.60 -4.67
N VAL A 669 35.82 -12.04 -3.78
CA VAL A 669 36.53 -12.79 -2.75
C VAL A 669 36.09 -12.24 -1.40
N SER A 670 35.76 -13.13 -0.47
CA SER A 670 35.28 -12.75 0.84
C SER A 670 36.35 -12.95 1.91
N GLY A 671 36.12 -12.33 3.05
CA GLY A 671 37.01 -12.43 4.18
C GLY A 671 36.60 -11.54 5.33
N PRO A 672 36.60 -12.09 6.55
CA PRO A 672 36.24 -11.30 7.72
C PRO A 672 37.39 -10.45 8.25
N GLN A 673 38.56 -10.53 7.63
CA GLN A 673 39.73 -9.76 8.02
C GLN A 673 40.28 -9.05 6.78
N ILE A 674 40.63 -7.79 6.95
CA ILE A 674 41.12 -6.94 5.87
C ILE A 674 42.36 -7.47 5.16
N ASP A 675 43.47 -7.56 5.89
CA ASP A 675 44.73 -8.00 5.30
C ASP A 675 44.61 -9.40 4.71
N LYS A 676 43.87 -10.28 5.38
CA LYS A 676 43.73 -11.65 4.88
C LYS A 676 43.06 -11.66 3.52
N VAL A 677 41.88 -11.04 3.41
CA VAL A 677 41.18 -11.03 2.12
C VAL A 677 42.00 -10.29 1.08
N ARG A 678 42.76 -9.26 1.48
CA ARG A 678 43.57 -8.53 0.51
C ARG A 678 44.66 -9.42 -0.07
N GLU A 679 45.50 -9.99 0.78
CA GLU A 679 46.57 -10.85 0.32
C GLU A 679 46.01 -12.03 -0.46
N TYR A 680 44.82 -12.52 -0.09
CA TYR A 680 44.26 -13.65 -0.83
C TYR A 680 43.78 -13.19 -2.21
N ALA A 681 43.23 -11.98 -2.30
CA ALA A 681 42.83 -11.49 -3.60
C ALA A 681 44.04 -11.36 -4.50
N MET A 682 45.17 -10.95 -3.91
CA MET A 682 46.40 -10.83 -4.68
C MET A 682 46.86 -12.21 -5.14
N GLY A 683 46.90 -13.17 -4.22
CA GLY A 683 47.31 -14.52 -4.53
C GLY A 683 46.39 -15.19 -5.53
N LEU A 684 45.17 -14.67 -5.67
CA LEU A 684 44.22 -15.21 -6.63
C LEU A 684 44.47 -14.60 -8.00
N ALA A 685 44.61 -13.28 -8.05
CA ALA A 685 44.87 -12.63 -9.32
C ALA A 685 46.17 -13.12 -9.93
N GLY A 686 47.13 -13.52 -9.09
CA GLY A 686 48.38 -14.03 -9.61
C GLY A 686 48.16 -15.22 -10.52
N VAL A 687 47.43 -16.23 -10.01
CA VAL A 687 47.14 -17.41 -10.80
C VAL A 687 46.18 -17.06 -11.93
N LEU A 688 45.26 -16.14 -11.69
CA LEU A 688 44.30 -15.76 -12.71
C LEU A 688 44.97 -15.20 -13.95
N ASP A 689 46.03 -14.41 -13.77
CA ASP A 689 46.69 -13.83 -14.93
C ASP A 689 47.45 -14.86 -15.77
N GLY A 690 47.33 -16.15 -15.51
CA GLY A 690 48.03 -17.15 -16.29
C GLY A 690 47.77 -17.03 -17.78
N ASN A 691 46.51 -17.09 -18.17
CA ASN A 691 46.16 -16.98 -19.58
C ASN A 691 46.37 -15.55 -20.07
N PRO A 692 47.09 -15.36 -21.17
CA PRO A 692 47.34 -14.00 -21.68
C PRO A 692 46.19 -13.42 -22.50
N ASN A 693 45.08 -14.12 -22.66
CA ASN A 693 43.97 -13.58 -23.46
C ASN A 693 43.21 -12.48 -22.73
N ILE A 694 43.63 -12.09 -21.54
CA ILE A 694 42.98 -11.03 -20.78
C ILE A 694 43.89 -9.83 -20.80
N GLY A 695 43.34 -8.67 -21.13
CA GLY A 695 44.12 -7.44 -21.18
C GLY A 695 44.72 -7.04 -19.86
N ASP A 696 43.86 -6.78 -18.87
CA ASP A 696 44.35 -6.37 -17.57
C ASP A 696 43.30 -6.69 -16.53
N ILE A 697 43.75 -6.83 -15.29
CA ILE A 697 42.90 -7.12 -14.16
C ILE A 697 43.01 -5.94 -13.20
N VAL A 698 41.94 -5.68 -12.46
CA VAL A 698 41.89 -4.55 -11.54
C VAL A 698 41.18 -5.00 -10.26
N TYR A 699 41.84 -4.79 -9.13
CA TYR A 699 41.26 -5.13 -7.84
C TYR A 699 40.33 -4.01 -7.42
N ASP A 700 39.77 -4.14 -6.22
CA ASP A 700 38.86 -3.14 -5.68
C ASP A 700 39.33 -2.74 -4.29
N TRP A 701 39.22 -1.43 -4.01
CA TRP A 701 39.57 -0.83 -2.73
C TRP A 701 40.83 -1.45 -2.13
N ASN A 702 41.85 -1.69 -2.96
CA ASN A 702 43.10 -2.31 -2.53
C ASN A 702 44.19 -1.29 -2.28
N GLU A 703 43.84 -0.12 -1.74
CA GLU A 703 44.83 0.90 -1.48
C GLU A 703 44.46 1.65 -0.21
N PRO A 704 45.43 1.98 0.62
CA PRO A 704 45.14 2.71 1.86
C PRO A 704 45.22 4.22 1.67
N GLY A 705 44.85 4.93 2.71
CA GLY A 705 44.87 6.38 2.70
C GLY A 705 45.66 6.89 3.88
N LYS A 706 46.37 8.00 3.66
CA LYS A 706 47.20 8.63 4.69
C LYS A 706 46.32 9.24 5.76
N MET A 707 46.23 8.57 6.91
CA MET A 707 45.45 9.03 8.04
C MET A 707 46.39 9.65 9.06
N LEU A 708 45.90 10.66 9.77
CA LEU A 708 46.69 11.35 10.78
C LEU A 708 46.09 11.08 12.15
N LYS A 709 46.85 10.43 13.02
CA LYS A 709 46.38 10.13 14.35
C LYS A 709 47.05 11.08 15.33
N ILE A 710 46.24 11.65 16.23
CA ILE A 710 46.68 12.61 17.22
C ILE A 710 45.94 12.34 18.52
N ASP A 711 46.57 12.70 19.65
CA ASP A 711 45.96 12.51 20.95
C ASP A 711 46.74 13.34 21.96
N ILE A 712 46.07 13.64 23.08
CA ILE A 712 46.66 14.44 24.14
C ILE A 712 46.52 13.71 25.48
N ALA A 713 47.45 14.01 26.39
CA ALA A 713 47.43 13.42 27.71
C ALA A 713 46.52 14.18 28.66
N GLN A 714 46.14 15.41 28.30
CA GLN A 714 45.25 16.29 29.05
C GLN A 714 45.88 16.77 30.36
N ASP A 715 47.06 16.27 30.72
CA ASP A 715 47.68 16.73 31.96
C ASP A 715 48.28 18.11 31.77
N LYS A 716 49.02 18.30 30.69
CA LYS A 716 49.60 19.61 30.43
C LYS A 716 48.51 20.64 30.15
N ALA A 717 47.37 20.18 29.62
CA ALA A 717 46.25 21.07 29.36
C ALA A 717 45.84 21.77 30.64
N ARG A 718 45.44 21.00 31.65
CA ARG A 718 45.08 21.61 32.93
C ARG A 718 46.28 22.29 33.55
N GLN A 719 47.48 21.80 33.23
CA GLN A 719 48.69 22.43 33.75
C GLN A 719 48.86 23.82 33.14
N LEU A 720 48.65 23.94 31.83
CA LEU A 720 48.76 25.22 31.15
C LEU A 720 47.48 26.03 31.25
N GLY A 721 46.42 25.46 31.80
CA GLY A 721 45.15 26.16 31.92
C GLY A 721 44.25 25.87 30.74
N LEU A 722 44.09 24.59 30.43
CA LEU A 722 43.26 24.15 29.32
C LEU A 722 42.42 22.95 29.74
N SER A 723 41.15 22.96 29.35
CA SER A 723 40.23 21.89 29.67
C SER A 723 39.82 21.14 28.41
N SER A 724 39.36 19.90 28.62
CA SER A 724 38.92 19.07 27.50
C SER A 724 37.90 19.79 26.65
N GLU A 725 37.02 20.57 27.28
CA GLU A 725 35.99 21.30 26.55
C GLU A 725 36.64 22.21 25.51
N ASP A 726 37.53 23.09 25.96
CA ASP A 726 38.21 23.98 25.03
C ASP A 726 39.07 23.17 24.06
N VAL A 727 39.52 21.98 24.47
CA VAL A 727 40.31 21.13 23.59
C VAL A 727 39.48 20.76 22.37
N ALA A 728 38.30 20.20 22.60
CA ALA A 728 37.42 19.81 21.51
C ALA A 728 36.99 21.03 20.71
N GLN A 729 36.76 22.16 21.39
CA GLN A 729 36.37 23.38 20.68
C GLN A 729 37.44 23.79 19.68
N ILE A 730 38.70 23.81 20.13
CA ILE A 730 39.80 24.17 19.25
C ILE A 730 39.90 23.17 18.10
N MET A 731 39.87 21.87 18.45
CA MET A 731 39.96 20.83 17.42
C MET A 731 38.90 21.02 16.36
N ASN A 732 37.71 21.48 16.75
CA ASN A 732 36.67 21.71 15.78
C ASN A 732 36.97 22.94 14.96
N SER A 733 37.44 24.01 15.61
CA SER A 733 37.79 25.25 14.92
C SER A 733 38.93 25.05 13.93
N VAL A 734 39.64 23.92 14.00
CA VAL A 734 40.74 23.67 13.09
C VAL A 734 40.31 22.87 11.87
N VAL A 735 39.35 21.96 12.02
CA VAL A 735 38.91 21.16 10.89
C VAL A 735 37.69 21.78 10.24
N THR A 736 36.58 21.81 10.97
CA THR A 736 35.32 22.36 10.47
C THR A 736 34.68 23.14 11.61
N GLY A 737 34.60 24.45 11.47
CA GLY A 737 34.00 25.27 12.50
C GLY A 737 32.55 24.94 12.77
N SER A 738 32.04 25.51 13.85
CA SER A 738 30.66 25.28 14.25
C SER A 738 29.69 25.74 13.17
N ALA A 739 28.47 25.21 13.25
CA ALA A 739 27.42 25.54 12.32
C ALA A 739 26.47 26.57 12.93
N VAL A 740 25.94 27.44 12.08
CA VAL A 740 25.02 28.48 12.50
C VAL A 740 23.77 28.39 11.64
N THR A 741 22.86 29.34 11.85
CA THR A 741 21.61 29.37 11.11
C THR A 741 21.86 29.58 9.62
N GLN A 742 20.87 29.17 8.81
CA GLN A 742 20.93 29.33 7.38
C GLN A 742 20.33 30.69 7.03
N VAL A 743 20.36 31.04 5.74
CA VAL A 743 19.81 32.31 5.29
C VAL A 743 18.85 32.04 4.15
N ARG A 744 17.92 32.97 3.97
CA ARG A 744 16.92 32.89 2.90
C ARG A 744 17.09 34.11 2.02
N ASP A 745 18.00 34.01 1.06
CA ASP A 745 18.25 35.10 0.13
C ASP A 745 17.32 35.04 -1.07
N ASP A 746 16.76 33.87 -1.35
CA ASP A 746 15.85 33.64 -2.45
C ASP A 746 15.08 32.36 -2.13
N ILE A 747 14.47 31.77 -3.15
CA ILE A 747 13.74 30.53 -2.94
C ILE A 747 14.63 29.46 -2.35
N TYR A 748 15.95 29.60 -2.50
CA TYR A 748 16.91 28.64 -1.96
C TYR A 748 17.32 29.07 -0.56
N LEU A 749 18.13 28.23 0.07
CA LEU A 749 18.64 28.49 1.42
C LEU A 749 20.14 28.26 1.44
N VAL A 750 20.86 29.17 2.10
CA VAL A 750 22.30 29.09 2.22
C VAL A 750 22.64 29.02 3.70
N ASN A 751 23.32 27.97 4.10
CA ASN A 751 23.72 27.78 5.50
C ASN A 751 25.13 28.32 5.69
N VAL A 752 25.26 29.26 6.59
CA VAL A 752 26.54 29.87 6.89
C VAL A 752 27.26 29.00 7.91
N ILE A 753 28.60 28.97 7.84
CA ILE A 753 29.39 28.16 8.75
C ILE A 753 30.50 29.01 9.34
N GLY A 754 30.79 28.79 10.61
CA GLY A 754 31.87 29.50 11.27
C GLY A 754 33.16 28.73 11.15
N ARG A 755 34.25 29.39 11.51
CA ARG A 755 35.56 28.76 11.44
C ARG A 755 36.58 29.72 12.02
N ALA A 756 37.70 29.18 12.46
CA ALA A 756 38.77 29.99 13.01
C ALA A 756 39.51 30.66 11.86
N GLU A 757 40.60 31.35 12.18
CA GLU A 757 41.38 32.00 11.13
C GLU A 757 42.03 30.95 10.23
N ASP A 758 42.04 31.22 8.92
CA ASP A 758 42.62 30.28 7.98
C ASP A 758 44.13 30.39 7.88
N SER A 759 44.73 31.40 8.52
CA SER A 759 46.19 31.50 8.43
C SER A 759 46.90 30.41 9.20
N GLU A 760 46.13 29.47 9.72
CA GLU A 760 46.63 28.34 10.48
C GLU A 760 46.08 27.02 9.94
N ARG A 761 45.41 27.03 8.80
CA ARG A 761 44.83 25.83 8.22
C ARG A 761 45.01 25.86 6.70
N GLY A 762 44.98 24.69 6.09
CA GLY A 762 45.12 24.59 4.64
C GLY A 762 46.12 23.57 4.12
N SER A 763 47.24 23.39 4.80
CA SER A 763 48.25 22.44 4.37
C SER A 763 48.90 21.80 5.59
N LEU A 764 49.29 20.54 5.44
CA LEU A 764 49.90 19.81 6.55
C LEU A 764 51.28 20.35 6.90
N GLU A 765 52.07 20.73 5.88
CA GLU A 765 53.41 21.23 6.16
C GLU A 765 53.38 22.40 7.13
N THR A 766 52.49 23.36 6.91
CA THR A 766 52.41 24.49 7.83
C THR A 766 51.81 24.09 9.17
N LEU A 767 51.11 22.95 9.23
CA LEU A 767 50.53 22.46 10.47
C LEU A 767 51.54 21.81 11.38
N GLU A 768 52.83 21.95 11.08
CA GLU A 768 53.90 21.37 11.89
C GLU A 768 54.43 22.44 12.81
N SER A 769 54.57 22.10 14.10
CA SER A 769 55.04 23.03 15.12
C SER A 769 54.14 24.26 15.17
N LEU A 770 52.87 24.00 15.49
CA LEU A 770 51.86 25.05 15.55
C LEU A 770 51.79 25.65 16.95
N GLN A 771 51.93 26.97 17.04
CA GLN A 771 51.83 27.69 18.31
C GLN A 771 50.35 27.98 18.50
N ILE A 772 49.63 26.95 18.94
CA ILE A 772 48.20 27.06 19.12
C ILE A 772 47.88 28.04 20.24
N VAL A 773 46.89 28.89 19.99
CA VAL A 773 46.48 29.87 20.98
C VAL A 773 45.55 29.21 21.99
N THR A 774 45.43 29.84 23.16
CA THR A 774 44.59 29.34 24.23
C THR A 774 43.47 30.33 24.51
N PRO A 775 42.32 29.87 24.99
CA PRO A 775 41.23 30.80 25.31
C PRO A 775 41.63 31.83 26.34
N SER A 776 42.67 31.56 27.12
CA SER A 776 43.18 32.48 28.14
C SER A 776 44.13 33.51 27.55
N GLY A 777 44.19 33.64 26.23
CA GLY A 777 45.06 34.57 25.56
C GLY A 777 46.44 34.04 25.27
N THR A 778 46.92 33.07 26.06
CA THR A 778 48.25 32.52 25.86
C THR A 778 48.30 31.70 24.56
N SER A 779 49.52 31.42 24.13
CA SER A 779 49.79 30.64 22.93
C SER A 779 51.00 29.78 23.18
N ILE A 780 50.87 28.48 22.95
CA ILE A 780 51.96 27.55 23.19
C ILE A 780 52.15 26.66 21.96
N PRO A 781 53.38 26.31 21.60
CA PRO A 781 53.57 25.43 20.43
C PRO A 781 52.90 24.09 20.65
N LEU A 782 52.71 23.37 19.56
CA LEU A 782 52.08 22.06 19.58
C LEU A 782 52.89 21.00 20.35
N LYS A 783 54.04 21.39 20.91
CA LYS A 783 54.88 20.44 21.65
C LYS A 783 54.09 19.65 22.69
N ALA A 784 53.01 20.22 23.21
CA ALA A 784 52.20 19.52 24.20
C ALA A 784 51.42 18.36 23.61
N PHE A 785 51.53 18.12 22.31
CA PHE A 785 50.80 17.02 21.68
C PHE A 785 51.68 15.78 21.65
N ALA A 786 51.08 14.66 21.26
CA ALA A 786 51.83 13.41 21.22
C ALA A 786 51.16 12.45 20.24
N LYS A 787 51.90 11.39 19.90
CA LYS A 787 51.47 10.33 18.98
C LYS A 787 50.95 10.87 17.66
N VAL A 788 51.28 12.12 17.33
CA VAL A 788 50.84 12.70 16.08
C VAL A 788 51.65 12.04 14.97
N SER A 789 51.03 11.13 14.22
CA SER A 789 51.78 10.45 13.18
C SER A 789 50.87 10.01 12.04
N TYR A 790 51.52 9.45 11.02
CA TYR A 790 50.87 8.95 9.82
C TYR A 790 50.55 7.47 9.95
N GLU A 791 49.40 7.09 9.46
CA GLU A 791 48.93 5.71 9.45
C GLU A 791 48.26 5.47 8.11
N LEU A 792 47.87 4.23 7.86
CA LEU A 792 47.24 3.89 6.61
C LEU A 792 45.85 3.30 6.87
N GLU A 793 44.89 3.70 6.06
CA GLU A 793 43.53 3.19 6.23
C GLU A 793 42.78 3.36 4.92
N GLN A 794 42.33 2.25 4.34
CA GLN A 794 41.59 2.29 3.09
C GLN A 794 40.23 2.93 3.32
N PRO A 795 39.94 4.07 2.70
CA PRO A 795 38.65 4.74 2.90
C PRO A 795 37.48 4.14 2.14
N LEU A 796 37.65 3.00 1.47
CA LEU A 796 36.58 2.37 0.72
C LEU A 796 36.54 0.88 1.05
N VAL A 797 35.34 0.36 1.32
CA VAL A 797 35.11 -1.03 1.64
C VAL A 797 33.82 -1.49 0.98
N TRP A 798 33.56 -2.79 1.05
CA TRP A 798 32.35 -3.38 0.47
C TRP A 798 31.92 -4.51 1.41
N ARG A 799 31.01 -4.20 2.32
CA ARG A 799 30.53 -5.21 3.26
C ARG A 799 29.41 -6.04 2.67
N ARG A 800 29.64 -6.62 1.50
CA ARG A 800 28.63 -7.44 0.85
C ARG A 800 28.13 -8.52 1.81
N ASP A 801 26.83 -8.52 2.04
CA ASP A 801 26.19 -9.46 2.94
C ASP A 801 26.83 -9.40 4.33
N ARG A 802 27.02 -8.16 4.79
CA ARG A 802 27.62 -7.90 6.10
C ARG A 802 29.00 -8.54 6.23
N LYS A 803 29.75 -8.56 5.14
CA LYS A 803 31.06 -9.16 5.20
C LYS A 803 31.98 -8.46 4.21
N PRO A 804 33.19 -8.11 4.61
CA PRO A 804 34.11 -7.45 3.68
C PRO A 804 34.39 -8.34 2.50
N THR A 805 34.67 -7.72 1.35
CA THR A 805 34.95 -8.47 0.15
C THR A 805 35.62 -7.55 -0.87
N ILE A 806 36.18 -8.17 -1.90
CA ILE A 806 36.87 -7.46 -2.96
C ILE A 806 36.35 -7.99 -4.28
N THR A 807 36.26 -7.10 -5.26
CA THR A 807 35.78 -7.43 -6.59
C THR A 807 36.88 -7.12 -7.60
N VAL A 808 37.39 -8.16 -8.25
CA VAL A 808 38.44 -8.05 -9.25
C VAL A 808 37.78 -8.17 -10.61
N LYS A 809 37.88 -7.13 -11.42
CA LYS A 809 37.30 -7.11 -12.75
C LYS A 809 38.42 -7.13 -13.77
N ALA A 810 38.21 -7.84 -14.87
CA ALA A 810 39.26 -7.94 -15.88
C ALA A 810 38.74 -7.71 -17.28
N SER A 811 39.56 -7.02 -18.08
CA SER A 811 39.23 -6.76 -19.47
C SER A 811 39.55 -8.01 -20.28
N LEU A 812 39.25 -7.97 -21.56
CA LEU A 812 39.50 -9.13 -22.41
C LEU A 812 40.36 -8.74 -23.60
N ARG A 813 40.74 -9.77 -24.36
CA ARG A 813 41.53 -9.64 -25.57
C ARG A 813 41.04 -10.69 -26.54
N GLY A 814 41.55 -10.63 -27.77
CA GLY A 814 41.13 -11.61 -28.76
C GLY A 814 39.65 -11.48 -29.06
N GLU A 815 38.97 -12.62 -29.10
CA GLU A 815 37.54 -12.64 -29.41
C GLU A 815 36.72 -13.65 -28.62
N ILE A 816 37.31 -14.38 -27.67
CA ILE A 816 36.54 -15.37 -26.94
C ILE A 816 35.49 -14.69 -26.04
N GLN A 817 34.50 -15.49 -25.63
CA GLN A 817 33.39 -15.16 -24.77
C GLN A 817 33.76 -15.43 -23.32
N PRO A 818 33.32 -14.57 -22.40
CA PRO A 818 33.65 -14.77 -20.98
C PRO A 818 33.30 -16.15 -20.46
N THR A 819 32.20 -16.72 -20.93
CA THR A 819 31.79 -18.05 -20.48
C THR A 819 32.87 -19.09 -20.78
N ASP A 820 33.37 -19.10 -22.01
CA ASP A 820 34.40 -20.06 -22.39
C ASP A 820 35.66 -19.87 -21.56
N LEU A 821 36.07 -18.62 -21.37
CA LEU A 821 37.26 -18.36 -20.58
C LEU A 821 37.08 -18.86 -19.15
N VAL A 822 35.89 -18.64 -18.59
CA VAL A 822 35.61 -19.10 -17.24
C VAL A 822 35.70 -20.62 -17.18
N ALA A 823 35.10 -21.29 -18.16
CA ALA A 823 35.15 -22.74 -18.19
C ALA A 823 36.58 -23.23 -18.25
N ARG A 824 37.40 -22.59 -19.08
CA ARG A 824 38.80 -23.00 -19.21
C ARG A 824 39.55 -22.84 -17.89
N LEU A 825 39.47 -21.65 -17.29
CA LEU A 825 40.18 -21.37 -16.06
C LEU A 825 39.54 -21.95 -14.81
N ALA A 826 38.39 -22.62 -14.93
CA ALA A 826 37.70 -23.16 -13.77
C ALA A 826 38.52 -24.10 -12.89
N PRO A 827 39.17 -25.15 -13.41
CA PRO A 827 39.89 -26.08 -12.52
C PRO A 827 41.01 -25.49 -11.66
N GLU A 828 42.01 -24.87 -12.29
CA GLU A 828 43.14 -24.31 -11.55
C GLU A 828 42.69 -23.35 -10.46
N VAL A 829 41.84 -22.38 -10.82
CA VAL A 829 41.38 -21.42 -9.83
C VAL A 829 40.60 -22.13 -8.73
N LYS A 830 39.87 -23.19 -9.08
CA LYS A 830 39.13 -23.91 -8.06
C LYS A 830 40.08 -24.53 -7.05
N ARG A 831 41.14 -25.16 -7.55
CA ARG A 831 42.13 -25.74 -6.65
C ARG A 831 42.74 -24.66 -5.76
N PHE A 832 43.08 -23.52 -6.36
CA PHE A 832 43.65 -22.43 -5.58
C PHE A 832 42.70 -22.05 -4.45
N ALA A 833 41.42 -21.88 -4.78
CA ALA A 833 40.43 -21.54 -3.78
C ALA A 833 40.41 -22.57 -2.68
N ASP A 834 40.48 -23.86 -3.06
CA ASP A 834 40.49 -24.91 -2.05
C ASP A 834 41.68 -24.75 -1.13
N GLY A 835 42.80 -24.25 -1.65
CA GLY A 835 43.97 -24.04 -0.82
C GLY A 835 43.85 -22.75 -0.03
N LEU A 836 42.92 -22.71 0.93
CA LEU A 836 42.68 -21.53 1.75
C LEU A 836 41.78 -21.91 2.92
N PRO A 837 41.82 -21.18 4.04
CA PRO A 837 40.95 -21.51 5.16
C PRO A 837 39.49 -21.58 4.73
N ALA A 838 38.72 -22.40 5.45
CA ALA A 838 37.31 -22.60 5.12
C ALA A 838 36.48 -21.34 5.30
N ASN A 839 36.81 -20.51 6.29
CA ASN A 839 36.04 -19.30 6.54
C ASN A 839 36.01 -18.34 5.35
N TYR A 840 36.89 -18.52 4.37
CA TYR A 840 36.92 -17.66 3.21
C TYR A 840 36.19 -18.34 2.05
N ARG A 841 35.88 -17.55 1.02
CA ARG A 841 35.17 -18.09 -0.12
C ARG A 841 35.35 -17.18 -1.33
N ILE A 842 35.29 -17.80 -2.51
CA ILE A 842 35.42 -17.10 -3.79
C ILE A 842 34.21 -17.41 -4.63
N GLU A 843 33.81 -16.45 -5.46
CA GLU A 843 32.67 -16.62 -6.34
C GLU A 843 32.95 -15.83 -7.61
N VAL A 844 32.25 -16.21 -8.67
CA VAL A 844 32.43 -15.52 -9.94
C VAL A 844 31.64 -14.22 -9.91
N GLY A 845 32.01 -13.29 -10.78
CA GLY A 845 31.32 -12.01 -10.85
C GLY A 845 31.05 -11.57 -12.27
N GLY A 846 31.18 -12.50 -13.21
CA GLY A 846 30.95 -12.20 -14.61
C GLY A 846 29.49 -12.21 -15.01
N THR A 847 29.19 -12.90 -16.11
CA THR A 847 27.83 -12.98 -16.63
C THR A 847 27.22 -14.35 -16.51
N VAL A 848 28.01 -15.39 -16.20
CA VAL A 848 27.46 -16.74 -16.09
C VAL A 848 26.34 -16.78 -15.05
N GLU A 849 26.51 -16.05 -13.96
CA GLU A 849 25.49 -16.03 -12.91
C GLU A 849 24.14 -15.58 -13.46
N GLU A 850 24.14 -14.46 -14.17
CA GLU A 850 22.90 -13.93 -14.72
C GLU A 850 22.29 -14.87 -15.74
N SER A 851 23.13 -15.46 -16.60
CA SER A 851 22.62 -16.39 -17.61
C SER A 851 21.93 -17.56 -16.93
N GLY A 852 22.58 -18.14 -15.91
CA GLY A 852 21.99 -19.25 -15.22
C GLY A 852 20.70 -18.86 -14.52
N LYS A 853 20.70 -17.70 -13.86
CA LYS A 853 19.50 -17.24 -13.17
C LYS A 853 18.35 -17.09 -14.15
N ALA A 854 18.64 -16.57 -15.35
CA ALA A 854 17.60 -16.39 -16.34
C ALA A 854 17.06 -17.72 -16.81
N GLU A 855 17.96 -18.65 -17.16
CA GLU A 855 17.53 -19.96 -17.63
C GLU A 855 17.06 -20.89 -16.52
N GLY A 856 17.04 -20.43 -15.28
CA GLY A 856 16.63 -21.24 -14.16
C GLY A 856 15.31 -21.98 -14.33
N PRO A 857 14.20 -21.23 -14.38
CA PRO A 857 12.89 -21.88 -14.52
C PRO A 857 12.72 -22.60 -15.85
N ILE A 858 13.51 -22.28 -16.86
CA ILE A 858 13.38 -22.92 -18.16
C ILE A 858 13.44 -24.44 -18.02
N ALA A 859 14.52 -24.94 -17.43
CA ALA A 859 14.67 -26.37 -17.25
C ALA A 859 13.51 -26.97 -16.47
N LYS A 860 13.07 -26.29 -15.41
CA LYS A 860 11.98 -26.79 -14.59
C LYS A 860 10.61 -26.54 -15.18
N VAL A 861 10.52 -26.02 -16.40
CA VAL A 861 9.20 -25.75 -16.98
C VAL A 861 9.00 -26.43 -18.34
N VAL A 862 9.98 -26.33 -19.22
CA VAL A 862 9.88 -26.89 -20.57
C VAL A 862 9.51 -28.37 -20.69
N PRO A 863 9.98 -29.30 -19.85
CA PRO A 863 9.57 -30.70 -20.07
C PRO A 863 8.08 -30.90 -19.95
N LEU A 864 7.44 -30.21 -19.02
CA LEU A 864 6.00 -30.34 -18.87
C LEU A 864 5.30 -30.00 -20.17
N MET A 865 5.68 -28.87 -20.78
CA MET A 865 5.10 -28.48 -22.04
C MET A 865 5.45 -29.48 -23.13
N LEU A 866 6.61 -30.13 -23.00
CA LEU A 866 6.98 -31.14 -23.97
C LEU A 866 5.97 -32.28 -23.93
N PHE A 867 5.68 -32.78 -22.73
CA PHE A 867 4.68 -33.84 -22.63
C PHE A 867 3.32 -33.35 -23.07
N LEU A 868 3.05 -32.07 -22.84
CA LEU A 868 1.77 -31.50 -23.27
C LEU A 868 1.62 -31.61 -24.78
N MET A 869 2.61 -31.12 -25.52
CA MET A 869 2.54 -31.19 -26.98
C MET A 869 2.58 -32.63 -27.45
N ALA A 870 3.26 -33.51 -26.72
CA ALA A 870 3.30 -34.92 -27.10
C ALA A 870 1.90 -35.50 -27.05
N THR A 871 1.20 -35.28 -25.95
CA THR A 871 -0.16 -35.78 -25.83
C THR A 871 -1.02 -35.14 -26.91
N PHE A 872 -0.80 -33.86 -27.16
CA PHE A 872 -1.53 -33.15 -28.20
C PHE A 872 -1.40 -33.89 -29.52
N LEU A 873 -0.18 -34.35 -29.82
CA LEU A 873 0.04 -35.11 -31.04
C LEU A 873 -0.69 -36.44 -30.98
N MET A 874 -0.60 -37.11 -29.83
CA MET A 874 -1.28 -38.39 -29.66
C MET A 874 -2.77 -38.26 -29.88
N ILE A 875 -3.32 -37.05 -29.75
CA ILE A 875 -4.74 -36.86 -29.99
C ILE A 875 -5.07 -37.13 -31.45
N GLN A 876 -4.28 -36.54 -32.35
CA GLN A 876 -4.51 -36.74 -33.78
C GLN A 876 -4.18 -38.16 -34.21
N LEU A 877 -3.19 -38.78 -33.60
CA LEU A 877 -2.81 -40.14 -33.93
C LEU A 877 -3.49 -41.12 -32.98
N GLN A 878 -3.20 -42.41 -33.18
CA GLN A 878 -3.79 -43.43 -32.34
C GLN A 878 -2.81 -44.57 -32.02
N SER A 879 -1.53 -44.42 -32.31
CA SER A 879 -0.56 -45.47 -32.05
C SER A 879 0.77 -44.86 -31.61
N VAL A 880 1.36 -45.44 -30.56
CA VAL A 880 2.63 -44.96 -30.07
C VAL A 880 3.73 -45.17 -31.11
N GLN A 881 3.54 -46.14 -32.01
CA GLN A 881 4.53 -46.39 -33.04
C GLN A 881 4.71 -45.15 -33.91
N LYS A 882 3.60 -44.63 -34.45
CA LYS A 882 3.68 -43.43 -35.26
C LYS A 882 4.19 -42.26 -34.44
N LEU A 883 3.86 -42.24 -33.15
CA LEU A 883 4.32 -41.19 -32.26
C LEU A 883 5.85 -41.16 -32.24
N PHE A 884 6.47 -42.29 -31.87
CA PHE A 884 7.93 -42.35 -31.85
C PHE A 884 8.50 -42.11 -33.23
N LEU A 885 7.79 -42.55 -34.28
CA LEU A 885 8.27 -42.35 -35.64
C LEU A 885 8.47 -40.87 -35.93
N VAL A 886 7.42 -40.07 -35.76
CA VAL A 886 7.55 -38.65 -36.03
C VAL A 886 8.46 -37.99 -34.99
N ALA A 887 8.53 -38.56 -33.79
CA ALA A 887 9.40 -37.97 -32.78
C ALA A 887 10.87 -38.12 -33.12
N SER A 888 11.22 -39.19 -33.85
CA SER A 888 12.62 -39.40 -34.22
C SER A 888 13.18 -38.21 -35.00
N VAL A 889 12.33 -37.56 -35.80
CA VAL A 889 12.77 -36.42 -36.60
C VAL A 889 13.09 -35.21 -35.73
N ALA A 890 12.40 -35.08 -34.59
CA ALA A 890 12.60 -33.93 -33.72
C ALA A 890 14.06 -33.69 -33.31
N PRO A 891 14.75 -34.62 -32.64
CA PRO A 891 16.13 -34.31 -32.24
C PRO A 891 17.11 -34.23 -33.39
N LEU A 892 16.95 -35.08 -34.41
CA LEU A 892 17.86 -35.10 -35.55
C LEU A 892 18.03 -33.73 -36.19
N GLY A 893 17.09 -32.82 -36.01
CA GLY A 893 17.20 -31.50 -36.61
C GLY A 893 18.36 -30.67 -36.11
N LEU A 894 19.06 -31.11 -35.06
CA LEU A 894 20.17 -30.36 -34.51
C LEU A 894 21.38 -30.37 -35.44
N ILE A 895 21.24 -30.95 -36.63
CA ILE A 895 22.36 -31.02 -37.55
C ILE A 895 22.66 -29.63 -38.13
N GLY A 896 21.68 -29.05 -38.82
CA GLY A 896 21.91 -27.75 -39.44
C GLY A 896 22.18 -26.63 -38.45
N VAL A 897 21.45 -26.63 -37.32
CA VAL A 897 21.61 -25.58 -36.30
C VAL A 897 23.08 -25.39 -35.91
N VAL A 898 23.89 -26.43 -36.03
CA VAL A 898 25.29 -26.33 -35.69
C VAL A 898 26.17 -26.30 -36.95
N ALA A 899 25.75 -26.97 -38.02
CA ALA A 899 26.54 -26.95 -39.25
C ALA A 899 26.66 -25.54 -39.78
N ALA A 900 25.56 -24.78 -39.73
CA ALA A 900 25.56 -23.41 -40.19
C ALA A 900 26.00 -22.44 -39.09
N LEU A 901 26.66 -22.93 -38.07
CA LEU A 901 27.12 -22.10 -36.96
C LEU A 901 28.60 -22.24 -36.68
N LEU A 902 29.17 -23.43 -36.84
CA LEU A 902 30.59 -23.63 -36.57
C LEU A 902 31.50 -22.82 -37.50
N PRO A 903 31.38 -22.88 -38.83
CA PRO A 903 32.30 -22.10 -39.67
C PRO A 903 32.24 -20.61 -39.41
N THR A 904 31.04 -20.07 -39.18
CA THR A 904 30.92 -18.64 -38.91
C THR A 904 31.50 -18.26 -37.56
N GLY A 905 31.69 -19.24 -36.68
CA GLY A 905 32.23 -18.94 -35.35
C GLY A 905 31.32 -18.06 -34.54
N THR A 906 30.03 -18.06 -34.82
CA THR A 906 29.09 -17.23 -34.07
C THR A 906 28.75 -17.89 -32.75
N PRO A 907 28.86 -17.19 -31.64
CA PRO A 907 28.54 -17.80 -30.34
C PRO A 907 27.08 -18.21 -30.25
N MET A 908 26.82 -19.20 -29.41
CA MET A 908 25.46 -19.67 -29.23
C MET A 908 24.64 -18.57 -28.58
N GLY A 909 23.66 -18.05 -29.33
CA GLY A 909 22.83 -16.98 -28.84
C GLY A 909 21.63 -17.47 -28.06
N PHE A 910 21.30 -16.73 -27.00
CA PHE A 910 20.16 -17.05 -26.16
C PHE A 910 18.89 -17.15 -27.01
N VAL A 911 18.70 -16.17 -27.89
CA VAL A 911 17.54 -16.16 -28.79
C VAL A 911 17.46 -17.49 -29.53
N ALA A 912 18.61 -18.06 -29.90
CA ALA A 912 18.59 -19.34 -30.58
C ALA A 912 18.18 -20.44 -29.60
N ILE A 913 18.65 -20.34 -28.36
CA ILE A 913 18.29 -21.30 -27.33
C ILE A 913 16.78 -21.34 -27.20
N LEU A 914 16.11 -20.26 -27.60
CA LEU A 914 14.66 -20.21 -27.56
C LEU A 914 14.04 -20.72 -28.86
N GLY A 915 14.49 -20.17 -29.98
CA GLY A 915 13.94 -20.55 -31.28
C GLY A 915 14.07 -22.02 -31.63
N ILE A 916 15.05 -22.71 -31.05
CA ILE A 916 15.19 -24.13 -31.38
C ILE A 916 13.91 -24.87 -31.03
N LEU A 917 13.21 -24.44 -29.99
CA LEU A 917 11.96 -25.11 -29.64
C LEU A 917 10.93 -24.90 -30.73
N ALA A 918 10.87 -23.69 -31.29
CA ALA A 918 9.93 -23.44 -32.39
C ALA A 918 10.30 -24.33 -33.56
N LEU A 919 11.59 -24.55 -33.75
CA LEU A 919 12.04 -25.44 -34.82
C LEU A 919 11.50 -26.83 -34.59
N ILE A 920 11.55 -27.29 -33.34
CA ILE A 920 11.03 -28.60 -32.99
C ILE A 920 9.55 -28.68 -33.35
N GLY A 921 8.81 -27.65 -32.98
CA GLY A 921 7.39 -27.63 -33.27
C GLY A 921 7.08 -27.72 -34.75
N ILE A 922 7.74 -26.88 -35.55
CA ILE A 922 7.45 -26.88 -36.98
C ILE A 922 7.86 -28.19 -37.64
N ILE A 923 9.02 -28.74 -37.26
CA ILE A 923 9.43 -29.99 -37.89
C ILE A 923 8.46 -31.11 -37.52
N ILE A 924 7.99 -31.12 -36.27
CA ILE A 924 7.03 -32.14 -35.88
C ILE A 924 5.75 -31.96 -36.68
N ARG A 925 5.39 -30.71 -36.94
CA ARG A 925 4.20 -30.41 -37.73
C ARG A 925 4.31 -31.06 -39.11
N ASN A 926 5.46 -30.85 -39.77
CA ASN A 926 5.66 -31.44 -41.10
C ASN A 926 5.63 -32.96 -41.04
N SER A 927 6.28 -33.54 -40.03
CA SER A 927 6.30 -34.99 -39.89
C SER A 927 4.89 -35.54 -39.73
N VAL A 928 4.05 -34.83 -38.97
CA VAL A 928 2.68 -35.27 -38.78
C VAL A 928 1.94 -35.21 -40.10
N ILE A 929 2.15 -34.13 -40.86
CA ILE A 929 1.50 -34.02 -42.15
C ILE A 929 1.84 -35.22 -43.02
N LEU A 930 3.12 -35.59 -43.02
CA LEU A 930 3.56 -36.73 -43.84
C LEU A 930 2.94 -38.04 -43.38
N VAL A 931 3.00 -38.35 -42.09
CA VAL A 931 2.45 -39.61 -41.62
C VAL A 931 0.95 -39.67 -41.90
N THR A 932 0.26 -38.54 -41.75
CA THR A 932 -1.17 -38.51 -42.01
C THR A 932 -1.43 -38.78 -43.49
N GLN A 933 -0.63 -38.19 -44.37
CA GLN A 933 -0.81 -38.43 -45.79
C GLN A 933 -0.54 -39.90 -46.13
N ILE A 934 0.44 -40.50 -45.48
CA ILE A 934 0.77 -41.90 -45.75
C ILE A 934 -0.38 -42.81 -45.34
N ASP A 935 -0.72 -42.80 -44.05
CA ASP A 935 -1.81 -43.67 -43.60
C ASP A 935 -3.17 -43.24 -44.12
N ALA A 936 -3.25 -42.10 -44.81
CA ALA A 936 -4.53 -41.63 -45.32
C ALA A 936 -5.13 -42.61 -46.31
N PHE A 937 -4.44 -42.84 -47.43
CA PHE A 937 -4.95 -43.78 -48.42
C PHE A 937 -4.58 -45.22 -48.14
N GLU A 938 -3.63 -45.47 -47.23
CA GLU A 938 -3.28 -46.85 -46.93
C GLU A 938 -4.45 -47.59 -46.33
N LYS A 939 -5.47 -46.87 -45.84
CA LYS A 939 -6.66 -47.50 -45.29
C LYS A 939 -7.28 -48.43 -46.32
N ASP A 940 -7.04 -48.18 -47.60
CA ASP A 940 -7.54 -49.00 -48.70
C ASP A 940 -6.77 -50.29 -48.84
N GLY A 941 -5.70 -50.49 -48.07
CA GLY A 941 -4.91 -51.70 -48.16
C GLY A 941 -4.11 -51.83 -49.44
N LYS A 942 -3.70 -50.72 -50.03
CA LYS A 942 -2.91 -50.78 -51.26
C LYS A 942 -1.50 -51.25 -50.95
N THR A 943 -0.71 -51.42 -52.02
CA THR A 943 0.66 -51.88 -51.88
C THR A 943 1.48 -50.90 -51.05
N PRO A 944 1.99 -51.30 -49.88
CA PRO A 944 2.78 -50.37 -49.06
C PRO A 944 3.91 -49.71 -49.84
N TRP A 945 4.60 -50.48 -50.70
CA TRP A 945 5.66 -49.89 -51.50
C TRP A 945 5.09 -48.75 -52.34
N GLU A 946 4.10 -49.07 -53.18
CA GLU A 946 3.48 -48.06 -54.03
C GLU A 946 2.73 -47.03 -53.19
N ALA A 947 2.21 -47.42 -52.03
CA ALA A 947 1.50 -46.46 -51.19
C ALA A 947 2.45 -45.34 -50.77
N VAL A 948 3.57 -45.71 -50.16
CA VAL A 948 4.54 -44.70 -49.73
C VAL A 948 5.09 -43.96 -50.94
N LEU A 949 5.27 -44.67 -52.06
CA LEU A 949 5.77 -44.03 -53.27
C LEU A 949 4.85 -42.89 -53.69
N GLU A 950 3.55 -43.17 -53.78
CA GLU A 950 2.58 -42.15 -54.16
C GLU A 950 2.51 -41.06 -53.10
N ALA A 951 2.63 -41.42 -51.83
CA ALA A 951 2.59 -40.42 -50.77
C ALA A 951 3.69 -39.40 -50.98
N THR A 952 4.90 -39.89 -51.25
CA THR A 952 6.02 -38.99 -51.48
C THR A 952 5.83 -38.19 -52.77
N HIS A 953 5.40 -38.88 -53.83
CA HIS A 953 5.19 -38.19 -55.10
C HIS A 953 4.09 -37.15 -55.00
N HIS A 954 3.23 -37.25 -54.00
CA HIS A 954 2.14 -36.30 -53.83
C HIS A 954 2.50 -35.19 -52.87
N ARG A 955 3.37 -35.45 -51.91
CA ARG A 955 3.78 -34.43 -50.96
C ARG A 955 5.10 -33.78 -51.30
N THR A 956 5.72 -34.16 -52.43
CA THR A 956 7.00 -33.56 -52.80
C THR A 956 6.87 -32.05 -53.00
N ARG A 957 5.99 -31.63 -53.90
CA ARG A 957 5.83 -30.21 -54.18
C ARG A 957 5.44 -29.36 -52.97
N PRO A 958 4.45 -29.73 -52.14
CA PRO A 958 4.11 -28.86 -51.01
C PRO A 958 5.23 -28.70 -49.99
N ILE A 959 5.81 -29.80 -49.51
CA ILE A 959 6.88 -29.72 -48.51
C ILE A 959 7.99 -28.78 -48.96
N LEU A 960 8.23 -28.71 -50.27
CA LEU A 960 9.25 -27.80 -50.77
C LEU A 960 8.89 -26.36 -50.40
N LEU A 961 7.67 -25.96 -50.72
CA LEU A 961 7.22 -24.61 -50.39
C LEU A 961 7.21 -24.39 -48.89
N THR A 962 6.87 -25.43 -48.12
CA THR A 962 6.86 -25.28 -46.67
C THR A 962 8.25 -24.94 -46.17
N ALA A 963 9.24 -25.74 -46.56
CA ALA A 963 10.62 -25.48 -46.16
C ALA A 963 11.07 -24.11 -46.63
N ALA A 964 10.64 -23.72 -47.83
CA ALA A 964 11.03 -22.42 -48.35
C ALA A 964 10.52 -21.30 -47.44
N ALA A 965 9.21 -21.27 -47.20
CA ALA A 965 8.63 -20.25 -46.34
C ALA A 965 9.26 -20.27 -44.96
N ALA A 966 9.58 -21.45 -44.45
CA ALA A 966 10.19 -21.55 -43.12
C ALA A 966 11.57 -20.92 -43.11
N SER A 967 12.48 -21.45 -43.92
CA SER A 967 13.84 -20.94 -43.99
C SER A 967 13.85 -19.46 -44.35
N LEU A 968 13.20 -19.11 -45.45
CA LEU A 968 13.16 -17.73 -45.88
C LEU A 968 12.36 -16.89 -44.88
N GLY A 969 12.30 -15.59 -45.14
CA GLY A 969 11.62 -14.64 -44.29
C GLY A 969 12.62 -14.04 -43.33
N MET A 970 13.49 -14.88 -42.79
CA MET A 970 14.52 -14.42 -41.88
C MET A 970 15.74 -13.88 -42.63
N ILE A 971 15.79 -14.05 -43.94
CA ILE A 971 16.91 -13.59 -44.75
C ILE A 971 17.05 -12.06 -44.71
N PRO A 972 16.01 -11.29 -45.01
CA PRO A 972 16.19 -9.82 -44.97
C PRO A 972 16.60 -9.31 -43.60
N ILE A 973 16.14 -9.96 -42.53
CA ILE A 973 16.52 -9.52 -41.19
C ILE A 973 17.82 -10.15 -40.73
N ALA A 974 18.38 -11.08 -41.51
CA ALA A 974 19.64 -11.69 -41.12
C ALA A 974 20.73 -10.65 -40.98
N ARG A 975 20.65 -9.57 -41.77
CA ARG A 975 21.63 -8.50 -41.67
C ARG A 975 21.61 -7.90 -40.28
N GLU A 976 20.44 -7.87 -39.65
CA GLU A 976 20.33 -7.33 -38.30
C GLU A 976 21.14 -8.16 -37.33
N VAL A 977 22.03 -7.51 -36.60
CA VAL A 977 22.88 -8.21 -35.65
C VAL A 977 22.09 -8.77 -34.48
N PHE A 978 20.89 -8.25 -34.21
CA PHE A 978 20.10 -8.77 -33.09
C PHE A 978 19.77 -10.22 -33.34
N TRP A 979 18.95 -10.50 -34.36
CA TRP A 979 18.59 -11.87 -34.70
C TRP A 979 19.72 -12.40 -35.56
N GLY A 980 20.80 -12.81 -34.90
CA GLY A 980 21.96 -13.31 -35.58
C GLY A 980 22.03 -14.82 -35.62
N PRO A 981 22.80 -15.38 -34.69
CA PRO A 981 22.97 -16.84 -34.66
C PRO A 981 21.67 -17.62 -34.78
N MET A 982 20.59 -17.11 -34.18
CA MET A 982 19.32 -17.82 -34.27
C MET A 982 18.85 -17.95 -35.71
N ALA A 983 19.06 -16.91 -36.52
CA ALA A 983 18.63 -16.97 -37.91
C ALA A 983 19.36 -18.08 -38.65
N TYR A 984 20.69 -18.13 -38.50
CA TYR A 984 21.47 -19.16 -39.18
C TYR A 984 21.09 -20.54 -38.68
N ALA A 985 20.95 -20.70 -37.36
CA ALA A 985 20.58 -21.99 -36.81
C ALA A 985 19.23 -22.45 -37.35
N MET A 986 18.28 -21.51 -37.45
CA MET A 986 16.95 -21.84 -37.96
C MET A 986 17.03 -22.30 -39.40
N ILE A 987 17.61 -21.47 -40.27
CA ILE A 987 17.68 -21.82 -41.69
C ILE A 987 18.46 -23.11 -41.89
N GLY A 988 19.39 -23.44 -41.00
CA GLY A 988 20.14 -24.67 -41.18
C GLY A 988 19.35 -25.89 -40.76
N GLY A 989 18.88 -25.88 -39.51
CA GLY A 989 18.10 -26.99 -39.00
C GLY A 989 16.87 -27.27 -39.83
N ILE A 990 16.25 -26.23 -40.40
CA ILE A 990 15.06 -26.45 -41.22
C ILE A 990 15.41 -27.31 -42.43
N VAL A 991 16.43 -26.90 -43.18
CA VAL A 991 16.83 -27.65 -44.36
C VAL A 991 17.22 -29.08 -44.00
N ALA A 992 17.96 -29.24 -42.91
CA ALA A 992 18.39 -30.57 -42.49
C ALA A 992 17.18 -31.46 -42.19
N ALA A 993 16.32 -30.99 -41.30
CA ALA A 993 15.12 -31.75 -40.93
C ALA A 993 14.26 -32.06 -42.14
N THR A 994 14.17 -31.13 -43.09
CA THR A 994 13.35 -31.39 -44.26
C THR A 994 13.96 -32.50 -45.11
N LEU A 995 15.26 -32.40 -45.40
CA LEU A 995 15.91 -33.43 -46.20
C LEU A 995 15.71 -34.82 -45.60
N LEU A 996 15.85 -34.91 -44.27
CA LEU A 996 15.63 -36.23 -43.68
C LEU A 996 14.16 -36.59 -43.72
N THR A 997 13.26 -35.62 -43.57
CA THR A 997 11.83 -35.90 -43.66
C THR A 997 11.53 -36.48 -45.03
N LEU A 998 12.39 -36.19 -45.98
CA LEU A 998 12.23 -36.67 -47.35
C LEU A 998 12.80 -38.07 -47.56
N ILE A 999 13.98 -38.36 -47.02
CA ILE A 999 14.64 -39.63 -47.27
C ILE A 999 14.65 -40.56 -46.05
N PHE A 1000 14.98 -40.07 -44.87
CA PHE A 1000 15.06 -40.89 -43.66
C PHE A 1000 13.79 -41.61 -43.26
N LEU A 1001 12.75 -40.87 -42.91
CA LEU A 1001 11.50 -41.50 -42.46
C LEU A 1001 10.95 -42.54 -43.43
N PRO A 1002 10.99 -42.37 -44.76
CA PRO A 1002 10.45 -43.45 -45.61
C PRO A 1002 11.14 -44.77 -45.37
N ALA A 1003 12.46 -44.79 -45.47
CA ALA A 1003 13.21 -46.02 -45.23
C ALA A 1003 12.98 -46.54 -43.83
N LEU A 1004 12.96 -45.64 -42.85
CA LEU A 1004 12.74 -46.05 -41.46
C LEU A 1004 11.38 -46.70 -41.29
N TYR A 1005 10.34 -46.06 -41.80
CA TYR A 1005 9.00 -46.62 -41.65
C TYR A 1005 8.87 -47.95 -42.37
N VAL A 1006 9.36 -48.04 -43.60
CA VAL A 1006 9.24 -49.31 -44.31
C VAL A 1006 10.04 -50.40 -43.60
N ALA A 1007 11.17 -50.04 -42.98
CA ALA A 1007 11.93 -51.04 -42.26
C ALA A 1007 11.14 -51.54 -41.07
N TRP A 1008 10.61 -50.61 -40.27
CA TRP A 1008 9.80 -50.98 -39.12
C TRP A 1008 8.56 -51.76 -39.54
N TYR A 1009 8.10 -51.56 -40.77
CA TYR A 1009 6.91 -52.23 -41.26
C TYR A 1009 7.19 -53.66 -41.71
N ARG A 1010 8.18 -53.84 -42.59
CA ARG A 1010 8.53 -55.15 -43.10
C ARG A 1010 8.73 -56.19 -42.00
N ILE A 1011 9.10 -55.76 -40.79
CA ILE A 1011 9.30 -56.69 -39.68
C ILE A 1011 9.34 -55.92 -38.37
N PRO A 1012 8.62 -56.35 -37.33
CA PRO A 1012 8.65 -55.67 -36.04
C PRO A 1012 9.94 -56.01 -35.31
N GLU A 1013 10.82 -55.02 -35.18
CA GLU A 1013 12.11 -55.25 -34.52
C GLU A 1013 11.98 -55.54 -33.03
N PRO A 1014 11.26 -54.77 -32.23
CA PRO A 1014 11.17 -55.07 -30.79
C PRO A 1014 10.27 -56.26 -30.50
N GLY A 1015 10.13 -56.55 -29.21
CA GLY A 1015 9.32 -57.66 -28.72
C GLY A 1015 8.47 -57.24 -27.54
N ARG A 1016 8.61 -57.96 -26.42
CA ARG A 1016 7.87 -57.69 -25.18
C ARG A 1016 6.36 -57.77 -25.43
N HIS A 1017 5.92 -58.99 -25.75
CA HIS A 1017 4.53 -59.26 -26.03
C HIS A 1017 3.72 -59.42 -24.74
N HIS A 1018 2.54 -58.82 -24.72
CA HIS A 1018 1.62 -58.88 -23.58
C HIS A 1018 0.49 -59.82 -23.94
N HIS A 1019 0.31 -60.87 -23.14
CA HIS A 1019 -0.74 -61.85 -23.40
C HIS A 1019 -2.14 -61.30 -23.20
N HIS A 1020 -2.30 -60.19 -22.46
CA HIS A 1020 -3.60 -59.61 -22.21
C HIS A 1020 -3.75 -58.23 -22.85
N HIS A 1021 -3.28 -58.10 -24.09
CA HIS A 1021 -3.37 -56.84 -24.82
C HIS A 1021 -3.11 -57.10 -26.30
N HIS A 1022 -3.77 -56.32 -27.14
CA HIS A 1022 -3.62 -56.46 -28.59
C HIS A 1022 -2.20 -56.11 -29.05
N MET B 1 -29.69 -20.84 -38.44
CA MET B 1 -30.81 -20.48 -39.29
C MET B 1 -31.78 -21.65 -39.40
N ALA B 2 -32.29 -22.10 -38.27
CA ALA B 2 -33.24 -23.22 -38.19
C ALA B 2 -32.67 -24.45 -38.89
N LYS B 3 -31.44 -24.82 -38.52
CA LYS B 3 -30.75 -25.96 -39.10
C LYS B 3 -30.26 -26.87 -37.99
N GLY B 4 -30.91 -28.03 -37.84
CA GLY B 4 -30.54 -29.01 -36.83
C GLY B 4 -30.98 -28.68 -35.43
N GLY B 5 -31.83 -27.69 -35.24
CA GLY B 5 -32.29 -27.31 -33.92
C GLY B 5 -33.80 -27.23 -33.78
N PHE B 6 -34.27 -26.02 -33.46
CA PHE B 6 -35.68 -25.66 -33.28
C PHE B 6 -36.42 -26.54 -32.29
N ASN B 7 -35.69 -27.20 -31.38
CA ASN B 7 -36.34 -28.04 -30.38
C ASN B 7 -36.88 -27.24 -29.22
N LEU B 8 -36.81 -25.91 -29.29
CA LEU B 8 -37.30 -25.05 -28.21
C LEU B 8 -38.75 -25.33 -27.87
N SER B 9 -39.61 -25.34 -28.89
CA SER B 9 -41.04 -25.56 -28.69
C SER B 9 -41.34 -26.88 -28.02
N ASP B 10 -40.91 -27.98 -28.65
CA ASP B 10 -41.21 -29.30 -28.11
C ASP B 10 -40.66 -29.47 -26.69
N TRP B 11 -39.34 -29.32 -26.53
CA TRP B 11 -38.75 -29.49 -25.20
C TRP B 11 -39.43 -28.59 -24.18
N ALA B 12 -39.86 -27.40 -24.60
CA ALA B 12 -40.56 -26.52 -23.67
C ALA B 12 -41.90 -27.15 -23.29
N LEU B 13 -42.63 -27.64 -24.29
CA LEU B 13 -43.91 -28.30 -24.03
C LEU B 13 -43.72 -29.52 -23.15
N ARG B 14 -42.58 -30.19 -23.31
CA ARG B 14 -42.25 -31.35 -22.51
C ARG B 14 -41.57 -30.90 -21.23
N HIS B 15 -41.33 -31.85 -20.33
CA HIS B 15 -40.67 -31.56 -19.06
C HIS B 15 -41.42 -30.45 -18.30
N GLN B 16 -42.75 -30.50 -18.38
CA GLN B 16 -43.63 -29.52 -17.75
C GLN B 16 -43.27 -29.24 -16.30
N SER B 17 -43.31 -30.28 -15.47
CA SER B 17 -42.99 -30.14 -14.05
C SER B 17 -41.64 -29.47 -13.82
N LEU B 18 -40.67 -29.72 -14.72
CA LEU B 18 -39.35 -29.12 -14.55
C LEU B 18 -39.44 -27.60 -14.57
N VAL B 19 -39.98 -27.06 -15.67
CA VAL B 19 -40.12 -25.61 -15.79
C VAL B 19 -40.95 -25.06 -14.65
N TRP B 20 -41.99 -25.81 -14.26
CA TRP B 20 -42.83 -25.37 -13.16
C TRP B 20 -42.02 -25.16 -11.89
N TYR B 21 -41.23 -26.18 -11.52
CA TYR B 21 -40.42 -26.09 -10.31
C TYR B 21 -39.38 -24.98 -10.42
N LEU B 22 -38.77 -24.84 -11.60
CA LEU B 22 -37.78 -23.79 -11.78
C LEU B 22 -38.39 -22.43 -11.53
N MET B 23 -39.58 -22.21 -12.09
CA MET B 23 -40.28 -20.95 -11.91
C MET B 23 -40.56 -20.71 -10.42
N ALA B 24 -41.07 -21.73 -9.75
CA ALA B 24 -41.40 -21.58 -8.33
C ALA B 24 -40.18 -21.22 -7.50
N VAL B 25 -39.09 -21.98 -7.66
CA VAL B 25 -37.88 -21.71 -6.88
C VAL B 25 -37.32 -20.33 -7.19
N SER B 26 -37.32 -19.95 -8.46
CA SER B 26 -36.81 -18.63 -8.80
C SER B 26 -37.64 -17.55 -8.13
N LEU B 27 -38.95 -17.69 -8.17
CA LEU B 27 -39.84 -16.71 -7.56
C LEU B 27 -39.55 -16.57 -6.06
N VAL B 28 -39.55 -17.69 -5.33
CA VAL B 28 -39.33 -17.61 -3.90
C VAL B 28 -37.95 -17.05 -3.58
N MET B 29 -36.94 -17.42 -4.38
CA MET B 29 -35.60 -16.89 -4.14
C MET B 29 -35.59 -15.38 -4.26
N GLY B 30 -36.12 -14.86 -5.36
CA GLY B 30 -36.15 -13.42 -5.53
C GLY B 30 -36.94 -12.74 -4.44
N VAL B 31 -38.07 -13.34 -4.05
CA VAL B 31 -38.90 -12.75 -3.00
C VAL B 31 -38.11 -12.59 -1.72
N PHE B 32 -37.55 -13.70 -1.22
CA PHE B 32 -36.79 -13.62 0.03
C PHE B 32 -35.61 -12.66 -0.09
N SER B 33 -34.94 -12.66 -1.23
CA SER B 33 -33.79 -11.77 -1.38
C SER B 33 -34.19 -10.30 -1.37
N TYR B 34 -35.39 -9.99 -1.87
CA TYR B 34 -35.84 -8.60 -1.94
C TYR B 34 -35.72 -7.88 -0.60
N LEU B 35 -36.15 -8.53 0.48
CA LEU B 35 -36.11 -7.87 1.78
C LEU B 35 -34.69 -7.48 2.18
N ASN B 36 -33.70 -8.30 1.82
CA ASN B 36 -32.31 -8.04 2.15
C ASN B 36 -31.56 -7.40 0.99
N LEU B 37 -32.23 -6.54 0.22
CA LEU B 37 -31.57 -5.92 -0.92
C LEU B 37 -30.71 -4.73 -0.50
N GLY B 38 -31.33 -3.69 0.08
CA GLY B 38 -30.54 -2.53 0.48
C GLY B 38 -31.04 -1.32 -0.30
N ARG B 39 -31.27 -0.24 0.43
CA ARG B 39 -31.78 1.00 -0.16
C ARG B 39 -30.86 2.16 0.17
N GLU B 40 -30.60 2.99 -0.83
CA GLU B 40 -29.74 4.15 -0.66
C GLU B 40 -30.17 5.23 -1.65
N GLU B 41 -29.82 6.48 -1.32
CA GLU B 41 -30.17 7.62 -2.16
C GLU B 41 -29.67 7.49 -3.59
N ASP B 42 -28.35 7.43 -3.77
CA ASP B 42 -27.77 7.31 -5.10
C ASP B 42 -26.34 6.82 -4.94
N PRO B 43 -25.77 6.17 -5.97
CA PRO B 43 -24.40 5.67 -5.85
C PRO B 43 -23.42 6.76 -5.47
N SER B 44 -22.46 6.40 -4.63
CA SER B 44 -21.45 7.33 -4.16
C SER B 44 -20.29 7.31 -5.14
N PHE B 45 -20.29 8.24 -6.09
CA PHE B 45 -19.21 8.31 -7.05
C PHE B 45 -17.92 8.67 -6.31
N ALA B 46 -16.84 7.99 -6.68
CA ALA B 46 -15.56 8.23 -6.01
C ALA B 46 -15.07 9.65 -6.16
N ILE B 47 -15.08 10.42 -5.07
CA ILE B 47 -14.59 11.79 -5.13
C ILE B 47 -13.07 11.74 -5.22
N LYS B 48 -12.51 12.61 -6.05
CA LYS B 48 -11.07 12.65 -6.27
C LYS B 48 -10.52 14.01 -5.86
N THR B 49 -9.87 14.07 -4.71
CA THR B 49 -9.31 15.32 -4.21
C THR B 49 -8.46 15.03 -3.00
N MET B 50 -7.41 15.82 -2.82
CA MET B 50 -6.55 15.69 -1.66
C MET B 50 -6.24 17.06 -1.12
N VAL B 51 -6.32 17.20 0.19
CA VAL B 51 -6.06 18.46 0.88
C VAL B 51 -4.77 18.30 1.68
N ILE B 52 -3.90 19.30 1.57
CA ILE B 52 -2.64 19.27 2.29
C ILE B 52 -2.44 20.63 2.94
N GLN B 53 -2.50 20.68 4.26
CA GLN B 53 -2.34 21.91 5.01
C GLN B 53 -0.92 22.03 5.55
N THR B 54 -0.52 23.27 5.83
CA THR B 54 0.81 23.51 6.38
C THR B 54 0.82 24.90 7.01
N ARG B 55 1.14 24.97 8.28
CA ARG B 55 1.19 26.23 9.00
C ARG B 55 2.60 26.78 9.06
N TRP B 56 2.72 27.94 9.70
CA TRP B 56 3.99 28.64 9.89
C TRP B 56 3.75 29.66 10.98
N PRO B 57 4.70 29.87 11.88
CA PRO B 57 4.54 30.84 12.97
C PRO B 57 4.67 32.30 12.56
N GLY B 58 3.98 32.69 11.49
CA GLY B 58 4.02 34.06 11.04
C GLY B 58 5.23 34.43 10.20
N ALA B 59 4.99 35.06 9.07
CA ALA B 59 5.99 35.53 8.12
C ALA B 59 5.26 36.26 7.01
N THR B 60 6.02 37.04 6.23
CA THR B 60 5.43 37.77 5.13
C THR B 60 4.87 36.78 4.12
N VAL B 61 3.56 36.87 3.88
CA VAL B 61 2.82 35.99 2.99
C VAL B 61 3.58 35.69 1.71
N ASP B 62 4.17 36.72 1.08
CA ASP B 62 4.92 36.50 -0.15
C ASP B 62 6.07 35.53 0.09
N ASP B 63 6.88 35.77 1.12
CA ASP B 63 7.98 34.87 1.40
C ASP B 63 7.46 33.50 1.79
N THR B 64 6.38 33.48 2.58
CA THR B 64 5.77 32.22 3.01
C THR B 64 5.46 31.34 1.81
N LEU B 65 4.75 31.90 0.84
CA LEU B 65 4.39 31.12 -0.34
C LEU B 65 5.64 30.75 -1.14
N GLU B 66 6.39 31.76 -1.59
CA GLU B 66 7.59 31.54 -2.39
C GLU B 66 8.54 30.52 -1.78
N GLN B 67 8.47 30.29 -0.48
CA GLN B 67 9.39 29.34 0.15
C GLN B 67 8.75 27.97 0.37
N VAL B 68 7.62 27.91 1.06
CA VAL B 68 6.99 26.62 1.35
C VAL B 68 6.06 26.17 0.22
N THR B 69 5.14 27.03 -0.19
CA THR B 69 4.17 26.66 -1.22
C THR B 69 4.87 26.32 -2.53
N ASP B 70 5.78 27.18 -2.97
CA ASP B 70 6.46 26.94 -4.23
C ASP B 70 7.23 25.62 -4.21
N ARG B 71 7.96 25.36 -3.12
CA ARG B 71 8.72 24.12 -3.06
C ARG B 71 7.80 22.92 -3.05
N ILE B 72 6.73 22.98 -2.26
CA ILE B 72 5.80 21.85 -2.22
C ILE B 72 5.22 21.58 -3.59
N GLU B 73 4.75 22.64 -4.25
CA GLU B 73 4.15 22.50 -5.58
C GLU B 73 5.15 21.93 -6.58
N LYS B 74 6.35 22.50 -6.65
CA LYS B 74 7.34 22.02 -7.60
C LYS B 74 7.70 20.57 -7.35
N LYS B 75 7.93 20.21 -6.10
CA LYS B 75 8.30 18.83 -5.79
C LYS B 75 7.17 17.88 -6.15
N LEU B 76 5.94 18.22 -5.76
CA LEU B 76 4.81 17.35 -6.03
C LEU B 76 4.44 17.29 -7.52
N GLU B 77 4.83 18.31 -8.29
CA GLU B 77 4.49 18.34 -9.71
C GLU B 77 4.90 17.07 -10.44
N GLU B 78 6.08 16.54 -10.13
CA GLU B 78 6.57 15.33 -10.79
C GLU B 78 5.62 14.14 -10.63
N LEU B 79 4.74 14.16 -9.63
CA LEU B 79 3.83 13.04 -9.43
C LEU B 79 3.04 12.77 -10.71
N ASP B 80 2.80 11.50 -10.98
CA ASP B 80 2.06 11.08 -12.16
C ASP B 80 0.55 11.03 -11.86
N SER B 81 -0.22 11.09 -12.94
CA SER B 81 -1.68 11.02 -12.93
C SER B 81 -2.35 12.20 -12.23
N LEU B 82 -1.64 13.30 -12.03
CA LEU B 82 -2.24 14.46 -11.38
C LEU B 82 -2.60 15.49 -12.45
N ASP B 83 -3.68 16.23 -12.22
CA ASP B 83 -4.12 17.23 -13.19
C ASP B 83 -4.10 18.65 -12.65
N TYR B 84 -4.82 18.94 -11.57
CA TYR B 84 -4.89 20.28 -11.03
C TYR B 84 -4.13 20.40 -9.72
N VAL B 85 -3.41 21.51 -9.60
CA VAL B 85 -2.64 21.84 -8.42
C VAL B 85 -3.12 23.23 -7.98
N LYS B 86 -4.15 23.27 -7.14
CA LYS B 86 -4.71 24.53 -6.69
C LYS B 86 -3.99 25.01 -5.45
N SER B 87 -3.34 26.16 -5.57
CA SER B 87 -2.60 26.74 -4.47
C SER B 87 -3.53 27.64 -3.66
N TYR B 88 -3.19 27.80 -2.39
CA TYR B 88 -3.99 28.65 -1.51
C TYR B 88 -3.05 29.19 -0.46
N THR B 89 -2.95 30.50 -0.36
CA THR B 89 -2.05 31.11 0.61
C THR B 89 -2.81 32.06 1.52
N ARG B 90 -2.26 32.24 2.71
CA ARG B 90 -2.81 33.12 3.73
C ARG B 90 -1.63 33.78 4.42
N PRO B 91 -1.85 34.73 5.35
CA PRO B 91 -0.71 35.35 6.03
C PRO B 91 0.32 34.37 6.57
N GLY B 92 -0.12 33.23 7.11
CA GLY B 92 0.81 32.25 7.63
C GLY B 92 0.37 30.82 7.38
N GLU B 93 -0.47 30.60 6.39
CA GLU B 93 -0.97 29.27 6.07
C GLU B 93 -0.81 28.96 4.59
N SER B 94 -0.49 27.71 4.30
CA SER B 94 -0.33 27.21 2.94
C SER B 94 -1.22 26.00 2.80
N THR B 95 -1.99 25.97 1.71
CA THR B 95 -2.90 24.87 1.45
C THR B 95 -2.75 24.45 0.01
N VAL B 96 -2.68 23.14 -0.20
CA VAL B 96 -2.54 22.54 -1.51
C VAL B 96 -3.73 21.66 -1.79
N PHE B 97 -4.32 21.83 -2.97
CA PHE B 97 -5.44 21.03 -3.42
C PHE B 97 -4.95 20.22 -4.61
N VAL B 98 -5.11 18.91 -4.53
CA VAL B 98 -4.67 18.01 -5.60
C VAL B 98 -5.90 17.40 -6.23
N TYR B 99 -6.00 17.50 -7.55
CA TYR B 99 -7.12 16.93 -8.31
C TYR B 99 -6.56 16.07 -9.42
N LEU B 100 -6.77 14.76 -9.32
CA LEU B 100 -6.26 13.88 -10.36
C LEU B 100 -7.24 13.87 -11.54
N LYS B 101 -6.78 13.33 -12.66
CA LYS B 101 -7.61 13.27 -13.85
C LYS B 101 -8.77 12.31 -13.67
N ASP B 102 -9.95 12.73 -14.11
CA ASP B 102 -11.16 11.90 -14.00
C ASP B 102 -11.19 10.89 -15.14
N THR B 103 -10.12 10.11 -15.22
CA THR B 103 -10.01 9.08 -16.23
C THR B 103 -9.41 7.81 -15.67
N THR B 104 -9.02 7.79 -14.40
CA THR B 104 -8.44 6.63 -13.76
C THR B 104 -9.49 5.79 -13.07
N LYS B 105 -9.19 4.52 -12.90
CA LYS B 105 -10.09 3.61 -12.23
C LYS B 105 -10.04 3.83 -10.73
N ALA B 106 -11.06 3.36 -10.04
CA ALA B 106 -11.13 3.49 -8.60
C ALA B 106 -10.27 2.39 -7.96
N GLY B 107 -10.39 2.22 -6.66
CA GLY B 107 -9.61 1.18 -5.99
C GLY B 107 -8.15 1.49 -5.75
N ASP B 108 -7.43 1.90 -6.78
CA ASP B 108 -6.02 2.22 -6.64
C ASP B 108 -5.78 3.63 -6.11
N ILE B 109 -6.84 4.40 -5.87
CA ILE B 109 -6.67 5.76 -5.33
C ILE B 109 -5.77 5.76 -4.10
N PRO B 110 -5.94 4.86 -3.12
CA PRO B 110 -5.04 4.87 -1.97
C PRO B 110 -3.59 4.77 -2.38
N ASP B 111 -3.29 4.04 -3.45
CA ASP B 111 -1.90 3.93 -3.90
C ASP B 111 -1.37 5.30 -4.29
N ILE B 112 -2.19 6.08 -4.99
CA ILE B 112 -1.76 7.42 -5.38
C ILE B 112 -1.55 8.26 -4.13
N TRP B 113 -2.45 8.13 -3.16
CA TRP B 113 -2.30 8.90 -1.93
C TRP B 113 -0.97 8.55 -1.25
N TYR B 114 -0.66 7.26 -1.19
CA TYR B 114 0.58 6.81 -0.60
C TYR B 114 1.76 7.39 -1.36
N GLN B 115 1.65 7.45 -2.69
CA GLN B 115 2.73 8.03 -3.48
C GLN B 115 2.95 9.47 -3.08
N VAL B 116 1.86 10.20 -2.85
CA VAL B 116 1.98 11.60 -2.45
C VAL B 116 2.71 11.69 -1.11
N ARG B 117 2.26 10.89 -0.15
CA ARG B 117 2.89 10.90 1.16
C ARG B 117 4.38 10.61 1.05
N LYS B 118 4.74 9.68 0.17
CA LYS B 118 6.15 9.36 -0.02
C LYS B 118 6.90 10.56 -0.58
N LYS B 119 6.39 11.12 -1.67
CA LYS B 119 7.04 12.27 -2.31
C LYS B 119 7.25 13.43 -1.36
N ILE B 120 6.37 13.60 -0.36
CA ILE B 120 6.57 14.72 0.54
C ILE B 120 7.38 14.34 1.78
N SER B 121 7.34 13.09 2.21
CA SER B 121 8.07 12.66 3.39
C SER B 121 9.55 13.03 3.31
N ASP B 122 10.22 12.58 2.26
CA ASP B 122 11.65 12.86 2.10
C ASP B 122 11.92 14.35 2.01
N ILE B 123 11.24 15.04 1.10
CA ILE B 123 11.46 16.48 0.94
C ILE B 123 11.19 17.25 2.22
N GLN B 124 10.49 16.66 3.19
CA GLN B 124 10.24 17.36 4.43
C GLN B 124 11.51 17.82 5.12
N GLY B 125 12.60 17.06 4.99
CA GLY B 125 13.84 17.42 5.62
C GLY B 125 14.51 18.69 5.13
N GLU B 126 13.86 19.46 4.29
CA GLU B 126 14.43 20.69 3.76
C GLU B 126 13.71 21.96 4.19
N PHE B 127 12.47 21.88 4.63
CA PHE B 127 11.74 23.06 5.05
C PHE B 127 12.34 23.66 6.30
N PRO B 128 12.03 24.92 6.58
CA PRO B 128 12.53 25.55 7.81
C PRO B 128 11.82 24.96 9.02
N GLN B 129 12.02 25.56 10.16
CA GLN B 129 11.43 25.10 11.41
C GLN B 129 9.89 25.22 11.45
N GLY B 130 9.19 25.57 10.39
CA GLY B 130 7.74 25.68 10.45
C GLY B 130 7.06 24.32 10.51
N ILE B 131 5.87 24.31 11.13
CA ILE B 131 5.09 23.09 11.26
C ILE B 131 4.67 22.58 9.89
N GLN B 132 4.35 21.29 9.81
CA GLN B 132 3.93 20.69 8.56
C GLN B 132 3.32 19.32 8.84
N GLY B 133 2.19 19.04 8.17
CA GLY B 133 1.52 17.78 8.30
C GLY B 133 0.41 17.62 7.27
N PRO B 134 0.44 16.52 6.52
CA PRO B 134 -0.61 16.30 5.52
C PRO B 134 -1.96 16.11 6.18
N GLY B 135 -2.88 17.01 5.87
CA GLY B 135 -4.21 16.98 6.43
C GLY B 135 -5.02 15.75 6.13
N PHE B 136 -5.39 15.54 4.87
CA PHE B 136 -6.20 14.39 4.48
C PHE B 136 -5.63 13.72 3.25
N ASN B 137 -5.07 12.53 3.41
CA ASN B 137 -4.62 11.82 2.23
C ASN B 137 -5.84 11.45 1.39
N ASP B 138 -6.99 11.39 2.05
CA ASP B 138 -8.28 11.10 1.47
C ASP B 138 -9.31 11.85 2.30
N GLU B 139 -10.44 12.17 1.68
CA GLU B 139 -11.50 12.90 2.38
C GLU B 139 -12.45 11.93 3.03
N PHE B 140 -12.22 11.63 4.32
CA PHE B 140 -13.12 10.73 5.03
C PHE B 140 -14.50 11.34 5.19
N GLY B 141 -14.59 12.67 5.14
CA GLY B 141 -15.85 13.37 5.29
C GLY B 141 -16.74 13.22 4.08
N ASP B 142 -17.27 12.01 3.91
CA ASP B 142 -18.13 11.69 2.79
C ASP B 142 -19.58 11.53 3.19
N VAL B 143 -19.87 10.68 4.16
CA VAL B 143 -21.24 10.47 4.61
C VAL B 143 -21.36 10.99 6.03
N PHE B 144 -22.57 11.46 6.36
CA PHE B 144 -22.82 11.98 7.70
C PHE B 144 -24.31 11.87 7.96
N GLY B 145 -24.68 11.17 9.03
CA GLY B 145 -26.07 11.03 9.38
C GLY B 145 -26.57 12.31 10.01
N SER B 146 -27.53 12.20 10.91
CA SER B 146 -28.04 13.40 11.55
C SER B 146 -27.01 13.97 12.50
N VAL B 147 -26.97 15.29 12.58
CA VAL B 147 -26.07 16.00 13.47
C VAL B 147 -26.93 16.49 14.62
N TYR B 148 -26.29 16.72 15.76
CA TYR B 148 -27.04 17.15 16.94
C TYR B 148 -26.36 18.30 17.64
N ALA B 149 -27.09 19.39 17.80
CA ALA B 149 -26.60 20.59 18.47
C ALA B 149 -27.06 20.56 19.92
N PHE B 150 -26.16 20.90 20.82
CA PHE B 150 -26.43 20.92 22.26
C PHE B 150 -26.32 22.36 22.73
N THR B 151 -27.45 23.07 22.68
CA THR B 151 -27.46 24.46 23.10
C THR B 151 -27.47 24.56 24.63
N ALA B 152 -26.86 25.64 25.13
CA ALA B 152 -26.78 25.89 26.55
C ALA B 152 -26.17 27.27 26.77
N ASP B 153 -26.46 27.85 27.92
CA ASP B 153 -25.93 29.17 28.28
C ASP B 153 -25.79 29.23 29.79
N GLY B 154 -24.86 30.06 30.25
CA GLY B 154 -24.62 30.18 31.67
C GLY B 154 -23.93 28.96 32.22
N LEU B 155 -22.94 28.44 31.51
CA LEU B 155 -22.22 27.25 31.93
C LEU B 155 -20.82 27.27 31.32
N ASP B 156 -20.04 26.23 31.64
CA ASP B 156 -18.68 26.11 31.16
C ASP B 156 -18.63 25.45 29.78
N PHE B 157 -18.00 26.12 28.82
CA PHE B 157 -17.85 25.47 27.52
C PHE B 157 -17.04 24.20 27.70
N ARG B 158 -16.15 24.20 28.69
CA ARG B 158 -15.36 23.03 29.01
C ARG B 158 -16.28 21.89 29.40
N GLN B 159 -17.12 22.12 30.42
CA GLN B 159 -18.04 21.08 30.85
C GLN B 159 -18.99 20.69 29.72
N LEU B 160 -19.27 21.64 28.82
CA LEU B 160 -20.13 21.32 27.68
C LEU B 160 -19.46 20.27 26.80
N ARG B 161 -18.20 20.52 26.45
CA ARG B 161 -17.45 19.58 25.64
C ARG B 161 -17.30 18.25 26.38
N ASP B 162 -17.15 18.31 27.70
CA ASP B 162 -17.02 17.08 28.47
C ASP B 162 -18.30 16.26 28.37
N TYR B 163 -19.45 16.93 28.47
CA TYR B 163 -20.71 16.22 28.32
C TYR B 163 -20.83 15.62 26.94
N VAL B 164 -20.38 16.37 25.93
CA VAL B 164 -20.44 15.84 24.57
C VAL B 164 -19.57 14.60 24.45
N GLU B 165 -18.41 14.60 25.11
CA GLU B 165 -17.54 13.44 25.07
C GLU B 165 -18.20 12.25 25.76
N LYS B 166 -18.86 12.52 26.89
CA LYS B 166 -19.57 11.45 27.57
C LYS B 166 -20.63 10.89 26.64
N VAL B 167 -21.25 11.78 25.85
CA VAL B 167 -22.25 11.35 24.89
C VAL B 167 -21.61 10.45 23.85
N ARG B 168 -20.39 10.78 23.42
CA ARG B 168 -19.69 9.95 22.45
C ARG B 168 -19.46 8.56 23.01
N LEU B 169 -19.02 8.50 24.27
CA LEU B 169 -18.77 7.21 24.90
C LEU B 169 -20.04 6.38 24.97
N ASP B 170 -21.15 7.01 25.35
CA ASP B 170 -22.41 6.28 25.42
C ASP B 170 -22.90 5.89 24.03
N ILE B 171 -22.58 6.69 23.03
CA ILE B 171 -22.99 6.41 21.66
C ILE B 171 -22.27 5.19 21.12
N ARG B 172 -20.99 5.04 21.49
CA ARG B 172 -20.21 3.89 21.01
C ARG B 172 -20.98 2.59 21.21
N SER B 173 -21.90 2.55 22.17
CA SER B 173 -22.69 1.36 22.42
C SER B 173 -23.63 1.03 21.28
N VAL B 174 -23.92 1.99 20.39
CA VAL B 174 -24.81 1.70 19.28
C VAL B 174 -24.20 0.61 18.40
N LYS B 175 -25.05 -0.09 17.67
CA LYS B 175 -24.65 -1.20 16.81
C LYS B 175 -23.56 -0.87 15.80
N ASP B 176 -23.84 0.02 14.85
CA ASP B 176 -22.85 0.38 13.84
C ASP B 176 -22.49 1.85 13.97
N LEU B 177 -21.20 2.15 13.81
CA LEU B 177 -20.74 3.53 13.93
C LEU B 177 -19.59 3.78 12.97
N GLY B 178 -19.65 4.91 12.27
CA GLY B 178 -18.59 5.31 11.37
C GLY B 178 -17.75 6.32 12.10
N LYS B 179 -17.67 7.52 11.58
CA LYS B 179 -16.89 8.56 12.23
C LYS B 179 -17.78 9.42 13.11
N VAL B 180 -17.18 9.98 14.17
CA VAL B 180 -17.86 10.86 15.10
C VAL B 180 -16.96 12.08 15.24
N GLN B 181 -17.45 13.24 14.80
CA GLN B 181 -16.65 14.46 14.87
C GLN B 181 -17.43 15.62 15.42
N MET B 182 -16.83 16.33 16.36
CA MET B 182 -17.42 17.51 16.95
C MET B 182 -17.10 18.71 16.07
N ILE B 183 -17.50 19.91 16.51
CA ILE B 183 -17.24 21.13 15.76
C ILE B 183 -17.13 22.29 16.75
N GLY B 184 -16.65 23.42 16.25
CA GLY B 184 -16.49 24.63 17.03
C GLY B 184 -15.91 24.45 18.42
N ALA B 185 -14.94 23.56 18.57
CA ALA B 185 -14.34 23.35 19.87
C ALA B 185 -13.65 24.63 20.34
N GLN B 186 -13.38 24.69 21.64
CA GLN B 186 -12.72 25.83 22.24
C GLN B 186 -11.45 25.37 22.94
N ASN B 187 -10.35 26.06 22.69
CA ASN B 187 -9.06 25.74 23.28
C ASN B 187 -8.59 26.97 24.03
N GLU B 188 -8.84 26.99 25.34
CA GLU B 188 -8.42 28.12 26.14
C GLU B 188 -6.91 28.20 26.23
N VAL B 189 -6.40 29.43 26.26
CA VAL B 189 -4.97 29.70 26.35
C VAL B 189 -4.74 30.52 27.60
N ILE B 190 -3.48 30.81 27.92
CA ILE B 190 -3.15 31.57 29.11
C ILE B 190 -2.07 32.60 28.75
N TYR B 191 -2.44 33.87 28.74
CA TYR B 191 -1.48 34.92 28.45
C TYR B 191 -0.76 35.30 29.74
N LEU B 192 0.50 35.67 29.60
CA LEU B 192 1.29 36.08 30.76
C LEU B 192 1.94 37.41 30.42
N ASN B 193 1.26 38.50 30.74
CA ASN B 193 1.79 39.82 30.48
C ASN B 193 2.77 40.19 31.59
N PHE B 194 3.90 40.77 31.21
CA PHE B 194 4.94 41.12 32.16
C PHE B 194 5.09 42.62 32.30
N SER B 195 5.35 43.06 33.54
CA SER B 195 5.57 44.47 33.85
C SER B 195 7.03 44.77 33.51
N THR B 196 7.29 44.83 32.20
CA THR B 196 8.60 45.07 31.62
C THR B 196 9.40 46.12 32.37
N ARG B 197 8.75 47.23 32.77
CA ARG B 197 9.46 48.27 33.50
C ARG B 197 10.00 47.72 34.82
N LYS B 198 9.12 47.14 35.62
CA LYS B 198 9.57 46.58 36.90
C LYS B 198 10.51 45.42 36.69
N LEU B 199 10.30 44.64 35.64
CA LEU B 199 11.17 43.51 35.34
C LEU B 199 12.60 44.01 35.11
N ALA B 200 12.75 45.05 34.31
CA ALA B 200 14.07 45.61 34.07
C ALA B 200 14.61 46.24 35.34
N ALA B 201 13.73 46.84 36.14
CA ALA B 201 14.15 47.44 37.40
C ALA B 201 14.80 46.39 38.30
N LEU B 202 14.27 45.17 38.26
CA LEU B 202 14.84 44.09 39.06
C LEU B 202 16.13 43.55 38.45
N GLY B 203 16.51 44.04 37.27
CA GLY B 203 17.72 43.61 36.60
C GLY B 203 17.60 42.35 35.78
N LEU B 204 16.55 41.56 35.97
CA LEU B 204 16.38 40.32 35.23
C LEU B 204 15.41 40.50 34.06
N ASP B 205 15.32 39.46 33.24
CA ASP B 205 14.46 39.43 32.08
C ASP B 205 13.55 38.22 32.16
N GLN B 206 12.40 38.31 31.49
CA GLN B 206 11.42 37.23 31.51
C GLN B 206 11.94 35.96 30.85
N ARG B 207 12.92 36.06 29.95
CA ARG B 207 13.42 34.85 29.31
C ARG B 207 14.00 33.89 30.34
N GLN B 208 14.68 34.43 31.34
CA GLN B 208 15.22 33.58 32.40
C GLN B 208 14.09 32.89 33.14
N VAL B 209 12.99 33.62 33.37
CA VAL B 209 11.84 33.04 34.03
C VAL B 209 11.28 31.91 33.19
N VAL B 210 11.29 32.10 31.86
CA VAL B 210 10.80 31.07 30.96
C VAL B 210 11.66 29.82 31.10
N GLN B 211 12.98 29.99 31.09
CA GLN B 211 13.89 28.87 31.22
C GLN B 211 13.66 28.13 32.54
N SER B 212 13.51 28.89 33.63
CA SER B 212 13.28 28.28 34.94
C SER B 212 11.99 27.48 34.94
N LEU B 213 10.92 28.06 34.40
CA LEU B 213 9.64 27.35 34.36
C LEU B 213 9.74 26.11 33.50
N GLN B 214 10.52 26.18 32.42
CA GLN B 214 10.68 25.01 31.56
C GLN B 214 11.37 23.90 32.32
N ALA B 215 12.47 24.23 33.01
CA ALA B 215 13.19 23.23 33.78
C ALA B 215 12.32 22.67 34.91
N GLN B 216 11.38 23.46 35.41
CA GLN B 216 10.53 22.99 36.49
C GLN B 216 9.42 22.09 35.97
N ASN B 217 8.87 22.40 34.81
CA ASN B 217 7.78 21.60 34.26
C ASN B 217 8.29 20.30 33.64
N ALA B 218 9.47 20.33 33.04
CA ALA B 218 10.03 19.15 32.39
C ALA B 218 10.39 18.02 33.36
N VAL B 219 10.13 18.16 34.65
CA VAL B 219 10.46 17.13 35.63
C VAL B 219 9.18 16.43 36.04
N THR B 220 9.11 15.13 35.79
CA THR B 220 7.92 14.37 36.17
C THR B 220 7.82 14.32 37.69
N PRO B 221 6.65 14.57 38.27
CA PRO B 221 6.52 14.56 39.72
C PRO B 221 6.33 13.18 40.32
N SER B 222 6.65 12.12 39.58
CA SER B 222 6.48 10.78 40.09
C SER B 222 7.53 9.86 39.47
N GLY B 223 7.56 8.61 39.94
CA GLY B 223 8.49 7.63 39.43
C GLY B 223 8.53 6.34 40.22
N VAL B 224 8.73 5.22 39.53
CA VAL B 224 8.80 3.92 40.19
C VAL B 224 10.12 3.80 40.93
N VAL B 225 10.07 3.22 42.14
CA VAL B 225 11.26 3.06 42.97
C VAL B 225 11.55 1.61 43.31
N GLU B 226 10.50 0.80 43.56
CA GLU B 226 10.64 -0.62 43.93
C GLU B 226 11.69 -0.82 45.02
N ALA B 227 11.68 0.10 45.99
CA ALA B 227 12.63 0.06 47.10
C ALA B 227 12.64 -1.29 47.80
N GLY B 228 11.46 -1.88 47.98
CA GLY B 228 11.37 -3.18 48.63
C GLY B 228 11.02 -4.27 47.65
N PRO B 229 10.79 -5.49 48.16
CA PRO B 229 10.43 -6.59 47.26
C PRO B 229 9.21 -6.27 46.43
N GLU B 230 8.18 -5.70 47.03
CA GLU B 230 6.98 -5.34 46.29
C GLU B 230 7.21 -4.07 45.50
N ARG B 231 6.41 -3.89 44.46
CA ARG B 231 6.53 -2.71 43.62
C ARG B 231 6.09 -1.46 44.37
N ILE B 232 6.95 -0.45 44.37
CA ILE B 232 6.68 0.82 45.05
C ILE B 232 7.00 1.95 44.08
N SER B 233 6.33 3.08 44.28
CA SER B 233 6.55 4.26 43.45
C SER B 233 6.26 5.49 44.28
N VAL B 234 6.91 6.59 43.93
CA VAL B 234 6.74 7.85 44.62
C VAL B 234 5.98 8.79 43.70
N ARG B 235 5.31 9.77 44.32
CA ARG B 235 4.52 10.74 43.57
C ARG B 235 4.41 12.03 44.38
N THR B 236 4.81 13.14 43.78
CA THR B 236 4.75 14.44 44.44
C THR B 236 3.80 15.38 43.69
N SER B 237 3.49 16.50 44.33
CA SER B 237 2.60 17.51 43.76
C SER B 237 3.38 18.82 43.63
N GLY B 238 4.12 18.94 42.53
CA GLY B 238 4.89 20.15 42.31
C GLY B 238 4.86 20.71 40.89
N ASN B 239 4.31 19.94 39.95
CA ASN B 239 4.29 20.43 38.57
C ASN B 239 3.09 21.35 38.33
N PHE B 240 3.24 22.19 37.31
CA PHE B 240 2.19 23.15 36.95
C PHE B 240 0.99 22.46 36.34
N ARG B 241 -0.20 22.76 36.86
CA ARG B 241 -1.44 22.20 36.36
C ARG B 241 -2.54 23.22 36.21
N SER B 242 -2.39 24.43 36.75
CA SER B 242 -3.40 25.47 36.66
C SER B 242 -2.73 26.81 36.91
N GLU B 243 -3.54 27.87 36.84
CA GLU B 243 -3.00 29.22 37.06
C GLU B 243 -2.42 29.35 38.46
N LYS B 244 -3.15 28.85 39.47
CA LYS B 244 -2.62 28.93 40.83
C LYS B 244 -1.40 28.05 40.99
N ASP B 245 -1.32 26.96 40.23
CA ASP B 245 -0.17 26.06 40.30
C ASP B 245 1.11 26.73 39.86
N LEU B 246 1.03 27.89 39.22
CA LEU B 246 2.20 28.63 38.78
C LEU B 246 2.27 30.02 39.37
N GLN B 247 1.20 30.49 40.02
CA GLN B 247 1.20 31.82 40.60
C GLN B 247 2.17 31.94 41.77
N ALA B 248 2.43 30.85 42.49
CA ALA B 248 3.32 30.87 43.65
C ALA B 248 4.71 30.30 43.36
N VAL B 249 5.28 30.56 42.20
CA VAL B 249 6.61 30.05 41.88
C VAL B 249 7.65 31.07 42.31
N ASN B 250 8.71 30.59 42.96
CA ASN B 250 9.79 31.43 43.46
C ASN B 250 10.96 31.41 42.49
N LEU B 251 12.06 32.04 42.90
CA LEU B 251 13.28 32.13 42.10
C LEU B 251 14.46 31.98 43.04
N ARG B 252 15.64 32.36 42.59
CA ARG B 252 16.84 32.26 43.42
C ARG B 252 17.00 33.48 44.31
N VAL B 253 17.93 33.37 45.26
CA VAL B 253 18.19 34.47 46.19
C VAL B 253 18.76 35.67 45.44
N ASN B 254 19.82 35.45 44.65
CA ASN B 254 20.40 36.52 43.86
C ASN B 254 19.47 36.96 42.73
N ASP B 255 18.36 36.25 42.54
CA ASP B 255 17.38 36.56 41.51
C ASP B 255 16.13 37.21 42.07
N ARG B 256 16.15 37.59 43.35
CA ARG B 256 15.00 38.22 44.00
C ARG B 256 13.75 37.34 43.87
N PHE B 257 13.83 36.17 44.52
CA PHE B 257 12.73 35.22 44.48
C PHE B 257 11.44 35.91 44.90
N TYR B 258 10.53 36.09 43.95
CA TYR B 258 9.26 36.74 44.18
C TYR B 258 8.15 35.93 43.51
N ARG B 259 6.93 36.29 43.86
CA ARG B 259 5.77 35.62 43.29
C ARG B 259 5.51 36.20 41.90
N LEU B 260 4.96 35.35 41.03
CA LEU B 260 4.68 35.80 39.67
C LEU B 260 3.76 37.02 39.69
N SER B 261 2.76 37.01 40.58
CA SER B 261 1.87 38.16 40.70
C SER B 261 2.66 39.40 41.08
N ASP B 262 3.62 39.24 41.99
CA ASP B 262 4.47 40.35 42.41
C ASP B 262 5.33 40.87 41.28
N LEU B 263 5.44 40.14 40.18
CA LEU B 263 6.26 40.55 39.04
C LEU B 263 5.46 40.75 37.76
N ALA B 264 4.61 39.79 37.39
CA ALA B 264 3.83 39.89 36.18
C ALA B 264 2.35 39.66 36.48
N SER B 265 1.53 39.82 35.45
CA SER B 265 0.09 39.64 35.54
C SER B 265 -0.26 38.27 34.98
N ILE B 266 -0.70 37.37 35.86
CA ILE B 266 -1.08 36.03 35.42
C ILE B 266 -2.50 36.09 34.90
N SER B 267 -2.63 36.37 33.61
CA SER B 267 -3.95 36.46 33.00
C SER B 267 -4.67 35.13 33.06
N ARG B 268 -5.91 35.16 33.54
CA ARG B 268 -6.71 33.95 33.63
C ARG B 268 -6.91 33.35 32.24
N ASP B 269 -6.94 32.03 32.18
CA ASP B 269 -7.13 31.35 30.90
C ASP B 269 -8.41 31.85 30.23
N PHE B 270 -8.36 31.97 28.92
CA PHE B 270 -9.51 32.45 28.19
C PHE B 270 -9.45 31.93 26.76
N VAL B 271 -10.59 31.97 26.07
CA VAL B 271 -10.64 31.49 24.70
C VAL B 271 -9.97 32.51 23.79
N ASP B 272 -9.23 32.01 22.81
CA ASP B 272 -8.49 32.82 21.85
C ASP B 272 -9.42 33.38 20.77
N PRO B 273 -8.94 34.29 19.94
CA PRO B 273 -9.77 34.82 18.85
C PRO B 273 -10.28 33.69 17.99
N PRO B 274 -11.59 33.51 17.92
CA PRO B 274 -12.17 32.40 17.16
C PRO B 274 -11.67 32.25 15.73
N THR B 275 -11.75 31.01 15.25
CA THR B 275 -11.37 30.64 13.90
C THR B 275 -12.44 29.83 13.19
N SER B 276 -13.39 29.26 13.93
CA SER B 276 -14.48 28.48 13.38
C SER B 276 -15.61 28.54 14.39
N LEU B 277 -16.73 29.12 14.00
CA LEU B 277 -17.87 29.25 14.90
C LEU B 277 -19.10 28.58 14.35
N PHE B 278 -19.79 27.87 15.23
CA PHE B 278 -21.04 27.18 14.91
C PHE B 278 -22.16 27.89 15.62
N ARG B 279 -23.35 27.85 15.03
CA ARG B 279 -24.47 28.55 15.64
C ARG B 279 -25.78 27.93 15.17
N TYR B 280 -26.70 27.69 16.09
CA TYR B 280 -27.99 27.12 15.76
C TYR B 280 -29.08 28.13 16.08
N LYS B 281 -29.94 28.40 15.10
CA LYS B 281 -31.03 29.35 15.24
C LYS B 281 -30.55 30.66 15.85
N GLY B 282 -29.44 31.16 15.30
CA GLY B 282 -28.87 32.39 15.81
C GLY B 282 -28.31 32.30 17.20
N GLU B 283 -28.15 31.09 17.75
CA GLU B 283 -27.62 30.95 19.08
C GLU B 283 -26.40 30.03 19.07
N PRO B 284 -25.34 30.40 19.80
CA PRO B 284 -24.14 29.55 19.84
C PRO B 284 -24.48 28.17 20.37
N ALA B 285 -23.81 27.17 19.82
CA ALA B 285 -24.04 25.79 20.23
C ALA B 285 -22.84 24.96 19.80
N ILE B 286 -22.94 23.64 19.98
CA ILE B 286 -21.90 22.71 19.60
C ILE B 286 -22.57 21.50 18.98
N GLY B 287 -22.31 21.28 17.70
CA GLY B 287 -22.88 20.16 17.01
C GLY B 287 -21.98 18.95 17.03
N LEU B 288 -22.55 17.82 16.65
CA LEU B 288 -21.80 16.55 16.63
C LEU B 288 -22.27 15.76 15.41
N ALA B 289 -21.40 15.61 14.42
CA ALA B 289 -21.73 14.86 13.22
C ALA B 289 -21.29 13.42 13.40
N VAL B 290 -22.17 12.51 13.01
CA VAL B 290 -21.90 11.08 13.10
C VAL B 290 -22.04 10.48 11.71
N ALA B 291 -21.17 9.54 11.40
CA ALA B 291 -21.18 8.87 10.11
C ALA B 291 -21.56 7.42 10.30
N MET B 292 -22.27 6.87 9.31
CA MET B 292 -22.66 5.48 9.37
C MET B 292 -21.48 4.63 8.94
N LYS B 293 -21.19 3.59 9.71
CA LYS B 293 -20.09 2.70 9.37
C LYS B 293 -20.30 2.15 7.97
N GLU B 294 -19.23 2.11 7.18
CA GLU B 294 -19.33 1.60 5.83
C GLU B 294 -19.96 0.22 5.83
N GLY B 295 -20.83 -0.03 4.87
CA GLY B 295 -21.53 -1.29 4.78
C GLY B 295 -22.67 -1.42 5.76
N GLY B 296 -22.88 -0.42 6.61
CA GLY B 296 -23.96 -0.48 7.57
C GLY B 296 -25.30 -0.27 6.90
N ASN B 297 -26.27 -1.11 7.25
CA ASN B 297 -27.60 -1.03 6.68
C ASN B 297 -28.29 0.24 7.16
N ILE B 298 -28.50 1.18 6.26
CA ILE B 298 -29.16 2.44 6.59
C ILE B 298 -30.62 2.15 6.89
N LEU B 299 -31.33 3.16 7.40
CA LEU B 299 -32.74 3.13 7.80
C LEU B 299 -32.91 2.44 9.14
N GLU B 300 -31.88 1.81 9.67
CA GLU B 300 -31.91 1.14 10.96
C GLU B 300 -30.92 1.78 11.91
N PHE B 301 -29.76 2.16 11.39
CA PHE B 301 -28.76 2.84 12.20
C PHE B 301 -29.37 4.07 12.82
N GLY B 302 -30.18 4.81 12.04
CA GLY B 302 -30.85 5.98 12.56
C GLY B 302 -31.88 5.63 13.60
N GLU B 303 -32.56 4.49 13.45
CA GLU B 303 -33.56 4.10 14.44
C GLU B 303 -32.90 3.86 15.79
N ALA B 304 -31.88 3.00 15.79
CA ALA B 304 -31.18 2.74 17.04
C ALA B 304 -30.54 4.01 17.58
N LEU B 305 -30.07 4.88 16.68
CA LEU B 305 -29.45 6.13 17.10
C LEU B 305 -30.45 7.02 17.83
N ASN B 306 -31.62 7.24 17.23
CA ASN B 306 -32.60 8.07 17.90
C ASN B 306 -33.05 7.45 19.21
N ALA B 307 -33.15 6.12 19.26
CA ALA B 307 -33.53 5.48 20.52
C ALA B 307 -32.50 5.78 21.60
N ARG B 308 -31.23 5.59 21.26
CA ARG B 308 -30.16 5.89 22.20
C ARG B 308 -30.21 7.35 22.57
N MET B 309 -30.58 8.21 21.62
CA MET B 309 -30.70 9.63 21.91
C MET B 309 -31.79 9.87 22.94
N GLN B 310 -32.89 9.12 22.83
CA GLN B 310 -33.96 9.26 23.81
C GLN B 310 -33.44 8.89 25.19
N GLU B 311 -32.64 7.83 25.28
CA GLU B 311 -32.09 7.46 26.58
C GLU B 311 -31.16 8.54 27.08
N ILE B 312 -30.29 9.05 26.21
CA ILE B 312 -29.37 10.12 26.59
C ILE B 312 -30.16 11.30 27.14
N THR B 313 -31.26 11.63 26.48
CA THR B 313 -32.11 12.71 26.96
C THR B 313 -32.61 12.37 28.34
N GLY B 314 -32.98 11.11 28.55
CA GLY B 314 -33.40 10.69 29.87
C GLY B 314 -32.31 10.97 30.88
N GLU B 315 -31.06 10.98 30.41
CA GLU B 315 -29.91 11.29 31.24
C GLU B 315 -29.33 12.68 30.97
N LEU B 316 -29.98 13.46 30.11
CA LEU B 316 -29.47 14.79 29.81
C LEU B 316 -29.48 15.65 31.06
N PRO B 317 -28.36 16.22 31.47
CA PRO B 317 -28.35 17.04 32.68
C PRO B 317 -29.05 18.38 32.45
N VAL B 318 -29.03 19.24 33.47
CA VAL B 318 -29.68 20.52 33.35
C VAL B 318 -29.01 21.37 32.27
N GLY B 319 -29.77 22.35 31.77
CA GLY B 319 -29.30 23.27 30.74
C GLY B 319 -28.66 22.62 29.53
N VAL B 320 -29.41 21.78 28.83
CA VAL B 320 -28.92 21.09 27.64
C VAL B 320 -30.08 20.96 26.66
N GLY B 321 -29.92 21.53 25.47
CA GLY B 321 -30.95 21.46 24.46
C GLY B 321 -30.49 20.67 23.25
N VAL B 322 -31.07 19.49 23.07
CA VAL B 322 -30.73 18.61 21.95
C VAL B 322 -31.55 19.02 20.74
N HIS B 323 -30.89 19.14 19.59
CA HIS B 323 -31.57 19.51 18.36
C HIS B 323 -30.99 18.70 17.21
N GLN B 324 -31.84 17.94 16.55
CA GLN B 324 -31.43 17.10 15.44
C GLN B 324 -31.53 17.86 14.13
N VAL B 325 -30.55 17.64 13.25
CA VAL B 325 -30.51 18.28 11.94
C VAL B 325 -30.09 17.22 10.92
N SER B 326 -30.71 17.27 9.74
CA SER B 326 -30.41 16.36 8.63
C SER B 326 -30.73 14.90 8.97
N ASN B 327 -32.00 14.64 9.25
CA ASN B 327 -32.45 13.28 9.54
C ASN B 327 -32.71 12.66 8.17
N GLN B 328 -31.63 12.23 7.52
CA GLN B 328 -31.75 11.64 6.19
C GLN B 328 -32.60 10.40 6.16
N ALA B 329 -32.78 9.71 7.30
CA ALA B 329 -33.62 8.52 7.29
C ALA B 329 -35.00 8.88 6.75
N GLN B 330 -35.53 10.02 7.18
CA GLN B 330 -36.83 10.47 6.71
C GLN B 330 -36.77 10.84 5.23
N VAL B 331 -35.67 11.46 4.81
CA VAL B 331 -35.51 11.84 3.42
C VAL B 331 -35.56 10.61 2.54
N VAL B 332 -34.76 9.60 2.89
CA VAL B 332 -34.73 8.36 2.13
C VAL B 332 -36.10 7.70 2.16
N LYS B 333 -36.77 7.76 3.30
CA LYS B 333 -38.09 7.15 3.40
C LYS B 333 -39.06 7.77 2.40
N LYS B 334 -39.18 9.10 2.43
CA LYS B 334 -40.09 9.77 1.50
C LYS B 334 -39.68 9.52 0.05
N ALA B 335 -38.37 9.53 -0.20
CA ALA B 335 -37.87 9.31 -1.55
C ALA B 335 -38.31 7.95 -2.08
N VAL B 336 -37.90 6.88 -1.39
CA VAL B 336 -38.26 5.53 -1.82
C VAL B 336 -39.77 5.37 -1.89
N GLY B 337 -40.51 6.06 -1.01
CA GLY B 337 -41.96 5.95 -1.07
C GLY B 337 -42.49 6.46 -2.38
N GLY B 338 -42.12 7.69 -2.75
CA GLY B 338 -42.57 8.22 -4.02
C GLY B 338 -42.08 7.40 -5.19
N PHE B 339 -40.87 6.84 -5.07
CA PHE B 339 -40.31 6.02 -6.13
C PHE B 339 -41.17 4.79 -6.38
N THR B 340 -41.40 4.01 -5.32
CA THR B 340 -42.23 2.83 -5.46
C THR B 340 -43.62 3.20 -5.92
N ARG B 341 -44.11 4.37 -5.50
CA ARG B 341 -45.43 4.80 -5.94
C ARG B 341 -45.46 4.95 -7.45
N ALA B 342 -44.50 5.70 -7.99
CA ALA B 342 -44.43 5.88 -9.44
C ALA B 342 -44.23 4.55 -10.14
N LEU B 343 -43.49 3.64 -9.52
CA LEU B 343 -43.26 2.33 -10.12
C LEU B 343 -44.59 1.60 -10.27
N PHE B 344 -45.36 1.55 -9.19
CA PHE B 344 -46.66 0.89 -9.25
C PHE B 344 -47.56 1.57 -10.27
N GLU B 345 -47.43 2.89 -10.40
CA GLU B 345 -48.24 3.61 -11.38
C GLU B 345 -47.89 3.15 -12.79
N ALA B 346 -46.61 3.05 -13.08
CA ALA B 346 -46.20 2.60 -14.41
C ALA B 346 -46.68 1.18 -14.66
N VAL B 347 -46.60 0.34 -13.62
CA VAL B 347 -47.04 -1.04 -13.77
C VAL B 347 -48.52 -1.09 -14.11
N VAL B 348 -49.34 -0.32 -13.39
CA VAL B 348 -50.78 -0.36 -13.66
C VAL B 348 -51.10 0.25 -15.02
N ILE B 349 -50.34 1.25 -15.49
CA ILE B 349 -50.66 1.78 -16.81
C ILE B 349 -50.35 0.75 -17.87
N VAL B 350 -49.22 0.04 -17.73
CA VAL B 350 -48.92 -0.99 -18.72
C VAL B 350 -49.97 -2.08 -18.62
N LEU B 351 -50.48 -2.32 -17.41
CA LEU B 351 -51.51 -3.31 -17.19
C LEU B 351 -52.76 -2.97 -17.99
N ILE B 352 -53.26 -1.74 -17.82
CA ILE B 352 -54.46 -1.33 -18.55
C ILE B 352 -54.17 -1.32 -20.04
N VAL B 353 -52.92 -1.08 -20.42
CA VAL B 353 -52.57 -1.11 -21.85
C VAL B 353 -52.83 -2.50 -22.40
N SER B 354 -52.29 -3.51 -21.73
CA SER B 354 -52.52 -4.88 -22.17
C SER B 354 -53.99 -5.25 -22.07
N PHE B 355 -54.68 -4.69 -21.08
CA PHE B 355 -56.11 -4.96 -20.89
C PHE B 355 -56.90 -4.53 -22.11
N VAL B 356 -56.80 -3.25 -22.47
CA VAL B 356 -57.54 -2.75 -23.63
C VAL B 356 -56.98 -3.28 -24.94
N SER B 357 -55.74 -3.77 -24.95
CA SER B 357 -55.16 -4.30 -26.17
C SER B 357 -55.89 -5.56 -26.64
N LEU B 358 -55.88 -6.60 -25.80
CA LEU B 358 -56.53 -7.86 -26.13
C LEU B 358 -57.96 -7.95 -25.61
N GLY B 359 -58.37 -7.05 -24.72
CA GLY B 359 -59.72 -7.09 -24.18
C GLY B 359 -59.90 -8.20 -23.17
N LEU B 360 -59.80 -9.44 -23.65
CA LEU B 360 -59.95 -10.59 -22.78
C LEU B 360 -58.79 -10.67 -21.79
N ARG B 361 -58.94 -11.56 -20.81
CA ARG B 361 -57.92 -11.75 -19.81
C ARG B 361 -56.80 -12.62 -20.37
N ALA B 362 -56.30 -12.24 -21.56
CA ALA B 362 -55.24 -13.00 -22.19
C ALA B 362 -53.87 -12.44 -21.82
N GLY B 363 -53.61 -11.19 -22.17
CA GLY B 363 -52.33 -10.61 -21.81
C GLY B 363 -52.14 -10.44 -20.32
N LEU B 364 -53.24 -10.55 -19.57
CA LEU B 364 -53.17 -10.41 -18.12
C LEU B 364 -52.24 -11.45 -17.52
N VAL B 365 -52.26 -12.67 -18.08
CA VAL B 365 -51.35 -13.69 -17.55
C VAL B 365 -49.91 -13.27 -17.84
N VAL B 366 -49.68 -12.60 -18.97
CA VAL B 366 -48.33 -12.12 -19.26
C VAL B 366 -47.93 -11.11 -18.21
N ALA B 367 -48.85 -10.22 -17.87
CA ALA B 367 -48.57 -9.23 -16.84
C ALA B 367 -48.21 -9.94 -15.55
N CYS B 368 -48.92 -11.03 -15.24
CA CYS B 368 -48.61 -11.81 -14.05
C CYS B 368 -47.21 -12.38 -14.13
N SER B 369 -46.77 -12.71 -15.35
CA SER B 369 -45.44 -13.25 -15.56
C SER B 369 -44.36 -12.19 -15.46
N ILE B 370 -44.73 -10.92 -15.57
CA ILE B 370 -43.74 -9.85 -15.51
C ILE B 370 -42.96 -9.82 -14.19
N PRO B 371 -43.60 -9.90 -13.00
CA PRO B 371 -42.83 -9.84 -11.75
C PRO B 371 -41.70 -10.85 -11.62
N LEU B 372 -41.78 -11.96 -12.36
CA LEU B 372 -40.75 -12.97 -12.28
C LEU B 372 -39.38 -12.39 -12.61
N VAL B 373 -39.26 -11.75 -13.76
CA VAL B 373 -37.98 -11.15 -14.15
C VAL B 373 -37.58 -10.09 -13.14
N LEU B 374 -38.55 -9.44 -12.50
CA LEU B 374 -38.21 -8.43 -11.51
C LEU B 374 -37.49 -9.08 -10.34
N ALA B 375 -38.05 -10.16 -9.82
CA ALA B 375 -37.40 -10.84 -8.70
C ALA B 375 -36.03 -11.37 -9.12
N MET B 376 -35.92 -11.83 -10.36
CA MET B 376 -34.64 -12.35 -10.84
C MET B 376 -33.59 -11.25 -10.85
N VAL B 377 -33.92 -10.09 -11.41
CA VAL B 377 -32.94 -9.01 -11.43
C VAL B 377 -32.65 -8.56 -10.01
N PHE B 378 -33.63 -8.70 -9.10
CA PHE B 378 -33.39 -8.31 -7.72
C PHE B 378 -32.32 -9.19 -7.10
N VAL B 379 -32.46 -10.51 -7.28
CA VAL B 379 -31.45 -11.41 -6.73
C VAL B 379 -30.12 -11.15 -7.41
N PHE B 380 -30.15 -10.77 -8.69
CA PHE B 380 -28.91 -10.47 -9.38
C PHE B 380 -28.21 -9.31 -8.70
N MET B 381 -28.95 -8.23 -8.47
CA MET B 381 -28.38 -7.08 -7.77
C MET B 381 -27.85 -7.50 -6.42
N GLU B 382 -28.56 -8.41 -5.74
CA GLU B 382 -28.10 -8.90 -4.45
C GLU B 382 -26.71 -9.50 -4.58
N TYR B 383 -26.55 -10.43 -5.52
CA TYR B 383 -25.23 -11.05 -5.71
C TYR B 383 -24.19 -10.00 -6.02
N THR B 384 -24.55 -8.99 -6.80
CA THR B 384 -23.63 -7.93 -7.17
C THR B 384 -23.67 -6.75 -6.21
N ASP B 385 -24.46 -6.83 -5.14
CA ASP B 385 -24.60 -5.79 -4.12
C ASP B 385 -25.06 -4.46 -4.70
N ILE B 386 -25.58 -4.44 -5.93
CA ILE B 386 -26.02 -3.19 -6.51
C ILE B 386 -27.32 -2.80 -5.82
N THR B 387 -27.21 -1.93 -4.83
CA THR B 387 -28.37 -1.49 -4.06
C THR B 387 -29.32 -0.67 -4.93
N MET B 388 -30.42 -0.26 -4.32
CA MET B 388 -31.44 0.52 -5.00
C MET B 388 -31.18 2.01 -4.87
N GLN B 389 -31.70 2.76 -5.83
CA GLN B 389 -31.62 4.21 -5.93
C GLN B 389 -32.43 4.63 -7.13
N ARG B 390 -32.80 5.91 -7.15
CA ARG B 390 -33.61 6.47 -8.23
C ARG B 390 -33.22 5.99 -9.62
N VAL B 391 -31.96 6.20 -9.98
CA VAL B 391 -31.47 5.79 -11.31
C VAL B 391 -31.87 4.38 -11.68
N SER B 392 -31.60 3.42 -10.79
CA SER B 392 -31.96 2.04 -11.06
C SER B 392 -33.46 1.85 -11.22
N LEU B 393 -34.25 2.65 -10.50
CA LEU B 393 -35.70 2.54 -10.60
C LEU B 393 -36.11 2.97 -12.01
N GLY B 394 -35.56 4.08 -12.50
CA GLY B 394 -35.89 4.49 -13.84
C GLY B 394 -35.49 3.42 -14.85
N ALA B 395 -34.32 2.83 -14.63
CA ALA B 395 -33.86 1.76 -15.50
C ALA B 395 -34.84 0.60 -15.46
N LEU B 396 -35.36 0.30 -14.26
CA LEU B 396 -36.33 -0.77 -14.11
C LEU B 396 -37.56 -0.48 -14.95
N ILE B 397 -38.02 0.77 -14.93
CA ILE B 397 -39.20 1.13 -15.70
C ILE B 397 -38.95 0.88 -17.18
N ILE B 398 -37.82 1.37 -17.69
CA ILE B 398 -37.49 1.20 -19.11
C ILE B 398 -37.45 -0.28 -19.47
N ALA B 399 -36.70 -1.05 -18.70
CA ALA B 399 -36.55 -2.48 -18.97
C ALA B 399 -37.89 -3.20 -18.93
N LEU B 400 -38.72 -2.89 -17.94
CA LEU B 400 -40.00 -3.57 -17.84
C LEU B 400 -40.85 -3.26 -19.07
N GLY B 401 -40.84 -2.01 -19.52
CA GLY B 401 -41.61 -1.68 -20.70
C GLY B 401 -41.17 -2.49 -21.90
N LEU B 402 -39.86 -2.53 -22.15
CA LEU B 402 -39.34 -3.28 -23.31
C LEU B 402 -39.65 -4.77 -23.20
N LEU B 403 -39.38 -5.37 -22.05
CA LEU B 403 -39.60 -6.80 -21.89
C LEU B 403 -41.07 -7.16 -22.02
N VAL B 404 -41.95 -6.38 -21.40
CA VAL B 404 -43.36 -6.69 -21.52
C VAL B 404 -43.78 -6.51 -22.96
N ASP B 405 -43.15 -5.59 -23.68
CA ASP B 405 -43.47 -5.40 -25.08
C ASP B 405 -43.18 -6.68 -25.86
N ASP B 406 -41.98 -7.22 -25.69
CA ASP B 406 -41.61 -8.44 -26.40
C ASP B 406 -42.54 -9.61 -26.02
N ALA B 407 -42.75 -9.81 -24.72
CA ALA B 407 -43.59 -10.90 -24.29
C ALA B 407 -45.01 -10.77 -24.84
N MET B 408 -45.56 -9.57 -24.80
CA MET B 408 -46.92 -9.36 -25.28
C MET B 408 -47.02 -9.59 -26.78
N ILE B 409 -46.03 -9.13 -27.56
CA ILE B 409 -46.13 -9.36 -29.00
C ILE B 409 -46.04 -10.84 -29.29
N THR B 410 -45.23 -11.57 -28.52
CA THR B 410 -45.15 -13.01 -28.74
C THR B 410 -46.51 -13.65 -28.47
N VAL B 411 -47.10 -13.31 -27.32
CA VAL B 411 -48.40 -13.87 -26.97
C VAL B 411 -49.44 -13.51 -28.03
N GLU B 412 -49.39 -12.27 -28.53
CA GLU B 412 -50.35 -11.83 -29.52
C GLU B 412 -50.24 -12.65 -30.80
N MET B 413 -49.02 -12.80 -31.31
CA MET B 413 -48.87 -13.59 -32.53
C MET B 413 -49.30 -15.02 -32.29
N MET B 414 -49.06 -15.55 -31.09
CA MET B 414 -49.47 -16.91 -30.79
C MET B 414 -50.98 -17.05 -30.86
N ILE B 415 -51.69 -16.21 -30.10
CA ILE B 415 -53.14 -16.29 -30.06
C ILE B 415 -53.75 -16.01 -31.43
N THR B 416 -53.14 -15.11 -32.20
CA THR B 416 -53.69 -14.81 -33.52
C THR B 416 -53.52 -16.00 -34.46
N ARG B 417 -52.31 -16.54 -34.55
CA ARG B 417 -52.07 -17.68 -35.43
C ARG B 417 -52.92 -18.89 -35.00
N LEU B 418 -53.16 -19.04 -33.70
CA LEU B 418 -53.96 -20.17 -33.25
C LEU B 418 -55.45 -19.92 -33.48
N GLU B 419 -55.88 -18.66 -33.37
CA GLU B 419 -57.29 -18.34 -33.57
C GLU B 419 -57.68 -18.45 -35.02
N LEU B 420 -56.88 -17.87 -35.92
CA LEU B 420 -57.19 -17.93 -37.34
C LEU B 420 -57.18 -19.35 -37.87
N GLY B 421 -56.48 -20.27 -37.20
CA GLY B 421 -56.40 -21.64 -37.62
C GLY B 421 -56.77 -22.61 -36.50
N ASP B 422 -56.07 -23.73 -36.47
CA ASP B 422 -56.31 -24.76 -35.47
C ASP B 422 -56.00 -24.26 -34.07
N SER B 423 -56.74 -24.80 -33.10
CA SER B 423 -56.58 -24.46 -31.68
C SER B 423 -55.76 -25.56 -31.03
N LEU B 424 -54.44 -25.39 -31.04
CA LEU B 424 -53.57 -26.39 -30.44
C LEU B 424 -52.22 -25.77 -30.12
N HIS B 425 -51.58 -26.31 -29.07
CA HIS B 425 -50.24 -25.85 -28.72
C HIS B 425 -49.32 -26.03 -29.91
N ASP B 426 -49.42 -27.18 -30.57
CA ASP B 426 -48.62 -27.42 -31.75
C ASP B 426 -49.03 -26.50 -32.88
N SER B 427 -50.27 -25.99 -32.84
CA SER B 427 -50.77 -25.05 -33.83
C SER B 427 -50.22 -23.67 -33.62
N ALA B 428 -49.25 -23.66 -32.71
CA ALA B 428 -48.49 -22.48 -32.34
C ALA B 428 -47.00 -22.77 -32.21
N THR B 429 -46.60 -24.04 -32.14
CA THR B 429 -45.18 -24.37 -32.06
C THR B 429 -44.45 -23.85 -33.28
N TYR B 430 -45.12 -23.82 -34.43
CA TYR B 430 -44.48 -23.30 -35.63
C TYR B 430 -44.27 -21.80 -35.48
N ALA B 431 -45.23 -21.10 -34.87
CA ALA B 431 -45.06 -19.68 -34.64
C ALA B 431 -43.87 -19.45 -33.75
N TYR B 432 -43.71 -20.31 -32.73
CA TYR B 432 -42.57 -20.19 -31.83
C TYR B 432 -41.27 -20.39 -32.59
N THR B 433 -41.16 -21.54 -33.26
CA THR B 433 -39.97 -21.87 -34.02
C THR B 433 -39.63 -20.81 -35.05
N SER B 434 -40.64 -20.11 -35.57
CA SER B 434 -40.40 -19.09 -36.56
C SER B 434 -39.94 -17.77 -35.96
N THR B 435 -40.78 -17.16 -35.14
CA THR B 435 -40.47 -15.86 -34.54
C THR B 435 -39.57 -15.94 -33.33
N ALA B 436 -38.96 -17.08 -33.01
CA ALA B 436 -38.09 -17.12 -31.84
C ALA B 436 -36.83 -16.29 -32.04
N PHE B 437 -36.02 -16.65 -33.03
CA PHE B 437 -34.78 -15.94 -33.33
C PHE B 437 -34.95 -14.42 -33.41
N PRO B 438 -35.95 -13.87 -34.12
CA PRO B 438 -36.07 -12.40 -34.19
C PRO B 438 -36.10 -11.73 -32.82
N MET B 439 -36.83 -12.31 -31.87
CA MET B 439 -36.88 -11.73 -30.53
C MET B 439 -35.48 -11.60 -29.95
N LEU B 440 -34.72 -12.68 -30.01
CA LEU B 440 -33.36 -12.67 -29.49
C LEU B 440 -32.52 -11.61 -30.17
N THR B 441 -32.61 -11.55 -31.51
CA THR B 441 -31.84 -10.57 -32.27
C THR B 441 -32.15 -9.15 -31.81
N GLY B 442 -33.42 -8.77 -31.85
CA GLY B 442 -33.80 -7.42 -31.45
C GLY B 442 -33.39 -7.09 -30.03
N THR B 443 -33.62 -8.01 -29.11
CA THR B 443 -33.27 -7.78 -27.72
C THR B 443 -31.76 -7.54 -27.57
N LEU B 444 -30.95 -8.39 -28.19
CA LEU B 444 -29.51 -8.21 -28.08
C LEU B 444 -29.08 -6.91 -28.73
N VAL B 445 -29.72 -6.53 -29.84
CA VAL B 445 -29.37 -5.28 -30.49
C VAL B 445 -29.64 -4.11 -29.55
N THR B 446 -30.77 -4.17 -28.85
CA THR B 446 -31.09 -3.10 -27.92
C THR B 446 -30.09 -3.05 -26.77
N VAL B 447 -29.70 -4.21 -26.24
CA VAL B 447 -28.72 -4.18 -25.16
C VAL B 447 -27.42 -3.60 -25.67
N ALA B 448 -27.09 -3.87 -26.93
CA ALA B 448 -25.88 -3.32 -27.52
C ALA B 448 -25.97 -1.81 -27.58
N GLY B 449 -27.11 -1.30 -28.04
CA GLY B 449 -27.31 0.14 -28.09
C GLY B 449 -27.22 0.76 -26.72
N PHE B 450 -27.55 0.00 -25.68
CA PHE B 450 -27.47 0.53 -24.33
C PHE B 450 -26.04 0.56 -23.82
N VAL B 451 -25.24 -0.42 -24.20
CA VAL B 451 -23.84 -0.58 -23.80
C VAL B 451 -23.01 0.70 -23.70
N PRO B 452 -22.97 1.58 -24.74
CA PRO B 452 -22.13 2.79 -24.66
C PRO B 452 -22.09 3.50 -23.32
N ILE B 453 -23.25 3.81 -22.76
CA ILE B 453 -23.29 4.51 -21.49
C ILE B 453 -22.60 3.74 -20.38
N GLY B 454 -22.41 2.43 -20.56
CA GLY B 454 -21.78 1.64 -19.53
C GLY B 454 -20.29 1.40 -19.73
N LEU B 455 -19.57 2.35 -20.32
CA LEU B 455 -18.15 2.16 -20.52
C LEU B 455 -17.28 3.37 -20.23
N ASN B 456 -17.85 4.57 -20.10
CA ASN B 456 -17.02 5.74 -19.83
C ASN B 456 -16.41 5.70 -18.44
N ALA B 457 -15.15 6.12 -18.34
CA ALA B 457 -14.45 6.16 -17.08
C ALA B 457 -14.66 7.50 -16.37
N SER B 458 -15.47 8.38 -16.95
CA SER B 458 -15.72 9.68 -16.37
C SER B 458 -16.45 9.55 -15.04
N SER B 459 -16.48 10.66 -14.30
CA SER B 459 -17.17 10.67 -13.01
C SER B 459 -18.66 10.43 -13.18
N ALA B 460 -19.20 10.76 -14.36
CA ALA B 460 -20.63 10.56 -14.59
C ALA B 460 -20.96 9.10 -14.84
N GLY B 461 -20.01 8.33 -15.36
CA GLY B 461 -20.26 6.92 -15.63
C GLY B 461 -20.72 6.12 -14.43
N GLU B 462 -20.54 6.66 -13.23
CA GLU B 462 -20.96 5.93 -12.03
C GLU B 462 -22.47 5.73 -12.02
N TYR B 463 -23.22 6.84 -12.12
CA TYR B 463 -24.67 6.75 -12.12
C TYR B 463 -25.18 5.91 -13.29
N THR B 464 -24.46 5.92 -14.40
CA THR B 464 -24.87 5.17 -15.57
C THR B 464 -24.61 3.67 -15.43
N PHE B 465 -23.59 3.29 -14.67
CA PHE B 465 -23.25 1.89 -14.50
C PHE B 465 -24.43 1.08 -13.98
N THR B 466 -25.11 1.62 -12.96
CA THR B 466 -26.24 0.91 -12.37
C THR B 466 -27.32 0.64 -13.40
N LEU B 467 -27.80 1.69 -14.05
CA LEU B 467 -28.86 1.52 -15.04
C LEU B 467 -28.43 0.59 -16.16
N PHE B 468 -27.15 0.62 -16.54
CA PHE B 468 -26.70 -0.26 -17.60
C PHE B 468 -26.83 -1.71 -17.17
N ALA B 469 -26.32 -2.03 -15.98
CA ALA B 469 -26.43 -3.41 -15.51
C ALA B 469 -27.89 -3.84 -15.41
N VAL B 470 -28.73 -2.96 -14.88
CA VAL B 470 -30.15 -3.26 -14.74
C VAL B 470 -30.76 -3.61 -16.09
N ILE B 471 -30.64 -2.69 -17.05
CA ILE B 471 -31.22 -2.90 -18.38
C ILE B 471 -30.71 -4.20 -19.00
N ALA B 472 -29.39 -4.42 -18.97
CA ALA B 472 -28.82 -5.60 -19.58
C ALA B 472 -29.39 -6.89 -18.99
N VAL B 473 -29.19 -7.10 -17.70
CA VAL B 473 -29.67 -8.32 -17.06
C VAL B 473 -31.16 -8.49 -17.26
N ALA B 474 -31.92 -7.41 -17.06
CA ALA B 474 -33.37 -7.49 -17.20
C ALA B 474 -33.76 -7.95 -18.59
N LEU B 475 -33.22 -7.33 -19.63
CA LEU B 475 -33.58 -7.70 -21.00
C LEU B 475 -33.24 -9.15 -21.30
N LEU B 476 -32.03 -9.59 -20.93
CA LEU B 476 -31.67 -10.97 -21.23
C LEU B 476 -32.59 -11.95 -20.53
N LEU B 477 -32.75 -11.80 -19.21
CA LEU B 477 -33.64 -12.71 -18.48
C LEU B 477 -35.05 -12.62 -19.02
N SER B 478 -35.44 -11.46 -19.52
CA SER B 478 -36.79 -11.30 -20.07
C SER B 478 -36.96 -12.16 -21.31
N TRP B 479 -35.97 -12.14 -22.20
CA TRP B 479 -36.10 -12.95 -23.40
C TRP B 479 -36.16 -14.43 -23.05
N ILE B 480 -35.31 -14.87 -22.11
CA ILE B 480 -35.35 -16.29 -21.75
C ILE B 480 -36.69 -16.63 -21.12
N VAL B 481 -37.26 -15.72 -20.35
CA VAL B 481 -38.56 -15.99 -19.73
C VAL B 481 -39.64 -16.10 -20.79
N ALA B 482 -39.64 -15.16 -21.74
CA ALA B 482 -40.65 -15.17 -22.79
C ALA B 482 -40.57 -16.46 -23.59
N VAL B 483 -39.36 -16.94 -23.89
CA VAL B 483 -39.24 -18.16 -24.67
C VAL B 483 -39.37 -19.43 -23.84
N LEU B 484 -39.36 -19.34 -22.51
CA LEU B 484 -39.47 -20.54 -21.70
C LEU B 484 -40.71 -20.61 -20.82
N PHE B 485 -41.62 -19.65 -20.90
CA PHE B 485 -42.79 -19.75 -20.04
C PHE B 485 -44.09 -19.61 -20.80
N ALA B 486 -44.07 -18.87 -21.90
CA ALA B 486 -45.29 -18.71 -22.71
C ALA B 486 -46.04 -20.01 -22.97
N PRO B 487 -45.39 -21.16 -23.20
CA PRO B 487 -46.16 -22.39 -23.46
C PRO B 487 -47.14 -22.80 -22.37
N VAL B 488 -46.65 -23.04 -21.16
CA VAL B 488 -47.53 -23.47 -20.08
C VAL B 488 -48.61 -22.44 -19.82
N ILE B 489 -48.22 -21.17 -19.71
CA ILE B 489 -49.17 -20.10 -19.46
C ILE B 489 -50.29 -20.12 -20.49
N ALA B 490 -49.97 -20.48 -21.72
CA ALA B 490 -50.99 -20.54 -22.75
C ALA B 490 -51.84 -21.79 -22.61
N VAL B 491 -51.19 -22.95 -22.50
CA VAL B 491 -51.86 -24.24 -22.38
C VAL B 491 -52.77 -24.34 -21.18
N HIS B 492 -52.68 -23.41 -20.23
CA HIS B 492 -53.55 -23.53 -19.06
C HIS B 492 -54.51 -22.38 -18.84
N ILE B 493 -54.24 -21.19 -19.35
CA ILE B 493 -55.15 -20.07 -19.11
C ILE B 493 -55.63 -19.48 -20.42
N LEU B 494 -55.80 -20.31 -21.45
CA LEU B 494 -56.24 -19.73 -22.70
C LEU B 494 -57.34 -20.55 -23.35
N PRO B 495 -58.33 -19.89 -23.93
CA PRO B 495 -59.43 -20.60 -24.61
C PRO B 495 -59.00 -21.16 -25.95
N LYS B 496 -59.95 -21.67 -26.72
CA LYS B 496 -59.67 -22.26 -28.01
C LYS B 496 -59.71 -21.20 -29.12
N THR B 497 -59.71 -21.65 -30.37
CA THR B 497 -59.72 -20.76 -31.52
C THR B 497 -61.10 -20.12 -31.70
N LEU B 498 -61.19 -19.29 -32.74
CA LEU B 498 -62.41 -18.58 -33.10
C LEU B 498 -62.30 -18.23 -34.59
N LYS B 499 -63.17 -17.34 -35.05
CA LYS B 499 -63.18 -16.89 -36.44
C LYS B 499 -62.69 -15.46 -36.52
N HIS B 500 -61.98 -15.15 -37.61
CA HIS B 500 -61.41 -13.83 -37.81
C HIS B 500 -62.46 -12.74 -37.73
N LYS B 501 -62.09 -11.62 -37.10
CA LYS B 501 -62.90 -10.44 -36.89
C LYS B 501 -62.01 -9.37 -36.27
N SER B 502 -62.30 -8.12 -36.58
CA SER B 502 -61.53 -7.00 -36.07
C SER B 502 -62.44 -5.98 -35.39
N GLU B 503 -61.92 -5.34 -34.36
CA GLU B 503 -62.68 -4.34 -33.63
C GLU B 503 -63.08 -3.20 -34.56
N GLN B 504 -64.39 -3.04 -34.76
CA GLN B 504 -64.88 -2.01 -35.67
C GLN B 504 -64.50 -0.60 -35.24
N LYS B 505 -64.24 -0.36 -33.95
CA LYS B 505 -63.84 0.98 -33.53
C LYS B 505 -62.58 1.40 -34.25
N LYS B 506 -61.63 0.48 -34.40
CA LYS B 506 -60.41 0.74 -35.14
C LYS B 506 -60.64 0.65 -36.64
N GLY B 507 -61.89 0.43 -37.05
CA GLY B 507 -62.19 0.32 -38.47
C GLY B 507 -61.88 1.59 -39.23
N ARG B 508 -62.31 2.74 -38.69
CA ARG B 508 -62.01 4.00 -39.36
C ARG B 508 -60.52 4.26 -39.40
N ILE B 509 -59.81 3.87 -38.34
CA ILE B 509 -58.37 4.04 -38.30
C ILE B 509 -57.73 3.19 -39.39
N ALA B 510 -58.26 1.98 -39.59
CA ALA B 510 -57.75 1.11 -40.63
C ALA B 510 -58.03 1.70 -42.00
N GLU B 511 -59.20 2.32 -42.16
CA GLU B 511 -59.54 2.95 -43.42
C GLU B 511 -58.52 4.03 -43.75
N ARG B 512 -58.26 4.91 -42.78
CA ARG B 512 -57.30 5.99 -42.98
C ARG B 512 -55.91 5.43 -43.26
N PHE B 513 -55.49 4.40 -42.51
CA PHE B 513 -54.17 3.83 -42.69
C PHE B 513 -54.00 3.21 -44.08
N ASP B 514 -54.94 2.37 -44.48
CA ASP B 514 -54.82 1.75 -45.80
C ASP B 514 -54.88 2.81 -46.89
N SER B 515 -55.74 3.82 -46.73
CA SER B 515 -55.83 4.86 -47.73
C SER B 515 -54.52 5.61 -47.86
N LEU B 516 -53.94 6.04 -46.72
CA LEU B 516 -52.67 6.75 -46.77
C LEU B 516 -51.58 5.86 -47.33
N LEU B 517 -51.67 4.55 -47.09
CA LEU B 517 -50.67 3.63 -47.63
C LEU B 517 -50.76 3.64 -49.16
N HIS B 518 -51.97 3.50 -49.68
CA HIS B 518 -52.15 3.50 -51.12
C HIS B 518 -51.66 4.82 -51.72
N LEU B 519 -51.99 5.93 -51.06
CA LEU B 519 -51.56 7.24 -51.56
C LEU B 519 -50.05 7.35 -51.54
N ALA B 520 -49.41 6.89 -50.46
CA ALA B 520 -47.95 6.93 -50.39
C ALA B 520 -47.36 6.12 -51.53
N MET B 521 -48.03 5.03 -51.89
CA MET B 521 -47.54 4.23 -53.01
C MET B 521 -47.81 4.93 -54.34
N ARG B 522 -48.81 5.81 -54.37
CA ARG B 522 -49.12 6.52 -55.61
C ARG B 522 -47.96 7.40 -56.06
N ARG B 523 -47.28 8.04 -55.10
CA ARG B 523 -46.15 8.92 -55.40
C ARG B 523 -45.06 8.64 -54.38
N ARG B 524 -44.14 7.73 -54.74
CA ARG B 524 -43.05 7.38 -53.85
C ARG B 524 -42.05 8.52 -53.72
N TRP B 525 -41.69 9.14 -54.85
CA TRP B 525 -40.71 10.23 -54.82
C TRP B 525 -41.17 11.36 -53.90
N THR B 526 -42.47 11.59 -53.80
CA THR B 526 -42.96 12.64 -52.92
C THR B 526 -42.61 12.33 -51.47
N THR B 527 -42.75 11.07 -51.06
CA THR B 527 -42.40 10.69 -49.70
C THR B 527 -40.92 10.92 -49.43
N ILE B 528 -40.08 10.60 -50.41
CA ILE B 528 -38.65 10.80 -50.25
C ILE B 528 -38.34 12.28 -50.10
N PHE B 529 -39.01 13.11 -50.91
CA PHE B 529 -38.81 14.54 -50.83
C PHE B 529 -39.19 15.07 -49.46
N LEU B 530 -40.34 14.62 -48.95
CA LEU B 530 -40.81 15.05 -47.64
C LEU B 530 -39.83 14.63 -46.56
N THR B 531 -39.36 13.38 -46.61
CA THR B 531 -38.41 12.90 -45.63
C THR B 531 -37.13 13.73 -45.65
N ALA B 532 -36.63 14.01 -46.85
CA ALA B 532 -35.41 14.79 -46.99
C ALA B 532 -35.57 16.17 -46.36
N LEU B 533 -36.64 16.88 -46.74
CA LEU B 533 -36.84 18.22 -46.18
C LEU B 533 -37.02 18.18 -44.67
N LEU B 534 -37.75 17.19 -44.16
CA LEU B 534 -37.97 17.10 -42.72
C LEU B 534 -36.67 16.89 -41.97
N PHE B 535 -35.89 15.89 -42.38
CA PHE B 535 -34.63 15.63 -41.71
C PHE B 535 -33.70 16.82 -41.80
N GLY B 536 -33.66 17.47 -42.97
CA GLY B 536 -32.80 18.62 -43.14
C GLY B 536 -33.17 19.76 -42.20
N VAL B 537 -34.46 20.13 -42.19
CA VAL B 537 -34.87 21.23 -41.32
C VAL B 537 -34.65 20.87 -39.86
N SER B 538 -34.77 19.59 -39.51
CA SER B 538 -34.53 19.20 -38.13
C SER B 538 -33.08 19.47 -37.75
N LEU B 539 -32.15 18.88 -38.51
CA LEU B 539 -30.74 19.10 -38.23
C LEU B 539 -30.41 20.58 -38.27
N PHE B 540 -31.12 21.33 -39.09
CA PHE B 540 -30.89 22.77 -39.19
C PHE B 540 -31.27 23.48 -37.89
N LEU B 541 -32.50 23.26 -37.44
CA LEU B 541 -32.99 23.88 -36.20
C LEU B 541 -32.22 23.42 -34.97
N MET B 542 -31.44 22.34 -35.08
CA MET B 542 -30.68 21.85 -33.94
C MET B 542 -29.76 22.89 -33.29
N LYS B 543 -29.34 23.92 -34.04
CA LYS B 543 -28.38 24.89 -33.51
C LYS B 543 -28.82 25.57 -32.21
N PHE B 544 -29.92 26.32 -32.24
CA PHE B 544 -30.33 27.03 -31.02
C PHE B 544 -30.82 26.13 -29.90
N VAL B 545 -30.86 24.81 -30.09
CA VAL B 545 -31.30 23.94 -29.00
C VAL B 545 -30.28 24.05 -27.88
N GLN B 546 -30.71 24.51 -26.72
CA GLN B 546 -29.80 24.67 -25.60
C GLN B 546 -29.53 23.35 -24.89
N HIS B 547 -28.32 23.25 -24.31
CA HIS B 547 -27.87 22.07 -23.60
C HIS B 547 -27.47 22.42 -22.18
N GLN B 548 -27.74 21.51 -21.26
CA GLN B 548 -27.35 21.67 -19.86
C GLN B 548 -26.86 20.32 -19.37
N PHE B 549 -25.80 20.34 -18.57
CA PHE B 549 -25.24 19.08 -18.09
C PHE B 549 -25.98 18.54 -16.87
N PHE B 550 -26.43 19.40 -15.97
CA PHE B 550 -27.09 18.84 -14.80
C PHE B 550 -28.18 19.75 -14.27
N PRO B 551 -29.27 19.17 -13.79
CA PRO B 551 -30.35 19.97 -13.20
C PRO B 551 -30.01 20.18 -11.74
N SER B 552 -30.92 20.76 -10.97
CA SER B 552 -30.67 20.96 -9.56
C SER B 552 -31.26 19.81 -8.77
N SER B 553 -31.29 19.95 -7.45
CA SER B 553 -31.83 18.94 -6.56
C SER B 553 -33.07 19.48 -5.88
N ASP B 554 -34.16 18.72 -5.92
CA ASP B 554 -35.43 19.11 -5.32
C ASP B 554 -35.42 19.06 -3.83
N ARG B 555 -34.27 18.81 -3.21
CA ARG B 555 -34.19 18.73 -1.77
C ARG B 555 -34.75 20.01 -1.14
N PRO B 556 -35.61 19.89 -0.13
CA PRO B 556 -36.17 21.10 0.51
C PRO B 556 -35.14 21.94 1.24
N GLU B 557 -33.88 21.56 1.21
CA GLU B 557 -32.83 22.34 1.87
C GLU B 557 -32.31 23.41 0.93
N LEU B 558 -31.76 24.47 1.53
CA LEU B 558 -31.22 25.58 0.76
C LEU B 558 -30.07 26.18 1.53
N LEU B 559 -29.13 26.80 0.82
CA LEU B 559 -28.00 27.41 1.51
C LEU B 559 -27.73 28.77 0.92
N VAL B 560 -27.02 29.60 1.68
CA VAL B 560 -26.66 30.94 1.24
C VAL B 560 -25.26 31.24 1.71
N ASP B 561 -24.46 31.85 0.84
CA ASP B 561 -23.10 32.19 1.17
C ASP B 561 -22.88 33.69 1.08
N LEU B 562 -21.97 34.18 1.91
CA LEU B 562 -21.63 35.59 1.97
C LEU B 562 -20.12 35.74 2.02
N ASN B 563 -19.63 36.81 1.41
CA ASN B 563 -18.21 37.10 1.37
C ASN B 563 -18.07 38.60 1.57
N LEU B 564 -17.24 38.97 2.54
CA LEU B 564 -17.00 40.36 2.86
C LEU B 564 -16.01 40.96 1.86
N PRO B 565 -16.08 42.28 1.61
CA PRO B 565 -15.15 42.90 0.65
C PRO B 565 -13.69 42.64 0.96
N GLN B 566 -13.26 42.96 2.17
CA GLN B 566 -11.89 42.74 2.58
C GLN B 566 -11.87 41.91 3.86
N ASN B 567 -10.69 41.39 4.18
CA ASN B 567 -10.54 40.58 5.37
C ASN B 567 -10.53 41.48 6.61
N SER B 568 -11.36 41.12 7.59
CA SER B 568 -11.45 41.85 8.82
C SER B 568 -11.50 40.84 9.95
N SER B 569 -11.74 41.32 11.16
CA SER B 569 -11.83 40.39 12.28
C SER B 569 -13.09 39.55 12.10
N ILE B 570 -12.99 38.28 12.52
CA ILE B 570 -14.13 37.39 12.41
C ILE B 570 -15.35 37.98 13.11
N HIS B 571 -15.12 38.92 14.03
CA HIS B 571 -16.21 39.56 14.74
C HIS B 571 -17.16 40.24 13.75
N GLU B 572 -16.62 40.85 12.69
CA GLU B 572 -17.47 41.51 11.71
C GLU B 572 -18.32 40.48 10.97
N THR B 573 -17.74 39.32 10.67
CA THR B 573 -18.50 38.27 10.02
C THR B 573 -19.65 37.84 10.90
N ARG B 574 -19.37 37.65 12.19
CA ARG B 574 -20.42 37.28 13.13
C ARG B 574 -21.47 38.37 13.23
N ALA B 575 -21.05 39.63 13.08
CA ALA B 575 -21.99 40.75 13.15
C ALA B 575 -22.99 40.65 12.01
N VAL B 576 -22.48 40.51 10.79
CA VAL B 576 -23.38 40.37 9.64
C VAL B 576 -24.25 39.14 9.82
N MET B 577 -23.67 38.07 10.34
CA MET B 577 -24.41 36.84 10.56
C MET B 577 -25.60 37.06 11.48
N ASP B 578 -25.34 37.60 12.68
CA ASP B 578 -26.42 37.82 13.63
C ASP B 578 -27.45 38.80 13.09
N ARG B 579 -27.03 39.79 12.32
CA ARG B 579 -28.01 40.72 11.77
C ARG B 579 -28.95 39.98 10.83
N LEU B 580 -28.38 39.20 9.91
CA LEU B 580 -29.21 38.43 8.99
C LEU B 580 -30.10 37.47 9.74
N GLU B 581 -29.59 36.89 10.83
CA GLU B 581 -30.37 35.97 11.64
C GLU B 581 -31.56 36.68 12.26
N ALA B 582 -31.31 37.82 12.89
CA ALA B 582 -32.38 38.59 13.49
C ALA B 582 -33.42 38.97 12.45
N THR B 583 -32.99 39.13 11.19
CA THR B 583 -33.94 39.45 10.14
C THR B 583 -34.88 38.28 9.89
N LEU B 584 -34.33 37.08 9.75
CA LEU B 584 -35.13 35.87 9.49
C LEU B 584 -35.14 34.98 10.73
N LYS B 585 -36.18 35.11 11.54
CA LYS B 585 -36.31 34.26 12.71
C LYS B 585 -37.75 33.86 12.98
N ASP B 586 -38.70 34.27 12.15
CA ASP B 586 -40.09 33.92 12.34
C ASP B 586 -40.80 34.09 11.01
N ASP B 587 -41.13 32.98 10.36
CA ASP B 587 -41.82 32.95 9.09
C ASP B 587 -42.09 31.50 8.75
N GLU B 588 -43.05 31.28 7.86
CA GLU B 588 -43.38 29.93 7.45
C GLU B 588 -42.26 29.36 6.59
N ASP B 589 -42.14 28.03 6.60
CA ASP B 589 -41.11 27.29 5.87
C ASP B 589 -39.72 27.62 6.38
N ILE B 590 -39.61 28.30 7.50
CA ILE B 590 -38.33 28.69 8.08
C ILE B 590 -38.14 27.88 9.36
N ASP B 591 -37.29 26.86 9.30
CA ASP B 591 -37.00 26.01 10.44
C ASP B 591 -35.72 25.24 10.12
N HIS B 592 -35.07 24.75 11.19
CA HIS B 592 -33.83 24.01 11.06
C HIS B 592 -32.82 24.78 10.22
N TRP B 593 -32.46 25.96 10.74
CA TRP B 593 -31.52 26.84 10.08
C TRP B 593 -30.32 27.05 11.00
N SER B 594 -29.13 26.88 10.44
CA SER B 594 -27.89 27.03 11.21
C SER B 594 -26.91 27.91 10.45
N ALA B 595 -25.93 28.41 11.19
CA ALA B 595 -24.89 29.29 10.67
C ALA B 595 -23.55 28.55 10.59
N TYR B 596 -22.60 29.20 9.94
CA TYR B 596 -21.25 28.67 9.76
C TYR B 596 -20.34 29.87 9.60
N VAL B 597 -19.49 30.12 10.58
CA VAL B 597 -18.57 31.24 10.56
C VAL B 597 -17.16 30.70 10.38
N GLY B 598 -16.66 30.74 9.14
CA GLY B 598 -15.32 30.29 8.82
C GLY B 598 -15.24 28.98 8.08
N GLU B 599 -16.25 28.13 8.18
CA GLU B 599 -16.20 26.84 7.49
C GLU B 599 -17.58 26.21 7.46
N GLY B 600 -17.88 25.51 6.37
CA GLY B 600 -19.15 24.85 6.22
C GLY B 600 -18.97 23.34 6.20
N ALA B 601 -19.66 22.64 7.10
CA ALA B 601 -19.54 21.18 7.16
C ALA B 601 -20.06 20.55 5.87
N ILE B 602 -19.94 19.23 5.75
CA ILE B 602 -20.36 18.52 4.55
C ILE B 602 -21.50 17.57 4.89
N ARG B 603 -22.60 17.69 4.14
CA ARG B 603 -23.76 16.83 4.33
C ARG B 603 -23.60 15.56 3.50
N PHE B 604 -23.49 15.73 2.18
CA PHE B 604 -23.30 14.65 1.24
C PHE B 604 -22.14 15.01 0.34
N TYR B 605 -21.77 14.09 -0.54
CA TYR B 605 -20.70 14.36 -1.47
C TYR B 605 -21.17 15.23 -2.62
N LEU B 606 -22.35 15.85 -2.47
CA LEU B 606 -22.87 16.70 -3.54
C LEU B 606 -22.06 17.99 -3.68
N PRO B 607 -21.97 18.86 -2.66
CA PRO B 607 -21.20 20.09 -2.84
C PRO B 607 -19.77 20.02 -2.32
N LEU B 608 -19.03 21.08 -2.60
CA LEU B 608 -17.67 21.26 -2.14
C LEU B 608 -17.76 22.12 -0.88
N ASP B 609 -16.64 22.62 -0.37
CA ASP B 609 -16.70 23.43 0.83
C ASP B 609 -15.46 24.29 0.96
N GLN B 610 -15.66 25.61 1.07
CA GLN B 610 -14.55 26.52 1.27
C GLN B 610 -13.99 26.19 2.65
N GLN B 611 -12.77 25.66 2.69
CA GLN B 611 -12.19 25.24 3.95
C GLN B 611 -12.01 26.29 5.02
N LEU B 612 -11.12 27.26 4.81
CA LEU B 612 -10.88 28.28 5.83
C LEU B 612 -10.73 29.65 5.18
N GLN B 613 -11.85 30.34 5.02
CA GLN B 613 -11.90 31.67 4.45
C GLN B 613 -12.81 32.50 5.34
N ASN B 614 -12.58 32.37 6.64
CA ASN B 614 -13.35 33.08 7.64
C ASN B 614 -13.51 34.56 7.30
N ASN B 615 -12.39 35.25 7.12
CA ASN B 615 -12.39 36.66 6.80
C ASN B 615 -12.99 36.96 5.43
N PHE B 616 -13.34 35.94 4.65
CA PHE B 616 -13.93 36.16 3.34
C PHE B 616 -15.03 35.16 3.00
N TYR B 617 -15.55 34.39 3.95
CA TYR B 617 -16.57 33.41 3.58
C TYR B 617 -17.40 33.02 4.78
N GLY B 618 -18.70 32.83 4.55
CA GLY B 618 -19.64 32.44 5.57
C GLY B 618 -20.70 31.54 4.97
N GLN B 619 -21.48 30.89 5.84
CA GLN B 619 -22.51 30.00 5.32
C GLN B 619 -23.74 30.00 6.22
N LEU B 620 -24.90 29.81 5.60
CA LEU B 620 -26.16 29.73 6.33
C LEU B 620 -27.02 28.68 5.65
N VAL B 621 -27.35 27.63 6.38
CA VAL B 621 -28.18 26.54 5.86
C VAL B 621 -29.58 26.69 6.43
N ILE B 622 -30.58 26.53 5.57
CA ILE B 622 -31.97 26.65 5.99
C ILE B 622 -32.75 25.48 5.43
N VAL B 623 -33.77 25.07 6.17
CA VAL B 623 -34.64 23.97 5.79
C VAL B 623 -36.05 24.51 5.56
N THR B 624 -36.62 24.17 4.41
CA THR B 624 -37.96 24.63 4.08
C THR B 624 -38.97 23.54 4.41
N LYS B 625 -40.25 23.89 4.32
CA LYS B 625 -41.28 22.91 4.63
C LYS B 625 -41.59 22.02 3.42
N ASP B 626 -41.90 22.63 2.28
CA ASP B 626 -42.22 21.84 1.09
C ASP B 626 -41.41 22.26 -0.12
N LEU B 627 -41.10 23.54 -0.24
CA LEU B 627 -40.35 24.02 -1.40
C LEU B 627 -39.67 25.34 -1.07
N GLU B 628 -38.37 25.42 -1.37
CA GLU B 628 -37.64 26.65 -1.12
C GLU B 628 -38.23 27.79 -1.95
N ALA B 629 -38.78 27.46 -3.11
CA ALA B 629 -39.40 28.43 -3.99
C ALA B 629 -40.92 28.45 -3.84
N ARG B 630 -41.45 27.74 -2.84
CA ARG B 630 -42.89 27.72 -2.61
C ARG B 630 -43.42 29.14 -2.59
N GLU B 631 -42.84 29.98 -1.72
CA GLU B 631 -43.15 31.39 -1.63
C GLU B 631 -41.96 32.19 -2.12
N ARG B 632 -41.09 31.55 -2.91
CA ARG B 632 -39.89 32.18 -3.46
C ARG B 632 -39.01 32.70 -2.33
N VAL B 633 -38.84 31.88 -1.29
CA VAL B 633 -38.02 32.26 -0.15
C VAL B 633 -36.67 32.76 -0.63
N ALA B 634 -36.13 32.13 -1.66
CA ALA B 634 -34.84 32.56 -2.20
C ALA B 634 -34.94 33.98 -2.74
N ALA B 635 -36.02 34.28 -3.45
CA ALA B 635 -36.19 35.63 -3.99
C ALA B 635 -36.36 36.64 -2.86
N ARG B 636 -37.10 36.26 -1.83
CA ARG B 636 -37.27 37.16 -0.69
C ARG B 636 -35.93 37.44 -0.04
N LEU B 637 -35.09 36.41 0.06
CA LEU B 637 -33.76 36.59 0.65
C LEU B 637 -32.91 37.48 -0.25
N ARG B 638 -33.06 37.35 -1.56
CA ARG B 638 -32.30 38.19 -2.47
C ARG B 638 -32.69 39.64 -2.28
N ASP B 639 -33.99 39.91 -2.15
CA ASP B 639 -34.43 41.28 -1.93
C ASP B 639 -33.93 41.77 -0.58
N ARG B 640 -33.91 40.88 0.42
CA ARG B 640 -33.41 41.25 1.74
C ARG B 640 -31.96 41.71 1.65
N LEU B 641 -31.11 40.87 1.06
CA LEU B 641 -29.70 41.24 0.93
C LEU B 641 -29.54 42.47 0.06
N ARG B 642 -30.44 42.68 -0.90
CA ARG B 642 -30.35 43.87 -1.73
C ARG B 642 -30.56 45.10 -0.87
N LYS B 643 -31.61 45.08 -0.04
CA LYS B 643 -31.86 46.19 0.87
C LYS B 643 -30.83 46.25 1.97
N ASP B 644 -30.03 45.20 2.13
CA ASP B 644 -28.99 45.13 3.14
C ASP B 644 -27.80 45.98 2.71
N TYR B 645 -26.78 46.02 3.58
CA TYR B 645 -25.58 46.80 3.32
C TYR B 645 -24.96 46.45 1.98
N VAL B 646 -24.35 47.46 1.35
CA VAL B 646 -23.69 47.36 0.06
C VAL B 646 -22.32 46.75 0.20
N GLY B 647 -21.71 46.39 -0.93
CA GLY B 647 -20.37 45.82 -0.94
C GLY B 647 -20.24 44.51 -0.20
N ILE B 648 -21.32 43.75 -0.07
CA ILE B 648 -21.30 42.47 0.62
C ILE B 648 -21.68 41.42 -0.41
N SER B 649 -20.69 40.69 -0.91
CA SER B 649 -20.97 39.67 -1.91
C SER B 649 -21.86 38.60 -1.27
N THR B 650 -22.92 38.23 -1.99
CA THR B 650 -23.83 37.23 -1.47
C THR B 650 -24.37 36.40 -2.62
N TYR B 651 -24.73 35.16 -2.31
CA TYR B 651 -25.27 34.30 -3.35
C TYR B 651 -26.13 33.20 -2.75
N VAL B 652 -27.28 32.97 -3.37
CA VAL B 652 -28.22 31.95 -2.94
C VAL B 652 -27.83 30.64 -3.61
N GLN B 653 -28.25 29.53 -3.03
CA GLN B 653 -27.87 28.29 -3.68
C GLN B 653 -28.76 27.10 -3.34
N PRO B 654 -29.42 26.54 -4.33
CA PRO B 654 -30.22 25.33 -4.12
C PRO B 654 -29.28 24.17 -4.37
N LEU B 655 -29.31 23.13 -3.53
CA LEU B 655 -28.41 22.00 -3.69
C LEU B 655 -28.47 21.47 -5.12
N GLU B 656 -27.31 21.06 -5.61
CA GLU B 656 -27.14 20.56 -6.97
C GLU B 656 -26.83 19.07 -6.97
N MET B 657 -27.41 18.37 -7.94
CA MET B 657 -27.22 16.93 -8.11
C MET B 657 -26.16 16.68 -9.17
N GLY B 658 -25.13 15.92 -8.80
CA GLY B 658 -24.06 15.61 -9.71
C GLY B 658 -22.71 16.01 -9.16
N PRO B 659 -21.65 15.83 -9.95
CA PRO B 659 -20.31 16.20 -9.50
C PRO B 659 -20.23 17.69 -9.22
N PRO B 660 -19.55 18.09 -8.15
CA PRO B 660 -19.47 19.52 -7.83
C PRO B 660 -18.87 20.33 -8.96
N VAL B 661 -19.43 21.52 -9.16
CA VAL B 661 -18.99 22.43 -10.20
C VAL B 661 -18.78 23.84 -9.69
N GLY B 662 -18.96 24.09 -8.40
CA GLY B 662 -18.79 25.42 -7.86
C GLY B 662 -19.75 26.40 -8.49
N ARG B 663 -19.29 27.62 -8.70
CA ARG B 663 -20.14 28.63 -9.31
C ARG B 663 -20.49 28.20 -10.74
N PRO B 664 -21.68 28.55 -11.20
CA PRO B 664 -22.08 28.13 -12.56
C PRO B 664 -21.23 28.74 -13.65
N ILE B 665 -20.77 29.98 -13.51
CA ILE B 665 -19.96 30.63 -14.53
C ILE B 665 -18.76 31.30 -13.90
N GLN B 666 -17.57 30.91 -14.35
CA GLN B 666 -16.31 31.46 -13.87
C GLN B 666 -15.33 31.58 -15.03
N TYR B 667 -14.22 32.26 -14.74
CA TYR B 667 -13.16 32.46 -15.72
C TYR B 667 -11.86 32.63 -14.96
N ARG B 668 -10.79 32.05 -15.49
CA ARG B 668 -9.48 32.14 -14.86
C ARG B 668 -8.53 32.91 -15.77
N VAL B 669 -7.81 33.87 -15.19
CA VAL B 669 -6.84 34.67 -15.92
C VAL B 669 -5.49 34.48 -15.25
N SER B 670 -4.46 34.23 -16.05
CA SER B 670 -3.13 33.99 -15.54
C SER B 670 -2.20 35.18 -15.75
N GLY B 671 -1.10 35.17 -15.02
CA GLY B 671 -0.11 36.21 -15.11
C GLY B 671 1.02 36.04 -14.11
N PRO B 672 2.26 36.18 -14.58
CA PRO B 672 3.40 36.05 -13.68
C PRO B 672 3.69 37.32 -12.89
N GLN B 673 2.91 38.37 -13.09
CA GLN B 673 3.07 39.64 -12.39
C GLN B 673 1.71 40.04 -11.82
N ILE B 674 1.72 40.50 -10.58
CA ILE B 674 0.51 40.87 -9.85
C ILE B 674 -0.32 41.96 -10.52
N ASP B 675 0.25 43.16 -10.64
CA ASP B 675 -0.49 44.27 -11.22
C ASP B 675 -0.93 43.98 -12.65
N LYS B 676 -0.09 43.30 -13.42
CA LYS B 676 -0.45 42.99 -14.80
C LYS B 676 -1.70 42.12 -14.86
N VAL B 677 -1.68 40.99 -14.16
CA VAL B 677 -2.85 40.12 -14.19
C VAL B 677 -4.07 40.80 -13.59
N ARG B 678 -3.86 41.68 -12.60
CA ARG B 678 -4.99 42.38 -12.00
C ARG B 678 -5.66 43.31 -13.01
N GLU B 679 -4.88 44.23 -13.57
CA GLU B 679 -5.43 45.15 -14.56
C GLU B 679 -6.02 44.40 -15.74
N TYR B 680 -5.44 43.27 -16.11
CA TYR B 680 -6.00 42.53 -17.23
C TYR B 680 -7.32 41.89 -16.85
N ALA B 681 -7.43 41.40 -15.61
CA ALA B 681 -8.70 40.84 -15.18
C ALA B 681 -9.77 41.91 -15.21
N MET B 682 -9.39 43.14 -14.84
CA MET B 682 -10.33 44.25 -14.88
C MET B 682 -10.75 44.55 -16.31
N GLY B 683 -9.76 44.66 -17.20
CA GLY B 683 -10.02 44.93 -18.60
C GLY B 683 -10.81 43.82 -19.27
N LEU B 684 -10.82 42.63 -18.68
CA LEU B 684 -11.58 41.52 -19.20
C LEU B 684 -13.02 41.59 -18.72
N ALA B 685 -13.19 41.82 -17.42
CA ALA B 685 -14.55 41.93 -16.87
C ALA B 685 -15.29 43.08 -17.51
N GLY B 686 -14.56 44.13 -17.92
CA GLY B 686 -15.22 45.25 -18.56
C GLY B 686 -15.98 44.81 -19.80
N VAL B 687 -15.30 44.11 -20.70
CA VAL B 687 -15.94 43.63 -21.91
C VAL B 687 -16.94 42.53 -21.58
N LEU B 688 -16.65 41.73 -20.56
CA LEU B 688 -17.54 40.64 -20.19
C LEU B 688 -18.91 41.16 -19.76
N ASP B 689 -18.94 42.28 -19.06
CA ASP B 689 -20.24 42.80 -18.62
C ASP B 689 -21.09 43.36 -19.75
N GLY B 690 -20.71 43.19 -21.02
CA GLY B 690 -21.50 43.71 -22.11
C GLY B 690 -22.94 43.23 -22.07
N ASN B 691 -23.14 41.92 -22.07
CA ASN B 691 -24.48 41.38 -22.04
C ASN B 691 -25.11 41.60 -20.68
N PRO B 692 -26.32 42.16 -20.61
CA PRO B 692 -26.97 42.41 -19.31
C PRO B 692 -27.68 41.20 -18.71
N ASN B 693 -27.60 40.03 -19.34
CA ASN B 693 -28.27 38.86 -18.77
C ASN B 693 -27.53 38.28 -17.56
N ILE B 694 -26.46 38.90 -17.12
CA ILE B 694 -25.70 38.44 -15.97
C ILE B 694 -25.95 39.42 -14.83
N GLY B 695 -26.27 38.90 -13.66
CA GLY B 695 -26.55 39.74 -12.52
C GLY B 695 -25.38 40.56 -12.06
N ASP B 696 -24.29 39.88 -11.67
CA ASP B 696 -23.11 40.58 -11.20
C ASP B 696 -21.91 39.67 -11.37
N ILE B 697 -20.75 40.29 -11.45
CA ILE B 697 -19.47 39.61 -11.60
C ILE B 697 -18.65 39.95 -10.37
N VAL B 698 -17.79 39.01 -9.97
CA VAL B 698 -16.95 39.18 -8.79
C VAL B 698 -15.57 38.64 -9.07
N TYR B 699 -14.56 39.48 -8.84
CA TYR B 699 -13.18 39.08 -9.05
C TYR B 699 -12.71 38.29 -7.82
N ASP B 700 -11.44 37.91 -7.83
CA ASP B 700 -10.87 37.16 -6.72
C ASP B 700 -9.60 37.85 -6.26
N TRP B 701 -9.40 37.87 -4.93
CA TRP B 701 -8.25 38.46 -4.27
C TRP B 701 -7.78 39.75 -4.94
N ASN B 702 -8.73 40.60 -5.32
CA ASN B 702 -8.44 41.86 -6.00
C ASN B 702 -8.42 43.04 -5.05
N GLU B 703 -7.94 42.86 -3.82
CA GLU B 703 -7.91 43.94 -2.87
C GLU B 703 -6.67 43.81 -1.99
N PRO B 704 -6.01 44.91 -1.69
CA PRO B 704 -4.81 44.86 -0.85
C PRO B 704 -5.13 45.02 0.63
N GLY B 705 -4.11 44.84 1.45
CA GLY B 705 -4.25 44.96 2.89
C GLY B 705 -3.24 45.95 3.42
N LYS B 706 -3.65 46.70 4.46
CA LYS B 706 -2.80 47.71 5.08
C LYS B 706 -1.66 47.04 5.83
N MET B 707 -0.47 47.09 5.25
CA MET B 707 0.72 46.51 5.86
C MET B 707 1.54 47.64 6.48
N LEU B 708 2.22 47.32 7.57
CA LEU B 708 3.05 48.29 8.28
C LEU B 708 4.50 47.88 8.14
N LYS B 709 5.31 48.73 7.49
CA LYS B 709 6.73 48.45 7.33
C LYS B 709 7.51 49.32 8.29
N ILE B 710 8.46 48.69 8.98
CA ILE B 710 9.30 49.33 9.98
C ILE B 710 10.72 48.78 9.86
N ASP B 711 11.70 49.59 10.25
CA ASP B 711 13.09 49.18 10.20
C ASP B 711 13.91 50.14 11.04
N ILE B 712 15.08 49.68 11.46
CA ILE B 712 15.98 50.47 12.30
C ILE B 712 17.37 50.48 11.69
N ALA B 713 18.11 51.56 11.97
CA ALA B 713 19.47 51.71 11.48
C ALA B 713 20.47 50.99 12.37
N GLN B 714 20.07 50.65 13.60
CA GLN B 714 20.86 49.95 14.60
C GLN B 714 22.03 50.78 15.12
N ASP B 715 22.25 51.97 14.56
CA ASP B 715 23.35 52.80 15.05
C ASP B 715 22.97 53.45 16.37
N LYS B 716 21.77 54.04 16.43
CA LYS B 716 21.33 54.65 17.67
C LYS B 716 21.14 53.60 18.74
N ALA B 717 20.81 52.37 18.34
CA ALA B 717 20.64 51.29 19.29
C ALA B 717 21.90 51.12 20.11
N ARG B 718 23.02 50.82 19.45
CA ARG B 718 24.29 50.69 20.17
C ARG B 718 24.66 52.02 20.81
N GLN B 719 24.22 53.13 20.21
CA GLN B 719 24.50 54.43 20.78
C GLN B 719 23.77 54.61 22.10
N LEU B 720 22.49 54.20 22.14
CA LEU B 720 21.70 54.29 23.35
C LEU B 720 21.92 53.10 24.27
N GLY B 721 22.65 52.10 23.83
CA GLY B 721 22.90 50.91 24.63
C GLY B 721 21.90 49.82 24.32
N LEU B 722 21.72 49.53 23.03
CA LEU B 722 20.78 48.52 22.58
C LEU B 722 21.41 47.68 21.49
N SER B 723 21.21 46.38 21.57
CA SER B 723 21.75 45.45 20.59
C SER B 723 20.63 44.81 19.79
N SER B 724 21.00 44.30 18.61
CA SER B 724 20.03 43.65 17.74
C SER B 724 19.28 42.55 18.47
N GLU B 725 19.96 41.83 19.35
CA GLU B 725 19.33 40.76 20.11
C GLU B 725 18.13 41.29 20.89
N ASP B 726 18.38 42.31 21.72
CA ASP B 726 17.29 42.90 22.48
C ASP B 726 16.28 43.53 21.55
N VAL B 727 16.72 43.96 20.37
CA VAL B 727 15.80 44.56 19.40
C VAL B 727 14.75 43.53 19.00
N ALA B 728 15.20 42.36 18.55
CA ALA B 728 14.28 41.31 18.16
C ALA B 728 13.45 40.85 19.36
N GLN B 729 14.07 40.79 20.54
CA GLN B 729 13.32 40.38 21.72
C GLN B 729 12.15 41.32 21.98
N ILE B 730 12.40 42.63 21.94
CA ILE B 730 11.34 43.61 22.14
C ILE B 730 10.29 43.46 21.06
N MET B 731 10.73 43.41 19.80
CA MET B 731 9.80 43.28 18.69
C MET B 731 8.89 42.08 18.88
N ASN B 732 9.42 40.99 19.46
CA ASN B 732 8.58 39.83 19.70
C ASN B 732 7.63 40.09 20.84
N SER B 733 8.11 40.72 21.91
CA SER B 733 7.27 41.04 23.06
C SER B 733 6.15 42.01 22.72
N VAL B 734 6.22 42.64 21.54
CA VAL B 734 5.18 43.58 21.14
C VAL B 734 4.10 42.92 20.29
N VAL B 735 4.46 41.93 19.47
CA VAL B 735 3.48 41.28 18.63
C VAL B 735 2.96 40.01 19.28
N THR B 736 3.84 39.03 19.46
CA THR B 736 3.49 37.75 20.07
C THR B 736 4.64 37.34 20.97
N GLY B 737 4.40 37.32 22.27
CA GLY B 737 5.44 36.95 23.21
C GLY B 737 5.94 35.53 23.00
N SER B 738 7.03 35.23 23.69
CA SER B 738 7.65 33.91 23.59
C SER B 738 6.69 32.82 24.06
N ALA B 739 6.98 31.60 23.63
CA ALA B 739 6.18 30.44 23.96
C ALA B 739 6.84 29.66 25.10
N VAL B 740 6.02 29.07 25.95
CA VAL B 740 6.47 28.29 27.08
C VAL B 740 5.81 26.92 27.03
N THR B 741 6.07 26.12 28.06
CA THR B 741 5.53 24.77 28.13
C THR B 741 4.00 24.81 28.21
N GLN B 742 3.38 23.70 27.82
CA GLN B 742 1.94 23.55 27.87
C GLN B 742 1.57 22.99 29.24
N VAL B 743 0.28 22.85 29.50
CA VAL B 743 -0.19 22.32 30.78
C VAL B 743 -1.17 21.19 30.51
N ARG B 744 -1.28 20.29 31.49
CA ARG B 744 -2.18 19.15 31.40
C ARG B 744 -3.18 19.26 32.54
N ASP B 745 -4.24 20.02 32.30
CA ASP B 745 -5.29 20.19 33.30
C ASP B 745 -6.33 19.09 33.23
N ASP B 746 -6.43 18.42 32.09
CA ASP B 746 -7.37 17.35 31.85
C ASP B 746 -6.84 16.55 30.66
N ILE B 747 -7.70 15.75 30.04
CA ILE B 747 -7.30 14.98 28.87
C ILE B 747 -6.75 15.89 27.79
N TYR B 748 -7.10 17.17 27.82
CA TYR B 748 -6.63 18.13 26.84
C TYR B 748 -5.33 18.78 27.32
N LEU B 749 -4.76 19.62 26.48
CA LEU B 749 -3.53 20.34 26.78
C LEU B 749 -3.72 21.80 26.46
N VAL B 750 -3.24 22.66 27.34
CA VAL B 750 -3.32 24.11 27.16
C VAL B 750 -1.90 24.66 27.18
N ASN B 751 -1.52 25.33 26.11
CA ASN B 751 -0.18 25.91 25.99
C ASN B 751 -0.25 27.36 26.43
N VAL B 752 0.55 27.70 27.43
CA VAL B 752 0.61 29.05 27.95
C VAL B 752 1.58 29.85 27.09
N ILE B 753 1.32 31.15 26.96
CA ILE B 753 2.18 32.02 26.17
C ILE B 753 2.52 33.26 26.97
N GLY B 754 3.76 33.72 26.81
CA GLY B 754 4.19 34.92 27.49
C GLY B 754 3.94 36.13 26.62
N ARG B 755 4.10 37.31 27.21
CA ARG B 755 3.88 38.55 26.48
C ARG B 755 4.22 39.71 27.40
N ALA B 756 4.54 40.84 26.80
CA ALA B 756 4.86 42.03 27.57
C ALA B 756 3.57 42.64 28.10
N GLU B 757 3.67 43.81 28.72
CA GLU B 757 2.47 44.46 29.24
C GLU B 757 1.58 44.89 28.07
N ASP B 758 0.27 44.72 28.26
CA ASP B 758 -0.67 45.09 27.20
C ASP B 758 -1.00 46.57 27.20
N SER B 759 -0.55 47.33 28.19
CA SER B 759 -0.85 48.76 28.18
C SER B 759 -0.09 49.51 27.09
N GLU B 760 0.60 48.75 26.25
CA GLU B 760 1.37 49.30 25.14
C GLU B 760 1.04 48.59 23.84
N ARG B 761 -0.01 47.76 23.81
CA ARG B 761 -0.40 47.02 22.63
C ARG B 761 -1.92 46.98 22.54
N GLY B 762 -2.43 46.77 21.32
CA GLY B 762 -3.86 46.69 21.11
C GLY B 762 -4.43 47.52 19.98
N SER B 763 -3.90 48.72 19.78
CA SER B 763 -4.41 49.60 18.72
C SER B 763 -3.25 50.37 18.12
N LEU B 764 -3.35 50.65 16.82
CA LEU B 764 -2.28 51.37 16.13
C LEU B 764 -2.17 52.82 16.59
N GLU B 765 -3.31 53.48 16.83
CA GLU B 765 -3.28 54.87 17.25
C GLU B 765 -2.42 55.07 18.49
N THR B 766 -2.59 54.21 19.50
CA THR B 766 -1.76 54.35 20.68
C THR B 766 -0.32 53.94 20.42
N LEU B 767 -0.07 53.19 19.36
CA LEU B 767 1.28 52.76 19.00
C LEU B 767 2.09 53.86 18.33
N GLU B 768 1.59 55.09 18.35
CA GLU B 768 2.28 56.23 17.76
C GLU B 768 3.03 56.95 18.85
N SER B 769 4.30 57.26 18.60
CA SER B 769 5.16 57.95 19.55
C SER B 769 5.25 57.14 20.86
N LEU B 770 5.76 55.92 20.71
CA LEU B 770 5.89 55.00 21.84
C LEU B 770 7.23 55.18 22.54
N GLN B 771 7.19 55.43 23.84
CA GLN B 771 8.39 55.56 24.66
C GLN B 771 8.77 54.15 25.08
N ILE B 772 9.39 53.43 24.14
CA ILE B 772 9.78 52.05 24.37
C ILE B 772 10.84 51.98 25.45
N VAL B 773 10.67 51.02 26.36
CA VAL B 773 11.62 50.83 27.43
C VAL B 773 12.81 50.03 26.92
N THR B 774 13.92 50.12 27.64
CA THR B 774 15.14 49.42 27.28
C THR B 774 15.50 48.42 28.37
N PRO B 775 16.19 47.32 28.03
CA PRO B 775 16.57 46.35 29.06
C PRO B 775 17.45 46.96 30.14
N SER B 776 18.08 48.10 29.85
CA SER B 776 18.94 48.80 30.79
C SER B 776 18.14 49.73 31.70
N GLY B 777 16.82 49.60 31.72
CA GLY B 777 15.96 50.42 32.54
C GLY B 777 15.51 51.70 31.89
N THR B 778 16.30 52.23 30.95
CA THR B 778 15.95 53.48 30.28
C THR B 778 14.75 53.28 29.37
N SER B 779 14.16 54.40 28.96
CA SER B 779 13.00 54.43 28.08
C SER B 779 13.14 55.62 27.15
N ILE B 780 13.05 55.36 25.86
CA ILE B 780 13.20 56.42 24.86
C ILE B 780 12.04 56.36 23.88
N PRO B 781 11.52 57.50 23.41
CA PRO B 781 10.42 57.46 22.44
C PRO B 781 10.85 56.73 21.17
N LEU B 782 9.86 56.34 20.39
CA LEU B 782 10.07 55.63 19.14
C LEU B 782 10.80 56.48 18.07
N LYS B 783 11.16 57.72 18.41
CA LYS B 783 11.83 58.60 17.46
C LYS B 783 13.04 57.93 16.82
N ALA B 784 13.67 56.96 17.51
CA ALA B 784 14.82 56.27 16.93
C ALA B 784 14.44 55.34 15.80
N PHE B 785 13.17 55.24 15.45
CA PHE B 785 12.75 54.36 14.38
C PHE B 785 12.69 55.14 13.06
N ALA B 786 12.48 54.41 11.97
CA ALA B 786 12.43 55.06 10.66
C ALA B 786 11.64 54.19 9.70
N LYS B 787 11.28 54.80 8.56
CA LYS B 787 10.54 54.17 7.47
C LYS B 787 9.26 53.51 7.96
N VAL B 788 8.79 53.86 9.15
CA VAL B 788 7.56 53.28 9.68
C VAL B 788 6.41 53.86 8.87
N SER B 789 5.83 53.07 7.97
CA SER B 789 4.75 53.62 7.15
C SER B 789 3.80 52.53 6.71
N TYR B 790 2.75 52.96 6.02
CA TYR B 790 1.70 52.11 5.50
C TYR B 790 1.99 51.74 4.06
N GLU B 791 1.71 50.48 3.72
CA GLU B 791 1.89 49.94 2.39
C GLU B 791 0.68 49.07 2.12
N LEU B 792 0.59 48.57 0.89
CA LEU B 792 -0.52 47.72 0.49
C LEU B 792 -0.02 46.37 0.04
N GLU B 793 -0.71 45.31 0.45
CA GLU B 793 -0.31 43.96 0.07
C GLU B 793 -1.51 43.03 0.20
N GLN B 794 -1.92 42.44 -0.91
CA GLN B 794 -3.05 41.52 -0.90
C GLN B 794 -2.68 40.25 -0.14
N PRO B 795 -3.34 39.95 0.97
CA PRO B 795 -3.01 38.75 1.75
C PRO B 795 -3.54 37.44 1.18
N LEU B 796 -4.13 37.45 -0.01
CA LEU B 796 -4.67 36.23 -0.61
C LEU B 796 -4.22 36.14 -2.06
N VAL B 797 -3.74 34.96 -2.46
CA VAL B 797 -3.27 34.71 -3.81
C VAL B 797 -3.70 33.29 -4.21
N TRP B 798 -3.49 32.96 -5.49
CA TRP B 798 -3.83 31.65 -6.03
C TRP B 798 -2.75 31.28 -7.05
N ARG B 799 -1.75 30.54 -6.60
CA ARG B 799 -0.67 30.15 -7.51
C ARG B 799 -1.02 28.90 -8.28
N ARG B 800 -2.16 28.91 -8.96
CA ARG B 800 -2.59 27.76 -9.76
C ARG B 800 -1.49 27.35 -10.71
N ASP B 801 -1.07 26.09 -10.61
CA ASP B 801 -0.01 25.54 -11.43
C ASP B 801 1.26 26.39 -11.31
N ARG B 802 1.59 26.72 -10.07
CA ARG B 802 2.78 27.53 -9.75
C ARG B 802 2.76 28.86 -10.48
N LYS B 803 1.56 29.44 -10.64
CA LYS B 803 1.48 30.71 -11.33
C LYS B 803 0.32 31.51 -10.78
N PRO B 804 0.52 32.79 -10.50
CA PRO B 804 -0.59 33.61 -9.97
C PRO B 804 -1.73 33.63 -10.98
N THR B 805 -2.94 33.77 -10.45
CA THR B 805 -4.12 33.82 -11.30
C THR B 805 -5.28 34.39 -10.51
N ILE B 806 -6.33 34.76 -11.25
CA ILE B 806 -7.53 35.32 -10.67
C ILE B 806 -8.72 34.58 -11.25
N THR B 807 -9.75 34.40 -10.43
CA THR B 807 -10.97 33.71 -10.81
C THR B 807 -12.15 34.66 -10.67
N VAL B 808 -12.76 35.00 -11.80
CA VAL B 808 -13.92 35.88 -11.82
C VAL B 808 -15.15 35.02 -12.00
N LYS B 809 -16.05 35.08 -11.02
CA LYS B 809 -17.28 34.30 -11.04
C LYS B 809 -18.45 35.25 -11.24
N ALA B 810 -19.45 34.83 -12.00
CA ALA B 810 -20.58 35.71 -12.25
C ALA B 810 -21.91 35.00 -12.09
N SER B 811 -22.87 35.73 -11.52
CA SER B 811 -24.21 35.22 -11.33
C SER B 811 -24.96 35.34 -12.67
N LEU B 812 -26.18 34.85 -12.69
CA LEU B 812 -26.96 34.90 -13.92
C LEU B 812 -28.29 35.59 -13.70
N ARG B 813 -29.01 35.78 -14.80
CA ARG B 813 -30.32 36.39 -14.82
C ARG B 813 -31.13 35.69 -15.90
N GLY B 814 -32.41 36.01 -15.96
CA GLY B 814 -33.25 35.38 -16.97
C GLY B 814 -33.35 33.89 -16.76
N GLU B 815 -33.19 33.13 -17.83
CA GLU B 815 -33.29 31.68 -17.76
C GLU B 815 -32.30 30.92 -18.65
N ILE B 816 -31.40 31.60 -19.35
CA ILE B 816 -30.49 30.87 -20.23
C ILE B 816 -29.51 30.03 -19.41
N GLN B 817 -28.89 29.06 -20.10
CA GLN B 817 -27.90 28.12 -19.61
C GLN B 817 -26.50 28.68 -19.82
N PRO B 818 -25.61 28.45 -18.86
CA PRO B 818 -24.24 28.97 -18.98
C PRO B 818 -23.56 28.61 -20.29
N THR B 819 -23.82 27.42 -20.80
CA THR B 819 -23.21 27.00 -22.07
C THR B 819 -23.58 27.94 -23.20
N ASP B 820 -24.87 28.26 -23.34
CA ASP B 820 -25.30 29.15 -24.40
C ASP B 820 -24.68 30.53 -24.26
N LEU B 821 -24.66 31.04 -23.03
CA LEU B 821 -24.07 32.36 -22.80
C LEU B 821 -22.60 32.36 -23.18
N VAL B 822 -21.89 31.27 -22.84
CA VAL B 822 -20.48 31.17 -23.18
C VAL B 822 -20.31 31.18 -24.68
N ALA B 823 -21.13 30.39 -25.38
CA ALA B 823 -21.05 30.35 -26.83
C ALA B 823 -21.28 31.72 -27.43
N ARG B 824 -22.27 32.45 -26.92
CA ARG B 824 -22.56 33.78 -27.43
C ARG B 824 -21.39 34.73 -27.23
N LEU B 825 -20.88 34.81 -26.01
CA LEU B 825 -19.79 35.72 -25.69
C LEU B 825 -18.42 35.23 -26.14
N ALA B 826 -18.32 34.04 -26.72
CA ALA B 826 -17.02 33.49 -27.13
C ALA B 826 -16.20 34.37 -28.06
N PRO B 827 -16.72 34.87 -29.19
CA PRO B 827 -15.87 35.66 -30.10
C PRO B 827 -15.23 36.92 -29.54
N GLU B 828 -16.04 37.85 -29.04
CA GLU B 828 -15.52 39.12 -28.53
C GLU B 828 -14.47 38.90 -27.45
N VAL B 829 -14.78 38.07 -26.46
CA VAL B 829 -13.81 37.83 -25.40
C VAL B 829 -12.56 37.18 -25.95
N LYS B 830 -12.71 36.34 -26.99
CA LYS B 830 -11.54 35.71 -27.57
C LYS B 830 -10.64 36.76 -28.18
N ARG B 831 -11.22 37.69 -28.93
CA ARG B 831 -10.43 38.76 -29.52
C ARG B 831 -9.74 39.57 -28.43
N PHE B 832 -10.47 39.90 -27.37
CA PHE B 832 -9.88 40.64 -26.27
C PHE B 832 -8.65 39.90 -25.73
N ALA B 833 -8.81 38.60 -25.49
CA ALA B 833 -7.70 37.80 -25.00
C ALA B 833 -6.52 37.87 -25.96
N ASP B 834 -6.81 37.80 -27.26
CA ASP B 834 -5.73 37.89 -28.24
C ASP B 834 -5.01 39.22 -28.10
N GLY B 835 -5.72 40.28 -27.72
CA GLY B 835 -5.09 41.56 -27.55
C GLY B 835 -4.40 41.65 -26.20
N LEU B 836 -3.33 40.88 -26.03
CA LEU B 836 -2.57 40.85 -24.77
C LEU B 836 -1.27 40.11 -24.99
N PRO B 837 -0.23 40.37 -24.19
CA PRO B 837 1.04 39.65 -24.37
C PRO B 837 0.83 38.14 -24.36
N ALA B 838 1.71 37.43 -25.07
CA ALA B 838 1.60 35.98 -25.19
C ALA B 838 1.80 35.28 -23.85
N ASN B 839 2.67 35.81 -22.99
CA ASN B 839 2.92 35.16 -21.70
C ASN B 839 1.68 35.01 -20.84
N TYR B 840 0.60 35.72 -21.15
CA TYR B 840 -0.63 35.63 -20.38
C TYR B 840 -1.61 34.69 -21.08
N ARG B 841 -2.64 34.29 -20.35
CA ARG B 841 -3.63 33.38 -20.91
C ARG B 841 -4.91 33.43 -20.11
N ILE B 842 -6.01 33.16 -20.80
CA ILE B 842 -7.34 33.15 -20.21
C ILE B 842 -7.98 31.79 -20.49
N GLU B 843 -8.81 31.34 -19.55
CA GLU B 843 -9.51 30.08 -19.70
C GLU B 843 -10.86 30.20 -19.03
N VAL B 844 -11.79 29.34 -19.43
CA VAL B 844 -13.12 29.37 -18.85
C VAL B 844 -13.09 28.67 -17.48
N GLY B 845 -14.07 28.97 -16.65
CA GLY B 845 -14.14 28.38 -15.34
C GLY B 845 -15.54 27.91 -14.99
N GLY B 846 -16.41 27.84 -15.99
CA GLY B 846 -17.78 27.43 -15.77
C GLY B 846 -17.96 25.92 -15.69
N THR B 847 -18.95 25.42 -16.43
CA THR B 847 -19.26 24.00 -16.44
C THR B 847 -18.94 23.31 -17.77
N VAL B 848 -18.66 24.08 -18.83
CA VAL B 848 -18.36 23.47 -20.12
C VAL B 848 -17.17 22.51 -20.01
N GLU B 849 -16.18 22.89 -19.21
CA GLU B 849 -15.00 22.04 -19.03
C GLU B 849 -15.38 20.67 -18.53
N GLU B 850 -16.17 20.62 -17.45
CA GLU B 850 -16.58 19.36 -16.88
C GLU B 850 -17.42 18.54 -17.84
N SER B 851 -18.34 19.20 -18.55
CA SER B 851 -19.18 18.49 -19.51
C SER B 851 -18.33 17.84 -20.58
N GLY B 852 -17.37 18.58 -21.13
CA GLY B 852 -16.50 18.03 -22.14
C GLY B 852 -15.66 16.90 -21.61
N LYS B 853 -15.11 17.07 -20.40
CA LYS B 853 -14.30 16.02 -19.80
C LYS B 853 -15.11 14.75 -19.62
N ALA B 854 -16.37 14.89 -19.22
CA ALA B 854 -17.21 13.72 -19.03
C ALA B 854 -17.49 13.04 -20.36
N GLU B 855 -17.89 13.80 -21.37
CA GLU B 855 -18.19 13.22 -22.67
C GLU B 855 -16.94 12.87 -23.49
N GLY B 856 -15.75 13.06 -22.93
CA GLY B 856 -14.52 12.77 -23.63
C GLY B 856 -14.45 11.40 -24.27
N PRO B 857 -14.39 10.35 -23.45
CA PRO B 857 -14.29 8.99 -24.01
C PRO B 857 -15.50 8.57 -24.80
N ILE B 858 -16.65 9.23 -24.61
CA ILE B 858 -17.87 8.86 -25.33
C ILE B 858 -17.61 8.84 -26.83
N ALA B 859 -17.14 9.97 -27.37
CA ALA B 859 -16.87 10.04 -28.80
C ALA B 859 -15.88 8.97 -29.25
N LYS B 860 -14.83 8.75 -28.46
CA LYS B 860 -13.82 7.77 -28.83
C LYS B 860 -14.23 6.34 -28.51
N VAL B 861 -15.46 6.09 -28.07
CA VAL B 861 -15.87 4.73 -27.74
C VAL B 861 -17.11 4.27 -28.49
N VAL B 862 -18.13 5.13 -28.54
CA VAL B 862 -19.41 4.79 -29.19
C VAL B 862 -19.34 4.31 -30.64
N PRO B 863 -18.51 4.84 -31.54
CA PRO B 863 -18.55 4.32 -32.91
C PRO B 863 -18.20 2.85 -33.01
N LEU B 864 -17.25 2.40 -32.18
CA LEU B 864 -16.89 0.99 -32.20
C LEU B 864 -18.10 0.13 -31.91
N MET B 865 -18.84 0.50 -30.85
CA MET B 865 -20.04 -0.25 -30.51
C MET B 865 -21.07 -0.13 -31.60
N LEU B 866 -21.06 0.98 -32.33
CA LEU B 866 -21.99 1.14 -33.44
C LEU B 866 -21.72 0.07 -34.48
N PHE B 867 -20.45 -0.06 -34.88
CA PHE B 867 -20.11 -1.10 -35.86
C PHE B 867 -20.39 -2.48 -35.29
N LEU B 868 -20.23 -2.63 -33.97
CA LEU B 868 -20.51 -3.92 -33.35
C LEU B 868 -21.97 -4.30 -33.55
N MET B 869 -22.88 -3.40 -33.19
CA MET B 869 -24.31 -3.70 -33.36
C MET B 869 -24.66 -3.83 -34.83
N ALA B 870 -23.96 -3.09 -35.71
CA ALA B 870 -24.24 -3.21 -37.13
C ALA B 870 -23.94 -4.60 -37.61
N THR B 871 -22.76 -5.12 -37.25
CA THR B 871 -22.42 -6.49 -37.63
C THR B 871 -23.40 -7.46 -37.02
N PHE B 872 -23.79 -7.19 -35.77
CA PHE B 872 -24.77 -8.02 -35.09
C PHE B 872 -26.03 -8.14 -35.92
N LEU B 873 -26.46 -7.02 -36.50
CA LEU B 873 -27.63 -7.02 -37.36
C LEU B 873 -27.36 -7.82 -38.62
N MET B 874 -26.18 -7.60 -39.21
CA MET B 874 -25.82 -8.33 -40.42
C MET B 874 -25.82 -9.82 -40.19
N ILE B 875 -25.72 -10.27 -38.94
CA ILE B 875 -25.76 -11.70 -38.66
C ILE B 875 -27.14 -12.26 -39.01
N GLN B 876 -28.19 -11.58 -38.55
CA GLN B 876 -29.54 -12.03 -38.83
C GLN B 876 -29.90 -11.87 -40.30
N LEU B 877 -29.38 -10.84 -40.95
CA LEU B 877 -29.66 -10.59 -42.35
C LEU B 877 -28.55 -11.19 -43.21
N GLN B 878 -28.68 -11.03 -44.52
CA GLN B 878 -27.67 -11.54 -45.44
C GLN B 878 -27.41 -10.61 -46.62
N SER B 879 -27.90 -9.37 -46.59
CA SER B 879 -27.68 -8.44 -47.68
C SER B 879 -27.50 -7.03 -47.15
N VAL B 880 -26.50 -6.32 -47.70
CA VAL B 880 -26.24 -4.96 -47.28
C VAL B 880 -27.40 -4.06 -47.65
N GLN B 881 -28.19 -4.44 -48.68
CA GLN B 881 -29.34 -3.62 -49.06
C GLN B 881 -30.32 -3.50 -47.91
N LYS B 882 -30.73 -4.64 -47.34
CA LYS B 882 -31.64 -4.61 -46.21
C LYS B 882 -31.00 -3.91 -45.03
N LEU B 883 -29.67 -4.04 -44.90
CA LEU B 883 -28.95 -3.37 -43.83
C LEU B 883 -29.15 -1.87 -43.90
N PHE B 884 -28.80 -1.28 -45.05
CA PHE B 884 -28.98 0.15 -45.22
C PHE B 884 -30.44 0.53 -45.12
N LEU B 885 -31.34 -0.34 -45.58
CA LEU B 885 -32.77 -0.06 -45.51
C LEU B 885 -33.20 0.18 -44.08
N VAL B 886 -32.95 -0.78 -43.20
CA VAL B 886 -33.35 -0.60 -41.81
C VAL B 886 -32.52 0.49 -41.16
N ALA B 887 -31.29 0.72 -41.64
CA ALA B 887 -30.46 1.76 -41.04
C ALA B 887 -31.02 3.14 -41.33
N SER B 888 -31.68 3.32 -42.46
CA SER B 888 -32.24 4.63 -42.81
C SER B 888 -33.18 5.13 -41.73
N VAL B 889 -33.91 4.23 -41.08
CA VAL B 889 -34.86 4.62 -40.04
C VAL B 889 -34.14 5.14 -38.79
N ALA B 890 -32.93 4.64 -38.53
CA ALA B 890 -32.19 5.05 -37.34
C ALA B 890 -32.02 6.56 -37.18
N PRO B 891 -31.38 7.28 -38.11
CA PRO B 891 -31.21 8.72 -37.88
C PRO B 891 -32.50 9.51 -37.95
N LEU B 892 -33.40 9.15 -38.87
CA LEU B 892 -34.65 9.88 -39.03
C LEU B 892 -35.44 10.05 -37.74
N GLY B 893 -35.19 9.20 -36.74
CA GLY B 893 -35.91 9.31 -35.48
C GLY B 893 -35.63 10.57 -34.69
N LEU B 894 -34.68 11.39 -35.13
CA LEU B 894 -34.35 12.62 -34.41
C LEU B 894 -35.44 13.68 -34.60
N ILE B 895 -36.54 13.32 -35.25
CA ILE B 895 -37.62 14.29 -35.46
C ILE B 895 -38.34 14.58 -34.15
N GLY B 896 -38.94 13.55 -33.54
CA GLY B 896 -39.68 13.76 -32.31
C GLY B 896 -38.84 14.25 -31.15
N VAL B 897 -37.61 13.71 -31.01
CA VAL B 897 -36.73 14.09 -29.91
C VAL B 897 -36.56 15.60 -29.80
N VAL B 898 -36.71 16.32 -30.91
CA VAL B 898 -36.60 17.76 -30.89
C VAL B 898 -37.95 18.43 -31.02
N ALA B 899 -38.90 17.83 -31.74
CA ALA B 899 -40.23 18.43 -31.87
C ALA B 899 -40.89 18.55 -30.51
N ALA B 900 -40.75 17.53 -29.66
CA ALA B 900 -41.30 17.55 -28.32
C ALA B 900 -40.37 18.19 -27.32
N LEU B 901 -39.42 18.98 -27.79
CA LEU B 901 -38.45 19.64 -26.91
C LEU B 901 -38.38 21.15 -27.14
N LEU B 902 -38.52 21.60 -28.38
CA LEU B 902 -38.45 23.04 -28.67
C LEU B 902 -39.55 23.85 -28.00
N PRO B 903 -40.85 23.51 -28.15
CA PRO B 903 -41.87 24.35 -27.51
C PRO B 903 -41.73 24.43 -26.00
N THR B 904 -41.38 23.32 -25.35
CA THR B 904 -41.22 23.34 -23.91
C THR B 904 -39.99 24.13 -23.47
N GLY B 905 -39.07 24.38 -24.39
CA GLY B 905 -37.87 25.13 -24.05
C GLY B 905 -37.00 24.42 -23.04
N THR B 906 -37.09 23.10 -22.97
CA THR B 906 -36.29 22.35 -22.01
C THR B 906 -34.89 22.16 -22.56
N PRO B 907 -33.85 22.49 -21.78
CA PRO B 907 -32.48 22.32 -22.28
C PRO B 907 -32.15 20.87 -22.56
N MET B 908 -31.21 20.68 -23.47
CA MET B 908 -30.78 19.33 -23.82
C MET B 908 -30.13 18.68 -22.61
N GLY B 909 -30.76 17.65 -22.08
CA GLY B 909 -30.25 16.96 -20.91
C GLY B 909 -29.26 15.87 -21.25
N PHE B 910 -28.23 15.75 -20.41
CA PHE B 910 -27.21 14.73 -20.59
C PHE B 910 -27.86 13.35 -20.66
N VAL B 911 -28.79 13.09 -19.74
CA VAL B 911 -29.50 11.82 -19.70
C VAL B 911 -30.11 11.53 -21.06
N ALA B 912 -30.59 12.57 -21.74
CA ALA B 912 -31.16 12.37 -23.07
C ALA B 912 -30.05 12.04 -24.05
N ILE B 913 -28.89 12.70 -23.90
CA ILE B 913 -27.74 12.43 -24.75
C ILE B 913 -27.40 10.97 -24.67
N LEU B 914 -27.79 10.32 -23.58
CA LEU B 914 -27.53 8.89 -23.41
C LEU B 914 -28.69 8.05 -23.96
N GLY B 915 -29.91 8.35 -23.53
CA GLY B 915 -31.08 7.60 -23.95
C GLY B 915 -31.31 7.58 -25.45
N ILE B 916 -30.84 8.59 -26.18
CA ILE B 916 -31.06 8.59 -27.62
C ILE B 916 -30.48 7.33 -28.25
N LEU B 917 -29.38 6.82 -27.68
CA LEU B 917 -28.80 5.60 -28.22
C LEU B 917 -29.74 4.42 -28.01
N ALA B 918 -30.38 4.36 -26.85
CA ALA B 918 -31.35 3.30 -26.60
C ALA B 918 -32.48 3.41 -27.60
N LEU B 919 -32.85 4.65 -27.94
CA LEU B 919 -33.89 4.88 -28.92
C LEU B 919 -33.46 4.29 -30.26
N ILE B 920 -32.20 4.50 -30.62
CA ILE B 920 -31.68 3.95 -31.87
C ILE B 920 -31.81 2.44 -31.86
N GLY B 921 -31.42 1.82 -30.75
CA GLY B 921 -31.51 0.38 -30.64
C GLY B 921 -32.91 -0.16 -30.82
N ILE B 922 -33.87 0.43 -30.08
CA ILE B 922 -35.24 -0.07 -30.16
C ILE B 922 -35.84 0.15 -31.55
N ILE B 923 -35.60 1.31 -32.16
CA ILE B 923 -36.17 1.55 -33.48
C ILE B 923 -35.57 0.58 -34.48
N ILE B 924 -34.27 0.30 -34.37
CA ILE B 924 -33.66 -0.67 -35.28
C ILE B 924 -34.28 -2.03 -35.06
N ARG B 925 -34.60 -2.35 -33.81
CA ARG B 925 -35.22 -3.61 -33.49
C ARG B 925 -36.55 -3.75 -34.23
N ASN B 926 -37.38 -2.71 -34.16
CA ASN B 926 -38.67 -2.75 -34.85
C ASN B 926 -38.48 -2.87 -36.36
N SER B 927 -37.52 -2.11 -36.91
CA SER B 927 -37.28 -2.17 -38.36
C SER B 927 -36.87 -3.58 -38.78
N VAL B 928 -36.06 -4.23 -37.95
CA VAL B 928 -35.63 -5.59 -38.27
C VAL B 928 -36.83 -6.52 -38.24
N ILE B 929 -37.70 -6.35 -37.25
CA ILE B 929 -38.90 -7.18 -37.18
C ILE B 929 -39.69 -7.05 -38.46
N LEU B 930 -39.85 -5.81 -38.94
CA LEU B 930 -40.63 -5.57 -40.14
C LEU B 930 -39.98 -6.21 -41.38
N VAL B 931 -38.69 -5.96 -41.59
CA VAL B 931 -38.04 -6.53 -42.78
C VAL B 931 -38.10 -8.05 -42.74
N THR B 932 -37.94 -8.64 -41.56
CA THR B 932 -38.01 -10.08 -41.44
C THR B 932 -39.40 -10.58 -41.79
N GLN B 933 -40.43 -9.87 -41.32
CA GLN B 933 -41.78 -10.29 -41.65
C GLN B 933 -42.03 -10.18 -43.15
N ILE B 934 -41.49 -9.14 -43.79
CA ILE B 934 -41.69 -8.95 -45.22
C ILE B 934 -41.04 -10.08 -46.00
N ASP B 935 -39.72 -10.23 -45.87
CA ASP B 935 -39.05 -11.29 -46.63
C ASP B 935 -39.40 -12.68 -46.13
N ALA B 936 -40.15 -12.79 -45.04
CA ALA B 936 -40.52 -14.10 -44.51
C ALA B 936 -41.33 -14.89 -45.52
N PHE B 937 -42.51 -14.41 -45.88
CA PHE B 937 -43.35 -15.12 -46.84
C PHE B 937 -42.99 -14.80 -48.28
N GLU B 938 -42.22 -13.75 -48.53
CA GLU B 938 -41.86 -13.45 -49.92
C GLU B 938 -41.03 -14.57 -50.53
N LYS B 939 -40.46 -15.44 -49.69
CA LYS B 939 -39.70 -16.57 -50.19
C LYS B 939 -40.54 -17.41 -51.13
N ASP B 940 -41.87 -17.34 -51.00
CA ASP B 940 -42.80 -18.06 -51.85
C ASP B 940 -42.96 -17.40 -53.22
N GLY B 941 -42.34 -16.24 -53.42
CA GLY B 941 -42.45 -15.55 -54.70
C GLY B 941 -43.81 -14.97 -54.99
N LYS B 942 -44.54 -14.57 -53.95
CA LYS B 942 -45.86 -14.00 -54.16
C LYS B 942 -45.73 -12.58 -54.73
N THR B 943 -46.87 -11.97 -55.03
CA THR B 943 -46.90 -10.63 -55.57
C THR B 943 -46.28 -9.64 -54.60
N PRO B 944 -45.17 -9.00 -54.96
CA PRO B 944 -44.55 -8.02 -54.04
C PRO B 944 -45.54 -6.99 -53.53
N TRP B 945 -46.41 -6.48 -54.40
CA TRP B 945 -47.41 -5.52 -53.95
C TRP B 945 -48.25 -6.13 -52.83
N GLU B 946 -48.91 -7.24 -53.14
CA GLU B 946 -49.73 -7.93 -52.15
C GLU B 946 -48.90 -8.47 -51.00
N ALA B 947 -47.64 -8.84 -51.27
CA ALA B 947 -46.78 -9.35 -50.20
C ALA B 947 -46.60 -8.28 -49.13
N VAL B 948 -46.12 -7.10 -49.53
CA VAL B 948 -45.93 -6.02 -48.58
C VAL B 948 -47.26 -5.60 -47.97
N LEU B 949 -48.33 -5.64 -48.77
CA LEU B 949 -49.65 -5.30 -48.25
C LEU B 949 -50.03 -6.19 -47.09
N GLU B 950 -49.90 -7.50 -47.27
CA GLU B 950 -50.23 -8.44 -46.21
C GLU B 950 -49.26 -8.28 -45.04
N ALA B 951 -47.99 -8.00 -45.33
CA ALA B 951 -47.02 -7.82 -44.26
C ALA B 951 -47.46 -6.69 -43.33
N THR B 952 -47.87 -5.58 -43.93
CA THR B 952 -48.34 -4.45 -43.13
C THR B 952 -49.64 -4.77 -42.43
N HIS B 953 -50.57 -5.40 -43.14
CA HIS B 953 -51.86 -5.75 -42.54
C HIS B 953 -51.69 -6.76 -41.41
N HIS B 954 -50.56 -7.47 -41.38
CA HIS B 954 -50.31 -8.45 -40.34
C HIS B 954 -49.51 -7.88 -39.18
N ARG B 955 -48.67 -6.90 -39.44
CA ARG B 955 -47.86 -6.28 -38.40
C ARG B 955 -48.45 -4.98 -37.88
N THR B 956 -49.62 -4.57 -38.37
CA THR B 956 -50.22 -3.34 -37.91
C THR B 956 -50.53 -3.38 -36.41
N ARG B 957 -51.32 -4.36 -35.99
CA ARG B 957 -51.69 -4.47 -34.58
C ARG B 957 -50.51 -4.61 -33.63
N PRO B 958 -49.52 -5.49 -33.86
CA PRO B 958 -48.43 -5.59 -32.88
C PRO B 958 -47.59 -4.33 -32.73
N ILE B 959 -47.11 -3.76 -33.84
CA ILE B 959 -46.29 -2.55 -33.76
C ILE B 959 -46.97 -1.47 -32.95
N LEU B 960 -48.30 -1.41 -32.99
CA LEU B 960 -49.02 -0.43 -32.20
C LEU B 960 -48.72 -0.62 -30.73
N LEU B 961 -48.89 -1.85 -30.25
CA LEU B 961 -48.62 -2.16 -28.85
C LEU B 961 -47.15 -1.93 -28.52
N THR B 962 -46.26 -2.22 -29.47
CA THR B 962 -44.83 -2.00 -29.22
C THR B 962 -44.58 -0.53 -28.95
N ALA B 963 -45.04 0.33 -29.84
CA ALA B 963 -44.86 1.76 -29.67
C ALA B 963 -45.51 2.23 -28.39
N ALA B 964 -46.66 1.66 -28.04
CA ALA B 964 -47.33 2.05 -26.81
C ALA B 964 -46.46 1.75 -25.60
N ALA B 965 -46.02 0.50 -25.46
CA ALA B 965 -45.18 0.12 -24.34
C ALA B 965 -43.91 0.96 -24.30
N ALA B 966 -43.35 1.27 -25.47
CA ALA B 966 -42.13 2.05 -25.51
C ALA B 966 -42.37 3.47 -24.99
N SER B 967 -43.26 4.21 -25.66
CA SER B 967 -43.57 5.57 -25.25
C SER B 967 -44.03 5.61 -23.80
N LEU B 968 -45.05 4.84 -23.48
CA LEU B 968 -45.59 4.81 -22.13
C LEU B 968 -44.56 4.23 -21.17
N GLY B 969 -44.92 4.23 -19.89
CA GLY B 969 -44.06 3.74 -18.84
C GLY B 969 -43.30 4.91 -18.25
N MET B 970 -42.83 5.80 -19.12
CA MET B 970 -42.12 6.99 -18.67
C MET B 970 -43.06 8.10 -18.27
N ILE B 971 -44.36 7.95 -18.55
CA ILE B 971 -45.36 8.96 -18.23
C ILE B 971 -45.46 9.20 -16.73
N PRO B 972 -45.67 8.18 -15.88
CA PRO B 972 -45.78 8.46 -14.44
C PRO B 972 -44.53 9.10 -13.87
N ILE B 973 -43.35 8.77 -14.40
CA ILE B 973 -42.13 9.37 -13.89
C ILE B 973 -41.80 10.69 -14.59
N ALA B 974 -42.58 11.06 -15.60
CA ALA B 974 -42.33 12.33 -16.29
C ALA B 974 -42.45 13.49 -15.33
N ARG B 975 -43.29 13.36 -14.30
CA ARG B 975 -43.41 14.41 -13.31
C ARG B 975 -42.08 14.65 -12.61
N GLU B 976 -41.30 13.59 -12.44
CA GLU B 976 -40.00 13.70 -11.80
C GLU B 976 -39.10 14.60 -12.63
N VAL B 977 -38.56 15.64 -11.99
CA VAL B 977 -37.69 16.56 -12.68
C VAL B 977 -36.37 15.93 -13.11
N PHE B 978 -35.97 14.82 -12.47
CA PHE B 978 -34.72 14.17 -12.84
C PHE B 978 -34.79 13.71 -14.28
N TRP B 979 -35.66 12.74 -14.57
CA TRP B 979 -35.83 12.24 -15.93
C TRP B 979 -36.80 13.19 -16.60
N GLY B 980 -36.26 14.32 -17.04
CA GLY B 980 -37.06 15.33 -17.68
C GLY B 980 -36.99 15.31 -19.18
N PRO B 981 -36.14 16.17 -19.74
CA PRO B 981 -36.01 16.24 -21.21
C PRO B 981 -35.87 14.90 -21.89
N MET B 982 -35.18 13.94 -21.25
CA MET B 982 -35.02 12.64 -21.87
C MET B 982 -36.36 11.94 -22.07
N ALA B 983 -37.28 12.10 -21.11
CA ALA B 983 -38.58 11.47 -21.24
C ALA B 983 -39.33 12.00 -22.45
N TYR B 984 -39.38 13.33 -22.58
CA TYR B 984 -40.06 13.93 -23.72
C TYR B 984 -39.41 13.54 -25.03
N ALA B 985 -38.08 13.59 -25.07
CA ALA B 985 -37.37 13.22 -26.30
C ALA B 985 -37.67 11.78 -26.68
N MET B 986 -37.70 10.88 -25.69
CA MET B 986 -37.99 9.49 -25.95
C MET B 986 -39.39 9.31 -26.52
N ILE B 987 -40.40 9.81 -25.80
CA ILE B 987 -41.77 9.65 -26.26
C ILE B 987 -41.98 10.31 -27.62
N GLY B 988 -41.21 11.33 -27.94
CA GLY B 988 -41.39 11.96 -29.23
C GLY B 988 -40.76 11.16 -30.36
N GLY B 989 -39.47 10.89 -30.23
CA GLY B 989 -38.77 10.13 -31.23
C GLY B 989 -39.38 8.77 -31.48
N ILE B 990 -39.93 8.14 -30.44
CA ILE B 990 -40.55 6.84 -30.62
C ILE B 990 -41.73 6.94 -31.59
N VAL B 991 -42.65 7.86 -31.32
CA VAL B 991 -43.81 8.02 -32.18
C VAL B 991 -43.40 8.37 -33.60
N ALA B 992 -42.41 9.26 -33.73
CA ALA B 992 -41.96 9.65 -35.07
C ALA B 992 -41.41 8.46 -35.84
N ALA B 993 -40.45 7.75 -35.24
CA ALA B 993 -39.84 6.59 -35.89
C ALA B 993 -40.88 5.53 -36.21
N THR B 994 -41.88 5.36 -35.34
CA THR B 994 -42.90 4.36 -35.63
C THR B 994 -43.74 4.77 -36.83
N LEU B 995 -44.21 6.01 -36.86
CA LEU B 995 -45.02 6.47 -37.99
C LEU B 995 -44.28 6.26 -39.30
N LEU B 996 -42.99 6.61 -39.32
CA LEU B 996 -42.26 6.39 -40.56
C LEU B 996 -42.07 4.90 -40.82
N THR B 997 -41.85 4.10 -39.77
CA THR B 997 -41.72 2.67 -39.95
C THR B 997 -42.97 2.13 -40.61
N LEU B 998 -44.07 2.85 -40.45
CA LEU B 998 -45.35 2.45 -41.01
C LEU B 998 -45.52 2.90 -42.46
N ILE B 999 -45.14 4.12 -42.79
CA ILE B 999 -45.37 4.65 -44.13
C ILE B 999 -44.10 4.78 -44.98
N PHE B 1000 -43.02 5.31 -44.42
CA PHE B 1000 -41.78 5.54 -45.15
C PHE B 1000 -41.14 4.28 -45.75
N LEU B 1001 -40.70 3.36 -44.90
CA LEU B 1001 -40.03 2.15 -45.41
C LEU B 1001 -40.82 1.39 -46.47
N PRO B 1002 -42.14 1.25 -46.40
CA PRO B 1002 -42.82 0.51 -47.49
C PRO B 1002 -42.57 1.14 -48.84
N ALA B 1003 -42.87 2.44 -48.97
CA ALA B 1003 -42.64 3.12 -50.23
C ALA B 1003 -41.18 3.08 -50.63
N LEU B 1004 -40.28 3.26 -49.66
CA LEU B 1004 -38.85 3.23 -49.95
C LEU B 1004 -38.42 1.87 -50.49
N TYR B 1005 -38.83 0.80 -49.81
CA TYR B 1005 -38.44 -0.53 -50.25
C TYR B 1005 -39.02 -0.86 -51.61
N VAL B 1006 -40.30 -0.55 -51.83
CA VAL B 1006 -40.88 -0.87 -53.14
C VAL B 1006 -40.21 -0.04 -54.22
N ALA B 1007 -39.79 1.18 -53.91
CA ALA B 1007 -39.11 1.99 -54.92
C ALA B 1007 -37.77 1.36 -55.27
N TRP B 1008 -37.00 1.00 -54.25
CA TRP B 1008 -35.71 0.35 -54.47
C TRP B 1008 -35.88 -0.98 -55.18
N TYR B 1009 -37.04 -1.61 -55.03
CA TYR B 1009 -37.30 -2.90 -55.65
C TYR B 1009 -37.67 -2.78 -57.12
N ARG B 1010 -38.66 -1.94 -57.43
CA ARG B 1010 -39.11 -1.77 -58.81
C ARG B 1010 -37.97 -1.47 -59.76
N ILE B 1011 -36.87 -0.90 -59.28
CA ILE B 1011 -35.73 -0.60 -60.14
C ILE B 1011 -34.50 -0.30 -59.28
N PRO B 1012 -33.34 -0.90 -59.59
CA PRO B 1012 -32.12 -0.62 -58.82
C PRO B 1012 -31.56 0.74 -59.21
N GLU B 1013 -31.64 1.70 -58.27
CA GLU B 1013 -31.16 3.04 -58.57
C GLU B 1013 -29.65 3.12 -58.74
N PRO B 1014 -28.81 2.58 -57.86
CA PRO B 1014 -27.36 2.69 -58.04
C PRO B 1014 -26.84 1.77 -59.13
N GLY B 1015 -25.52 1.81 -59.33
CA GLY B 1015 -24.84 1.02 -60.32
C GLY B 1015 -23.58 0.37 -59.76
N ARG B 1016 -22.44 0.63 -60.41
CA ARG B 1016 -21.14 0.11 -59.99
C ARG B 1016 -21.14 -1.42 -59.98
N HIS B 1017 -21.30 -1.97 -61.18
CA HIS B 1017 -21.35 -3.42 -61.36
C HIS B 1017 -19.96 -4.03 -61.36
N HIS B 1018 -19.82 -5.16 -60.67
CA HIS B 1018 -18.56 -5.90 -60.58
C HIS B 1018 -18.67 -7.13 -61.46
N HIS B 1019 -17.77 -7.26 -62.43
CA HIS B 1019 -17.79 -8.39 -63.35
C HIS B 1019 -17.43 -9.71 -62.68
N HIS B 1020 -16.78 -9.68 -61.52
CA HIS B 1020 -16.39 -10.90 -60.81
C HIS B 1020 -17.11 -11.03 -59.48
N HIS B 1021 -18.42 -10.76 -59.46
CA HIS B 1021 -19.22 -10.87 -58.25
C HIS B 1021 -20.69 -10.85 -58.65
N HIS B 1022 -21.51 -11.57 -57.88
CA HIS B 1022 -22.94 -11.65 -58.13
C HIS B 1022 -23.62 -10.31 -57.93
N MET C 1 -31.90 -36.48 -21.09
CA MET C 1 -32.61 -37.69 -20.72
C MET C 1 -32.49 -38.74 -21.82
N ALA C 2 -31.25 -39.11 -22.12
CA ALA C 2 -30.95 -40.11 -23.16
C ALA C 2 -31.61 -39.73 -24.48
N LYS C 3 -31.39 -38.50 -24.91
CA LYS C 3 -31.97 -37.97 -26.15
C LYS C 3 -30.85 -37.39 -27.01
N GLY C 4 -30.52 -38.08 -28.10
CA GLY C 4 -29.49 -37.64 -29.02
C GLY C 4 -28.07 -37.83 -28.57
N GLY C 5 -27.85 -38.59 -27.50
CA GLY C 5 -26.50 -38.82 -26.98
C GLY C 5 -26.16 -40.27 -26.76
N PHE C 6 -25.90 -40.60 -25.50
CA PHE C 6 -25.55 -41.95 -25.01
C PHE C 6 -24.38 -42.58 -25.76
N ASN C 7 -23.54 -41.78 -26.41
CA ASN C 7 -22.39 -42.32 -27.12
C ASN C 7 -21.23 -42.63 -26.18
N LEU C 8 -21.43 -42.48 -24.87
CA LEU C 8 -20.37 -42.74 -23.89
C LEU C 8 -19.80 -44.14 -24.03
N SER C 9 -20.68 -45.14 -24.06
CA SER C 9 -20.26 -46.53 -24.13
C SER C 9 -19.45 -46.83 -25.38
N ASP C 10 -20.02 -46.58 -26.55
CA ASP C 10 -19.33 -46.87 -27.80
C ASP C 10 -18.00 -46.13 -27.90
N TRP C 11 -18.05 -44.79 -27.86
CA TRP C 11 -16.80 -44.03 -27.97
C TRP C 11 -15.78 -44.48 -26.95
N ALA C 12 -16.23 -44.89 -25.76
CA ALA C 12 -15.30 -45.38 -24.76
C ALA C 12 -14.67 -46.69 -25.24
N LEU C 13 -15.51 -47.59 -25.75
CA LEU C 13 -15.01 -48.86 -26.28
C LEU C 13 -14.06 -48.61 -27.44
N ARG C 14 -14.33 -47.57 -28.22
CA ARG C 14 -13.49 -47.20 -29.34
C ARG C 14 -12.36 -46.31 -28.84
N HIS C 15 -11.43 -46.00 -29.74
CA HIS C 15 -10.29 -45.14 -29.40
C HIS C 15 -9.54 -45.69 -28.19
N GLN C 16 -9.42 -47.02 -28.13
CA GLN C 16 -8.76 -47.72 -27.04
C GLN C 16 -7.40 -47.13 -26.68
N SER C 17 -6.49 -47.11 -27.66
CA SER C 17 -5.15 -46.57 -27.42
C SER C 17 -5.18 -45.17 -26.86
N LEU C 18 -6.17 -44.37 -27.25
CA LEU C 18 -6.25 -42.99 -26.74
C LEU C 18 -6.39 -42.99 -25.23
N VAL C 19 -7.45 -43.64 -24.73
CA VAL C 19 -7.67 -43.69 -23.29
C VAL C 19 -6.47 -44.31 -22.59
N TRP C 20 -5.87 -45.32 -23.22
CA TRP C 20 -4.70 -45.97 -22.63
C TRP C 20 -3.58 -44.96 -22.40
N TYR C 21 -3.25 -44.20 -23.45
CA TYR C 21 -2.18 -43.20 -23.32
C TYR C 21 -2.53 -42.12 -22.32
N LEU C 22 -3.80 -41.68 -22.32
CA LEU C 22 -4.20 -40.66 -21.37
C LEU C 22 -4.00 -41.15 -19.95
N MET C 23 -4.39 -42.39 -19.68
CA MET C 23 -4.21 -42.95 -18.35
C MET C 23 -2.74 -43.00 -17.98
N ALA C 24 -1.90 -43.47 -18.90
CA ALA C 24 -0.47 -43.57 -18.61
C ALA C 24 0.14 -42.21 -18.30
N VAL C 25 -0.12 -41.22 -19.15
CA VAL C 25 0.47 -39.89 -18.93
C VAL C 25 -0.04 -39.29 -17.62
N SER C 26 -1.33 -39.45 -17.34
CA SER C 26 -1.87 -38.91 -16.09
C SER C 26 -1.17 -39.55 -14.89
N LEU C 27 -1.00 -40.87 -14.94
CA LEU C 27 -0.35 -41.57 -13.85
C LEU C 27 1.06 -41.06 -13.62
N VAL C 28 1.87 -41.04 -14.68
CA VAL C 28 3.26 -40.59 -14.51
C VAL C 28 3.32 -39.15 -14.04
N MET C 29 2.42 -38.30 -14.54
CA MET C 29 2.42 -36.90 -14.12
C MET C 29 2.17 -36.79 -12.62
N GLY C 30 1.11 -37.46 -12.15
CA GLY C 30 0.82 -37.42 -10.73
C GLY C 30 1.95 -37.98 -9.90
N VAL C 31 2.55 -39.07 -10.38
CA VAL C 31 3.65 -39.70 -9.65
C VAL C 31 4.79 -38.71 -9.46
N PHE C 32 5.30 -38.16 -10.56
CA PHE C 32 6.42 -37.23 -10.46
C PHE C 32 6.05 -36.01 -9.60
N SER C 33 4.83 -35.51 -9.74
CA SER C 33 4.44 -34.34 -8.96
C SER C 33 4.38 -34.64 -7.47
N TYR C 34 4.03 -35.87 -7.09
CA TYR C 34 3.91 -36.24 -5.68
C TYR C 34 5.14 -35.87 -4.88
N LEU C 35 6.33 -36.18 -5.40
CA LEU C 35 7.55 -35.89 -4.67
C LEU C 35 7.70 -34.41 -4.37
N ASN C 36 7.28 -33.55 -5.28
CA ASN C 36 7.39 -32.11 -5.10
C ASN C 36 6.08 -31.49 -4.62
N LEU C 37 5.35 -32.21 -3.77
CA LEU C 37 4.07 -31.68 -3.29
C LEU C 37 4.26 -30.70 -2.14
N GLY C 38 4.82 -31.15 -1.03
CA GLY C 38 5.00 -30.23 0.10
C GLY C 38 4.21 -30.76 1.28
N ARG C 39 4.86 -30.80 2.43
CA ARG C 39 4.25 -31.31 3.65
C ARG C 39 4.34 -30.28 4.77
N GLU C 40 3.24 -30.10 5.50
CA GLU C 40 3.19 -29.15 6.60
C GLU C 40 2.18 -29.65 7.62
N GLU C 41 2.35 -29.17 8.86
CA GLU C 41 1.47 -29.56 9.96
C GLU C 41 0.01 -29.30 9.68
N ASP C 42 -0.36 -28.03 9.50
CA ASP C 42 -1.74 -27.67 9.24
C ASP C 42 -1.76 -26.26 8.65
N PRO C 43 -2.79 -25.90 7.89
CA PRO C 43 -2.83 -24.57 7.28
C PRO C 43 -2.68 -23.47 8.32
N SER C 44 -1.96 -22.42 7.94
CA SER C 44 -1.73 -21.28 8.83
C SER C 44 -2.86 -20.28 8.63
N PHE C 45 -3.88 -20.37 9.49
CA PHE C 45 -4.98 -19.44 9.40
C PHE C 45 -4.47 -18.04 9.70
N ALA C 46 -4.92 -17.07 8.91
CA ALA C 46 -4.47 -15.69 9.10
C ALA C 46 -4.83 -15.13 10.46
N ILE C 47 -3.81 -14.92 11.31
CA ILE C 47 -4.06 -14.36 12.62
C ILE C 47 -4.36 -12.88 12.46
N LYS C 48 -5.34 -12.38 13.21
CA LYS C 48 -5.76 -11.00 13.10
C LYS C 48 -5.56 -10.31 14.45
N THR C 49 -4.52 -9.48 14.55
CA THR C 49 -4.22 -8.77 15.79
C THR C 49 -3.11 -7.77 15.51
N MET C 50 -3.15 -6.65 16.23
CA MET C 50 -2.13 -5.64 16.11
C MET C 50 -1.76 -5.15 17.50
N VAL C 51 -0.46 -5.04 17.74
CA VAL C 51 0.07 -4.58 19.02
C VAL C 51 0.68 -3.20 18.82
N ILE C 52 0.37 -2.29 19.73
CA ILE C 52 0.90 -0.93 19.66
C ILE C 52 1.39 -0.56 21.05
N GLN C 53 2.69 -0.41 21.20
CA GLN C 53 3.31 -0.06 22.47
C GLN C 53 3.62 1.43 22.52
N THR C 54 3.74 1.95 23.74
CA THR C 54 4.07 3.36 23.91
C THR C 54 4.56 3.56 25.33
N ARG C 55 5.77 4.08 25.47
CA ARG C 55 6.36 4.31 26.77
C ARG C 55 6.17 5.76 27.20
N TRP C 56 6.69 6.05 28.40
CA TRP C 56 6.63 7.37 29.00
C TRP C 56 7.66 7.37 30.13
N PRO C 57 8.37 8.46 30.32
CA PRO C 57 9.39 8.52 31.38
C PRO C 57 8.85 8.70 32.80
N GLY C 58 7.86 7.88 33.15
CA GLY C 58 7.29 7.95 34.47
C GLY C 58 6.26 9.05 34.68
N ALA C 59 5.12 8.68 35.26
CA ALA C 59 4.00 9.56 35.55
C ALA C 59 2.94 8.73 36.26
N THR C 60 2.01 9.41 36.92
CA THR C 60 0.93 8.71 37.61
C THR C 60 0.12 7.94 36.59
N VAL C 61 0.05 6.62 36.78
CA VAL C 61 -0.64 5.69 35.89
C VAL C 61 -1.99 6.23 35.43
N ASP C 62 -2.77 6.79 36.36
CA ASP C 62 -4.08 7.32 35.98
C ASP C 62 -3.93 8.43 34.94
N ASP C 63 -3.05 9.39 35.21
CA ASP C 63 -2.85 10.47 34.24
C ASP C 63 -2.27 9.91 32.95
N THR C 64 -1.33 8.97 33.07
CA THR C 64 -0.72 8.35 31.91
C THR C 64 -1.78 7.81 30.96
N LEU C 65 -2.69 6.98 31.51
CA LEU C 65 -3.74 6.41 30.67
C LEU C 65 -4.66 7.49 30.15
N GLU C 66 -5.31 8.24 31.06
CA GLU C 66 -6.25 9.28 30.68
C GLU C 66 -5.70 10.24 29.63
N GLN C 67 -4.38 10.36 29.51
CA GLN C 67 -3.80 11.28 28.54
C GLN C 67 -3.39 10.60 27.24
N VAL C 68 -2.54 9.58 27.33
CA VAL C 68 -2.05 8.91 26.13
C VAL C 68 -2.99 7.81 25.66
N THR C 69 -3.33 6.89 26.56
CA THR C 69 -4.17 5.76 26.18
C THR C 69 -5.53 6.22 25.70
N ASP C 70 -6.18 7.11 26.44
CA ASP C 70 -7.51 7.57 26.05
C ASP C 70 -7.47 8.25 24.69
N ARG C 71 -6.50 9.12 24.46
CA ARG C 71 -6.43 9.80 23.17
C ARG C 71 -6.18 8.81 22.04
N ILE C 72 -5.26 7.87 22.24
CA ILE C 72 -4.98 6.88 21.21
C ILE C 72 -6.23 6.09 20.88
N GLU C 73 -6.90 5.60 21.92
CA GLU C 73 -8.11 4.80 21.73
C GLU C 73 -9.20 5.59 21.00
N LYS C 74 -9.49 6.81 21.47
CA LYS C 74 -10.53 7.60 20.85
C LYS C 74 -10.22 7.89 19.39
N LYS C 75 -8.97 8.30 19.11
CA LYS C 75 -8.60 8.60 17.74
C LYS C 75 -8.71 7.37 16.85
N LEU C 76 -8.18 6.24 17.31
CA LEU C 76 -8.21 5.02 16.52
C LEU C 76 -9.62 4.44 16.38
N GLU C 77 -10.52 4.77 17.30
CA GLU C 77 -11.88 4.23 17.26
C GLU C 77 -12.54 4.43 15.90
N GLU C 78 -12.36 5.60 15.30
CA GLU C 78 -12.97 5.90 14.01
C GLU C 78 -12.58 4.92 12.92
N LEU C 79 -11.48 4.20 13.08
CA LEU C 79 -11.05 3.25 12.07
C LEU C 79 -12.17 2.26 11.76
N ASP C 80 -12.29 1.90 10.50
CA ASP C 80 -13.31 0.96 10.05
C ASP C 80 -12.81 -0.48 10.15
N SER C 81 -13.76 -1.40 10.19
CA SER C 81 -13.53 -2.85 10.24
C SER C 81 -12.85 -3.32 11.51
N LEU C 82 -12.84 -2.51 12.57
CA LEU C 82 -12.23 -2.94 13.82
C LEU C 82 -13.31 -3.37 14.79
N ASP C 83 -13.00 -4.36 15.62
CA ASP C 83 -13.98 -4.87 16.58
C ASP C 83 -13.57 -4.67 18.03
N TYR C 84 -12.43 -5.20 18.45
CA TYR C 84 -12.00 -5.09 19.84
C TYR C 84 -10.83 -4.14 20.00
N VAL C 85 -10.91 -3.33 21.05
CA VAL C 85 -9.88 -2.37 21.42
C VAL C 85 -9.50 -2.68 22.85
N LYS C 86 -8.53 -3.57 23.04
CA LYS C 86 -8.11 -3.98 24.37
C LYS C 86 -7.03 -3.04 24.89
N SER C 87 -7.35 -2.34 25.96
CA SER C 87 -6.42 -1.41 26.58
C SER C 87 -5.56 -2.14 27.59
N TYR C 88 -4.38 -1.60 27.83
CA TYR C 88 -3.46 -2.21 28.79
C TYR C 88 -2.61 -1.08 29.35
N THR C 89 -2.64 -0.88 30.65
CA THR C 89 -1.87 0.20 31.25
C THR C 89 -0.93 -0.35 32.32
N ARG C 90 0.14 0.38 32.56
CA ARG C 90 1.14 0.04 33.55
C ARG C 90 1.61 1.36 34.16
N PRO C 91 2.46 1.35 35.18
CA PRO C 91 2.92 2.62 35.76
C PRO C 91 3.39 3.65 34.75
N GLY C 92 4.08 3.22 33.70
CA GLY C 92 4.54 4.14 32.68
C GLY C 92 4.49 3.58 31.28
N GLU C 93 3.64 2.58 31.05
CA GLU C 93 3.52 1.95 29.75
C GLU C 93 2.07 1.87 29.31
N SER C 94 1.84 2.06 28.02
CA SER C 94 0.52 1.98 27.41
C SER C 94 0.61 0.98 26.27
N THR C 95 -0.34 0.07 26.22
CA THR C 95 -0.38 -0.94 25.18
C THR C 95 -1.79 -1.05 24.64
N VAL C 96 -1.89 -1.10 23.32
CA VAL C 96 -3.15 -1.19 22.62
C VAL C 96 -3.18 -2.47 21.81
N PHE C 97 -4.26 -3.21 21.94
CA PHE C 97 -4.49 -4.44 21.21
C PHE C 97 -5.65 -4.19 20.27
N VAL C 98 -5.44 -4.43 18.99
CA VAL C 98 -6.48 -4.22 17.98
C VAL C 98 -6.87 -5.57 17.42
N TYR C 99 -8.17 -5.86 17.42
CA TYR C 99 -8.70 -7.11 16.90
C TYR C 99 -9.80 -6.78 15.91
N LEU C 100 -9.57 -7.06 14.63
CA LEU C 100 -10.59 -6.79 13.64
C LEU C 100 -11.60 -7.93 13.62
N LYS C 101 -12.73 -7.67 12.96
CA LYS C 101 -13.79 -8.67 12.88
C LYS C 101 -13.35 -9.86 12.03
N ASP C 102 -13.65 -11.06 12.52
CA ASP C 102 -13.31 -12.29 11.80
C ASP C 102 -14.33 -12.56 10.70
N THR C 103 -14.50 -11.57 9.85
CA THR C 103 -15.42 -11.68 8.73
C THR C 103 -14.85 -11.10 7.46
N THR C 104 -13.65 -10.53 7.51
CA THR C 104 -13.00 -9.93 6.36
C THR C 104 -12.09 -10.93 5.66
N LYS C 105 -11.86 -10.69 4.38
CA LYS C 105 -11.00 -11.54 3.60
C LYS C 105 -9.54 -11.26 3.93
N ALA C 106 -8.67 -12.20 3.59
CA ALA C 106 -7.25 -12.03 3.83
C ALA C 106 -6.66 -11.17 2.72
N GLY C 107 -5.34 -11.09 2.66
CA GLY C 107 -4.70 -10.30 1.62
C GLY C 107 -4.70 -8.81 1.83
N ASP C 108 -5.85 -8.22 2.10
CA ASP C 108 -5.94 -6.79 2.32
C ASP C 108 -5.58 -6.38 3.74
N ILE C 109 -5.25 -7.33 4.61
CA ILE C 109 -4.87 -7.00 5.98
C ILE C 109 -3.78 -5.92 6.01
N PRO C 110 -2.72 -6.00 5.20
CA PRO C 110 -1.72 -4.93 5.22
C PRO C 110 -2.32 -3.57 4.97
N ASP C 111 -3.36 -3.49 4.14
CA ASP C 111 -3.98 -2.20 3.89
C ASP C 111 -4.56 -1.64 5.18
N ILE C 112 -5.21 -2.49 5.96
CA ILE C 112 -5.77 -2.05 7.23
C ILE C 112 -4.64 -1.59 8.15
N TRP C 113 -3.54 -2.34 8.16
CA TRP C 113 -2.42 -1.94 9.00
C TRP C 113 -1.91 -0.57 8.59
N TYR C 114 -1.78 -0.34 7.29
CA TYR C 114 -1.34 0.95 6.80
C TYR C 114 -2.31 2.03 7.22
N GLN C 115 -3.60 1.73 7.20
CA GLN C 115 -4.59 2.71 7.62
C GLN C 115 -4.35 3.09 9.07
N VAL C 116 -4.04 2.10 9.90
CA VAL C 116 -3.78 2.38 11.31
C VAL C 116 -2.58 3.30 11.43
N ARG C 117 -1.49 2.95 10.75
CA ARG C 117 -0.28 3.76 10.80
C ARG C 117 -0.59 5.20 10.39
N LYS C 118 -1.42 5.36 9.37
CA LYS C 118 -1.79 6.69 8.92
C LYS C 118 -2.55 7.43 10.01
N LYS C 119 -3.61 6.80 10.53
CA LYS C 119 -4.42 7.43 11.57
C LYS C 119 -3.61 7.86 12.78
N ILE C 120 -2.53 7.16 13.09
CA ILE C 120 -1.75 7.56 14.26
C ILE C 120 -0.62 8.53 13.92
N SER C 121 -0.09 8.47 12.70
CA SER C 121 1.01 9.34 12.31
C SER C 121 0.69 10.80 12.54
N ASP C 122 -0.41 11.28 11.96
CA ASP C 122 -0.80 12.68 12.12
C ASP C 122 -1.05 13.04 13.57
N ILE C 123 -1.91 12.28 14.25
CA ILE C 123 -2.23 12.56 15.64
C ILE C 123 -0.99 12.56 16.53
N GLN C 124 0.11 11.97 16.07
CA GLN C 124 1.32 11.94 16.89
C GLN C 124 1.77 13.34 17.29
N GLY C 125 1.56 14.33 16.44
CA GLY C 125 1.98 15.69 16.75
C GLY C 125 1.28 16.36 17.91
N GLU C 126 0.48 15.63 18.68
CA GLU C 126 -0.22 16.21 19.81
C GLU C 126 0.19 15.66 21.16
N PHE C 127 0.81 14.48 21.21
CA PHE C 127 1.21 13.91 22.47
C PHE C 127 2.32 14.73 23.11
N PRO C 128 2.53 14.55 24.41
CA PRO C 128 3.62 15.27 25.08
C PRO C 128 4.96 14.72 24.66
N GLN C 129 6.01 15.13 25.32
CA GLN C 129 7.37 14.70 25.01
C GLN C 129 7.62 13.20 25.25
N GLY C 130 6.63 12.36 25.58
CA GLY C 130 6.90 10.96 25.80
C GLY C 130 7.17 10.20 24.51
N ILE C 131 7.95 9.12 24.65
CA ILE C 131 8.30 8.28 23.51
C ILE C 131 7.05 7.63 22.93
N GLN C 132 7.14 7.22 21.67
CA GLN C 132 6.02 6.57 21.01
C GLN C 132 6.49 5.91 19.72
N GLY C 133 6.02 4.68 19.49
CA GLY C 133 6.35 3.95 18.29
C GLY C 133 5.52 2.70 18.14
N PRO C 134 4.86 2.53 16.99
CA PRO C 134 4.04 1.33 16.78
C PRO C 134 4.91 0.09 16.76
N GLY C 135 4.65 -0.81 17.71
CA GLY C 135 5.41 -2.03 17.83
C GLY C 135 5.33 -2.97 16.64
N PHE C 136 4.16 -3.53 16.36
CA PHE C 136 4.00 -4.46 15.26
C PHE C 136 2.75 -4.14 14.46
N ASN C 137 2.94 -3.64 13.23
CA ASN C 137 1.76 -3.42 12.40
C ASN C 137 1.14 -4.77 12.08
N ASP C 138 1.96 -5.82 12.16
CA ASP C 138 1.61 -7.20 11.93
C ASP C 138 2.51 -8.03 12.82
N GLU C 139 2.04 -9.22 13.18
CA GLU C 139 2.81 -10.10 14.05
C GLU C 139 3.67 -11.02 13.20
N PHE C 140 4.94 -10.62 12.99
CA PHE C 140 5.85 -11.46 12.22
C PHE C 140 6.14 -12.75 12.95
N GLY C 141 5.99 -12.76 14.28
CA GLY C 141 6.27 -13.93 15.09
C GLY C 141 5.21 -14.99 14.91
N ASP C 142 5.21 -15.63 13.75
CA ASP C 142 4.27 -16.68 13.40
C ASP C 142 4.88 -18.06 13.39
N VAL C 143 5.96 -18.26 12.65
CA VAL C 143 6.61 -19.56 12.59
C VAL C 143 7.99 -19.43 13.21
N PHE C 144 8.45 -20.52 13.81
CA PHE C 144 9.75 -20.55 14.45
C PHE C 144 10.25 -21.99 14.48
N GLY C 145 11.41 -22.24 13.88
CA GLY C 145 11.96 -23.56 13.88
C GLY C 145 12.55 -23.87 15.25
N SER C 146 13.58 -24.70 15.29
CA SER C 146 14.18 -25.01 16.57
C SER C 146 14.93 -23.82 17.13
N VAL C 147 14.88 -23.67 18.44
CA VAL C 147 15.57 -22.60 19.13
C VAL C 147 16.78 -23.25 19.78
N TYR C 148 17.80 -22.44 20.04
CA TYR C 148 19.04 -22.97 20.62
C TYR C 148 19.52 -22.10 21.77
N ALA C 149 19.69 -22.73 22.92
CA ALA C 149 20.18 -22.07 24.11
C ALA C 149 21.68 -22.31 24.23
N PHE C 150 22.40 -21.26 24.57
CA PHE C 150 23.86 -21.31 24.72
C PHE C 150 24.18 -21.04 26.18
N THR C 151 24.24 -22.10 26.97
CA THR C 151 24.54 -21.96 28.39
C THR C 151 26.03 -21.73 28.60
N ALA C 152 26.35 -20.98 29.66
CA ALA C 152 27.72 -20.67 30.01
C ALA C 152 27.71 -19.94 31.35
N ASP C 153 28.85 -20.02 32.04
CA ASP C 153 29.01 -19.35 33.32
C ASP C 153 30.47 -18.97 33.49
N GLY C 154 30.72 -17.94 34.27
CA GLY C 154 32.08 -17.47 34.49
C GLY C 154 32.63 -16.79 33.26
N LEU C 155 31.83 -15.96 32.61
CA LEU C 155 32.24 -15.27 31.40
C LEU C 155 31.43 -13.98 31.26
N ASP C 156 31.73 -13.24 30.20
CA ASP C 156 31.06 -11.97 29.93
C ASP C 156 29.77 -12.19 29.16
N PHE C 157 28.67 -11.65 29.69
CA PHE C 157 27.42 -11.75 28.94
C PHE C 157 27.59 -11.01 27.63
N ARG C 158 28.44 -9.98 27.64
CA ARG C 158 28.74 -9.23 26.43
C ARG C 158 29.36 -10.15 25.40
N GLN C 159 30.46 -10.83 25.77
CA GLN C 159 31.11 -11.74 24.85
C GLN C 159 30.16 -12.86 24.46
N LEU C 160 29.24 -13.21 25.35
CA LEU C 160 28.26 -14.25 25.02
C LEU C 160 27.40 -13.79 23.87
N ARG C 161 26.85 -12.58 23.98
CA ARG C 161 26.02 -12.04 22.91
C ARG C 161 26.85 -11.87 21.64
N ASP C 162 28.12 -11.51 21.78
CA ASP C 162 28.97 -11.36 20.61
C ASP C 162 29.12 -12.69 19.89
N TYR C 163 29.32 -13.76 20.66
CA TYR C 163 29.43 -15.08 20.04
C TYR C 163 28.13 -15.44 19.35
N VAL C 164 27.00 -15.11 19.97
CA VAL C 164 25.71 -15.40 19.36
C VAL C 164 25.58 -14.65 18.04
N GLU C 165 26.07 -13.40 18.01
CA GLU C 165 26.00 -12.62 16.77
C GLU C 165 26.88 -13.26 15.71
N LYS C 166 28.06 -13.73 16.10
CA LYS C 166 28.93 -14.40 15.15
C LYS C 166 28.21 -15.63 14.61
N VAL C 167 27.45 -16.29 15.48
CA VAL C 167 26.68 -17.45 15.06
C VAL C 167 25.64 -17.03 14.04
N ARG C 168 25.01 -15.88 14.24
CA ARG C 168 24.03 -15.39 13.28
C ARG C 168 24.67 -15.17 11.93
N LEU C 169 25.85 -14.55 11.93
CA LEU C 169 26.54 -14.29 10.68
C LEU C 169 26.88 -15.60 9.95
N ASP C 170 27.35 -16.59 10.71
CA ASP C 170 27.67 -17.87 10.08
C ASP C 170 26.41 -18.59 9.62
N ILE C 171 25.29 -18.36 10.32
CA ILE C 171 24.03 -19.00 9.98
C ILE C 171 23.50 -18.44 8.67
N ARG C 172 23.68 -17.14 8.44
CA ARG C 172 23.22 -16.53 7.19
C ARG C 172 23.62 -17.34 5.98
N SER C 173 24.71 -18.11 6.08
CA SER C 173 25.17 -18.93 4.98
C SER C 173 24.21 -20.06 4.66
N VAL C 174 23.28 -20.40 5.56
CA VAL C 174 22.35 -21.48 5.27
C VAL C 174 21.48 -21.07 4.06
N LYS C 175 20.95 -22.08 3.38
CA LYS C 175 20.15 -21.89 2.18
C LYS C 175 18.97 -20.94 2.34
N ASP C 176 17.99 -21.28 3.18
CA ASP C 176 16.82 -20.44 3.39
C ASP C 176 16.76 -19.97 4.83
N LEU C 177 16.40 -18.70 5.01
CA LEU C 177 16.32 -18.14 6.35
C LEU C 177 15.20 -17.12 6.44
N GLY C 178 14.42 -17.21 7.51
CA GLY C 178 13.34 -16.28 7.75
C GLY C 178 13.86 -15.26 8.74
N LYS C 179 13.23 -15.18 9.90
CA LYS C 179 13.68 -14.24 10.90
C LYS C 179 14.60 -14.94 11.91
N VAL C 180 15.49 -14.15 12.49
CA VAL C 180 16.44 -14.61 13.50
C VAL C 180 16.35 -13.63 14.64
N GLN C 181 15.88 -14.09 15.80
CA GLN C 181 15.72 -13.21 16.95
C GLN C 181 16.28 -13.83 18.22
N MET C 182 17.06 -13.03 18.95
CA MET C 182 17.63 -13.46 20.21
C MET C 182 16.61 -13.17 21.31
N ILE C 183 16.99 -13.43 22.55
CA ILE C 183 16.11 -13.21 23.70
C ILE C 183 16.98 -12.86 24.91
N GLY C 184 16.32 -12.39 25.96
CA GLY C 184 16.96 -12.03 27.21
C GLY C 184 18.26 -11.27 27.09
N ALA C 185 18.35 -10.35 26.14
CA ALA C 185 19.56 -9.57 25.98
C ALA C 185 19.81 -8.73 27.22
N GLN C 186 21.04 -8.27 27.36
CA GLN C 186 21.45 -7.45 28.49
C GLN C 186 21.99 -6.13 27.98
N ASN C 187 21.53 -5.03 28.57
CA ASN C 187 21.95 -3.69 28.20
C ASN C 187 22.52 -3.03 29.43
N GLU C 188 23.84 -3.07 29.57
CA GLU C 188 24.49 -2.47 30.72
C GLU C 188 24.34 -0.95 30.68
N VAL C 189 24.19 -0.37 31.87
CA VAL C 189 24.05 1.07 32.03
C VAL C 189 25.19 1.54 32.92
N ILE C 190 25.29 2.85 33.12
CA ILE C 190 26.35 3.42 33.95
C ILE C 190 25.75 4.49 34.85
N TYR C 191 25.69 4.22 36.14
CA TYR C 191 25.18 5.19 37.10
C TYR C 191 26.30 6.12 37.50
N LEU C 192 25.96 7.37 37.76
CA LEU C 192 26.95 8.35 38.19
C LEU C 192 26.41 9.03 39.44
N ASN C 193 26.73 8.48 40.60
CA ASN C 193 26.28 9.06 41.86
C ASN C 193 27.20 10.22 42.22
N PHE C 194 26.61 11.31 42.67
CA PHE C 194 27.37 12.51 43.01
C PHE C 194 27.37 12.77 44.51
N SER C 195 28.50 13.25 45.01
CA SER C 195 28.65 13.61 46.42
C SER C 195 28.08 15.02 46.57
N THR C 196 26.75 15.07 46.52
CA THR C 196 25.97 16.30 46.61
C THR C 196 26.51 17.27 47.64
N ARG C 197 26.88 16.77 48.82
CA ARG C 197 27.42 17.66 49.85
C ARG C 197 28.69 18.34 49.37
N LYS C 198 29.67 17.56 48.92
CA LYS C 198 30.91 18.15 48.42
C LYS C 198 30.66 18.98 47.18
N LEU C 199 29.72 18.54 46.34
CA LEU C 199 29.40 19.30 45.12
C LEU C 199 28.93 20.70 45.49
N ALA C 200 28.02 20.79 46.46
CA ALA C 200 27.55 22.11 46.89
C ALA C 200 28.68 22.87 47.56
N ALA C 201 29.54 22.16 48.29
CA ALA C 201 30.67 22.81 48.95
C ALA C 201 31.55 23.50 47.92
N LEU C 202 31.70 22.90 46.74
CA LEU C 202 32.49 23.51 45.69
C LEU C 202 31.76 24.65 45.01
N GLY C 203 30.49 24.88 45.36
CA GLY C 203 29.71 25.94 44.80
C GLY C 203 29.01 25.62 43.49
N LEU C 204 29.42 24.55 42.80
CA LEU C 204 28.82 24.20 41.52
C LEU C 204 27.80 23.07 41.70
N ASP C 205 27.09 22.80 40.61
CA ASP C 205 26.06 21.76 40.56
C ASP C 205 26.38 20.79 39.43
N GLN C 206 25.89 19.56 39.57
CA GLN C 206 26.13 18.53 38.58
C GLN C 206 25.52 18.86 37.22
N ARG C 207 24.48 19.69 37.18
CA ARG C 207 23.87 20.01 35.88
C ARG C 207 24.89 20.66 34.96
N GLN C 208 25.75 21.52 35.52
CA GLN C 208 26.78 22.16 34.71
C GLN C 208 27.73 21.11 34.17
N VAL C 209 28.04 20.11 35.00
CA VAL C 209 28.92 19.03 34.57
C VAL C 209 28.26 18.28 33.42
N VAL C 210 26.94 18.10 33.51
CA VAL C 210 26.21 17.42 32.46
C VAL C 210 26.34 18.19 31.15
N GLN C 211 26.11 19.50 31.23
CA GLN C 211 26.21 20.34 30.04
C GLN C 211 27.61 20.28 29.44
N SER C 212 28.64 20.34 30.28
CA SER C 212 30.02 20.27 29.78
C SER C 212 30.28 18.93 29.10
N LEU C 213 29.85 17.84 29.72
CA LEU C 213 30.06 16.53 29.11
C LEU C 213 29.29 16.41 27.81
N GLN C 214 28.11 17.02 27.73
CA GLN C 214 27.34 16.97 26.49
C GLN C 214 28.09 17.68 25.38
N ALA C 215 28.58 18.89 25.69
CA ALA C 215 29.33 19.65 24.70
C ALA C 215 30.61 18.93 24.29
N GLN C 216 31.17 18.14 25.19
CA GLN C 216 32.40 17.43 24.87
C GLN C 216 32.13 16.18 24.02
N ASN C 217 31.03 15.48 24.29
CA ASN C 217 30.72 14.28 23.54
C ASN C 217 30.15 14.60 22.16
N ALA C 218 29.38 15.67 22.05
CA ALA C 218 28.76 16.05 20.78
C ALA C 218 29.76 16.47 19.70
N VAL C 219 31.06 16.42 19.97
CA VAL C 219 32.07 16.82 18.99
C VAL C 219 32.72 15.57 18.42
N THR C 220 32.60 15.38 17.11
CA THR C 220 33.20 14.21 16.49
C THR C 220 34.72 14.32 16.56
N PRO C 221 35.43 13.29 16.95
CA PRO C 221 36.88 13.37 17.06
C PRO C 221 37.63 13.18 15.74
N SER C 222 36.95 13.31 14.62
CA SER C 222 37.58 13.13 13.33
C SER C 222 36.90 14.01 12.29
N GLY C 223 37.46 14.02 11.08
CA GLY C 223 36.91 14.81 10.00
C GLY C 223 37.80 14.87 8.77
N VAL C 224 37.18 14.89 7.58
CA VAL C 224 37.94 14.96 6.33
C VAL C 224 38.49 16.37 6.17
N VAL C 225 39.74 16.45 5.68
CA VAL C 225 40.41 17.74 5.49
C VAL C 225 40.82 17.98 4.04
N GLU C 226 41.29 16.94 3.34
CA GLU C 226 41.75 17.03 1.95
C GLU C 226 42.70 18.21 1.76
N ALA C 227 43.58 18.41 2.75
CA ALA C 227 44.53 19.51 2.71
C ALA C 227 45.35 19.53 1.42
N GLY C 228 45.75 18.35 0.93
CA GLY C 228 46.51 18.27 -0.29
C GLY C 228 45.69 17.71 -1.42
N PRO C 229 46.33 17.47 -2.58
CA PRO C 229 45.58 16.91 -3.71
C PRO C 229 44.91 15.60 -3.36
N GLU C 230 45.61 14.71 -2.66
CA GLU C 230 45.02 13.44 -2.27
C GLU C 230 44.10 13.64 -1.07
N ARG C 231 43.17 12.71 -0.91
CA ARG C 231 42.22 12.78 0.19
C ARG C 231 42.92 12.55 1.52
N ILE C 232 42.70 13.46 2.47
CA ILE C 232 43.30 13.38 3.79
C ILE C 232 42.21 13.65 4.82
N SER C 233 42.40 13.08 6.01
CA SER C 233 41.45 13.24 7.10
C SER C 233 42.21 13.17 8.41
N VAL C 234 41.67 13.85 9.42
CA VAL C 234 42.27 13.86 10.75
C VAL C 234 41.39 13.03 11.67
N ARG C 235 42.00 12.54 12.75
CA ARG C 235 41.30 11.71 13.72
C ARG C 235 42.01 11.82 15.06
N THR C 236 41.25 12.19 16.10
CA THR C 236 41.80 12.32 17.44
C THR C 236 41.13 11.34 18.38
N SER C 237 41.70 11.21 19.58
CA SER C 237 41.19 10.32 20.62
C SER C 237 40.83 11.15 21.83
N GLY C 238 39.62 11.73 21.83
CA GLY C 238 39.19 12.53 22.94
C GLY C 238 37.75 12.32 23.39
N ASN C 239 36.96 11.60 22.60
CA ASN C 239 35.57 11.40 22.99
C ASN C 239 35.42 10.25 23.98
N PHE C 240 34.32 10.29 24.73
CA PHE C 240 34.04 9.29 25.73
C PHE C 240 33.66 7.95 25.10
N ARG C 241 34.33 6.89 25.53
CA ARG C 241 34.05 5.55 25.04
C ARG C 241 33.98 4.50 26.13
N SER C 242 34.39 4.82 27.36
CA SER C 242 34.35 3.87 28.47
C SER C 242 34.39 4.66 29.77
N GLU C 243 34.35 3.94 30.89
CA GLU C 243 34.38 4.59 32.19
C GLU C 243 35.66 5.38 32.38
N LYS C 244 36.80 4.78 32.03
CA LYS C 244 38.05 5.50 32.16
C LYS C 244 38.11 6.68 31.20
N ASP C 245 37.45 6.57 30.05
CA ASP C 245 37.42 7.65 29.07
C ASP C 245 36.75 8.90 29.60
N LEU C 246 36.04 8.80 30.71
CA LEU C 246 35.37 9.93 31.33
C LEU C 246 35.82 10.19 32.74
N GLN C 247 36.57 9.26 33.34
CA GLN C 247 37.03 9.44 34.71
C GLN C 247 38.05 10.58 34.84
N ALA C 248 38.79 10.87 33.78
CA ALA C 248 39.81 11.93 33.82
C ALA C 248 39.38 13.21 33.12
N VAL C 249 38.13 13.62 33.24
CA VAL C 249 37.67 14.85 32.60
C VAL C 249 37.85 16.01 33.57
N ASN C 250 38.38 17.11 33.06
CA ASN C 250 38.65 18.31 33.84
C ASN C 250 37.52 19.33 33.66
N LEU C 251 37.71 20.52 34.22
CA LEU C 251 36.74 21.60 34.15
C LEU C 251 37.52 22.89 33.97
N ARG C 252 36.87 24.02 34.24
CA ARG C 252 37.53 25.32 34.10
C ARG C 252 38.28 25.69 35.36
N VAL C 253 39.09 26.75 35.26
CA VAL C 253 39.86 27.23 36.40
C VAL C 253 38.94 27.75 37.48
N ASN C 254 38.03 28.65 37.12
CA ASN C 254 37.08 29.19 38.08
C ASN C 254 36.07 28.13 38.50
N ASP C 255 36.09 26.96 37.87
CA ASP C 255 35.19 25.87 38.19
C ASP C 255 35.87 24.75 38.97
N ARG C 256 37.10 24.99 39.45
CA ARG C 256 37.86 24.00 40.21
C ARG C 256 37.97 22.69 39.43
N PHE C 257 38.70 22.79 38.32
CA PHE C 257 38.90 21.63 37.45
C PHE C 257 39.45 20.47 38.27
N TYR C 258 38.63 19.44 38.45
CA TYR C 258 38.97 18.26 39.21
C TYR C 258 38.54 17.02 38.46
N ARG C 259 39.04 15.88 38.93
CA ARG C 259 38.69 14.61 38.32
C ARG C 259 37.32 14.19 38.80
N LEU C 260 36.60 13.45 37.95
CA LEU C 260 35.26 13.00 38.32
C LEU C 260 35.32 12.18 39.60
N SER C 261 36.34 11.34 39.74
CA SER C 261 36.49 10.55 40.97
C SER C 261 36.64 11.47 42.16
N ASP C 262 37.40 12.54 41.99
CA ASP C 262 37.61 13.52 43.05
C ASP C 262 36.33 14.24 43.43
N LEU C 263 35.28 14.13 42.60
CA LEU C 263 34.02 14.79 42.85
C LEU C 263 32.86 13.83 43.02
N ALA C 264 32.70 12.87 42.11
CA ALA C 264 31.60 11.93 42.19
C ALA C 264 32.12 10.50 42.10
N SER C 265 31.21 9.54 42.25
CA SER C 265 31.53 8.12 42.18
C SER C 265 31.14 7.60 40.81
N ILE C 266 32.16 7.24 40.02
CA ILE C 266 31.90 6.71 38.68
C ILE C 266 31.58 5.23 38.82
N SER C 267 30.30 4.92 39.02
CA SER C 267 29.89 3.53 39.17
C SER C 267 30.16 2.75 37.90
N ARG C 268 30.80 1.59 38.07
CA ARG C 268 31.11 0.74 36.94
C ARG C 268 29.83 0.29 36.26
N ASP C 269 29.88 0.16 34.94
CA ASP C 269 28.71 -0.26 34.18
C ASP C 269 28.19 -1.58 34.73
N PHE C 270 26.87 -1.73 34.75
CA PHE C 270 26.27 -2.95 35.27
C PHE C 270 24.91 -3.12 34.63
N VAL C 271 24.39 -4.35 34.72
CA VAL C 271 23.08 -4.64 34.14
C VAL C 271 22.00 -4.05 35.03
N ASP C 272 20.97 -3.50 34.40
CA ASP C 272 19.85 -2.86 35.08
C ASP C 272 18.88 -3.90 35.62
N PRO C 273 17.90 -3.48 36.43
CA PRO C 273 16.91 -4.43 36.93
C PRO C 273 16.23 -5.14 35.78
N PRO C 274 16.36 -6.45 35.71
CA PRO C 274 15.79 -7.22 34.59
C PRO C 274 14.33 -6.95 34.30
N THR C 275 13.97 -7.19 33.04
CA THR C 275 12.62 -7.04 32.53
C THR C 275 12.14 -8.26 31.77
N SER C 276 13.06 -9.12 31.33
CA SER C 276 12.73 -10.33 30.60
C SER C 276 13.88 -11.29 30.82
N LEU C 277 13.62 -12.42 31.47
CA LEU C 277 14.65 -13.39 31.76
C LEU C 277 14.35 -14.74 31.14
N PHE C 278 15.38 -15.34 30.56
CA PHE C 278 15.29 -16.65 29.95
C PHE C 278 16.10 -17.61 30.80
N ARG C 279 15.70 -18.88 30.81
CA ARG C 279 16.40 -19.86 31.64
C ARG C 279 16.17 -21.25 31.09
N TYR C 280 17.23 -22.03 31.00
CA TYR C 280 17.14 -23.40 30.52
C TYR C 280 17.53 -24.35 31.64
N LYS C 281 16.66 -25.34 31.90
CA LYS C 281 16.87 -26.32 32.94
C LYS C 281 17.29 -25.65 34.24
N GLY C 282 16.55 -24.62 34.61
CA GLY C 282 16.87 -23.90 35.83
C GLY C 282 18.16 -23.13 35.80
N GLU C 283 18.78 -22.98 34.62
CA GLU C 283 20.03 -22.26 34.54
C GLU C 283 19.93 -21.12 33.53
N PRO C 284 20.46 -19.95 33.87
CA PRO C 284 20.39 -18.82 32.93
C PRO C 284 21.09 -19.17 31.63
N ALA C 285 20.54 -18.66 30.53
CA ALA C 285 21.10 -18.91 29.21
C ALA C 285 20.57 -17.86 28.26
N ILE C 286 20.88 -18.02 26.97
CA ILE C 286 20.44 -17.11 25.93
C ILE C 286 20.02 -17.94 24.74
N GLY C 287 18.74 -17.90 24.40
CA GLY C 287 18.23 -18.64 23.28
C GLY C 287 18.24 -17.83 22.01
N LEU C 288 18.04 -18.53 20.89
CA LEU C 288 18.01 -17.89 19.58
C LEU C 288 16.96 -18.59 18.74
N ALA C 289 15.87 -17.88 18.45
CA ALA C 289 14.80 -18.44 17.64
C ALA C 289 15.03 -18.08 16.19
N VAL C 290 14.86 -19.07 15.32
CA VAL C 290 15.03 -18.89 13.88
C VAL C 290 13.74 -19.28 13.19
N ALA C 291 13.38 -18.53 12.16
CA ALA C 291 12.17 -18.78 11.41
C ALA C 291 12.54 -19.23 10.00
N MET C 292 11.71 -20.10 9.44
CA MET C 292 11.96 -20.57 8.10
C MET C 292 11.42 -19.54 7.11
N LYS C 293 12.24 -19.21 6.12
CA LYS C 293 11.81 -18.23 5.13
C LYS C 293 10.52 -18.69 4.49
N GLU C 294 9.59 -17.76 4.30
CA GLU C 294 8.31 -18.09 3.71
C GLU C 294 8.52 -18.81 2.38
N GLY C 295 7.71 -19.82 2.13
CA GLY C 295 7.84 -20.61 0.93
C GLY C 295 8.99 -21.59 0.97
N GLY C 296 9.77 -21.61 2.04
CA GLY C 296 10.88 -22.54 2.14
C GLY C 296 10.39 -23.95 2.41
N ASN C 297 10.94 -24.91 1.67
CA ASN C 297 10.56 -26.30 1.82
C ASN C 297 11.04 -26.82 3.17
N ILE C 298 10.08 -27.10 4.06
CA ILE C 298 10.40 -27.60 5.39
C ILE C 298 10.93 -29.03 5.25
N LEU C 299 11.45 -29.59 6.33
CA LEU C 299 12.04 -30.91 6.46
C LEU C 299 13.45 -30.93 5.88
N GLU C 300 13.88 -29.88 5.21
CA GLU C 300 15.22 -29.75 4.65
C GLU C 300 15.96 -28.60 5.27
N PHE C 301 15.24 -27.50 5.52
CA PHE C 301 15.83 -26.35 6.18
C PHE C 301 16.44 -26.78 7.50
N GLY C 302 15.71 -27.64 8.23
CA GLY C 302 16.22 -28.14 9.49
C GLY C 302 17.43 -29.03 9.32
N GLU C 303 17.47 -29.80 8.22
CA GLU C 303 18.62 -30.66 7.98
C GLU C 303 19.88 -29.83 7.79
N ALA C 304 19.81 -28.87 6.86
CA ALA C 304 20.97 -28.02 6.63
C ALA C 304 21.29 -27.22 7.89
N LEU C 305 20.26 -26.83 8.65
CA LEU C 305 20.49 -26.07 9.87
C LEU C 305 21.27 -26.88 10.89
N ASN C 306 20.83 -28.12 11.15
CA ASN C 306 21.56 -28.93 12.12
C ASN C 306 22.97 -29.23 11.64
N ALA C 307 23.15 -29.39 10.32
CA ALA C 307 24.50 -29.63 9.81
C ALA C 307 25.39 -28.43 10.10
N ARG C 308 24.89 -27.24 9.78
CA ARG C 308 25.64 -26.03 10.08
C ARG C 308 25.89 -25.93 11.57
N MET C 309 24.93 -26.37 12.38
CA MET C 309 25.10 -26.34 13.82
C MET C 309 26.25 -27.25 14.22
N GLN C 310 26.37 -28.40 13.55
CA GLN C 310 27.48 -29.30 13.85
C GLN C 310 28.80 -28.61 13.55
N GLU C 311 28.86 -27.89 12.43
CA GLU C 311 30.09 -27.16 12.12
C GLU C 311 30.36 -26.10 13.16
N ILE C 312 29.33 -25.33 13.53
CA ILE C 312 29.48 -24.29 14.55
C ILE C 312 30.03 -24.91 15.82
N THR C 313 29.51 -26.08 16.20
CA THR C 313 30.02 -26.76 17.38
C THR C 313 31.49 -27.08 17.18
N GLY C 314 31.85 -27.50 15.96
CA GLY C 314 33.25 -27.75 15.68
C GLY C 314 34.06 -26.50 15.95
N GLU C 315 33.42 -25.33 15.83
CA GLU C 315 34.04 -24.05 16.10
C GLU C 315 33.58 -23.44 17.42
N LEU C 316 32.76 -24.14 18.18
CA LEU C 316 32.27 -23.59 19.45
C LEU C 316 33.44 -23.36 20.39
N PRO C 317 33.63 -22.15 20.88
CA PRO C 317 34.74 -21.90 21.81
C PRO C 317 34.50 -22.54 23.17
N VAL C 318 35.43 -22.31 24.09
CA VAL C 318 35.29 -22.88 25.43
C VAL C 318 34.06 -22.32 26.13
N GLY C 319 33.59 -23.06 27.13
CA GLY C 319 32.43 -22.70 27.92
C GLY C 319 31.20 -22.31 27.14
N VAL C 320 30.70 -23.21 26.30
CA VAL C 320 29.51 -22.95 25.50
C VAL C 320 28.72 -24.25 25.38
N GLY C 321 27.47 -24.22 25.84
CA GLY C 321 26.63 -25.39 25.78
C GLY C 321 25.44 -25.18 24.87
N VAL C 322 25.45 -25.86 23.74
CA VAL C 322 24.38 -25.76 22.75
C VAL C 322 23.26 -26.72 23.13
N HIS C 323 22.03 -26.23 23.11
CA HIS C 323 20.88 -27.06 23.44
C HIS C 323 19.73 -26.71 22.51
N GLN C 324 19.27 -27.71 21.75
CA GLN C 324 18.18 -27.53 20.81
C GLN C 324 16.84 -27.77 21.48
N VAL C 325 15.86 -26.95 21.11
CA VAL C 325 14.50 -27.06 21.64
C VAL C 325 13.53 -26.87 20.48
N SER C 326 12.45 -27.65 20.49
CA SER C 326 11.40 -27.59 19.49
C SER C 326 11.90 -27.94 18.08
N ASN C 327 12.38 -29.18 17.95
CA ASN C 327 12.84 -29.68 16.65
C ASN C 327 11.59 -30.18 15.95
N GLN C 328 10.83 -29.24 15.39
CA GLN C 328 9.58 -29.59 14.72
C GLN C 328 9.79 -30.52 13.54
N ALA C 329 10.99 -30.59 12.96
CA ALA C 329 11.21 -31.49 11.85
C ALA C 329 10.84 -32.90 12.27
N GLN C 330 11.25 -33.29 13.48
CA GLN C 330 10.92 -34.61 13.99
C GLN C 330 9.44 -34.75 14.25
N VAL C 331 8.81 -33.67 14.75
CA VAL C 331 7.38 -33.69 15.01
C VAL C 331 6.62 -33.98 13.72
N VAL C 332 6.93 -33.21 12.68
CA VAL C 332 6.29 -33.38 11.39
C VAL C 332 6.57 -34.76 10.84
N LYS C 333 7.79 -35.26 11.04
CA LYS C 333 8.14 -36.58 10.55
C LYS C 333 7.24 -37.64 11.17
N LYS C 334 7.16 -37.67 12.50
CA LYS C 334 6.32 -38.65 13.17
C LYS C 334 4.86 -38.48 12.78
N ALA C 335 4.41 -37.22 12.67
CA ALA C 335 3.03 -36.95 12.31
C ALA C 335 2.70 -37.55 10.95
N VAL C 336 3.41 -37.13 9.90
CA VAL C 336 3.16 -37.63 8.57
C VAL C 336 3.32 -39.14 8.52
N GLY C 337 4.23 -39.70 9.33
CA GLY C 337 4.39 -41.13 9.34
C GLY C 337 3.12 -41.83 9.78
N GLY C 338 2.60 -41.44 10.94
CA GLY C 338 1.36 -42.03 11.42
C GLY C 338 0.21 -41.77 10.47
N PHE C 339 0.21 -40.61 9.83
CA PHE C 339 -0.85 -40.27 8.89
C PHE C 339 -0.86 -41.24 7.72
N THR C 340 0.27 -41.36 7.04
CA THR C 340 0.37 -42.28 5.92
C THR C 340 0.08 -43.70 6.37
N ARG C 341 0.46 -44.04 7.60
CA ARG C 341 0.19 -45.38 8.11
C ARG C 341 -1.31 -45.63 8.14
N ALA C 342 -2.05 -44.70 8.77
CA ALA C 342 -3.50 -44.84 8.84
C ALA C 342 -4.11 -44.84 7.44
N LEU C 343 -3.52 -44.07 6.52
CA LEU C 343 -4.03 -44.04 5.16
C LEU C 343 -3.93 -45.41 4.53
N PHE C 344 -2.76 -46.02 4.62
CA PHE C 344 -2.57 -47.36 4.07
C PHE C 344 -3.51 -48.35 4.74
N GLU C 345 -3.77 -48.15 6.03
CA GLU C 345 -4.67 -49.05 6.74
C GLU C 345 -6.08 -48.95 6.15
N ALA C 346 -6.54 -47.72 5.92
CA ALA C 346 -7.87 -47.55 5.34
C ALA C 346 -7.92 -48.15 3.95
N VAL C 347 -6.84 -47.98 3.19
CA VAL C 347 -6.80 -48.54 1.83
C VAL C 347 -6.93 -50.05 1.88
N VAL C 348 -6.16 -50.70 2.76
CA VAL C 348 -6.22 -52.15 2.83
C VAL C 348 -7.56 -52.64 3.35
N ILE C 349 -8.21 -51.89 4.25
CA ILE C 349 -9.51 -52.38 4.71
C ILE C 349 -10.52 -52.29 3.57
N VAL C 350 -10.49 -51.21 2.79
CA VAL C 350 -11.41 -51.13 1.67
C VAL C 350 -11.08 -52.23 0.67
N LEU C 351 -9.78 -52.55 0.57
CA LEU C 351 -9.34 -53.62 -0.32
C LEU C 351 -9.97 -54.95 0.06
N ILE C 352 -9.84 -55.33 1.34
CA ILE C 352 -10.42 -56.59 1.78
C ILE C 352 -11.94 -56.53 1.66
N VAL C 353 -12.52 -55.34 1.77
CA VAL C 353 -13.96 -55.20 1.61
C VAL C 353 -14.35 -55.65 0.20
N SER C 354 -13.68 -55.07 -0.80
CA SER C 354 -13.97 -55.46 -2.17
C SER C 354 -13.62 -56.92 -2.41
N PHE C 355 -12.59 -57.43 -1.72
CA PHE C 355 -12.18 -58.81 -1.87
C PHE C 355 -13.31 -59.76 -1.47
N VAL C 356 -13.79 -59.62 -0.23
CA VAL C 356 -14.86 -60.49 0.24
C VAL C 356 -16.19 -60.17 -0.43
N SER C 357 -16.33 -58.98 -1.02
CA SER C 357 -17.58 -58.63 -1.68
C SER C 357 -17.82 -59.50 -2.90
N LEU C 358 -16.91 -59.44 -3.88
CA LEU C 358 -17.03 -60.22 -5.10
C LEU C 358 -16.31 -61.55 -5.04
N GLY C 359 -15.45 -61.76 -4.05
CA GLY C 359 -14.72 -63.01 -3.93
C GLY C 359 -13.61 -63.12 -4.95
N LEU C 360 -13.98 -63.18 -6.23
CA LEU C 360 -13.01 -63.28 -7.30
C LEU C 360 -12.19 -61.99 -7.39
N ARG C 361 -11.13 -62.05 -8.18
CA ARG C 361 -10.27 -60.90 -8.39
C ARG C 361 -10.91 -59.95 -9.38
N ALA C 362 -12.18 -59.60 -9.14
CA ALA C 362 -12.90 -58.70 -10.02
C ALA C 362 -12.77 -57.27 -9.55
N GLY C 363 -13.27 -56.97 -8.36
CA GLY C 363 -13.14 -55.61 -7.85
C GLY C 363 -11.71 -55.21 -7.59
N LEU C 364 -10.80 -56.17 -7.55
CA LEU C 364 -9.39 -55.88 -7.30
C LEU C 364 -8.85 -54.95 -8.38
N VAL C 365 -9.29 -55.12 -9.63
CA VAL C 365 -8.82 -54.22 -10.67
C VAL C 365 -9.34 -52.82 -10.39
N VAL C 366 -10.54 -52.71 -9.83
CA VAL C 366 -11.07 -51.39 -9.49
C VAL C 366 -10.18 -50.76 -8.43
N ALA C 367 -9.79 -51.56 -7.44
CA ALA C 367 -8.90 -51.07 -6.41
C ALA C 367 -7.61 -50.56 -7.05
N CYS C 368 -7.12 -51.30 -8.05
CA CYS C 368 -5.92 -50.86 -8.76
C CYS C 368 -6.15 -49.53 -9.45
N SER C 369 -7.38 -49.31 -9.90
CA SER C 369 -7.74 -48.07 -10.57
C SER C 369 -7.89 -46.91 -9.59
N ILE C 370 -8.05 -47.21 -8.30
CA ILE C 370 -8.22 -46.15 -7.30
C ILE C 370 -7.03 -45.18 -7.26
N PRO C 371 -5.77 -45.64 -7.18
CA PRO C 371 -4.65 -44.68 -7.10
C PRO C 371 -4.60 -43.62 -8.18
N LEU C 372 -5.22 -43.89 -9.33
CA LEU C 372 -5.20 -42.92 -10.42
C LEU C 372 -5.78 -41.58 -9.98
N VAL C 373 -6.99 -41.60 -9.43
CA VAL C 373 -7.60 -40.36 -8.97
C VAL C 373 -6.76 -39.74 -7.88
N LEU C 374 -6.04 -40.55 -7.10
CA LEU C 374 -5.20 -40.00 -6.04
C LEU C 374 -4.10 -39.15 -6.66
N ALA C 375 -3.40 -39.70 -7.65
CA ALA C 375 -2.34 -38.94 -8.30
C ALA C 375 -2.91 -37.69 -8.97
N MET C 376 -4.11 -37.80 -9.53
CA MET C 376 -4.71 -36.64 -10.18
C MET C 376 -4.97 -35.53 -9.17
N VAL C 377 -5.58 -35.87 -8.04
CA VAL C 377 -5.83 -34.82 -7.05
C VAL C 377 -4.50 -34.30 -6.51
N PHE C 378 -3.46 -35.14 -6.50
CA PHE C 378 -2.17 -34.67 -6.03
C PHE C 378 -1.64 -33.58 -6.95
N VAL C 379 -1.68 -33.84 -8.25
CA VAL C 379 -1.20 -32.82 -9.19
C VAL C 379 -2.09 -31.59 -9.10
N PHE C 380 -3.38 -31.78 -8.81
CA PHE C 380 -4.27 -30.65 -8.66
C PHE C 380 -3.79 -29.77 -7.51
N MET C 381 -3.55 -30.39 -6.36
CA MET C 381 -3.05 -29.66 -5.21
C MET C 381 -1.75 -28.95 -5.58
N GLU C 382 -0.91 -29.61 -6.37
CA GLU C 382 0.34 -29.00 -6.79
C GLU C 382 0.07 -27.70 -7.52
N TYR C 383 -0.81 -27.73 -8.53
CA TYR C 383 -1.12 -26.51 -9.26
C TYR C 383 -1.68 -25.45 -8.33
N THR C 384 -2.47 -25.85 -7.35
CA THR C 384 -3.06 -24.93 -6.40
C THR C 384 -2.21 -24.76 -5.14
N ASP C 385 -1.03 -25.37 -5.09
CA ASP C 385 -0.10 -25.29 -3.96
C ASP C 385 -0.74 -25.73 -2.65
N ILE C 386 -1.86 -26.43 -2.68
CA ILE C 386 -2.49 -26.87 -1.44
C ILE C 386 -1.64 -28.02 -0.90
N THR C 387 -0.76 -27.70 0.04
CA THR C 387 0.12 -28.70 0.62
C THR C 387 -0.66 -29.71 1.45
N MET C 388 0.06 -30.68 1.99
CA MET C 388 -0.53 -31.73 2.80
C MET C 388 -0.57 -31.36 4.27
N GLN C 389 -1.51 -31.96 4.97
CA GLN C 389 -1.74 -31.79 6.40
C GLN C 389 -2.85 -32.74 6.80
N ARG C 390 -2.93 -33.03 8.09
CA ARG C 390 -3.91 -33.95 8.65
C ARG C 390 -5.31 -33.81 8.03
N VAL C 391 -5.86 -32.60 8.11
CA VAL C 391 -7.20 -32.34 7.56
C VAL C 391 -7.39 -32.90 6.16
N SER C 392 -6.47 -32.55 5.25
CA SER C 392 -6.56 -33.05 3.88
C SER C 392 -6.49 -34.57 3.81
N LEU C 393 -5.73 -35.18 4.72
CA LEU C 393 -5.61 -36.64 4.72
C LEU C 393 -6.98 -37.22 5.07
N GLY C 394 -7.63 -36.67 6.09
CA GLY C 394 -8.95 -37.17 6.43
C GLY C 394 -9.90 -37.00 5.26
N ALA C 395 -9.81 -35.85 4.60
CA ALA C 395 -10.65 -35.61 3.43
C ALA C 395 -10.36 -36.66 2.37
N LEU C 396 -9.08 -37.00 2.20
CA LEU C 396 -8.69 -38.01 1.23
C LEU C 396 -9.37 -39.33 1.54
N ILE C 397 -9.39 -39.69 2.82
CA ILE C 397 -10.03 -40.94 3.22
C ILE C 397 -11.50 -40.94 2.84
N ILE C 398 -12.19 -39.86 3.19
CA ILE C 398 -13.62 -39.77 2.90
C ILE C 398 -13.87 -39.88 1.39
N ALA C 399 -13.14 -39.08 0.62
CA ALA C 399 -13.31 -39.08 -0.83
C ALA C 399 -13.01 -40.43 -1.44
N LEU C 400 -11.94 -41.08 -0.99
CA LEU C 400 -11.61 -42.39 -1.54
C LEU C 400 -12.72 -43.38 -1.27
N GLY C 401 -13.28 -43.35 -0.06
CA GLY C 401 -14.37 -44.27 0.24
C GLY C 401 -15.55 -44.06 -0.70
N LEU C 402 -15.96 -42.81 -0.86
CA LEU C 402 -17.11 -42.53 -1.72
C LEU C 402 -16.84 -42.92 -3.17
N LEU C 403 -15.69 -42.51 -3.70
CA LEU C 403 -15.38 -42.80 -5.09
C LEU C 403 -15.27 -44.30 -5.35
N VAL C 404 -14.59 -45.03 -4.46
CA VAL C 404 -14.48 -46.46 -4.67
C VAL C 404 -15.85 -47.08 -4.55
N ASP C 405 -16.73 -46.49 -3.75
CA ASP C 405 -18.09 -47.01 -3.63
C ASP C 405 -18.79 -46.92 -4.99
N ASP C 406 -18.75 -45.75 -5.61
CA ASP C 406 -19.39 -45.59 -6.90
C ASP C 406 -18.79 -46.51 -7.96
N ALA C 407 -17.46 -46.54 -8.05
CA ALA C 407 -16.81 -47.40 -9.04
C ALA C 407 -17.16 -48.87 -8.83
N MET C 408 -17.14 -49.32 -7.58
CA MET C 408 -17.45 -50.71 -7.30
C MET C 408 -18.89 -51.05 -7.63
N ILE C 409 -19.84 -50.16 -7.32
CA ILE C 409 -21.23 -50.49 -7.65
C ILE C 409 -21.40 -50.56 -9.15
N THR C 410 -20.70 -49.69 -9.88
CA THR C 410 -20.79 -49.74 -11.34
C THR C 410 -20.28 -51.07 -11.84
N VAL C 411 -19.09 -51.47 -11.38
CA VAL C 411 -18.51 -52.75 -11.79
C VAL C 411 -19.43 -53.91 -11.43
N GLU C 412 -20.03 -53.84 -10.25
CA GLU C 412 -20.93 -54.91 -9.81
C GLU C 412 -22.12 -55.04 -10.72
N MET C 413 -22.79 -53.93 -11.01
CA MET C 413 -23.95 -54.01 -11.89
C MET C 413 -23.53 -54.50 -13.27
N MET C 414 -22.34 -54.11 -13.72
CA MET C 414 -21.86 -54.58 -15.03
C MET C 414 -21.69 -56.08 -15.05
N ILE C 415 -20.92 -56.61 -14.10
CA ILE C 415 -20.67 -58.04 -14.05
C ILE C 415 -21.95 -58.83 -13.82
N THR C 416 -22.88 -58.29 -13.03
CA THR C 416 -24.12 -59.00 -12.80
C THR C 416 -24.97 -59.05 -14.07
N ARG C 417 -25.19 -57.91 -14.71
CA ARG C 417 -25.99 -57.88 -15.93
C ARG C 417 -25.35 -58.74 -17.03
N LEU C 418 -24.02 -58.79 -17.06
CA LEU C 418 -23.37 -59.60 -18.08
C LEU C 418 -23.38 -61.09 -17.73
N GLU C 419 -23.33 -61.41 -16.44
CA GLU C 419 -23.35 -62.80 -16.02
C GLU C 419 -24.72 -63.41 -16.21
N LEU C 420 -25.76 -62.71 -15.76
CA LEU C 420 -27.12 -63.23 -15.90
C LEU C 420 -27.52 -63.40 -17.36
N GLY C 421 -26.88 -62.68 -18.28
CA GLY C 421 -27.18 -62.75 -19.69
C GLY C 421 -25.95 -63.03 -20.52
N ASP C 422 -25.92 -62.40 -21.70
CA ASP C 422 -24.82 -62.57 -22.63
C ASP C 422 -23.52 -62.01 -22.05
N SER C 423 -22.41 -62.63 -22.45
CA SER C 423 -21.07 -62.24 -22.01
C SER C 423 -20.44 -61.40 -23.13
N LEU C 424 -20.66 -60.10 -23.07
CA LEU C 424 -20.10 -59.21 -24.08
C LEU C 424 -20.04 -57.79 -23.55
N HIS C 425 -19.06 -57.05 -24.07
CA HIS C 425 -18.94 -55.64 -23.69
C HIS C 425 -20.22 -54.91 -24.03
N ASP C 426 -20.77 -55.21 -25.22
CA ASP C 426 -22.02 -54.60 -25.61
C ASP C 426 -23.15 -55.11 -24.74
N SER C 427 -22.97 -56.29 -24.14
CA SER C 427 -23.96 -56.87 -23.24
C SER C 427 -23.96 -56.20 -21.90
N ALA C 428 -23.20 -55.10 -21.90
CA ALA C 428 -23.04 -54.22 -20.76
C ALA C 428 -23.12 -52.75 -21.15
N THR C 429 -22.99 -52.43 -22.44
CA THR C 429 -23.08 -51.04 -22.87
C THR C 429 -24.44 -50.47 -22.51
N TYR C 430 -25.48 -51.31 -22.51
CA TYR C 430 -26.80 -50.81 -22.13
C TYR C 430 -26.81 -50.48 -20.66
N ALA C 431 -26.13 -51.29 -19.84
CA ALA C 431 -26.05 -50.99 -18.42
C ALA C 431 -25.36 -49.66 -18.22
N TYR C 432 -24.31 -49.41 -19.00
CA TYR C 432 -23.59 -48.14 -18.91
C TYR C 432 -24.51 -46.99 -19.28
N THR C 433 -25.09 -47.06 -20.48
CA THR C 433 -25.99 -46.03 -20.97
C THR C 433 -27.14 -45.77 -20.01
N SER C 434 -27.56 -46.80 -19.27
CA SER C 434 -28.67 -46.64 -18.35
C SER C 434 -28.25 -46.00 -17.03
N THR C 435 -27.38 -46.67 -16.29
CA THR C 435 -26.95 -46.19 -14.99
C THR C 435 -25.87 -45.12 -15.04
N ALA C 436 -25.54 -44.55 -16.20
CA ALA C 436 -24.51 -43.52 -16.23
C ALA C 436 -24.97 -42.26 -15.51
N PHE C 437 -26.03 -41.62 -16.02
CA PHE C 437 -26.55 -40.40 -15.42
C PHE C 437 -26.74 -40.48 -13.91
N PRO C 438 -27.36 -41.52 -13.34
CA PRO C 438 -27.53 -41.55 -11.88
C PRO C 438 -26.24 -41.34 -11.11
N MET C 439 -25.13 -41.95 -11.56
CA MET C 439 -23.87 -41.76 -10.86
C MET C 439 -23.51 -40.29 -10.80
N LEU C 440 -23.58 -39.61 -11.95
CA LEU C 440 -23.26 -38.20 -12.01
C LEU C 440 -24.15 -37.40 -11.07
N THR C 441 -25.45 -37.68 -11.10
CA THR C 441 -26.40 -36.97 -10.26
C THR C 441 -26.03 -37.11 -8.78
N GLY C 442 -25.91 -38.35 -8.30
CA GLY C 442 -25.58 -38.56 -6.91
C GLY C 442 -24.27 -37.92 -6.50
N THR C 443 -23.25 -38.08 -7.34
CA THR C 443 -21.95 -37.50 -7.02
C THR C 443 -22.04 -35.99 -6.88
N LEU C 444 -22.68 -35.33 -7.85
CA LEU C 444 -22.81 -33.88 -7.77
C LEU C 444 -23.63 -33.47 -6.56
N VAL C 445 -24.65 -34.24 -6.22
CA VAL C 445 -25.45 -33.90 -5.05
C VAL C 445 -24.59 -33.96 -3.80
N THR C 446 -23.73 -34.96 -3.71
CA THR C 446 -22.86 -35.07 -2.56
C THR C 446 -21.88 -33.90 -2.50
N VAL C 447 -21.31 -33.52 -3.65
CA VAL C 447 -20.39 -32.39 -3.62
C VAL C 447 -21.14 -31.15 -3.18
N ALA C 448 -22.41 -31.02 -3.58
CA ALA C 448 -23.20 -29.88 -3.17
C ALA C 448 -23.38 -29.88 -1.66
N GLY C 449 -23.70 -31.05 -1.10
CA GLY C 449 -23.85 -31.14 0.34
C GLY C 449 -22.57 -30.81 1.07
N PHE C 450 -21.43 -31.02 0.40
CA PHE C 450 -20.15 -30.71 1.02
C PHE C 450 -19.86 -29.22 0.99
N VAL C 451 -20.27 -28.56 -0.09
CA VAL C 451 -20.06 -27.12 -0.33
C VAL C 451 -20.19 -26.22 0.89
N PRO C 452 -21.30 -26.26 1.68
CA PRO C 452 -21.44 -25.33 2.81
C PRO C 452 -20.19 -25.04 3.63
N ILE C 453 -19.50 -26.08 4.06
CA ILE C 453 -18.30 -25.90 4.87
C ILE C 453 -17.24 -25.10 4.11
N GLY C 454 -17.33 -25.02 2.79
CA GLY C 454 -16.34 -24.29 2.04
C GLY C 454 -16.73 -22.88 1.65
N LEU C 455 -17.50 -22.19 2.50
CA LEU C 455 -17.89 -20.83 2.19
C LEU C 455 -17.83 -19.85 3.34
N ASN C 456 -17.71 -20.30 4.59
CA ASN C 456 -17.67 -19.38 5.70
C ASN C 456 -16.38 -18.57 5.71
N ALA C 457 -16.51 -17.29 6.04
CA ALA C 457 -15.37 -16.40 6.13
C ALA C 457 -14.76 -16.40 7.52
N SER C 458 -15.28 -17.23 8.42
CA SER C 458 -14.79 -17.30 9.77
C SER C 458 -13.36 -17.83 9.80
N SER C 459 -12.72 -17.67 10.97
CA SER C 459 -11.36 -18.16 11.13
C SER C 459 -11.30 -19.67 10.99
N ALA C 460 -12.40 -20.35 11.28
CA ALA C 460 -12.40 -21.81 11.17
C ALA C 460 -12.48 -22.28 9.73
N GLY C 461 -13.06 -21.47 8.85
CA GLY C 461 -13.17 -21.85 7.45
C GLY C 461 -11.85 -22.19 6.78
N GLU C 462 -10.74 -21.79 7.39
CA GLU C 462 -9.43 -22.08 6.80
C GLU C 462 -9.18 -23.58 6.72
N TYR C 463 -9.27 -24.26 7.87
CA TYR C 463 -9.05 -25.70 7.90
C TYR C 463 -10.05 -26.42 7.02
N THR C 464 -11.27 -25.89 6.89
CA THR C 464 -12.30 -26.52 6.08
C THR C 464 -12.07 -26.34 4.59
N PHE C 465 -11.43 -25.25 4.20
CA PHE C 465 -11.20 -24.98 2.78
C PHE C 465 -10.44 -26.12 2.11
N THR C 466 -9.38 -26.60 2.77
CA THR C 466 -8.58 -27.68 2.21
C THR C 466 -9.41 -28.91 1.94
N LEU C 467 -10.09 -29.43 2.98
CA LEU C 467 -10.89 -30.63 2.83
C LEU C 467 -11.97 -30.43 1.78
N PHE C 468 -12.53 -29.23 1.69
CA PHE C 468 -13.57 -28.99 0.68
C PHE C 468 -13.01 -29.16 -0.71
N ALA C 469 -11.87 -28.52 -0.98
CA ALA C 469 -11.27 -28.63 -2.31
C ALA C 469 -10.93 -30.08 -2.61
N VAL C 470 -10.37 -30.78 -1.62
CA VAL C 470 -9.99 -32.18 -1.80
C VAL C 470 -11.20 -33.00 -2.21
N ILE C 471 -12.25 -32.97 -1.38
CA ILE C 471 -13.45 -33.75 -1.63
C ILE C 471 -14.02 -33.44 -3.01
N ALA C 472 -14.17 -32.15 -3.32
CA ALA C 472 -14.75 -31.74 -4.60
C ALA C 472 -13.98 -32.31 -5.80
N VAL C 473 -12.71 -31.94 -5.92
CA VAL C 473 -11.91 -32.40 -7.05
C VAL C 473 -11.88 -33.91 -7.11
N ALA C 474 -11.67 -34.56 -5.96
CA ALA C 474 -11.59 -36.01 -5.94
C ALA C 474 -12.86 -36.65 -6.47
N LEU C 475 -14.03 -36.22 -5.96
CA LEU C 475 -15.28 -36.81 -6.41
C LEU C 475 -15.50 -36.62 -7.90
N LEU C 476 -15.28 -35.40 -8.41
CA LEU C 476 -15.50 -35.18 -9.83
C LEU C 476 -14.60 -36.06 -10.69
N LEU C 477 -13.28 -36.00 -10.42
CA LEU C 477 -12.37 -36.83 -11.19
C LEU C 477 -12.70 -38.29 -11.03
N SER C 478 -13.24 -38.68 -9.89
CA SER C 478 -13.60 -40.07 -9.66
C SER C 478 -14.72 -40.49 -10.59
N TRP C 479 -15.74 -39.64 -10.72
CA TRP C 479 -16.84 -40.00 -11.60
C TRP C 479 -16.35 -40.11 -13.04
N ILE C 480 -15.51 -39.17 -13.48
CA ILE C 480 -15.04 -39.24 -14.86
C ILE C 480 -14.19 -40.50 -15.05
N VAL C 481 -13.43 -40.89 -14.03
CA VAL C 481 -12.60 -42.08 -14.16
C VAL C 481 -13.48 -43.33 -14.25
N ALA C 482 -14.50 -43.40 -13.39
CA ALA C 482 -15.39 -44.55 -13.40
C ALA C 482 -16.07 -44.69 -14.75
N VAL C 483 -16.51 -43.57 -15.34
CA VAL C 483 -17.18 -43.66 -16.63
C VAL C 483 -16.25 -43.74 -17.82
N LEU C 484 -14.94 -43.53 -17.63
CA LEU C 484 -14.03 -43.60 -18.75
C LEU C 484 -12.97 -44.69 -18.65
N PHE C 485 -13.00 -45.55 -17.63
CA PHE C 485 -11.97 -46.57 -17.57
C PHE C 485 -12.54 -47.96 -17.38
N ALA C 486 -13.70 -48.06 -16.74
CA ALA C 486 -14.34 -49.36 -16.54
C ALA C 486 -14.37 -50.24 -17.78
N PRO C 487 -14.60 -49.70 -19.01
CA PRO C 487 -14.63 -50.59 -20.17
C PRO C 487 -13.38 -51.41 -20.43
N VAL C 488 -12.23 -50.76 -20.61
CA VAL C 488 -11.01 -51.51 -20.90
C VAL C 488 -10.68 -52.47 -19.76
N ILE C 489 -10.75 -51.97 -18.52
CA ILE C 489 -10.46 -52.80 -17.36
C ILE C 489 -11.31 -54.05 -17.36
N ALA C 490 -12.54 -53.95 -17.86
CA ALA C 490 -13.40 -55.12 -17.91
C ALA C 490 -13.03 -56.02 -19.07
N VAL C 491 -12.92 -55.44 -20.26
CA VAL C 491 -12.60 -56.17 -21.48
C VAL C 491 -11.27 -56.90 -21.41
N HIS C 492 -10.42 -56.61 -20.43
CA HIS C 492 -9.14 -57.29 -20.39
C HIS C 492 -8.88 -58.12 -19.15
N ILE C 493 -9.52 -57.85 -18.02
CA ILE C 493 -9.25 -58.65 -16.83
C ILE C 493 -10.54 -59.27 -16.29
N LEU C 494 -11.45 -59.64 -17.18
CA LEU C 494 -12.67 -60.23 -16.67
C LEU C 494 -13.08 -61.47 -17.45
N PRO C 495 -13.57 -62.50 -16.75
CA PRO C 495 -14.01 -63.72 -17.41
C PRO C 495 -15.35 -63.54 -18.11
N LYS C 496 -15.92 -64.63 -18.61
CA LYS C 496 -17.20 -64.59 -19.31
C LYS C 496 -18.36 -64.72 -18.33
N THR C 497 -19.56 -64.94 -18.86
CA THR C 497 -20.78 -65.06 -18.07
C THR C 497 -20.81 -66.40 -17.35
N LEU C 498 -21.89 -66.59 -16.58
CA LEU C 498 -22.13 -67.80 -15.81
C LEU C 498 -23.64 -67.89 -15.59
N LYS C 499 -24.05 -68.75 -14.66
CA LYS C 499 -25.46 -68.94 -14.32
C LYS C 499 -25.73 -68.37 -12.95
N HIS C 500 -26.93 -67.81 -12.78
CA HIS C 500 -27.33 -67.19 -11.53
C HIS C 500 -27.19 -68.14 -10.35
N LYS C 501 -26.72 -67.60 -9.23
CA LYS C 501 -26.50 -68.30 -7.97
C LYS C 501 -26.11 -67.24 -6.93
N SER C 502 -26.48 -67.49 -5.68
CA SER C 502 -26.19 -66.57 -4.59
C SER C 502 -25.48 -67.30 -3.47
N GLU C 503 -24.58 -66.59 -2.79
CA GLU C 503 -23.84 -67.16 -1.67
C GLU C 503 -24.81 -67.62 -0.58
N GLN C 504 -24.83 -68.92 -0.33
CA GLN C 504 -25.74 -69.48 0.67
C GLN C 504 -25.49 -68.94 2.07
N LYS C 505 -24.28 -68.47 2.38
CA LYS C 505 -24.03 -67.93 3.71
C LYS C 505 -24.98 -66.77 3.98
N LYS C 506 -25.17 -65.91 2.97
CA LYS C 506 -26.11 -64.80 3.08
C LYS C 506 -27.54 -65.27 2.88
N GLY C 507 -27.75 -66.58 2.73
CA GLY C 507 -29.10 -67.09 2.54
C GLY C 507 -29.99 -66.80 3.73
N ARG C 508 -29.50 -67.07 4.94
CA ARG C 508 -30.30 -66.80 6.14
C ARG C 508 -30.59 -65.31 6.26
N ILE C 509 -29.61 -64.48 5.90
CA ILE C 509 -29.79 -63.03 5.95
C ILE C 509 -30.88 -62.63 4.97
N ALA C 510 -30.90 -63.26 3.80
CA ALA C 510 -31.93 -62.96 2.82
C ALA C 510 -33.29 -63.41 3.32
N GLU C 511 -33.33 -64.55 4.02
CA GLU C 511 -34.59 -65.03 4.58
C GLU C 511 -35.15 -63.99 5.54
N ARG C 512 -34.31 -63.55 6.47
CA ARG C 512 -34.73 -62.55 7.44
C ARG C 512 -35.15 -61.26 6.76
N PHE C 513 -34.38 -60.81 5.76
CA PHE C 513 -34.71 -59.57 5.07
C PHE C 513 -36.04 -59.65 4.34
N ASP C 514 -36.25 -60.70 3.55
CA ASP C 514 -37.50 -60.82 2.83
C ASP C 514 -38.67 -60.97 3.80
N SER C 515 -38.47 -61.72 4.88
CA SER C 515 -39.52 -61.89 5.86
C SER C 515 -39.90 -60.56 6.49
N LEU C 516 -38.91 -59.80 6.94
CA LEU C 516 -39.20 -58.51 7.55
C LEU C 516 -39.83 -57.57 6.53
N LEU C 517 -39.47 -57.71 5.25
CA LEU C 517 -40.07 -56.88 4.23
C LEU C 517 -41.55 -57.18 4.12
N HIS C 518 -41.88 -58.47 4.04
CA HIS C 518 -43.28 -58.87 3.95
C HIS C 518 -44.05 -58.38 5.17
N LEU C 519 -43.46 -58.53 6.36
CA LEU C 519 -44.11 -58.09 7.58
C LEU C 519 -44.32 -56.59 7.57
N ALA C 520 -43.32 -55.82 7.15
CA ALA C 520 -43.46 -54.37 7.07
C ALA C 520 -44.60 -54.01 6.14
N MET C 521 -44.77 -54.81 5.08
CA MET C 521 -45.87 -54.55 4.16
C MET C 521 -47.20 -54.96 4.77
N ARG C 522 -47.17 -55.90 5.73
CA ARG C 522 -48.41 -56.34 6.37
C ARG C 522 -49.09 -55.20 7.11
N ARG C 523 -48.30 -54.34 7.77
CA ARG C 523 -48.83 -53.21 8.53
C ARG C 523 -47.96 -52.00 8.24
N ARG C 524 -48.37 -51.22 7.25
CA ARG C 524 -47.62 -50.02 6.87
C ARG C 524 -47.73 -48.95 7.93
N TRP C 525 -48.94 -48.71 8.44
CA TRP C 525 -49.15 -47.68 9.45
C TRP C 525 -48.28 -47.91 10.67
N THR C 526 -48.01 -49.17 11.01
CA THR C 526 -47.16 -49.45 12.16
C THR C 526 -45.76 -48.89 11.93
N THR C 527 -45.23 -49.06 10.73
CA THR C 527 -43.91 -48.54 10.41
C THR C 527 -43.87 -47.03 10.55
N ILE C 528 -44.93 -46.36 10.08
CA ILE C 528 -44.99 -44.90 10.18
C ILE C 528 -45.02 -44.49 11.63
N PHE C 529 -45.79 -45.21 12.45
CA PHE C 529 -45.86 -44.90 13.87
C PHE C 529 -44.50 -45.05 14.53
N LEU C 530 -43.80 -46.13 14.21
CA LEU C 530 -42.48 -46.36 14.78
C LEU C 530 -41.51 -45.26 14.36
N THR C 531 -41.53 -44.89 13.08
CA THR C 531 -40.64 -43.84 12.60
C THR C 531 -40.93 -42.54 13.32
N ALA C 532 -42.21 -42.19 13.47
CA ALA C 532 -42.58 -40.96 14.14
C ALA C 532 -42.06 -40.93 15.56
N LEU C 533 -42.35 -41.99 16.33
CA LEU C 533 -41.89 -42.01 17.72
C LEU C 533 -40.37 -41.96 17.80
N LEU C 534 -39.67 -42.68 16.92
CA LEU C 534 -38.21 -42.69 16.97
C LEU C 534 -37.64 -41.30 16.70
N PHE C 535 -38.08 -40.67 15.61
CA PHE C 535 -37.57 -39.34 15.30
C PHE C 535 -37.90 -38.36 16.42
N GLY C 536 -39.11 -38.44 16.96
CA GLY C 536 -39.49 -37.54 18.02
C GLY C 536 -38.63 -37.69 19.25
N VAL C 537 -38.46 -38.93 19.73
CA VAL C 537 -37.64 -39.14 20.92
C VAL C 537 -36.20 -38.72 20.65
N SER C 538 -35.72 -38.87 19.41
CA SER C 538 -34.35 -38.46 19.11
C SER C 538 -34.21 -36.95 19.29
N LEU C 539 -35.04 -36.19 18.57
CA LEU C 539 -35.00 -34.75 18.70
C LEU C 539 -35.21 -34.32 20.14
N PHE C 540 -35.98 -35.10 20.89
CA PHE C 540 -36.24 -34.78 22.30
C PHE C 540 -34.97 -34.92 23.11
N LEU C 541 -34.32 -36.08 23.04
CA LEU C 541 -33.08 -36.33 23.78
C LEU C 541 -31.94 -35.42 23.35
N MET C 542 -32.08 -34.74 22.21
CA MET C 542 -31.00 -33.86 21.75
C MET C 542 -30.60 -32.78 22.77
N LYS C 543 -31.49 -32.41 23.69
CA LYS C 543 -31.19 -31.31 24.63
C LYS C 543 -29.89 -31.51 25.42
N PHE C 544 -29.83 -32.54 26.27
CA PHE C 544 -28.63 -32.71 27.10
C PHE C 544 -27.37 -33.09 26.32
N VAL C 545 -27.44 -33.25 25.00
CA VAL C 545 -26.23 -33.58 24.25
C VAL C 545 -25.28 -32.40 24.36
N GLN C 546 -24.12 -32.62 24.94
CA GLN C 546 -23.15 -31.54 25.12
C GLN C 546 -22.37 -31.26 23.84
N HIS C 547 -21.99 -29.99 23.69
CA HIS C 547 -21.24 -29.52 22.52
C HIS C 547 -19.93 -28.89 22.95
N GLN C 548 -18.91 -29.07 22.13
CA GLN C 548 -17.60 -28.48 22.37
C GLN C 548 -17.07 -28.01 21.02
N PHE C 549 -16.43 -26.84 21.01
CA PHE C 549 -15.93 -26.30 19.75
C PHE C 549 -14.57 -26.89 19.37
N PHE C 550 -13.69 -27.14 20.33
CA PHE C 550 -12.41 -27.65 19.91
C PHE C 550 -11.80 -28.59 20.94
N PRO C 551 -11.12 -29.63 20.49
CA PRO C 551 -10.45 -30.54 21.41
C PRO C 551 -9.08 -29.98 21.71
N SER C 552 -8.24 -30.72 22.42
CA SER C 552 -6.90 -30.25 22.71
C SER C 552 -5.94 -30.79 21.66
N SER C 553 -4.65 -30.62 21.90
CA SER C 553 -3.60 -31.08 21.01
C SER C 553 -2.80 -32.17 21.70
N ASP C 554 -2.62 -33.30 21.03
CA ASP C 554 -1.89 -34.44 21.56
C ASP C 554 -0.39 -34.21 21.63
N ARG C 555 0.06 -33.01 21.32
CA ARG C 555 1.48 -32.71 21.36
C ARG C 555 2.06 -33.08 22.71
N PRO C 556 3.21 -33.78 22.75
CA PRO C 556 3.82 -34.16 24.04
C PRO C 556 4.30 -32.97 24.85
N GLU C 557 4.12 -31.76 24.37
CA GLU C 557 4.56 -30.58 25.10
C GLU C 557 3.46 -30.12 26.06
N LEU C 558 3.89 -29.43 27.11
CA LEU C 558 2.95 -28.93 28.11
C LEU C 558 3.51 -27.64 28.68
N LEU C 559 2.61 -26.77 29.17
CA LEU C 559 3.08 -25.52 29.74
C LEU C 559 2.33 -25.24 31.02
N VAL C 560 2.91 -24.38 31.84
CA VAL C 560 2.31 -24.00 33.12
C VAL C 560 2.54 -22.52 33.33
N ASP C 561 1.52 -21.82 33.81
CA ASP C 561 1.62 -20.40 34.06
C ASP C 561 1.36 -20.10 35.53
N LEU C 562 2.01 -19.05 36.01
CA LEU C 562 1.90 -18.60 37.38
C LEU C 562 1.72 -17.10 37.41
N ASN C 563 0.95 -16.63 38.39
CA ASN C 563 0.69 -15.22 38.58
C ASN C 563 0.74 -14.94 40.06
N LEU C 564 1.54 -13.96 40.43
CA LEU C 564 1.70 -13.58 41.82
C LEU C 564 0.52 -12.70 42.26
N PRO C 565 0.18 -12.71 43.56
CA PRO C 565 -0.96 -11.91 44.03
C PRO C 565 -0.84 -10.45 43.67
N GLN C 566 0.26 -9.81 44.06
CA GLN C 566 0.49 -8.41 43.76
C GLN C 566 1.81 -8.26 43.03
N ASN C 567 2.02 -7.09 42.44
CA ASN C 567 3.23 -6.81 41.71
C ASN C 567 4.37 -6.56 42.69
N SER C 568 5.48 -7.25 42.48
CA SER C 568 6.66 -7.12 43.31
C SER C 568 7.86 -7.07 42.38
N SER C 569 9.05 -7.08 42.96
CA SER C 569 10.23 -7.07 42.14
C SER C 569 10.32 -8.39 41.39
N ILE C 570 10.83 -8.32 40.16
CA ILE C 570 10.96 -9.53 39.36
C ILE C 570 11.78 -10.57 40.10
N HIS C 571 12.56 -10.14 41.08
CA HIS C 571 13.36 -11.08 41.86
C HIS C 571 12.48 -12.11 42.53
N GLU C 572 11.30 -11.70 43.01
CA GLU C 572 10.40 -12.64 43.66
C GLU C 572 9.89 -13.65 42.65
N THR C 573 9.60 -13.21 41.43
CA THR C 573 9.15 -14.13 40.41
C THR C 573 10.23 -15.16 40.13
N ARG C 574 11.48 -14.71 40.02
CA ARG C 574 12.58 -15.63 39.80
C ARG C 574 12.74 -16.57 40.99
N ALA C 575 12.42 -16.09 42.19
CA ALA C 575 12.53 -16.93 43.38
C ALA C 575 11.56 -18.09 43.28
N VAL C 576 10.29 -17.80 43.00
CA VAL C 576 9.30 -18.85 42.86
C VAL C 576 9.71 -19.78 41.72
N MET C 577 10.23 -19.20 40.64
CA MET C 577 10.66 -19.98 39.50
C MET C 577 11.72 -20.99 39.89
N ASP C 578 12.82 -20.52 40.49
CA ASP C 578 13.89 -21.43 40.87
C ASP C 578 13.43 -22.46 41.88
N ARG C 579 12.51 -22.09 42.78
CA ARG C 579 12.03 -23.08 43.74
C ARG C 579 11.31 -24.20 43.01
N LEU C 580 10.38 -23.83 42.12
CA LEU C 580 9.67 -24.83 41.35
C LEU C 580 10.63 -25.67 40.52
N GLU C 581 11.67 -25.03 39.99
CA GLU C 581 12.66 -25.75 39.19
C GLU C 581 13.37 -26.78 40.04
N ALA C 582 13.86 -26.36 41.20
CA ALA C 582 14.55 -27.29 42.11
C ALA C 582 13.64 -28.44 42.48
N THR C 583 12.32 -28.19 42.51
CA THR C 583 11.39 -29.26 42.82
C THR C 583 11.38 -30.30 41.72
N LEU C 584 11.28 -29.87 40.47
CA LEU C 584 11.23 -30.77 39.33
C LEU C 584 12.53 -30.67 38.53
N LYS C 585 13.47 -31.56 38.80
CA LYS C 585 14.72 -31.57 38.05
C LYS C 585 15.23 -32.97 37.79
N ASP C 586 14.50 -34.00 38.22
CA ASP C 586 14.92 -35.38 37.99
C ASP C 586 13.70 -36.27 38.12
N ASP C 587 13.21 -36.76 36.99
CA ASP C 587 12.04 -37.64 36.93
C ASP C 587 11.88 -38.04 35.47
N GLU C 588 11.16 -39.15 35.27
CA GLU C 588 10.92 -39.62 33.92
C GLU C 588 9.97 -38.68 33.20
N ASP C 589 10.07 -38.66 31.87
CA ASP C 589 9.27 -37.80 31.00
C ASP C 589 9.53 -36.32 31.25
N ILE C 590 10.56 -36.00 32.00
CA ILE C 590 10.93 -34.63 32.32
C ILE C 590 12.23 -34.31 31.61
N ASP C 591 12.14 -33.55 30.52
CA ASP C 591 13.29 -33.15 29.74
C ASP C 591 12.86 -31.99 28.85
N HIS C 592 13.86 -31.23 28.39
CA HIS C 592 13.61 -30.07 27.54
C HIS C 592 12.58 -29.15 28.16
N TRP C 593 12.93 -28.63 29.34
CA TRP C 593 12.07 -27.74 30.10
C TRP C 593 12.78 -26.41 30.28
N SER C 594 12.08 -25.33 29.97
CA SER C 594 12.64 -23.99 30.09
C SER C 594 11.68 -23.08 30.82
N ALA C 595 12.23 -21.95 31.29
CA ALA C 595 11.49 -20.95 32.03
C ALA C 595 11.30 -19.69 31.19
N TYR C 596 10.44 -18.80 31.71
CA TYR C 596 10.13 -17.54 31.06
C TYR C 596 9.73 -16.57 32.17
N VAL C 597 10.56 -15.57 32.42
CA VAL C 597 10.31 -14.60 33.46
C VAL C 597 9.97 -13.28 32.80
N GLY C 598 8.67 -12.96 32.71
CA GLY C 598 8.21 -11.73 32.13
C GLY C 598 7.57 -11.85 30.76
N GLU C 599 7.89 -12.89 29.99
CA GLU C 599 7.31 -13.02 28.67
C GLU C 599 7.54 -14.43 28.15
N GLY C 600 6.57 -14.93 27.40
CA GLY C 600 6.66 -16.26 26.83
C GLY C 600 6.75 -16.19 25.32
N ALA C 601 7.80 -16.78 24.73
CA ALA C 601 7.96 -16.76 23.28
C ALA C 601 6.82 -17.49 22.60
N ILE C 602 6.80 -17.49 21.27
CA ILE C 602 5.74 -18.14 20.51
C ILE C 602 6.32 -19.28 19.69
N ARG C 603 5.73 -20.47 19.83
CA ARG C 603 6.15 -21.64 19.09
C ARG C 603 5.42 -21.69 17.75
N PHE C 604 4.09 -21.77 17.81
CA PHE C 604 3.22 -21.80 16.65
C PHE C 604 2.14 -20.76 16.85
N TYR C 605 1.30 -20.60 15.84
CA TYR C 605 0.20 -19.66 15.95
C TYR C 605 -0.94 -20.24 16.77
N LEU C 606 -0.67 -21.33 17.49
CA LEU C 606 -1.72 -21.95 18.30
C LEU C 606 -2.08 -21.08 19.50
N PRO C 607 -1.16 -20.78 20.43
CA PRO C 607 -1.56 -19.96 21.58
C PRO C 607 -1.25 -18.49 21.44
N LEU C 608 -1.72 -17.71 22.41
CA LEU C 608 -1.48 -16.29 22.51
C LEU C 608 -0.30 -16.14 23.47
N ASP C 609 0.00 -14.93 23.91
CA ASP C 609 1.12 -14.75 24.82
C ASP C 609 1.00 -13.45 25.59
N GLN C 610 1.02 -13.55 26.91
CA GLN C 610 0.98 -12.35 27.74
C GLN C 610 2.29 -11.62 27.47
N GLN C 611 2.20 -10.44 26.86
CA GLN C 611 3.39 -9.71 26.48
C GLN C 611 4.33 -9.30 27.60
N LEU C 612 3.91 -8.38 28.47
CA LEU C 612 4.80 -7.93 29.54
C LEU C 612 4.01 -7.79 30.84
N GLN C 613 3.96 -8.87 31.61
CA GLN C 613 3.28 -8.91 32.89
C GLN C 613 4.23 -9.62 33.86
N ASN C 614 5.49 -9.20 33.80
CA ASN C 614 6.53 -9.76 34.66
C ASN C 614 6.08 -9.87 36.10
N ASN C 615 5.68 -8.75 36.69
CA ASN C 615 5.24 -8.70 38.06
C ASN C 615 3.95 -9.48 38.32
N PHE C 616 3.33 -10.01 37.26
CA PHE C 616 2.09 -10.77 37.43
C PHE C 616 2.00 -11.98 36.51
N TYR C 617 3.08 -12.40 35.85
CA TYR C 617 2.95 -13.52 34.93
C TYR C 617 4.30 -14.19 34.70
N GLY C 618 4.26 -15.52 34.60
CA GLY C 618 5.44 -16.31 34.36
C GLY C 618 5.07 -17.51 33.50
N GLN C 619 6.10 -18.20 33.00
CA GLN C 619 5.82 -19.36 32.15
C GLN C 619 6.88 -20.43 32.32
N LEU C 620 6.45 -21.69 32.17
CA LEU C 620 7.36 -22.83 32.25
C LEU C 620 6.90 -23.85 31.23
N VAL C 621 7.75 -24.14 30.26
CA VAL C 621 7.47 -25.10 29.20
C VAL C 621 8.21 -26.38 29.51
N ILE C 622 7.52 -27.52 29.37
CA ILE C 622 8.13 -28.81 29.64
C ILE C 622 7.78 -29.76 28.50
N VAL C 623 8.69 -30.68 28.22
CA VAL C 623 8.54 -31.67 27.17
C VAL C 623 8.46 -33.05 27.80
N THR C 624 7.45 -33.81 27.43
CA THR C 624 7.28 -35.15 27.95
C THR C 624 7.84 -36.17 26.98
N LYS C 625 7.91 -37.42 27.42
CA LYS C 625 8.44 -38.47 26.56
C LYS C 625 7.37 -39.00 25.61
N ASP C 626 6.24 -39.45 26.15
CA ASP C 626 5.18 -39.99 25.31
C ASP C 626 3.82 -39.35 25.56
N LEU C 627 3.56 -38.96 26.81
CA LEU C 627 2.27 -38.37 27.14
C LEU C 627 2.38 -37.56 28.41
N GLU C 628 1.90 -36.32 28.36
CA GLU C 628 1.92 -35.48 29.56
C GLU C 628 1.10 -36.10 30.67
N ALA C 629 0.06 -36.84 30.30
CA ALA C 629 -0.80 -37.52 31.25
C ALA C 629 -0.44 -38.98 31.40
N ARG C 630 0.69 -39.41 30.81
CA ARG C 630 1.12 -40.80 30.93
C ARG C 630 1.09 -41.22 32.39
N GLU C 631 1.80 -40.47 33.23
CA GLU C 631 1.81 -40.66 34.67
C GLU C 631 1.08 -39.51 35.34
N ARG C 632 0.24 -38.81 34.57
CA ARG C 632 -0.53 -37.66 35.05
C ARG C 632 0.41 -36.60 35.59
N VAL C 633 1.48 -36.33 34.83
CA VAL C 633 2.46 -35.32 35.23
C VAL C 633 1.75 -34.03 35.59
N ALA C 634 0.71 -33.68 34.84
CA ALA C 634 -0.04 -32.47 35.13
C ALA C 634 -0.69 -32.55 36.50
N ALA C 635 -1.26 -33.71 36.84
CA ALA C 635 -1.89 -33.86 38.15
C ALA C 635 -0.84 -33.78 39.25
N ARG C 636 0.33 -34.39 39.01
CA ARG C 636 1.39 -34.33 40.00
C ARG C 636 1.82 -32.88 40.21
N LEU C 637 1.88 -32.11 39.13
CA LEU C 637 2.25 -30.70 39.26
C LEU C 637 1.18 -29.93 40.00
N ARG C 638 -0.09 -30.29 39.78
CA ARG C 638 -1.17 -29.62 40.50
C ARG C 638 -1.05 -29.87 41.99
N ASP C 639 -0.76 -31.12 42.36
CA ASP C 639 -0.59 -31.42 43.78
C ASP C 639 0.62 -30.70 44.33
N ARG C 640 1.68 -30.58 43.52
CA ARG C 640 2.87 -29.87 43.94
C ARG C 640 2.54 -28.42 44.27
N LEU C 641 1.91 -27.73 43.33
CA LEU C 641 1.55 -26.33 43.57
C LEU C 641 0.57 -26.22 44.72
N ARG C 642 -0.28 -27.24 44.92
CA ARG C 642 -1.20 -27.20 46.04
C ARG C 642 -0.43 -27.19 47.35
N LYS C 643 0.53 -28.10 47.47
CA LYS C 643 1.36 -28.13 48.66
C LYS C 643 2.30 -26.94 48.72
N ASP C 644 2.43 -26.21 47.62
CA ASP C 644 3.29 -25.04 47.55
C ASP C 644 2.62 -23.86 48.27
N TYR C 645 3.33 -22.73 48.28
CA TYR C 645 2.84 -21.54 48.94
C TYR C 645 1.45 -21.14 48.45
N VAL C 646 0.66 -20.57 49.36
CA VAL C 646 -0.70 -20.12 49.11
C VAL C 646 -0.70 -18.79 48.38
N GLY C 647 -1.88 -18.38 47.92
CA GLY C 647 -2.03 -17.10 47.23
C GLY C 647 -1.20 -16.95 45.97
N ILE C 648 -0.86 -18.05 45.31
CA ILE C 648 -0.07 -18.02 44.09
C ILE C 648 -0.94 -18.61 43.00
N SER C 649 -1.52 -17.75 42.16
CA SER C 649 -2.36 -18.26 41.09
C SER C 649 -1.53 -19.11 40.15
N THR C 650 -2.05 -20.28 39.81
CA THR C 650 -1.31 -21.18 38.94
C THR C 650 -2.29 -21.95 38.07
N TYR C 651 -1.83 -22.34 36.89
CA TYR C 651 -2.72 -23.08 35.99
C TYR C 651 -1.89 -23.92 35.01
N VAL C 652 -2.33 -25.16 34.83
CA VAL C 652 -1.68 -26.08 33.92
C VAL C 652 -2.29 -25.90 32.54
N GLN C 653 -1.55 -26.30 31.51
CA GLN C 653 -2.14 -26.11 30.21
C GLN C 653 -1.58 -27.01 29.11
N PRO C 654 -2.41 -27.85 28.54
CA PRO C 654 -1.99 -28.69 27.42
C PRO C 654 -2.26 -27.87 26.17
N LEU C 655 -1.33 -27.86 25.22
CA LEU C 655 -1.53 -27.08 24.00
C LEU C 655 -2.89 -27.38 23.37
N GLU C 656 -3.51 -26.34 22.82
CA GLU C 656 -4.82 -26.41 22.21
C GLU C 656 -4.74 -26.21 20.71
N MET C 657 -5.55 -26.98 19.98
CA MET C 657 -5.62 -26.92 18.53
C MET C 657 -6.80 -26.04 18.12
N GLY C 658 -6.52 -25.03 17.30
CA GLY C 658 -7.54 -24.12 16.84
C GLY C 658 -7.22 -22.68 17.18
N PRO C 659 -8.13 -21.77 16.84
CA PRO C 659 -7.92 -20.35 17.15
C PRO C 659 -7.78 -20.13 18.63
N PRO C 660 -6.86 -19.27 19.06
CA PRO C 660 -6.67 -19.04 20.50
C PRO C 660 -7.95 -18.56 21.16
N VAL C 661 -8.17 -19.07 22.39
CA VAL C 661 -9.34 -18.72 23.17
C VAL C 661 -8.99 -18.35 24.61
N GLY C 662 -7.71 -18.31 24.96
CA GLY C 662 -7.32 -17.96 26.31
C GLY C 662 -7.89 -18.95 27.30
N ARG C 663 -8.27 -18.45 28.47
CA ARG C 663 -8.83 -19.30 29.49
C ARG C 663 -10.14 -19.90 28.99
N PRO C 664 -10.47 -21.12 29.40
CA PRO C 664 -11.71 -21.74 28.92
C PRO C 664 -12.97 -21.02 29.37
N ILE C 665 -12.99 -20.46 30.57
CA ILE C 665 -14.18 -19.78 31.08
C ILE C 665 -13.78 -18.45 31.69
N GLN C 666 -14.38 -17.36 31.18
CA GLN C 666 -14.12 -16.02 31.65
C GLN C 666 -15.41 -15.22 31.61
N TYR C 667 -15.35 -14.03 32.21
CA TYR C 667 -16.48 -13.12 32.25
C TYR C 667 -15.93 -11.71 32.39
N ARG C 668 -16.55 -10.77 31.68
CA ARG C 668 -16.13 -9.38 31.71
C ARG C 668 -17.23 -8.53 32.33
N VAL C 669 -16.86 -7.67 33.26
CA VAL C 669 -17.79 -6.76 33.93
C VAL C 669 -17.29 -5.34 33.68
N SER C 670 -18.22 -4.47 33.30
CA SER C 670 -17.88 -3.09 32.98
C SER C 670 -18.32 -2.13 34.08
N GLY C 671 -17.77 -0.92 34.03
CA GLY C 671 -18.08 0.10 34.99
C GLY C 671 -17.25 1.36 34.80
N PRO C 672 -17.89 2.52 34.80
CA PRO C 672 -17.16 3.77 34.65
C PRO C 672 -16.53 4.26 35.94
N GLN C 673 -16.72 3.54 37.04
CA GLN C 673 -16.16 3.88 38.34
C GLN C 673 -15.43 2.66 38.89
N ILE C 674 -14.25 2.88 39.44
CA ILE C 674 -13.39 1.82 39.95
C ILE C 674 -14.02 0.98 41.05
N ASP C 675 -14.33 1.60 42.20
CA ASP C 675 -14.89 0.87 43.32
C ASP C 675 -16.21 0.20 42.96
N LYS C 676 -17.03 0.86 42.15
CA LYS C 676 -18.31 0.27 41.77
C LYS C 676 -18.12 -1.02 41.01
N VAL C 677 -17.34 -0.98 39.93
CA VAL C 677 -17.12 -2.19 39.15
C VAL C 677 -16.41 -3.26 39.98
N ARG C 678 -15.54 -2.84 40.91
CA ARG C 678 -14.85 -3.82 41.74
C ARG C 678 -15.83 -4.57 42.64
N GLU C 679 -16.58 -3.82 43.45
CA GLU C 679 -17.54 -4.44 44.35
C GLU C 679 -18.56 -5.26 43.56
N TYR C 680 -18.91 -4.82 42.35
CA TYR C 680 -19.87 -5.59 41.57
C TYR C 680 -19.26 -6.87 41.07
N ALA C 681 -17.98 -6.84 40.70
CA ALA C 681 -17.32 -8.07 40.27
C ALA C 681 -17.29 -9.05 41.42
N MET C 682 -17.08 -8.54 42.63
CA MET C 682 -17.08 -9.40 43.81
C MET C 682 -18.46 -9.99 44.03
N GLY C 683 -19.49 -9.14 44.00
CA GLY C 683 -20.86 -9.60 44.17
C GLY C 683 -21.30 -10.55 43.10
N LEU C 684 -20.62 -10.55 41.96
CA LEU C 684 -20.93 -11.46 40.86
C LEU C 684 -20.25 -12.80 41.10
N ALA C 685 -18.96 -12.77 41.44
CA ALA C 685 -18.23 -14.00 41.69
C ALA C 685 -18.85 -14.76 42.85
N GLY C 686 -19.45 -14.04 43.80
CA GLY C 686 -20.10 -14.70 44.93
C GLY C 686 -21.17 -15.66 44.46
N VAL C 687 -22.09 -15.17 43.64
CA VAL C 687 -23.15 -16.01 43.11
C VAL C 687 -22.59 -17.04 42.14
N LEU C 688 -21.56 -16.64 41.39
CA LEU C 688 -20.97 -17.54 40.41
C LEU C 688 -20.40 -18.79 41.06
N ASP C 689 -19.79 -18.65 42.23
CA ASP C 689 -19.21 -19.83 42.89
C ASP C 689 -20.26 -20.80 43.42
N GLY C 690 -21.54 -20.62 43.13
CA GLY C 690 -22.55 -21.53 43.63
C GLY C 690 -22.28 -22.98 43.27
N ASN C 691 -22.13 -23.25 41.99
CA ASN C 691 -21.86 -24.62 41.55
C ASN C 691 -20.45 -25.02 41.94
N PRO C 692 -20.25 -26.16 42.60
CA PRO C 692 -18.90 -26.59 42.98
C PRO C 692 -18.11 -27.28 41.89
N ASN C 693 -18.63 -27.38 40.67
CA ASN C 693 -17.87 -28.04 39.60
C ASN C 693 -16.74 -27.17 39.06
N ILE C 694 -16.51 -25.99 39.63
CA ILE C 694 -15.44 -25.11 39.20
C ILE C 694 -14.38 -25.11 40.27
N GLY C 695 -13.13 -25.31 39.87
CA GLY C 695 -12.03 -25.35 40.81
C GLY C 695 -11.82 -24.05 41.56
N ASP C 696 -11.53 -22.98 40.84
CA ASP C 696 -11.30 -21.70 41.46
C ASP C 696 -11.56 -20.60 40.46
N ILE C 697 -11.87 -19.42 40.98
CA ILE C 697 -12.13 -18.24 40.19
C ILE C 697 -11.06 -17.22 40.54
N VAL C 698 -10.71 -16.37 39.58
CA VAL C 698 -9.69 -15.36 39.76
C VAL C 698 -10.13 -14.07 39.09
N TYR C 699 -10.11 -12.98 39.86
CA TYR C 699 -10.47 -11.67 39.34
C TYR C 699 -9.27 -11.09 38.61
N ASP C 700 -9.42 -9.87 38.13
CA ASP C 700 -8.35 -9.18 37.42
C ASP C 700 -8.13 -7.81 38.05
N TRP C 701 -6.85 -7.43 38.14
CA TRP C 701 -6.43 -6.14 38.69
C TRP C 701 -7.27 -5.70 39.87
N ASN C 702 -7.56 -6.63 40.78
CA ASN C 702 -8.39 -6.36 41.95
C ASN C 702 -7.56 -6.13 43.20
N GLU C 703 -6.40 -5.48 43.07
CA GLU C 703 -5.56 -5.22 44.22
C GLU C 703 -4.87 -3.88 44.05
N PRO C 704 -4.74 -3.11 45.12
CA PRO C 704 -4.09 -1.81 45.03
C PRO C 704 -2.60 -1.89 45.32
N GLY C 705 -1.94 -0.77 45.14
CA GLY C 705 -0.50 -0.68 45.37
C GLY C 705 -0.21 0.46 46.32
N LYS C 706 0.81 0.26 47.15
CA LYS C 706 1.21 1.25 48.14
C LYS C 706 1.85 2.45 47.45
N MET C 707 1.11 3.54 47.35
CA MET C 707 1.58 4.76 46.73
C MET C 707 1.98 5.75 47.83
N LEU C 708 2.98 6.57 47.55
CA LEU C 708 3.47 7.55 48.50
C LEU C 708 3.17 8.95 47.96
N LYS C 709 2.34 9.70 48.69
CA LYS C 709 2.00 11.04 48.28
C LYS C 709 2.77 12.03 49.15
N ILE C 710 3.36 13.03 48.51
CA ILE C 710 4.16 14.04 49.16
C ILE C 710 3.89 15.39 48.49
N ASP C 711 4.06 16.47 49.25
CA ASP C 711 3.86 17.80 48.71
C ASP C 711 4.47 18.81 49.67
N ILE C 712 4.77 19.99 49.14
CA ILE C 712 5.39 21.06 49.92
C ILE C 712 4.58 22.34 49.78
N ALA C 713 4.67 23.18 50.81
CA ALA C 713 3.98 24.47 50.80
C ALA C 713 4.78 25.55 50.08
N GLN C 714 6.07 25.30 49.87
CA GLN C 714 7.00 26.19 49.18
C GLN C 714 7.28 27.47 49.96
N ASP C 715 6.59 27.69 51.07
CA ASP C 715 6.85 28.90 51.85
C ASP C 715 8.14 28.77 52.63
N LYS C 716 8.33 27.63 53.31
CA LYS C 716 9.55 27.42 54.06
C LYS C 716 10.74 27.32 53.11
N ALA C 717 10.49 26.85 51.88
CA ALA C 717 11.55 26.75 50.88
C ALA C 717 12.20 28.12 50.68
N ARG C 718 11.41 29.10 50.24
CA ARG C 718 11.94 30.44 50.07
C ARG C 718 12.40 31.00 51.40
N GLN C 719 11.78 30.55 52.49
CA GLN C 719 12.18 31.00 53.81
C GLN C 719 13.58 30.49 54.15
N LEU C 720 13.84 29.21 53.85
CA LEU C 720 15.14 28.61 54.09
C LEU C 720 16.12 28.89 52.97
N GLY C 721 15.66 29.48 51.87
CA GLY C 721 16.51 29.76 50.73
C GLY C 721 16.45 28.65 49.71
N LEU C 722 15.24 28.26 49.34
CA LEU C 722 15.02 27.19 48.38
C LEU C 722 13.91 27.60 47.40
N SER C 723 14.14 27.33 46.12
CA SER C 723 13.17 27.65 45.09
C SER C 723 12.61 26.38 44.48
N SER C 724 11.43 26.53 43.86
CA SER C 724 10.77 25.39 43.22
C SER C 724 11.68 24.69 42.25
N GLU C 725 12.52 25.45 41.54
CA GLU C 725 13.45 24.87 40.59
C GLU C 725 14.35 23.85 41.28
N ASP C 726 15.05 24.28 42.33
CA ASP C 726 15.90 23.35 43.05
C ASP C 726 15.07 22.26 43.71
N VAL C 727 13.80 22.55 44.01
CA VAL C 727 12.93 21.54 44.60
C VAL C 727 12.78 20.38 43.63
N ALA C 728 12.37 20.67 42.39
CA ALA C 728 12.21 19.63 41.39
C ALA C 728 13.55 18.96 41.09
N GLN C 729 14.63 19.73 41.08
CA GLN C 729 15.94 19.15 40.82
C GLN C 729 16.27 18.10 41.87
N ILE C 730 16.09 18.44 43.14
CA ILE C 730 16.36 17.49 44.21
C ILE C 730 15.46 16.28 44.09
N MET C 731 14.15 16.52 43.89
CA MET C 731 13.21 15.42 43.75
C MET C 731 13.62 14.47 42.64
N ASN C 732 14.21 15.00 41.57
CA ASN C 732 14.67 14.14 40.50
C ASN C 732 15.91 13.38 40.92
N SER C 733 16.84 14.07 41.59
CA SER C 733 18.07 13.44 42.06
C SER C 733 17.81 12.35 43.09
N VAL C 734 16.58 12.27 43.61
CA VAL C 734 16.26 11.25 44.61
C VAL C 734 15.64 10.02 43.97
N VAL C 735 14.86 10.19 42.91
CA VAL C 735 14.22 9.05 42.27
C VAL C 735 15.05 8.55 41.10
N THR C 736 15.18 9.37 40.06
CA THR C 736 15.94 9.02 38.87
C THR C 736 16.70 10.27 38.44
N GLY C 737 18.03 10.23 38.53
CA GLY C 737 18.84 11.37 38.15
C GLY C 737 18.68 11.72 36.69
N SER C 738 19.23 12.90 36.35
CA SER C 738 19.15 13.39 34.99
C SER C 738 19.84 12.45 34.02
N ALA C 739 19.48 12.58 32.75
CA ALA C 739 20.04 11.77 31.67
C ALA C 739 21.13 12.54 30.94
N VAL C 740 22.13 11.80 30.48
CA VAL C 740 23.25 12.37 29.76
C VAL C 740 23.41 11.62 28.44
N THR C 741 24.45 11.98 27.70
CA THR C 741 24.72 11.35 26.41
C THR C 741 25.02 9.86 26.58
N GLN C 742 24.82 9.12 25.49
CA GLN C 742 25.10 7.70 25.46
C GLN C 742 26.55 7.50 25.04
N VAL C 743 27.00 6.25 25.03
CA VAL C 743 28.37 5.94 24.63
C VAL C 743 28.34 4.86 23.56
N ARG C 744 29.40 4.84 22.76
CA ARG C 744 29.54 3.86 21.69
C ARG C 744 30.80 3.05 21.97
N ASP C 745 30.65 2.01 22.79
CA ASP C 745 31.77 1.15 23.12
C ASP C 745 31.95 0.04 22.10
N ASP C 746 30.89 -0.28 21.36
CA ASP C 746 30.88 -1.32 20.35
C ASP C 746 29.70 -1.02 19.42
N ILE C 747 29.29 -2.02 18.65
CA ILE C 747 28.15 -1.86 17.77
C ILE C 747 26.92 -1.42 18.54
N TYR C 748 26.88 -1.67 19.85
CA TYR C 748 25.77 -1.28 20.69
C TYR C 748 26.01 0.11 21.26
N LEU C 749 25.01 0.61 21.99
CA LEU C 749 25.08 1.92 22.63
C LEU C 749 24.65 1.79 24.08
N VAL C 750 25.39 2.46 24.97
CA VAL C 750 25.10 2.44 26.40
C VAL C 750 24.86 3.88 26.83
N ASN C 751 23.69 4.14 27.38
CA ASN C 751 23.33 5.47 27.84
C ASN C 751 23.65 5.59 29.33
N VAL C 752 24.49 6.54 29.66
CA VAL C 752 24.88 6.77 31.04
C VAL C 752 23.84 7.66 31.70
N ILE C 753 23.63 7.47 33.01
CA ILE C 753 22.64 8.26 33.74
C ILE C 753 23.27 8.79 35.00
N GLY C 754 22.91 10.02 35.36
CA GLY C 754 23.40 10.64 36.57
C GLY C 754 22.48 10.35 37.72
N ARG C 755 22.94 10.66 38.92
CA ARG C 755 22.14 10.43 40.12
C ARG C 755 22.90 10.98 41.31
N ALA C 756 22.16 11.29 42.37
CA ALA C 756 22.78 11.81 43.58
C ALA C 756 23.43 10.65 44.32
N GLU C 757 23.93 10.91 45.52
CA GLU C 757 24.55 9.86 46.31
C GLU C 757 23.50 8.84 46.73
N ASP C 758 23.88 7.56 46.67
CA ASP C 758 22.95 6.49 47.04
C ASP C 758 22.86 6.27 48.54
N SER C 759 23.70 6.92 49.33
CA SER C 759 23.62 6.72 50.78
C SER C 759 22.37 7.35 51.38
N GLU C 760 21.50 7.86 50.50
CA GLU C 760 20.26 8.49 50.91
C GLU C 760 19.08 7.91 50.13
N ARG C 761 19.28 6.84 49.38
CA ARG C 761 18.22 6.21 48.59
C ARG C 761 18.37 4.70 48.66
N GLY C 762 17.26 4.00 48.40
CA GLY C 762 17.27 2.55 48.43
C GLY C 762 16.16 1.87 49.22
N SER C 763 15.78 2.44 50.36
CA SER C 763 14.73 1.85 51.17
C SER C 763 13.91 2.96 51.82
N LEU C 764 12.61 2.69 52.00
CA LEU C 764 11.72 3.69 52.59
C LEU C 764 12.03 3.95 54.05
N GLU C 765 12.38 2.91 54.80
CA GLU C 765 12.66 3.10 56.23
C GLU C 765 13.74 4.15 56.44
N THR C 766 14.83 4.08 55.68
CA THR C 766 15.88 5.07 55.84
C THR C 766 15.45 6.44 55.29
N LEU C 767 14.42 6.47 54.44
CA LEU C 767 13.92 7.71 53.88
C LEU C 767 13.05 8.49 54.86
N GLU C 768 13.03 8.09 56.12
CA GLU C 768 12.25 8.75 57.15
C GLU C 768 13.16 9.71 57.91
N SER C 769 12.70 10.95 58.09
CA SER C 769 13.46 11.99 58.77
C SER C 769 14.79 12.21 58.07
N LEU C 770 14.69 12.61 56.80
CA LEU C 770 15.86 12.85 55.96
C LEU C 770 16.34 14.28 56.08
N GLN C 771 17.61 14.46 56.42
CA GLN C 771 18.23 15.78 56.53
C GLN C 771 18.71 16.12 55.12
N ILE C 772 17.75 16.53 54.29
CA ILE C 772 18.05 16.85 52.90
C ILE C 772 18.97 18.06 52.83
N VAL C 773 19.97 17.96 51.95
CA VAL C 773 20.92 19.05 51.76
C VAL C 773 20.30 20.10 50.83
N THR C 774 20.84 21.30 50.89
CA THR C 774 20.38 22.40 50.06
C THR C 774 21.48 22.85 49.13
N PRO C 775 21.14 23.40 47.96
CA PRO C 775 22.20 23.87 47.05
C PRO C 775 23.07 24.94 47.66
N SER C 776 22.59 25.60 48.72
CA SER C 776 23.34 26.63 49.42
C SER C 776 24.27 26.05 50.47
N GLY C 777 24.50 24.73 50.45
CA GLY C 777 25.36 24.07 51.40
C GLY C 777 24.67 23.61 52.66
N THR C 778 23.58 24.29 53.06
CA THR C 778 22.86 23.92 54.26
C THR C 778 22.16 22.59 54.10
N SER C 779 21.75 22.03 55.23
CA SER C 779 21.05 20.76 55.28
C SER C 779 20.00 20.85 56.38
N ILE C 780 18.76 20.53 56.04
CA ILE C 780 17.66 20.60 57.01
C ILE C 780 16.87 19.31 56.96
N PRO C 781 16.38 18.80 58.09
CA PRO C 781 15.58 17.57 58.07
C PRO C 781 14.34 17.75 57.23
N LEU C 782 13.74 16.63 56.85
CA LEU C 782 12.54 16.61 56.04
C LEU C 782 11.32 17.23 56.74
N LYS C 783 11.49 17.71 57.97
CA LYS C 783 10.38 18.30 58.72
C LYS C 783 9.63 19.35 57.91
N ALA C 784 10.30 19.99 56.96
CA ALA C 784 9.63 21.01 56.14
C ALA C 784 8.65 20.40 55.15
N PHE C 785 8.49 19.09 55.13
CA PHE C 785 7.57 18.44 54.20
C PHE C 785 6.22 18.24 54.89
N ALA C 786 5.23 17.83 54.10
CA ALA C 786 3.90 17.62 54.65
C ALA C 786 3.13 16.64 53.77
N LYS C 787 2.01 16.16 54.33
CA LYS C 787 1.09 15.22 53.67
C LYS C 787 1.82 13.99 53.15
N VAL C 788 3.03 13.73 53.63
CA VAL C 788 3.78 12.55 53.20
C VAL C 788 3.10 11.33 53.81
N SER C 789 2.36 10.58 53.00
CA SER C 789 1.67 9.43 53.57
C SER C 789 1.46 8.34 52.52
N TYR C 790 0.90 7.24 53.00
CA TYR C 790 0.60 6.06 52.19
C TYR C 790 -0.83 6.12 51.68
N GLU C 791 -1.00 5.70 50.44
CA GLU C 791 -2.31 5.63 49.79
C GLU C 791 -2.32 4.34 48.99
N LEU C 792 -3.48 4.03 48.41
CA LEU C 792 -3.63 2.82 47.63
C LEU C 792 -4.04 3.16 46.21
N GLU C 793 -3.44 2.47 45.25
CA GLU C 793 -3.76 2.71 43.84
C GLU C 793 -3.37 1.48 43.03
N GLN C 794 -4.36 0.87 42.39
CA GLN C 794 -4.11 -0.30 41.57
C GLN C 794 -3.31 0.09 40.34
N PRO C 795 -2.09 -0.42 40.16
CA PRO C 795 -1.27 -0.06 39.01
C PRO C 795 -1.63 -0.76 37.72
N LEU C 796 -2.73 -1.51 37.66
CA LEU C 796 -3.14 -2.22 36.46
C LEU C 796 -4.62 -2.00 36.23
N VAL C 797 -4.98 -1.66 34.98
CA VAL C 797 -6.37 -1.43 34.59
C VAL C 797 -6.57 -2.00 33.19
N TRP C 798 -7.82 -2.01 32.74
CA TRP C 798 -8.20 -2.51 31.43
C TRP C 798 -9.33 -1.63 30.91
N ARG C 799 -8.96 -0.62 30.11
CA ARG C 799 -9.98 0.27 29.58
C ARG C 799 -10.59 -0.28 28.30
N ARG C 800 -11.10 -1.50 28.35
CA ARG C 800 -11.71 -2.12 27.19
C ARG C 800 -12.78 -1.20 26.61
N ASP C 801 -12.63 -0.86 25.34
CA ASP C 801 -13.55 0.03 24.64
C ASP C 801 -13.68 1.35 25.39
N ARG C 802 -12.53 1.89 25.80
CA ARG C 802 -12.47 3.16 26.52
C ARG C 802 -13.30 3.12 27.80
N LYS C 803 -13.34 1.96 28.46
CA LYS C 803 -14.11 1.87 29.67
C LYS C 803 -13.46 0.86 30.60
N PRO C 804 -13.33 1.18 31.88
CA PRO C 804 -12.73 0.23 32.81
C PRO C 804 -13.55 -1.04 32.87
N THR C 805 -12.87 -2.16 33.13
CA THR C 805 -13.54 -3.44 33.22
C THR C 805 -12.65 -4.43 33.94
N ILE C 806 -13.26 -5.55 34.33
CA ILE C 806 -12.56 -6.62 35.03
C ILE C 806 -12.90 -7.93 34.34
N THR C 807 -11.92 -8.83 34.31
CA THR C 807 -12.07 -10.14 33.70
C THR C 807 -11.85 -11.20 34.74
N VAL C 808 -12.89 -11.96 35.05
CA VAL C 808 -12.83 -13.05 36.02
C VAL C 808 -12.75 -14.35 35.24
N LYS C 809 -11.67 -15.08 35.44
CA LYS C 809 -11.45 -16.35 34.78
C LYS C 809 -11.55 -17.47 35.80
N ALA C 810 -12.13 -18.59 35.41
CA ALA C 810 -12.28 -19.69 36.35
C ALA C 810 -11.86 -21.03 35.77
N SER C 811 -11.22 -21.84 36.61
CA SER C 811 -10.82 -23.17 36.22
C SER C 811 -12.03 -24.10 36.30
N LEU C 812 -11.84 -25.34 35.91
CA LEU C 812 -12.94 -26.29 35.93
C LEU C 812 -12.59 -27.52 36.73
N ARG C 813 -13.59 -28.39 36.90
CA ARG C 813 -13.47 -29.64 37.62
C ARG C 813 -14.36 -30.64 36.90
N GLY C 814 -14.26 -31.90 37.32
CA GLY C 814 -15.08 -32.91 36.69
C GLY C 814 -14.73 -33.08 35.23
N GLU C 815 -15.75 -33.15 34.38
CA GLU C 815 -15.54 -33.33 32.95
C GLU C 815 -16.48 -32.54 32.05
N ILE C 816 -17.37 -31.71 32.60
CA ILE C 816 -18.30 -30.99 31.74
C ILE C 816 -17.57 -29.96 30.88
N GLN C 817 -18.24 -29.52 29.83
CA GLN C 817 -17.82 -28.54 28.84
C GLN C 817 -18.28 -27.15 29.27
N PRO C 818 -17.44 -26.14 29.03
CA PRO C 818 -17.81 -24.77 29.44
C PRO C 818 -19.16 -24.32 28.92
N THR C 819 -19.54 -24.74 27.72
CA THR C 819 -20.82 -24.35 27.16
C THR C 819 -21.97 -24.82 28.05
N ASP C 820 -21.95 -26.09 28.44
CA ASP C 820 -23.01 -26.62 29.29
C ASP C 820 -23.08 -25.90 30.62
N LEU C 821 -21.92 -25.65 31.22
CA LEU C 821 -21.89 -24.94 32.50
C LEU C 821 -22.47 -23.55 32.35
N VAL C 822 -22.14 -22.88 31.26
CA VAL C 822 -22.67 -21.54 31.01
C VAL C 822 -24.18 -21.60 30.88
N ALA C 823 -24.68 -22.57 30.12
CA ALA C 823 -26.12 -22.71 29.96
C ALA C 823 -26.80 -22.93 31.29
N ARG C 824 -26.20 -23.78 32.14
CA ARG C 824 -26.80 -24.05 33.45
C ARG C 824 -26.84 -22.80 34.31
N LEU C 825 -25.72 -22.11 34.44
CA LEU C 825 -25.64 -20.92 35.28
C LEU C 825 -26.24 -19.67 34.65
N ALA C 826 -26.72 -19.74 33.42
CA ALA C 826 -27.26 -18.56 32.74
C ALA C 826 -28.38 -17.84 33.48
N PRO C 827 -29.46 -18.49 33.93
CA PRO C 827 -30.55 -17.72 34.57
C PRO C 827 -30.19 -16.92 35.82
N GLU C 828 -29.67 -17.59 36.85
CA GLU C 828 -29.34 -16.92 38.11
C GLU C 828 -28.42 -15.72 37.88
N VAL C 829 -27.32 -15.94 37.16
CA VAL C 829 -26.39 -14.85 36.92
C VAL C 829 -27.07 -13.74 36.13
N LYS C 830 -27.98 -14.10 35.23
CA LYS C 830 -28.68 -13.07 34.46
C LYS C 830 -29.51 -12.19 35.39
N ARG C 831 -30.23 -12.82 36.31
CA ARG C 831 -31.03 -12.06 37.26
C ARG C 831 -30.12 -11.16 38.08
N PHE C 832 -29.00 -11.70 38.55
CA PHE C 832 -28.06 -10.89 39.33
C PHE C 832 -27.65 -9.67 38.54
N ALA C 833 -27.27 -9.87 37.28
CA ALA C 833 -26.88 -8.76 36.43
C ALA C 833 -27.99 -7.74 36.34
N ASP C 834 -29.23 -8.21 36.18
CA ASP C 834 -30.37 -7.30 36.12
C ASP C 834 -30.45 -6.46 37.39
N GLY C 835 -30.06 -7.04 38.52
CA GLY C 835 -30.09 -6.30 39.77
C GLY C 835 -28.86 -5.42 39.90
N LEU C 836 -28.78 -4.38 39.06
CA LEU C 836 -27.66 -3.46 39.06
C LEU C 836 -27.99 -2.25 38.20
N PRO C 837 -27.37 -1.09 38.44
CA PRO C 837 -27.67 0.09 37.61
C PRO C 837 -27.50 -0.22 36.12
N ALA C 838 -28.26 0.49 35.30
CA ALA C 838 -28.24 0.27 33.85
C ALA C 838 -26.89 0.61 33.24
N ASN C 839 -26.21 1.63 33.76
CA ASN C 839 -24.93 2.03 33.19
C ASN C 839 -23.88 0.93 33.22
N TYR C 840 -24.10 -0.13 33.99
CA TYR C 840 -23.15 -1.24 34.06
C TYR C 840 -23.62 -2.37 33.15
N ARG C 841 -22.71 -3.31 32.89
CA ARG C 841 -23.05 -4.42 32.01
C ARG C 841 -22.08 -5.58 32.23
N ILE C 842 -22.58 -6.78 32.00
CA ILE C 842 -21.80 -8.01 32.13
C ILE C 842 -21.86 -8.77 30.82
N GLU C 843 -20.80 -9.48 30.51
CA GLU C 843 -20.73 -10.28 29.29
C GLU C 843 -19.89 -11.51 29.58
N VAL C 844 -20.07 -12.53 28.77
CA VAL C 844 -19.30 -13.75 28.94
C VAL C 844 -17.91 -13.57 28.35
N GLY C 845 -16.98 -14.39 28.80
CA GLY C 845 -15.61 -14.31 28.30
C GLY C 845 -15.03 -15.66 27.99
N GLY C 846 -15.88 -16.67 27.91
CA GLY C 846 -15.43 -18.02 27.63
C GLY C 846 -15.20 -18.30 26.16
N THR C 847 -15.74 -19.42 25.67
CA THR C 847 -15.59 -19.81 24.29
C THR C 847 -16.88 -19.75 23.48
N VAL C 848 -18.03 -19.59 24.13
CA VAL C 848 -19.29 -19.53 23.41
C VAL C 848 -19.27 -18.41 22.37
N GLU C 849 -18.66 -17.27 22.72
CA GLU C 849 -18.58 -16.14 21.80
C GLU C 849 -17.92 -16.54 20.50
N GLU C 850 -16.75 -17.16 20.60
CA GLU C 850 -15.99 -17.57 19.43
C GLU C 850 -16.75 -18.60 18.61
N SER C 851 -17.38 -19.57 19.28
CA SER C 851 -18.14 -20.59 18.56
C SER C 851 -19.27 -19.94 17.77
N GLY C 852 -20.01 -19.03 18.41
CA GLY C 852 -21.09 -18.36 17.70
C GLY C 852 -20.59 -17.53 16.55
N LYS C 853 -19.49 -16.79 16.77
CA LYS C 853 -18.93 -15.97 15.70
C LYS C 853 -18.53 -16.84 14.52
N ALA C 854 -17.95 -18.00 14.79
CA ALA C 854 -17.54 -18.90 13.71
C ALA C 854 -18.75 -19.42 12.95
N GLU C 855 -19.77 -19.91 13.67
CA GLU C 855 -20.96 -20.44 13.02
C GLU C 855 -21.90 -19.35 12.51
N GLY C 856 -21.55 -18.08 12.64
CA GLY C 856 -22.38 -17.00 12.20
C GLY C 856 -22.91 -17.11 10.79
N PRO C 857 -22.02 -17.00 9.80
CA PRO C 857 -22.47 -17.09 8.40
C PRO C 857 -23.03 -18.43 8.02
N ILE C 858 -22.75 -19.49 8.78
CA ILE C 858 -23.25 -20.81 8.46
C ILE C 858 -24.76 -20.79 8.30
N ALA C 859 -25.46 -20.33 9.34
CA ALA C 859 -26.92 -20.27 9.29
C ALA C 859 -27.40 -19.43 8.12
N LYS C 860 -26.77 -18.30 7.87
CA LYS C 860 -27.17 -17.42 6.78
C LYS C 860 -26.67 -17.87 5.41
N VAL C 861 -26.05 -19.05 5.32
CA VAL C 861 -25.55 -19.48 4.02
C VAL C 861 -26.08 -20.86 3.61
N VAL C 862 -26.05 -21.81 4.53
CA VAL C 862 -26.48 -23.19 4.25
C VAL C 862 -27.86 -23.39 3.65
N PRO C 863 -28.93 -22.66 4.05
CA PRO C 863 -30.24 -22.95 3.43
C PRO C 863 -30.24 -22.71 1.93
N LEU C 864 -29.53 -21.68 1.46
CA LEU C 864 -29.48 -21.42 0.04
C LEU C 864 -28.93 -22.63 -0.70
N MET C 865 -27.83 -23.17 -0.20
CA MET C 865 -27.25 -24.36 -0.82
C MET C 865 -28.19 -25.54 -0.69
N LEU C 866 -29.01 -25.55 0.35
CA LEU C 866 -29.99 -26.63 0.50
C LEU C 866 -30.96 -26.59 -0.66
N PHE C 867 -31.52 -25.41 -0.93
CA PHE C 867 -32.44 -25.29 -2.05
C PHE C 867 -31.72 -25.58 -3.36
N LEU C 868 -30.43 -25.24 -3.42
CA LEU C 868 -29.66 -25.50 -4.63
C LEU C 868 -29.62 -27.00 -4.91
N MET C 869 -29.21 -27.79 -3.91
CA MET C 869 -29.16 -29.23 -4.10
C MET C 869 -30.54 -29.81 -4.32
N ALA C 870 -31.57 -29.21 -3.70
CA ALA C 870 -32.92 -29.71 -3.90
C ALA C 870 -33.31 -29.56 -5.37
N THR C 871 -33.09 -28.38 -5.94
CA THR C 871 -33.40 -28.20 -7.36
C THR C 871 -32.56 -29.14 -8.19
N PHE C 872 -31.30 -29.32 -7.81
CA PHE C 872 -30.41 -30.24 -8.50
C PHE C 872 -31.05 -31.62 -8.58
N LEU C 873 -31.65 -32.06 -7.47
CA LEU C 873 -32.33 -33.35 -7.45
C LEU C 873 -33.54 -33.31 -8.36
N MET C 874 -34.31 -32.23 -8.28
CA MET C 874 -35.49 -32.09 -9.12
C MET C 874 -35.14 -32.17 -10.59
N ILE C 875 -33.88 -31.91 -10.94
CA ILE C 875 -33.48 -32.01 -12.34
C ILE C 875 -33.58 -33.45 -12.81
N GLN C 876 -33.03 -34.37 -12.02
CA GLN C 876 -33.07 -35.79 -12.39
C GLN C 876 -34.48 -36.35 -12.30
N LEU C 877 -35.29 -35.87 -11.37
CA LEU C 877 -36.65 -36.34 -11.21
C LEU C 877 -37.61 -35.41 -11.96
N GLN C 878 -38.90 -35.72 -11.88
CA GLN C 878 -39.91 -34.90 -12.54
C GLN C 878 -41.18 -34.75 -11.72
N SER C 879 -41.18 -35.15 -10.45
CA SER C 879 -42.38 -35.04 -9.63
C SER C 879 -42.00 -34.68 -8.20
N VAL C 880 -42.75 -33.73 -7.62
CA VAL C 880 -42.49 -33.31 -6.26
C VAL C 880 -42.77 -34.46 -5.30
N GLN C 881 -43.62 -35.41 -5.68
CA GLN C 881 -43.91 -36.54 -4.81
C GLN C 881 -42.64 -37.32 -4.53
N LYS C 882 -41.93 -37.72 -5.58
CA LYS C 882 -40.69 -38.45 -5.39
C LYS C 882 -39.68 -37.60 -4.65
N LEU C 883 -39.72 -36.29 -4.89
CA LEU C 883 -38.82 -35.36 -4.21
C LEU C 883 -39.00 -35.47 -2.70
N PHE C 884 -40.23 -35.25 -2.22
CA PHE C 884 -40.50 -35.35 -0.80
C PHE C 884 -40.24 -36.76 -0.29
N LEU C 885 -40.48 -37.77 -1.13
CA LEU C 885 -40.23 -39.14 -0.73
C LEU C 885 -38.78 -39.35 -0.35
N VAL C 886 -37.86 -39.04 -1.26
CA VAL C 886 -36.44 -39.20 -0.94
C VAL C 886 -36.02 -38.20 0.13
N ALA C 887 -36.69 -37.06 0.22
CA ALA C 887 -36.32 -36.08 1.23
C ALA C 887 -36.63 -36.57 2.63
N SER C 888 -37.67 -37.39 2.78
CA SER C 888 -38.04 -37.89 4.09
C SER C 888 -36.89 -38.64 4.75
N VAL C 889 -36.06 -39.31 3.96
CA VAL C 889 -34.94 -40.06 4.50
C VAL C 889 -33.86 -39.14 5.06
N ALA C 890 -33.73 -37.94 4.49
CA ALA C 890 -32.69 -37.00 4.92
C ALA C 890 -32.70 -36.71 6.41
N PRO C 891 -33.77 -36.17 7.01
CA PRO C 891 -33.68 -35.87 8.45
C PRO C 891 -33.65 -37.09 9.34
N LEU C 892 -34.38 -38.15 8.97
CA LEU C 892 -34.42 -39.35 9.79
C LEU C 892 -33.05 -39.92 10.12
N GLY C 893 -32.03 -39.59 9.32
CA GLY C 893 -30.70 -40.10 9.59
C GLY C 893 -30.07 -39.63 10.89
N LEU C 894 -30.71 -38.69 11.59
CA LEU C 894 -30.15 -38.18 12.84
C LEU C 894 -30.27 -39.21 13.96
N ILE C 895 -30.72 -40.42 13.65
CA ILE C 895 -30.86 -41.44 14.67
C ILE C 895 -29.49 -41.95 15.13
N GLY C 896 -28.72 -42.51 14.21
CA GLY C 896 -27.41 -43.04 14.56
C GLY C 896 -26.43 -42.00 15.06
N VAL C 897 -26.43 -40.81 14.44
CA VAL C 897 -25.50 -39.75 14.83
C VAL C 897 -25.55 -39.47 16.33
N VAL C 898 -26.69 -39.72 16.97
CA VAL C 898 -26.81 -39.51 18.39
C VAL C 898 -26.79 -40.82 19.16
N ALA C 899 -27.31 -41.91 18.58
CA ALA C 899 -27.29 -43.19 19.27
C ALA C 899 -25.88 -43.64 19.55
N ALA C 900 -24.97 -43.42 18.59
CA ALA C 900 -23.58 -43.78 18.75
C ALA C 900 -22.78 -42.67 19.40
N LEU C 901 -23.44 -41.75 20.06
CA LEU C 901 -22.78 -40.62 20.71
C LEU C 901 -23.14 -40.48 22.19
N LEU C 902 -24.39 -40.77 22.55
CA LEU C 902 -24.80 -40.65 23.95
C LEU C 902 -24.06 -41.58 24.89
N PRO C 903 -23.99 -42.90 24.66
CA PRO C 903 -23.28 -43.76 25.63
C PRO C 903 -21.82 -43.39 25.80
N THR C 904 -21.14 -43.02 24.72
CA THR C 904 -19.73 -42.64 24.83
C THR C 904 -19.55 -41.31 25.55
N GLY C 905 -20.61 -40.52 25.67
CA GLY C 905 -20.51 -39.24 26.33
C GLY C 905 -19.58 -38.28 25.64
N THR C 906 -19.39 -38.45 24.33
CA THR C 906 -18.50 -37.57 23.60
C THR C 906 -19.21 -36.27 23.25
N PRO C 907 -18.63 -35.12 23.55
CA PRO C 907 -19.29 -33.86 23.25
C PRO C 907 -19.50 -33.67 21.75
N MET C 908 -20.51 -32.88 21.42
CA MET C 908 -20.80 -32.61 20.02
C MET C 908 -19.65 -31.83 19.41
N GLY C 909 -18.94 -32.45 18.47
CA GLY C 909 -17.80 -31.81 17.84
C GLY C 909 -18.19 -30.95 16.65
N PHE C 910 -17.49 -29.83 16.51
CA PHE C 910 -17.74 -28.93 15.40
C PHE C 910 -17.59 -29.66 14.07
N VAL C 911 -16.52 -30.46 13.96
CA VAL C 911 -16.28 -31.24 12.76
C VAL C 911 -17.50 -32.07 12.42
N ALA C 912 -18.19 -32.58 13.44
CA ALA C 912 -19.41 -33.34 13.20
C ALA C 912 -20.51 -32.43 12.70
N ILE C 913 -20.59 -31.21 13.26
CA ILE C 913 -21.56 -30.23 12.84
C ILE C 913 -21.41 -29.97 11.37
N LEU C 914 -20.22 -30.24 10.84
CA LEU C 914 -19.97 -30.06 9.41
C LEU C 914 -20.27 -31.34 8.62
N GLY C 915 -19.69 -32.46 9.06
CA GLY C 915 -19.89 -33.72 8.37
C GLY C 915 -21.32 -34.19 8.25
N ILE C 916 -22.19 -33.76 9.17
CA ILE C 916 -23.58 -34.19 9.08
C ILE C 916 -24.17 -33.79 7.73
N LEU C 917 -23.73 -32.66 7.18
CA LEU C 917 -24.24 -32.25 5.88
C LEU C 917 -23.80 -33.24 4.80
N ALA C 918 -22.55 -33.69 4.87
CA ALA C 918 -22.08 -34.69 3.92
C ALA C 918 -22.91 -35.95 4.05
N LEU C 919 -23.30 -36.27 5.29
CA LEU C 919 -24.14 -37.43 5.51
C LEU C 919 -25.47 -37.25 4.80
N ILE C 920 -26.03 -36.05 4.87
CA ILE C 920 -27.28 -35.75 4.20
C ILE C 920 -27.12 -35.99 2.70
N GLY C 921 -26.02 -35.48 2.14
CA GLY C 921 -25.79 -35.65 0.72
C GLY C 921 -25.71 -37.10 0.29
N ILE C 922 -24.90 -37.89 1.00
CA ILE C 922 -24.74 -39.29 0.62
C ILE C 922 -26.04 -40.08 0.78
N ILE C 923 -26.78 -39.84 1.87
CA ILE C 923 -28.02 -40.59 2.05
C ILE C 923 -29.01 -40.22 0.95
N ILE C 924 -29.06 -38.93 0.58
CA ILE C 924 -29.96 -38.54 -0.49
C ILE C 924 -29.54 -39.21 -1.78
N ARG C 925 -28.24 -39.35 -1.97
CA ARG C 925 -27.72 -40.02 -3.16
C ARG C 925 -28.25 -41.44 -3.24
N ASN C 926 -28.15 -42.18 -2.14
CA ASN C 926 -28.64 -43.55 -2.12
C ASN C 926 -30.15 -43.60 -2.37
N SER C 927 -30.89 -42.70 -1.74
CA SER C 927 -32.34 -42.67 -1.92
C SER C 927 -32.69 -42.43 -3.38
N VAL C 928 -31.95 -41.54 -4.05
CA VAL C 928 -32.19 -41.26 -5.45
C VAL C 928 -31.92 -42.51 -6.27
N ILE C 929 -30.83 -43.21 -5.97
CA ILE C 929 -30.51 -44.44 -6.69
C ILE C 929 -31.67 -45.41 -6.58
N LEU C 930 -32.24 -45.54 -5.38
CA LEU C 930 -33.34 -46.48 -5.17
C LEU C 930 -34.59 -46.07 -5.94
N VAL C 931 -35.00 -44.81 -5.83
CA VAL C 931 -36.22 -44.40 -6.53
C VAL C 931 -36.04 -44.54 -8.03
N THR C 932 -34.85 -44.25 -8.54
CA THR C 932 -34.59 -44.38 -9.96
C THR C 932 -34.70 -45.84 -10.38
N GLN C 933 -34.15 -46.75 -9.55
CA GLN C 933 -34.25 -48.16 -9.88
C GLN C 933 -35.69 -48.63 -9.86
N ILE C 934 -36.49 -48.12 -8.92
CA ILE C 934 -37.89 -48.51 -8.83
C ILE C 934 -38.66 -48.07 -10.07
N ASP C 935 -38.71 -46.76 -10.30
CA ASP C 935 -39.45 -46.29 -11.46
C ASP C 935 -38.79 -46.65 -12.78
N ALA C 936 -37.60 -47.24 -12.75
CA ALA C 936 -36.91 -47.61 -13.99
C ALA C 936 -37.73 -48.61 -14.79
N PHE C 937 -37.96 -49.80 -14.24
CA PHE C 937 -38.71 -50.82 -14.94
C PHE C 937 -40.22 -50.66 -14.77
N GLU C 938 -40.67 -49.86 -13.80
CA GLU C 938 -42.11 -49.70 -13.63
C GLU C 938 -42.73 -49.04 -14.87
N LYS C 939 -41.91 -48.42 -15.72
CA LYS C 939 -42.42 -47.83 -16.94
C LYS C 939 -43.16 -48.85 -17.77
N ASP C 940 -42.84 -50.13 -17.59
CA ASP C 940 -43.49 -51.23 -18.28
C ASP C 940 -44.86 -51.55 -17.72
N GLY C 941 -45.26 -50.89 -16.64
CA GLY C 941 -46.56 -51.13 -16.04
C GLY C 941 -46.70 -52.48 -15.37
N LYS C 942 -45.61 -53.02 -14.84
CA LYS C 942 -45.67 -54.31 -14.18
C LYS C 942 -46.36 -54.17 -12.82
N THR C 943 -46.55 -55.30 -12.15
CA THR C 943 -47.21 -55.32 -10.85
C THR C 943 -46.42 -54.49 -9.85
N PRO C 944 -46.99 -53.41 -9.31
CA PRO C 944 -46.25 -52.60 -8.33
C PRO C 944 -45.70 -53.42 -7.19
N TRP C 945 -46.47 -54.38 -6.68
CA TRP C 945 -45.97 -55.24 -5.61
C TRP C 945 -44.70 -55.93 -6.07
N GLU C 946 -44.81 -56.70 -7.15
CA GLU C 946 -43.66 -57.42 -7.68
C GLU C 946 -42.60 -56.45 -8.20
N ALA C 947 -43.01 -55.28 -8.69
CA ALA C 947 -42.03 -54.32 -9.18
C ALA C 947 -41.09 -53.89 -8.06
N VAL C 948 -41.67 -53.41 -6.95
CA VAL C 948 -40.85 -53.00 -5.83
C VAL C 948 -40.09 -54.19 -5.26
N LEU C 949 -40.72 -55.38 -5.27
CA LEU C 949 -40.06 -56.57 -4.78
C LEU C 949 -38.77 -56.82 -5.55
N GLU C 950 -38.86 -56.82 -6.87
CA GLU C 950 -37.68 -57.05 -7.70
C GLU C 950 -36.69 -55.91 -7.53
N ALA C 951 -37.18 -54.68 -7.38
CA ALA C 951 -36.27 -53.55 -7.20
C ALA C 951 -35.40 -53.77 -5.97
N THR C 952 -36.02 -54.19 -4.87
CA THR C 952 -35.27 -54.45 -3.65
C THR C 952 -34.36 -55.65 -3.82
N HIS C 953 -34.87 -56.73 -4.42
CA HIS C 953 -34.06 -57.92 -4.62
C HIS C 953 -32.89 -57.65 -5.55
N HIS C 954 -32.95 -56.59 -6.35
CA HIS C 954 -31.88 -56.26 -7.26
C HIS C 954 -30.91 -55.25 -6.68
N ARG C 955 -31.37 -54.39 -5.78
CA ARG C 955 -30.51 -53.40 -5.16
C ARG C 955 -30.02 -53.81 -3.78
N THR C 956 -30.38 -55.02 -3.32
CA THR C 956 -29.94 -55.45 -2.00
C THR C 956 -28.42 -55.53 -1.91
N ARG C 957 -27.80 -56.32 -2.79
CA ARG C 957 -26.35 -56.48 -2.77
C ARG C 957 -25.57 -55.18 -2.93
N PRO C 958 -25.86 -54.31 -3.90
CA PRO C 958 -25.05 -53.07 -4.02
C PRO C 958 -25.13 -52.15 -2.82
N ILE C 959 -26.34 -51.81 -2.37
CA ILE C 959 -26.49 -50.90 -1.23
C ILE C 959 -25.69 -51.38 -0.04
N LEU C 960 -25.54 -52.70 0.13
CA LEU C 960 -24.74 -53.22 1.23
C LEU C 960 -23.31 -52.71 1.11
N LEU C 961 -22.71 -52.89 -0.06
CA LEU C 961 -21.35 -52.43 -0.29
C LEU C 961 -21.25 -50.92 -0.14
N THR C 962 -22.29 -50.20 -0.58
CA THR C 962 -22.28 -48.75 -0.46
C THR C 962 -22.16 -48.34 1.00
N ALA C 963 -23.06 -48.88 1.83
CA ALA C 963 -23.04 -48.58 3.25
C ALA C 963 -21.71 -48.99 3.87
N ALA C 964 -21.16 -50.11 3.42
CA ALA C 964 -19.88 -50.57 3.94
C ALA C 964 -18.79 -49.54 3.68
N ALA C 965 -18.61 -49.18 2.40
CA ALA C 965 -17.59 -48.21 2.05
C ALA C 965 -17.80 -46.89 2.78
N ALA C 966 -19.07 -46.49 2.94
CA ALA C 966 -19.35 -45.24 3.64
C ALA C 966 -18.92 -45.30 5.09
N SER C 967 -19.51 -46.23 5.85
CA SER C 967 -19.18 -46.37 7.26
C SER C 967 -17.70 -46.61 7.46
N LEU C 968 -17.17 -47.64 6.79
CA LEU C 968 -15.76 -47.96 6.91
C LEU C 968 -14.91 -46.84 6.32
N GLY C 969 -13.59 -46.99 6.44
CA GLY C 969 -12.63 -46.03 5.96
C GLY C 969 -12.27 -45.12 7.11
N MET C 970 -13.26 -44.72 7.90
CA MET C 970 -13.03 -43.86 9.05
C MET C 970 -12.60 -44.66 10.27
N ILE C 971 -12.67 -46.00 10.20
CA ILE C 971 -12.30 -46.87 11.31
C ILE C 971 -10.83 -46.72 11.66
N PRO C 972 -9.87 -46.88 10.74
CA PRO C 972 -8.46 -46.74 11.14
C PRO C 972 -8.14 -45.38 11.71
N ILE C 973 -8.80 -44.32 11.25
CA ILE C 973 -8.53 -42.99 11.79
C ILE C 973 -9.37 -42.70 13.01
N ALA C 974 -10.30 -43.59 13.37
CA ALA C 974 -11.11 -43.36 14.55
C ALA C 974 -10.25 -43.24 15.80
N ARG C 975 -9.11 -43.93 15.81
CA ARG C 975 -8.20 -43.84 16.94
C ARG C 975 -7.73 -42.41 17.12
N GLU C 976 -7.57 -41.68 16.01
CA GLU C 976 -7.14 -40.30 16.07
C GLU C 976 -8.16 -39.46 16.83
N VAL C 977 -7.70 -38.76 17.86
CA VAL C 977 -8.59 -37.94 18.67
C VAL C 977 -9.14 -36.75 17.89
N PHE C 978 -8.48 -36.34 16.81
CA PHE C 978 -8.97 -35.21 16.03
C PHE C 978 -10.34 -35.52 15.47
N TRP C 979 -10.41 -36.49 14.56
CA TRP C 979 -11.69 -36.89 13.98
C TRP C 979 -12.29 -37.88 14.94
N GLY C 980 -12.91 -37.34 15.99
CA GLY C 980 -13.50 -38.16 17.01
C GLY C 980 -15.00 -38.32 16.87
N PRO C 981 -15.74 -37.51 17.61
CA PRO C 981 -17.21 -37.60 17.56
C PRO C 981 -17.79 -37.65 16.16
N MET C 982 -17.18 -36.94 15.22
CA MET C 982 -17.69 -36.96 13.85
C MET C 982 -17.64 -38.36 13.26
N ALA C 983 -16.57 -39.11 13.56
CA ALA C 983 -16.45 -40.46 13.03
C ALA C 983 -17.59 -41.34 13.53
N TYR C 984 -17.83 -41.32 14.84
CA TYR C 984 -18.90 -42.12 15.42
C TYR C 984 -20.26 -41.69 14.87
N ALA C 985 -20.50 -40.39 14.81
CA ALA C 985 -21.77 -39.90 14.29
C ALA C 985 -21.98 -40.36 12.85
N MET C 986 -20.92 -40.30 12.05
CA MET C 986 -21.01 -40.71 10.65
C MET C 986 -21.36 -42.19 10.55
N ILE C 987 -20.55 -43.04 11.18
CA ILE C 987 -20.79 -44.48 11.10
C ILE C 987 -22.16 -44.85 11.66
N GLY C 988 -22.69 -44.06 12.59
CA GLY C 988 -23.99 -44.38 13.14
C GLY C 988 -25.12 -44.00 12.21
N GLY C 989 -25.13 -42.71 11.85
CA GLY C 989 -26.17 -42.23 10.95
C GLY C 989 -26.21 -42.97 9.64
N ILE C 990 -25.05 -43.40 9.13
CA ILE C 990 -25.02 -44.13 7.87
C ILE C 990 -25.81 -45.42 8.00
N VAL C 991 -25.50 -46.23 9.01
CA VAL C 991 -26.20 -47.49 9.21
C VAL C 991 -27.68 -47.26 9.40
N ALA C 992 -28.04 -46.25 10.20
CA ALA C 992 -29.45 -45.98 10.45
C ALA C 992 -30.18 -45.64 9.16
N ALA C 993 -29.67 -44.65 8.43
CA ALA C 993 -30.29 -44.23 7.18
C ALA C 993 -30.37 -45.38 6.20
N THR C 994 -29.37 -46.25 6.16
CA THR C 994 -29.41 -47.36 5.23
C THR C 994 -30.51 -48.34 5.61
N LEU C 995 -30.58 -48.73 6.89
CA LEU C 995 -31.62 -49.66 7.31
C LEU C 995 -33.00 -49.14 6.96
N LEU C 996 -33.23 -47.84 7.18
CA LEU C 996 -34.54 -47.33 6.82
C LEU C 996 -34.69 -47.28 5.31
N THR C 997 -33.62 -46.96 4.58
CA THR C 997 -33.70 -46.96 3.12
C THR C 997 -34.12 -48.33 2.64
N LEU C 998 -33.86 -49.34 3.46
CA LEU C 998 -34.20 -50.72 3.12
C LEU C 998 -35.64 -51.07 3.46
N ILE C 999 -36.13 -50.66 4.63
CA ILE C 999 -37.47 -51.05 5.08
C ILE C 999 -38.48 -49.91 5.03
N PHE C 1000 -38.14 -48.73 5.53
CA PHE C 1000 -39.07 -47.60 5.58
C PHE C 1000 -39.63 -47.15 4.25
N LEU C 1001 -38.78 -46.65 3.36
CA LEU C 1001 -39.27 -46.15 2.07
C LEU C 1001 -40.14 -47.13 1.30
N PRO C 1002 -39.87 -48.44 1.26
CA PRO C 1002 -40.78 -49.32 0.50
C PRO C 1002 -42.21 -49.24 1.01
N ALA C 1003 -42.40 -49.45 2.31
CA ALA C 1003 -43.74 -49.38 2.87
C ALA C 1003 -44.34 -47.99 2.68
N LEU C 1004 -43.53 -46.95 2.87
CA LEU C 1004 -44.03 -45.59 2.70
C LEU C 1004 -44.49 -45.34 1.28
N TYR C 1005 -43.66 -45.72 0.29
CA TYR C 1005 -44.04 -45.49 -1.10
C TYR C 1005 -45.28 -46.29 -1.47
N VAL C 1006 -45.33 -47.57 -1.09
CA VAL C 1006 -46.51 -48.35 -1.46
C VAL C 1006 -47.75 -47.80 -0.77
N ALA C 1007 -47.60 -47.25 0.45
CA ALA C 1007 -48.77 -46.68 1.11
C ALA C 1007 -49.25 -45.45 0.34
N TRP C 1008 -48.32 -44.56 0.01
CA TRP C 1008 -48.67 -43.37 -0.75
C TRP C 1008 -49.23 -43.73 -2.12
N TYR C 1009 -48.86 -44.90 -2.64
CA TYR C 1009 -49.32 -45.33 -3.95
C TYR C 1009 -50.73 -45.91 -3.90
N ARG C 1010 -50.97 -46.87 -3.02
CA ARG C 1010 -52.28 -47.52 -2.91
C ARG C 1010 -53.42 -46.52 -2.79
N ILE C 1011 -53.15 -45.32 -2.27
CA ILE C 1011 -54.18 -44.29 -2.12
C ILE C 1011 -53.53 -42.93 -1.87
N PRO C 1012 -53.96 -41.87 -2.57
CA PRO C 1012 -53.40 -40.54 -2.34
C PRO C 1012 -53.97 -39.95 -1.06
N GLU C 1013 -53.13 -39.83 -0.04
CA GLU C 1013 -53.60 -39.31 1.24
C GLU C 1013 -54.00 -37.83 1.19
N PRO C 1014 -53.19 -36.92 0.65
CA PRO C 1014 -53.60 -35.51 0.63
C PRO C 1014 -54.68 -35.22 -0.41
N GLY C 1015 -55.05 -33.95 -0.49
CA GLY C 1015 -56.06 -33.47 -1.42
C GLY C 1015 -55.64 -32.19 -2.11
N ARG C 1016 -56.45 -31.14 -1.99
CA ARG C 1016 -56.19 -29.84 -2.59
C ARG C 1016 -56.04 -29.94 -4.11
N HIS C 1017 -57.15 -30.32 -4.73
CA HIS C 1017 -57.19 -30.50 -6.18
C HIS C 1017 -57.36 -29.16 -6.90
N HIS C 1018 -56.59 -28.99 -7.98
CA HIS C 1018 -56.63 -27.80 -8.81
C HIS C 1018 -57.37 -28.12 -10.10
N HIS C 1019 -58.45 -27.38 -10.36
CA HIS C 1019 -59.24 -27.63 -11.56
C HIS C 1019 -58.52 -27.26 -12.84
N HIS C 1020 -57.48 -26.45 -12.78
CA HIS C 1020 -56.73 -26.03 -13.96
C HIS C 1020 -55.30 -26.56 -13.95
N HIS C 1021 -55.12 -27.82 -13.57
CA HIS C 1021 -53.80 -28.44 -13.53
C HIS C 1021 -53.98 -29.95 -13.42
N HIS C 1022 -53.04 -30.68 -14.01
CA HIS C 1022 -53.09 -32.14 -13.99
C HIS C 1022 -52.90 -32.70 -12.59
N CYS D 1 37.90 -22.24 -36.42
CA CYS D 1 37.41 -22.53 -35.08
C CYS D 1 38.27 -21.98 -33.94
N GLY D 2 39.59 -22.12 -34.05
CA GLY D 2 40.51 -21.65 -33.04
C GLY D 2 41.44 -20.56 -33.54
N ALA D 3 41.56 -19.48 -32.76
CA ALA D 3 42.41 -18.36 -33.12
C ALA D 3 43.68 -18.26 -32.29
N GLU D 4 44.36 -17.11 -32.41
CA GLU D 4 45.60 -16.84 -31.70
C GLU D 4 45.47 -15.56 -30.91
N PRO D 5 45.65 -15.59 -29.59
CA PRO D 5 45.53 -14.37 -28.81
C PRO D 5 46.76 -13.50 -29.00
N PRO D 6 46.62 -12.18 -28.81
CA PRO D 6 47.77 -11.30 -28.98
C PRO D 6 48.82 -11.55 -27.91
N ALA D 7 50.00 -10.97 -28.14
CA ALA D 7 51.10 -11.12 -27.20
C ALA D 7 50.82 -10.39 -25.90
N GLU D 8 51.68 -10.64 -24.92
CA GLU D 8 51.54 -10.02 -23.61
C GLU D 8 52.23 -8.66 -23.61
N GLU D 9 51.61 -7.70 -22.95
CA GLU D 9 52.13 -6.34 -22.85
C GLU D 9 52.37 -6.02 -21.39
N HIS D 10 53.59 -5.63 -21.08
CA HIS D 10 53.91 -5.27 -19.70
C HIS D 10 53.06 -4.08 -19.29
N VAL D 11 52.49 -4.15 -18.09
CA VAL D 11 51.66 -3.06 -17.61
C VAL D 11 52.52 -1.80 -17.55
N ARG D 12 52.10 -0.76 -18.27
CA ARG D 12 52.87 0.47 -18.28
C ARG D 12 52.92 1.06 -16.87
N VAL D 13 54.06 1.66 -16.53
CA VAL D 13 54.26 2.25 -15.21
C VAL D 13 55.43 3.22 -15.30
N LEU D 14 55.50 4.14 -14.35
CA LEU D 14 56.56 5.14 -14.28
C LEU D 14 57.18 5.05 -12.88
N ALA D 15 58.34 4.40 -12.80
CA ALA D 15 59.06 4.22 -11.55
C ALA D 15 60.24 5.19 -11.48
N GLN D 16 61.07 5.04 -10.45
CA GLN D 16 62.23 5.91 -10.30
C GLN D 16 63.24 5.24 -9.39
N THR D 17 64.52 5.38 -9.72
CA THR D 17 65.58 4.78 -8.93
C THR D 17 65.61 5.35 -7.51
N VAL D 18 66.36 4.68 -6.66
CA VAL D 18 66.52 5.09 -5.27
C VAL D 18 67.76 5.98 -5.16
N LYS D 19 67.60 7.16 -4.58
CA LYS D 19 68.69 8.10 -4.41
C LYS D 19 68.60 8.69 -3.01
N MET D 20 69.49 8.23 -2.13
CA MET D 20 69.50 8.72 -0.75
C MET D 20 69.57 10.25 -0.74
N ALA D 21 68.67 10.88 0.02
CA ALA D 21 68.64 12.33 0.07
C ALA D 21 68.48 12.80 1.51
N GLU D 22 69.01 13.99 1.77
CA GLU D 22 68.94 14.63 3.08
C GLU D 22 67.78 15.62 3.17
N PHE D 23 66.73 15.38 2.39
CA PHE D 23 65.55 16.26 2.38
C PHE D 23 64.90 16.28 3.75
N ALA D 24 64.85 17.45 4.37
CA ALA D 24 64.25 17.60 5.69
C ALA D 24 62.76 17.30 5.67
N ALA D 260 66.72 13.87 8.90
CA ALA D 260 66.48 12.53 8.39
C ALA D 260 67.63 12.08 7.50
N GLU D 261 68.67 11.53 8.13
CA GLU D 261 69.84 11.07 7.38
C GLU D 261 69.45 9.97 6.41
N HIS D 262 70.04 10.01 5.22
CA HIS D 262 69.81 9.03 4.14
C HIS D 262 68.33 8.75 3.95
N SER D 263 67.51 9.79 4.07
CA SER D 263 66.08 9.62 3.90
C SER D 263 65.77 9.32 2.44
N VAL D 264 64.55 8.86 2.19
CA VAL D 264 64.09 8.53 0.84
C VAL D 264 62.77 9.23 0.59
N VAL D 265 62.73 10.05 -0.46
CA VAL D 265 61.52 10.78 -0.80
C VAL D 265 60.94 10.23 -2.09
N LEU D 266 59.63 10.38 -2.24
CA LEU D 266 58.90 9.90 -3.41
C LEU D 266 57.55 10.60 -3.44
N PRO D 267 56.88 10.62 -4.58
CA PRO D 267 55.56 11.27 -4.63
C PRO D 267 54.58 10.61 -3.68
N TRP D 268 53.49 11.34 -3.39
CA TRP D 268 52.47 10.85 -2.48
C TRP D 268 51.70 9.64 -2.99
N SER D 269 51.81 9.30 -4.27
CA SER D 269 51.09 8.17 -4.85
C SER D 269 51.98 6.95 -5.05
N ALA D 270 52.88 6.69 -4.11
CA ALA D 270 53.79 5.56 -4.21
C ALA D 270 53.90 4.82 -2.89
N LEU D 271 52.77 4.56 -2.23
CA LEU D 271 52.77 3.85 -0.96
C LEU D 271 51.60 2.89 -0.90
N SER D 272 51.87 1.66 -0.44
CA SER D 272 50.83 0.64 -0.34
C SER D 272 51.03 -0.16 0.94
N LYS D 273 49.94 -0.44 1.64
CA LYS D 273 50.04 -1.19 2.87
C LYS D 273 50.11 -2.69 2.60
N VAL D 274 51.09 -3.35 3.20
CA VAL D 274 51.27 -4.79 3.09
C VAL D 274 51.20 -5.35 4.50
N GLY D 275 50.49 -6.47 4.66
CA GLY D 275 50.35 -7.05 5.98
C GLY D 275 49.89 -6.01 6.98
N GLU D 276 50.75 -5.63 7.90
CA GLU D 276 50.44 -4.64 8.93
C GLU D 276 51.49 -3.55 8.95
N GLN D 277 51.87 -3.06 7.76
CA GLN D 277 52.87 -2.01 7.67
C GLN D 277 52.95 -1.46 6.25
N PRO D 278 53.32 -0.19 6.09
CA PRO D 278 53.46 0.37 4.74
C PRO D 278 54.60 -0.29 4.01
N ALA D 279 54.57 -0.22 2.68
CA ALA D 279 55.59 -0.82 1.86
C ALA D 279 55.48 -0.25 0.45
N VAL D 280 56.41 -0.67 -0.40
CA VAL D 280 56.47 -0.23 -1.79
C VAL D 280 56.85 -1.42 -2.66
N TRP D 281 57.01 -1.17 -3.96
CA TRP D 281 57.38 -2.19 -4.91
C TRP D 281 58.69 -1.82 -5.58
N LEU D 282 59.61 -2.79 -5.63
CA LEU D 282 60.91 -2.61 -6.22
C LEU D 282 60.99 -3.46 -7.48
N LEU D 283 61.63 -2.94 -8.51
CA LEU D 283 61.73 -3.63 -9.79
C LEU D 283 63.10 -4.24 -10.00
N ASP D 284 63.12 -5.53 -10.33
CA ASP D 284 64.35 -6.25 -10.59
C ASP D 284 64.90 -5.85 -11.95
N GLN D 285 66.22 -6.04 -12.11
CA GLN D 285 66.85 -5.69 -13.38
C GLN D 285 66.31 -6.53 -14.53
N GLN D 286 65.80 -7.73 -14.23
CA GLN D 286 65.28 -8.62 -15.26
C GLN D 286 63.78 -8.49 -15.47
N GLY D 287 63.33 -7.25 -15.68
CA GLY D 287 61.93 -6.94 -15.92
C GLY D 287 60.87 -7.65 -15.11
N LYS D 288 60.85 -7.45 -13.80
CA LYS D 288 59.85 -8.05 -12.94
C LYS D 288 59.73 -7.20 -11.69
N ALA D 289 58.62 -7.38 -10.98
CA ALA D 289 58.35 -6.59 -9.78
C ALA D 289 58.27 -7.46 -8.54
N ARG D 290 58.70 -6.89 -7.41
CA ARG D 290 58.68 -7.55 -6.12
C ARG D 290 58.23 -6.53 -5.08
N LEU D 291 57.78 -7.01 -3.93
CA LEU D 291 57.31 -6.13 -2.87
C LEU D 291 58.39 -6.02 -1.79
N GLN D 292 58.56 -4.81 -1.26
CA GLN D 292 59.53 -4.57 -0.20
C GLN D 292 58.85 -3.81 0.93
N PRO D 293 58.83 -4.37 2.14
CA PRO D 293 58.20 -3.67 3.27
C PRO D 293 59.06 -2.53 3.74
N VAL D 294 58.43 -1.41 4.07
CA VAL D 294 59.16 -0.24 4.53
C VAL D 294 58.65 0.19 5.90
N ARG D 295 59.26 1.24 6.44
CA ARG D 295 58.90 1.80 7.75
C ARG D 295 59.00 3.32 7.61
N VAL D 296 57.88 3.94 7.26
CA VAL D 296 57.86 5.38 7.08
C VAL D 296 57.70 6.06 8.44
N ALA D 297 58.50 7.07 8.67
CA ALA D 297 58.47 7.84 9.90
C ALA D 297 58.35 9.33 9.64
N ARG D 298 59.00 9.84 8.60
CA ARG D 298 58.93 11.24 8.27
C ARG D 298 57.57 11.58 7.69
N TYR D 299 57.13 12.81 7.94
CA TYR D 299 55.84 13.27 7.43
C TYR D 299 55.81 13.18 5.91
N ALA D 300 54.60 13.21 5.36
CA ALA D 300 54.38 13.11 3.92
C ALA D 300 53.53 14.28 3.45
N SER D 301 54.17 15.36 3.02
CA SER D 301 53.48 16.54 2.50
C SER D 301 53.57 16.48 0.98
N GLU D 302 52.67 15.69 0.39
CA GLU D 302 52.59 15.45 -1.05
C GLU D 302 53.79 14.64 -1.50
N LYS D 303 54.74 14.47 -0.60
CA LYS D 303 55.97 13.73 -0.88
C LYS D 303 56.25 12.83 0.32
N VAL D 304 56.03 11.53 0.14
CA VAL D 304 56.27 10.58 1.22
C VAL D 304 57.76 10.45 1.44
N VAL D 305 58.19 10.53 2.69
CA VAL D 305 59.59 10.40 3.07
C VAL D 305 59.68 9.26 4.08
N ILE D 306 60.46 8.24 3.73
CA ILE D 306 60.64 7.07 4.56
C ILE D 306 62.11 6.95 4.96
N ASP D 307 62.35 6.08 5.95
CA ASP D 307 63.67 5.81 6.48
C ASP D 307 63.75 4.34 6.86
N GLY D 308 64.56 3.58 6.13
CA GLY D 308 64.71 2.16 6.41
C GLY D 308 64.25 1.29 5.25
N GLY D 309 64.93 0.17 5.05
CA GLY D 309 64.57 -0.74 3.98
C GLY D 309 64.74 -0.11 2.61
N LEU D 310 65.98 0.16 2.21
CA LEU D 310 66.25 0.78 0.93
C LEU D 310 67.36 0.03 0.20
N GLU D 311 67.41 0.27 -1.11
CA GLU D 311 68.42 -0.33 -1.99
C GLU D 311 68.96 0.83 -2.81
N ALA D 312 70.13 1.34 -2.42
CA ALA D 312 70.76 2.46 -3.12
C ALA D 312 70.79 2.23 -4.61
N GLY D 313 70.08 3.08 -5.35
CA GLY D 313 70.03 2.94 -6.79
C GLY D 313 69.06 1.91 -7.30
N GLN D 314 67.92 1.72 -6.63
CA GLN D 314 66.92 0.75 -7.04
C GLN D 314 65.68 1.47 -7.54
N THR D 315 65.17 1.02 -8.68
CA THR D 315 63.98 1.61 -9.30
C THR D 315 62.72 1.15 -8.56
N VAL D 316 62.31 1.94 -7.60
CA VAL D 316 61.10 1.68 -6.84
C VAL D 316 59.95 2.30 -7.62
N VAL D 317 58.77 1.71 -7.47
CA VAL D 317 57.62 2.22 -8.20
C VAL D 317 57.18 3.50 -7.51
N THR D 318 56.60 4.40 -8.30
CA THR D 318 56.01 5.64 -7.84
C THR D 318 54.58 5.82 -8.38
N VAL D 319 54.11 4.80 -9.09
CA VAL D 319 52.78 4.71 -9.68
C VAL D 319 52.36 3.27 -9.46
N GLY D 320 51.35 3.06 -8.63
CA GLY D 320 50.87 1.71 -8.35
C GLY D 320 49.40 1.70 -8.06
N GLY D 321 48.97 0.74 -7.24
CA GLY D 321 47.59 0.60 -6.86
C GLY D 321 46.82 -0.47 -7.62
N GLN D 322 47.40 -1.03 -8.69
CA GLN D 322 46.72 -2.07 -9.46
C GLN D 322 47.64 -3.19 -9.92
N LEU D 323 48.89 -3.21 -9.46
CA LEU D 323 49.83 -4.23 -9.88
C LEU D 323 49.60 -5.55 -9.16
N LEU D 324 50.09 -6.62 -9.78
CA LEU D 324 49.97 -7.95 -9.21
C LEU D 324 51.01 -8.12 -8.12
N HIS D 325 50.55 -8.29 -6.89
CA HIS D 325 51.41 -8.42 -5.72
C HIS D 325 52.50 -9.49 -5.84
N PRO D 326 52.15 -10.77 -6.10
CA PRO D 326 53.22 -11.79 -6.17
C PRO D 326 54.34 -11.44 -7.14
N GLY D 327 54.00 -11.24 -8.40
CA GLY D 327 54.99 -10.91 -9.40
C GLY D 327 54.33 -10.05 -10.44
N GLN D 328 55.13 -9.25 -11.14
CA GLN D 328 54.56 -8.39 -12.15
C GLN D 328 55.60 -8.00 -13.18
N VAL D 329 55.34 -8.35 -14.44
CA VAL D 329 56.23 -7.99 -15.52
C VAL D 329 55.98 -6.51 -15.80
N VAL D 330 56.98 -5.68 -15.56
CA VAL D 330 56.83 -4.25 -15.68
C VAL D 330 57.25 -3.73 -17.05
N GLU D 331 56.73 -2.56 -17.39
CA GLU D 331 57.02 -1.87 -18.63
C GLU D 331 58.14 -0.87 -18.39
N VAL D 332 58.93 -0.63 -19.43
CA VAL D 332 60.06 0.29 -19.32
C VAL D 332 59.57 1.66 -18.87
N ALA D 333 60.08 2.11 -17.73
CA ALA D 333 59.76 3.40 -17.17
C ALA D 333 60.94 4.35 -17.25
N GLN D 334 62.03 3.91 -17.88
CA GLN D 334 63.23 4.72 -18.02
C GLN D 334 63.02 6.13 -18.57
N PRO D 335 62.19 6.36 -19.60
CA PRO D 335 62.03 7.72 -20.09
C PRO D 335 61.55 8.64 -18.98
N PRO D 336 61.96 9.92 -19.02
CA PRO D 336 61.51 10.85 -17.98
C PRO D 336 60.00 10.88 -17.88
N GLN D 337 59.34 10.84 -19.02
CA GLN D 337 57.88 10.82 -19.12
C GLN D 337 57.58 9.93 -20.30
N PRO D 338 57.47 8.61 -20.08
CA PRO D 338 57.18 7.70 -21.19
C PRO D 338 55.86 8.01 -21.87
N THR D 339 55.15 8.99 -21.32
CA THR D 339 53.88 9.46 -21.84
C THR D 339 54.08 10.86 -22.40
N GLN D 340 53.42 11.15 -23.52
CA GLN D 340 53.52 12.46 -24.14
C GLN D 340 52.81 13.56 -23.35
N SER D 341 52.32 13.22 -22.16
CA SER D 341 51.64 14.18 -21.32
C SER D 341 52.54 15.32 -20.86
N THR D 342 53.85 15.12 -20.87
CA THR D 342 54.77 16.18 -20.44
C THR D 342 54.73 17.39 -21.36
N ALA D 343 54.26 17.21 -22.60
CA ALA D 343 54.16 18.29 -23.57
C ALA D 343 52.75 18.47 -24.12
N SER D 344 51.86 17.51 -23.90
CA SER D 344 50.48 17.60 -24.40
C SER D 344 49.75 18.79 -23.79
N ARG D 345 50.12 19.18 -22.57
CA ARG D 345 49.47 20.32 -21.93
C ARG D 345 49.64 21.58 -22.75
N ASP D 346 50.81 21.75 -23.37
CA ASP D 346 51.07 22.92 -24.21
C ASP D 346 50.60 22.67 -25.64
N ALA D 347 51.10 21.61 -26.27
CA ALA D 347 50.71 21.31 -27.64
C ALA D 347 51.04 19.85 -27.95
N VAL D 348 50.18 19.23 -28.75
CA VAL D 348 50.34 17.82 -29.16
C VAL D 348 50.81 17.73 -30.62
N GLY D 349 50.03 18.29 -31.54
CA GLY D 349 50.37 18.26 -32.95
C GLY D 349 49.57 17.28 -33.79
N GLY D 350 48.52 16.68 -33.25
CA GLY D 350 47.72 15.73 -34.00
C GLY D 350 46.40 16.31 -34.50
N GLY D 351 46.35 16.63 -35.80
CA GLY D 351 45.14 17.19 -36.37
C GLY D 351 44.98 18.68 -36.10
N GLN D 352 43.75 19.15 -36.27
CA GLN D 352 43.40 20.54 -36.05
C GLN D 352 42.87 20.74 -34.64
N PRO D 353 42.94 21.97 -34.12
CA PRO D 353 42.46 22.23 -32.76
C PRO D 353 40.94 22.20 -32.67
N GLY D 354 40.45 22.16 -31.44
CA GLY D 354 39.03 22.15 -31.18
C GLY D 354 38.42 23.52 -31.39
N ASN D 355 37.18 23.65 -30.92
CA ASN D 355 36.42 24.88 -31.05
C ASN D 355 36.17 25.51 -29.68
N SER D 356 35.77 26.78 -29.71
CA SER D 356 35.48 27.56 -28.52
C SER D 356 34.84 28.88 -28.94
N ARG D 357 34.00 29.43 -28.06
CA ARG D 357 33.33 30.69 -28.35
C ARG D 357 34.32 31.84 -28.34
N GLY D 358 34.44 32.55 -29.46
CA GLY D 358 35.35 33.66 -29.58
C GLY D 358 36.28 33.57 -30.77
N GLY D 359 36.32 32.41 -31.41
CA GLY D 359 37.18 32.21 -32.56
C GLY D 359 36.44 31.78 -33.81
N ASP D 360 35.28 31.15 -33.65
CA ASP D 360 34.48 30.69 -34.78
C ASP D 360 33.23 31.55 -34.92
N GLU D 361 32.59 31.43 -36.08
CA GLU D 361 31.38 32.20 -36.38
C GLU D 361 30.15 31.48 -35.86
N PRO D 362 29.38 32.07 -34.94
CA PRO D 362 28.18 31.38 -34.46
C PRO D 362 27.13 31.34 -35.55
N PRO D 363 26.21 30.37 -35.49
CA PRO D 363 25.18 30.29 -36.53
C PRO D 363 24.13 31.37 -36.35
N PRO D 364 23.48 31.81 -37.42
CA PRO D 364 22.44 32.84 -37.29
C PRO D 364 21.27 32.35 -36.47
N ALA D 365 20.96 33.10 -35.42
CA ALA D 365 19.88 32.78 -34.49
C ALA D 365 19.02 34.01 -34.27
N PRO D 366 17.80 33.83 -33.75
CA PRO D 366 16.94 34.98 -33.52
C PRO D 366 17.62 35.98 -32.61
N PRO D 367 17.32 37.27 -32.78
CA PRO D 367 17.97 38.30 -31.94
C PRO D 367 17.71 38.10 -30.46
N ARG D 368 18.78 37.97 -29.69
CA ARG D 368 18.66 37.79 -28.26
C ARG D 368 18.25 39.11 -27.61
N PRO D 369 17.38 39.07 -26.60
CA PRO D 369 17.04 40.31 -25.90
C PRO D 369 18.34 40.83 -25.33
N VAL D 370 18.80 41.97 -25.85
CA VAL D 370 20.08 42.55 -25.43
C VAL D 370 20.13 42.78 -23.92
N LEU D 371 21.36 42.84 -23.40
CA LEU D 371 21.59 43.09 -21.99
C LEU D 371 21.02 44.43 -21.53
N THR D 372 20.78 45.34 -22.47
CA THR D 372 20.24 46.68 -22.24
C THR D 372 20.78 47.31 -20.95
N VAL D 373 22.10 47.23 -20.80
CA VAL D 373 22.77 47.79 -19.64
C VAL D 373 23.21 49.24 -19.86
N THR D 374 22.94 49.78 -21.04
CA THR D 374 23.34 51.15 -21.35
C THR D 374 22.72 52.16 -20.41
N VAL D 375 23.56 53.11 -19.97
CA VAL D 375 23.18 54.21 -19.09
C VAL D 375 24.03 55.40 -19.47
N LYS D 376 23.41 56.59 -19.49
CA LYS D 376 24.15 57.79 -19.85
C LYS D 376 25.33 58.01 -18.91
N THR D 377 26.52 58.10 -19.49
CA THR D 377 27.73 58.31 -18.71
C THR D 377 28.15 59.77 -18.72
N SER D 621 34.30 56.49 -16.10
CA SER D 621 33.33 55.45 -15.81
C SER D 621 33.99 54.08 -15.63
N VAL D 622 33.29 53.20 -14.93
CA VAL D 622 33.73 51.84 -14.63
C VAL D 622 32.68 50.86 -15.16
N LEU D 623 33.14 49.67 -15.52
CA LEU D 623 32.26 48.63 -16.05
C LEU D 623 32.83 47.28 -15.61
N PRO D 624 31.99 46.37 -15.12
CA PRO D 624 32.51 45.05 -14.68
C PRO D 624 33.25 44.35 -15.80
N ALA D 625 34.39 43.76 -15.44
CA ALA D 625 35.22 43.05 -16.41
C ALA D 625 34.47 41.95 -17.15
N SER D 626 33.40 41.42 -16.55
CA SER D 626 32.62 40.37 -17.20
C SER D 626 31.91 40.89 -18.44
N VAL D 627 31.48 42.16 -18.42
CA VAL D 627 30.78 42.73 -19.57
C VAL D 627 31.69 42.73 -20.79
N LEU D 628 32.81 43.45 -20.71
CA LEU D 628 33.75 43.50 -21.82
C LEU D 628 34.40 42.15 -22.02
N LEU D 629 34.50 41.72 -23.28
CA LEU D 629 35.09 40.44 -23.64
C LEU D 629 36.18 40.64 -24.69
N GLU D 630 37.10 41.57 -24.40
CA GLU D 630 38.20 41.86 -25.31
C GLU D 630 39.12 40.64 -25.42
N ARG D 631 39.29 40.14 -26.64
CA ARG D 631 40.13 38.98 -26.91
C ARG D 631 41.26 39.43 -27.82
N ASP D 632 42.48 39.45 -27.30
CA ASP D 632 43.68 39.85 -28.04
C ASP D 632 43.55 41.24 -28.65
N GLY D 633 42.64 42.06 -28.12
CA GLY D 633 42.43 43.40 -28.62
C GLY D 633 41.67 43.48 -29.92
N LYS D 634 41.26 42.35 -30.51
CA LYS D 634 40.53 42.36 -31.77
C LYS D 634 39.02 42.31 -31.57
N THR D 635 38.55 42.14 -30.33
CA THR D 635 37.12 42.16 -30.10
C THR D 635 36.88 43.13 -28.94
N GLN D 636 37.02 44.41 -29.21
CA GLN D 636 36.62 45.35 -28.19
C GLN D 636 35.09 45.39 -28.39
N VAL D 637 34.39 45.53 -27.27
CA VAL D 637 32.94 45.55 -27.20
C VAL D 637 32.21 46.62 -28.01
N TRP D 638 32.82 47.05 -29.12
CA TRP D 638 32.35 48.05 -30.08
C TRP D 638 30.84 48.12 -30.26
N VAL D 639 30.09 47.04 -30.00
CA VAL D 639 28.64 47.08 -30.18
C VAL D 639 28.06 48.26 -29.43
N VAL D 640 27.24 49.04 -30.12
CA VAL D 640 26.59 50.22 -29.54
C VAL D 640 25.27 49.80 -28.94
N ASP D 641 24.96 50.36 -27.77
CA ASP D 641 23.70 50.09 -27.09
C ASP D 641 22.77 51.24 -27.46
N GLY D 642 22.18 51.15 -28.66
CA GLY D 642 21.28 52.17 -29.15
C GLY D 642 20.00 51.60 -29.71
N LYS D 643 19.57 52.11 -30.85
CA LYS D 643 18.34 51.64 -31.47
C LYS D 643 18.58 50.49 -32.46
N GLN D 644 19.83 50.19 -32.80
CA GLN D 644 20.12 49.14 -33.77
C GLN D 644 21.12 48.06 -33.36
N SER D 645 21.88 48.25 -32.28
CA SER D 645 22.90 47.28 -31.85
C SER D 645 23.91 47.08 -32.99
N SER D 646 24.48 48.20 -33.42
CA SER D 646 25.46 48.24 -34.49
C SER D 646 26.87 48.20 -33.91
N VAL D 647 27.86 48.43 -34.78
CA VAL D 647 29.27 48.45 -34.39
C VAL D 647 29.76 49.88 -34.47
N ALA D 648 30.81 50.18 -33.70
CA ALA D 648 31.38 51.53 -33.67
C ALA D 648 32.89 51.46 -33.51
N LEU D 649 33.51 52.63 -33.62
CA LEU D 649 34.96 52.77 -33.51
C LEU D 649 35.33 53.18 -32.07
N ARG D 650 35.19 52.22 -31.16
CA ARG D 650 35.51 52.41 -29.75
C ARG D 650 36.57 51.38 -29.39
N GLU D 651 37.83 51.70 -29.70
CA GLU D 651 38.94 50.79 -29.43
C GLU D 651 39.83 51.28 -28.29
N VAL D 652 39.24 52.00 -27.33
CA VAL D 652 40.00 52.51 -26.20
C VAL D 652 40.40 51.33 -25.31
N GLN D 653 41.66 51.29 -24.91
CA GLN D 653 42.19 50.22 -24.06
C GLN D 653 43.00 50.83 -22.93
N VAL D 654 42.48 50.73 -21.70
CA VAL D 654 43.14 51.26 -20.51
C VAL D 654 43.85 50.10 -19.81
N LEU D 655 45.08 50.36 -19.37
CA LEU D 655 45.87 49.33 -18.69
C LEU D 655 45.41 49.04 -17.27
N SER D 656 44.45 49.78 -16.72
CA SER D 656 43.97 49.53 -15.36
C SER D 656 43.08 48.28 -15.41
N ARG D 657 43.74 47.14 -15.61
CA ARG D 657 43.08 45.85 -15.72
C ARG D 657 43.34 45.05 -14.44
N ASP D 658 42.48 45.24 -13.45
CA ASP D 658 42.58 44.54 -12.18
C ASP D 658 41.69 43.30 -12.15
N GLU D 659 41.22 42.85 -13.31
CA GLU D 659 40.36 41.68 -13.46
C GLU D 659 39.05 41.82 -12.69
N ARG D 660 38.71 43.03 -12.27
CA ARG D 660 37.48 43.28 -11.53
C ARG D 660 36.59 44.31 -12.20
N GLN D 661 37.16 45.38 -12.74
CA GLN D 661 36.40 46.41 -13.42
C GLN D 661 37.35 47.22 -14.29
N VAL D 662 36.83 47.65 -15.44
CA VAL D 662 37.58 48.46 -16.39
C VAL D 662 37.10 49.89 -16.27
N VAL D 663 38.02 50.81 -16.05
CA VAL D 663 37.71 52.23 -15.91
C VAL D 663 38.44 52.98 -17.01
N ILE D 664 37.71 53.84 -17.72
CA ILE D 664 38.31 54.60 -18.80
C ILE D 664 37.97 56.08 -18.62
N GLY D 665 38.83 56.94 -19.18
CA GLY D 665 38.64 58.37 -19.10
C GLY D 665 38.28 58.97 -20.45
N GLN D 666 38.68 58.30 -21.52
CA GLN D 666 38.42 58.76 -22.88
C GLN D 666 37.80 57.62 -23.68
N GLY D 667 37.15 57.98 -24.78
CA GLY D 667 36.51 56.99 -25.63
C GLY D 667 35.28 56.36 -25.04
N LEU D 668 34.54 57.10 -24.21
CA LEU D 668 33.33 56.61 -23.58
C LEU D 668 32.14 57.44 -24.05
N ALA D 669 30.96 56.81 -24.03
CA ALA D 669 29.74 57.48 -24.47
C ALA D 669 28.55 56.81 -23.81
N ASP D 670 27.35 57.23 -24.19
CA ASP D 670 26.13 56.65 -23.63
C ASP D 670 25.89 55.24 -24.16
N GLY D 671 26.13 55.03 -25.45
CA GLY D 671 25.94 53.72 -26.05
C GLY D 671 27.23 52.94 -26.11
N ASP D 672 28.12 53.21 -25.16
CA ASP D 672 29.42 52.54 -25.11
C ASP D 672 29.33 51.15 -24.48
N ARG D 673 28.39 50.94 -23.56
CA ARG D 673 28.26 49.65 -22.91
C ARG D 673 27.92 48.56 -23.93
N VAL D 674 28.10 47.31 -23.52
CA VAL D 674 27.90 46.15 -24.37
C VAL D 674 27.25 45.02 -23.56
N VAL D 675 27.09 43.88 -24.22
CA VAL D 675 26.53 42.68 -23.62
C VAL D 675 27.49 42.13 -22.56
N ARG D 676 26.92 41.42 -21.58
CA ARG D 676 27.72 40.86 -20.49
C ARG D 676 28.37 39.53 -20.87
N ALA D 677 27.55 38.51 -21.13
CA ALA D 677 28.04 37.19 -21.48
C ALA D 677 27.99 36.89 -22.97
N GLY D 678 26.98 37.38 -23.68
CA GLY D 678 26.88 37.12 -25.10
C GLY D 678 27.64 38.11 -25.93
N VAL D 679 28.96 38.17 -25.75
CA VAL D 679 29.79 39.10 -26.50
C VAL D 679 30.47 38.34 -27.63
N ASN D 680 31.31 37.37 -27.27
CA ASN D 680 32.00 36.58 -28.29
C ASN D 680 31.02 35.70 -29.06
N SER D 681 29.95 35.27 -28.40
CA SER D 681 28.93 34.44 -29.03
C SER D 681 27.98 35.25 -29.89
N LEU D 682 28.32 36.50 -30.16
CA LEU D 682 27.50 37.40 -30.96
C LEU D 682 28.31 37.93 -32.13
N LYS D 683 27.63 38.12 -33.26
CA LYS D 683 28.26 38.63 -34.47
C LYS D 683 28.13 40.16 -34.52
N PRO D 684 29.14 40.86 -35.03
CA PRO D 684 29.07 42.31 -35.08
C PRO D 684 27.94 42.80 -35.98
N GLY D 685 27.36 43.93 -35.60
CA GLY D 685 26.26 44.51 -36.34
C GLY D 685 24.95 43.77 -36.28
N GLN D 686 24.90 42.64 -35.57
CA GLN D 686 23.66 41.88 -35.48
C GLN D 686 22.59 42.67 -34.74
N LYS D 687 21.37 42.62 -35.26
CA LYS D 687 20.26 43.31 -34.65
C LYS D 687 19.81 42.56 -33.40
N ILE D 688 19.12 43.28 -32.50
CA ILE D 688 18.63 42.69 -31.27
C ILE D 688 17.15 43.01 -31.14
N LYS D 689 16.55 42.61 -30.02
CA LYS D 689 15.15 42.83 -29.75
C LYS D 689 15.01 43.57 -28.42
N LEU D 690 14.07 44.52 -28.37
CA LEU D 690 13.87 45.27 -27.13
C LEU D 690 13.12 44.46 -26.09
N ASP D 691 12.23 43.57 -26.53
CA ASP D 691 11.47 42.74 -25.60
C ASP D 691 12.42 41.84 -24.82
N GLU D 692 12.47 42.02 -23.50
CA GLU D 692 13.34 41.26 -22.62
C GLU D 692 12.55 40.34 -21.71
N ASP D 693 13.18 39.25 -21.30
CA ASP D 693 12.56 38.27 -20.41
C ASP D 693 12.64 38.75 -18.97
N ALA D 694 11.49 38.78 -18.29
CA ALA D 694 11.46 39.24 -16.91
C ALA D 694 10.16 38.74 -16.25
N ARG D 695 10.25 38.50 -14.95
CA ARG D 695 9.10 38.03 -14.17
C ARG D 695 9.27 38.36 -12.69
N CYS E 1 -39.51 30.39 -27.85
CA CYS E 1 -38.09 30.08 -28.00
C CYS E 1 -37.13 31.14 -27.43
N GLY E 2 -37.42 32.41 -27.69
CA GLY E 2 -36.60 33.51 -27.21
C GLY E 2 -37.30 34.42 -26.23
N ALA E 3 -36.65 34.72 -25.12
CA ALA E 3 -37.22 35.58 -24.09
C ALA E 3 -36.59 36.96 -24.02
N GLU E 4 -36.90 37.68 -22.94
CA GLU E 4 -36.40 39.03 -22.73
C GLU E 4 -35.71 39.12 -21.37
N PRO E 5 -34.43 39.48 -21.34
CA PRO E 5 -33.73 39.57 -20.06
C PRO E 5 -34.18 40.80 -19.29
N PRO E 6 -34.07 40.78 -17.96
CA PRO E 6 -34.47 41.95 -17.18
C PRO E 6 -33.55 43.13 -17.43
N ALA E 7 -34.00 44.29 -16.96
CA ALA E 7 -33.22 45.51 -17.13
C ALA E 7 -31.95 45.47 -16.29
N GLU E 8 -31.08 46.45 -16.54
CA GLU E 8 -29.83 46.55 -15.81
C GLU E 8 -30.04 47.32 -14.52
N GLU E 9 -29.38 46.87 -13.47
CA GLU E 9 -29.47 47.49 -12.15
C GLU E 9 -28.10 47.96 -11.73
N HIS E 10 -27.98 49.24 -11.42
CA HIS E 10 -26.71 49.79 -10.99
C HIS E 10 -26.27 49.08 -9.72
N VAL E 11 -25.00 48.70 -9.66
CA VAL E 11 -24.49 48.02 -8.47
C VAL E 11 -24.65 48.95 -7.28
N ARG E 12 -25.40 48.50 -6.27
CA ARG E 12 -25.61 49.34 -5.10
C ARG E 12 -24.28 49.64 -4.42
N VAL E 13 -24.17 50.85 -3.89
CA VAL E 13 -22.94 51.29 -3.23
C VAL E 13 -23.27 52.48 -2.35
N LEU E 14 -22.42 52.75 -1.38
CA LEU E 14 -22.58 53.87 -0.45
C LEU E 14 -21.30 54.69 -0.49
N ALA E 15 -21.32 55.80 -1.22
CA ALA E 15 -20.17 56.69 -1.36
C ALA E 15 -20.36 57.92 -0.49
N GLN E 16 -19.46 58.89 -0.62
CA GLN E 16 -19.54 60.11 0.17
C GLN E 16 -18.73 61.20 -0.51
N THR E 17 -19.25 62.43 -0.49
CA THR E 17 -18.58 63.55 -1.12
C THR E 17 -17.23 63.83 -0.45
N VAL E 18 -16.43 64.66 -1.11
CA VAL E 18 -15.12 65.06 -0.61
C VAL E 18 -15.28 66.34 0.17
N LYS E 19 -14.78 66.35 1.40
CA LYS E 19 -14.84 67.52 2.28
C LYS E 19 -13.50 67.67 2.96
N MET E 20 -12.70 68.65 2.51
CA MET E 20 -11.40 68.90 3.09
C MET E 20 -11.52 69.07 4.59
N ALA E 21 -10.70 68.33 5.35
CA ALA E 21 -10.75 68.41 6.80
C ALA E 21 -9.35 68.49 7.38
N GLU E 22 -9.26 69.12 8.55
CA GLU E 22 -8.02 69.29 9.28
C GLU E 22 -7.84 68.23 10.36
N PHE E 23 -8.44 67.05 10.14
CA PHE E 23 -8.35 65.96 11.10
C PHE E 23 -6.91 65.53 11.27
N ALA E 24 -6.39 65.63 12.48
CA ALA E 24 -5.01 65.26 12.77
C ALA E 24 -4.80 63.77 12.59
N ALA E 260 -1.90 67.92 9.11
CA ALA E 260 -2.26 67.53 7.75
C ALA E 260 -3.26 68.50 7.16
N GLU E 261 -2.75 69.60 6.57
CA GLU E 261 -3.62 70.59 5.97
C GLU E 261 -4.43 69.99 4.83
N HIS E 262 -5.69 70.41 4.75
CA HIS E 262 -6.63 69.96 3.72
C HIS E 262 -6.60 68.45 3.54
N SER E 263 -6.44 67.72 4.64
CA SER E 263 -6.40 66.27 4.56
C SER E 263 -7.77 65.73 4.18
N VAL E 264 -7.79 64.45 3.81
CA VAL E 264 -9.03 63.80 3.41
C VAL E 264 -9.15 62.50 4.20
N VAL E 265 -10.24 62.35 4.94
CA VAL E 265 -10.47 61.15 5.74
C VAL E 265 -11.60 60.35 5.14
N LEU E 266 -11.57 59.04 5.39
CA LEU E 266 -12.59 58.12 4.88
C LEU E 266 -12.49 56.83 5.67
N PRO E 267 -13.52 55.99 5.66
CA PRO E 267 -13.43 54.73 6.41
C PRO E 267 -12.29 53.86 5.89
N TRP E 268 -11.91 52.88 6.72
CA TRP E 268 -10.83 51.97 6.38
C TRP E 268 -11.13 51.06 5.19
N SER E 269 -12.37 50.96 4.75
CA SER E 269 -12.74 50.09 3.65
C SER E 269 -12.98 50.86 2.35
N ALA E 270 -12.15 51.86 2.09
CA ALA E 270 -12.29 52.67 0.88
C ALA E 270 -10.94 52.93 0.24
N LEU E 271 -10.11 51.90 0.12
CA LEU E 271 -8.80 52.04 -0.50
C LEU E 271 -8.49 50.84 -1.37
N SER E 272 -7.99 51.10 -2.57
CA SER E 272 -7.65 50.02 -3.49
C SER E 272 -6.36 50.35 -4.21
N LYS E 273 -5.48 49.36 -4.37
CA LYS E 273 -4.22 49.60 -5.04
C LYS E 273 -4.37 49.53 -6.55
N VAL E 274 -3.87 50.54 -7.24
CA VAL E 274 -3.88 50.61 -8.70
C VAL E 274 -2.44 50.71 -9.15
N GLY E 275 -2.08 49.96 -10.18
CA GLY E 275 -0.72 50.00 -10.67
C GLY E 275 0.25 49.74 -9.52
N GLU E 276 1.01 50.76 -9.15
CA GLU E 276 1.97 50.67 -8.06
C GLU E 276 1.76 51.78 -7.05
N GLN E 277 0.49 52.01 -6.69
CA GLN E 277 0.17 53.06 -5.73
C GLN E 277 -1.28 52.96 -5.28
N PRO E 278 -1.60 53.38 -4.06
CA PRO E 278 -2.99 53.35 -3.61
C PRO E 278 -3.82 54.34 -4.41
N ALA E 279 -5.14 54.10 -4.42
CA ALA E 279 -6.05 54.94 -5.17
C ALA E 279 -7.47 54.66 -4.69
N VAL E 280 -8.41 55.43 -5.23
CA VAL E 280 -9.82 55.30 -4.90
C VAL E 280 -10.64 55.48 -6.18
N TRP E 281 -11.96 55.45 -6.03
CA TRP E 281 -12.87 55.61 -7.15
C TRP E 281 -13.74 56.84 -6.92
N LEU E 282 -13.84 57.67 -7.95
CA LEU E 282 -14.64 58.88 -7.92
C LEU E 282 -15.82 58.70 -8.86
N LEU E 283 -16.97 59.22 -8.46
CA LEU E 283 -18.19 59.08 -9.25
C LEU E 283 -18.53 60.36 -9.98
N ASP E 284 -18.76 60.24 -11.28
CA ASP E 284 -19.13 61.37 -12.11
C ASP E 284 -20.59 61.74 -11.85
N GLN E 285 -20.93 63.00 -12.16
CA GLN E 285 -22.30 63.46 -11.94
C GLN E 285 -23.28 62.70 -12.83
N GLN E 286 -22.82 62.17 -13.95
CA GLN E 286 -23.68 61.44 -14.88
C GLN E 286 -23.69 59.94 -14.64
N GLY E 287 -23.93 59.54 -13.40
CA GLY E 287 -24.00 58.15 -12.99
C GLY E 287 -22.98 57.17 -13.56
N LYS E 288 -21.70 57.38 -13.27
CA LYS E 288 -20.66 56.47 -13.74
C LYS E 288 -19.49 56.59 -12.79
N ALA E 289 -18.60 55.60 -12.82
CA ALA E 289 -17.45 55.56 -11.93
C ALA E 289 -16.13 55.61 -12.71
N ARG E 290 -15.14 56.23 -12.09
CA ARG E 290 -13.80 56.37 -12.65
C ARG E 290 -12.80 56.14 -11.53
N LEU E 291 -11.57 55.84 -11.89
CA LEU E 291 -10.52 55.60 -10.91
C LEU E 291 -9.61 56.82 -10.81
N GLN E 292 -9.22 57.15 -9.58
CA GLN E 292 -8.34 58.29 -9.33
C GLN E 292 -7.18 57.82 -8.46
N PRO E 293 -5.95 57.96 -8.92
CA PRO E 293 -4.80 57.55 -8.10
C PRO E 293 -4.55 58.55 -6.98
N VAL E 294 -4.22 58.03 -5.81
CA VAL E 294 -3.97 58.90 -4.67
C VAL E 294 -2.58 58.63 -4.11
N ARG E 295 -2.22 59.38 -3.07
CA ARG E 295 -0.93 59.25 -2.39
C ARG E 295 -1.21 59.43 -0.90
N VAL E 296 -1.44 58.32 -0.22
CA VAL E 296 -1.73 58.37 1.21
C VAL E 296 -0.42 58.45 1.98
N ALA E 297 -0.39 59.34 2.95
CA ALA E 297 0.76 59.55 3.81
C ALA E 297 0.40 59.48 5.28
N ARG E 298 -0.76 60.01 5.65
CA ARG E 298 -1.19 59.98 7.03
C ARG E 298 -1.60 58.57 7.44
N TYR E 299 -1.39 58.26 8.71
CA TYR E 299 -1.73 56.94 9.23
C TYR E 299 -3.23 56.68 9.04
N ALA E 300 -3.58 55.40 9.11
CA ALA E 300 -4.98 54.97 8.93
C ALA E 300 -5.40 54.12 10.13
N SER E 301 -6.02 54.77 11.12
CA SER E 301 -6.52 54.08 12.31
C SER E 301 -8.03 53.94 12.14
N GLU E 302 -8.41 52.92 11.37
CA GLU E 302 -9.80 52.60 11.04
C GLU E 302 -10.36 53.67 10.11
N LYS E 303 -9.60 54.74 9.93
CA LYS E 303 -9.99 55.85 9.07
C LYS E 303 -8.77 56.25 8.25
N VAL E 304 -8.80 55.93 6.97
CA VAL E 304 -7.70 56.26 6.09
C VAL E 304 -7.69 57.76 5.85
N VAL E 305 -6.51 58.37 5.98
CA VAL E 305 -6.33 59.80 5.78
C VAL E 305 -5.26 59.97 4.71
N ILE E 306 -5.64 60.62 3.61
CA ILE E 306 -4.74 60.84 2.49
C ILE E 306 -4.55 62.34 2.29
N ASP E 307 -3.55 62.67 1.48
CA ASP E 307 -3.20 64.05 1.15
C ASP E 307 -2.72 64.07 -0.30
N GLY E 308 -3.48 64.72 -1.16
CA GLY E 308 -3.13 64.81 -2.56
C GLY E 308 -4.11 64.13 -3.48
N GLY E 309 -4.32 64.71 -4.66
CA GLY E 309 -5.26 64.13 -5.62
C GLY E 309 -6.68 64.13 -5.10
N LEU E 310 -7.28 65.30 -4.95
CA LEU E 310 -8.63 65.43 -4.45
C LEU E 310 -9.44 66.37 -5.33
N GLU E 311 -10.76 66.24 -5.19
CA GLU E 311 -11.73 67.05 -5.92
C GLU E 311 -12.72 67.56 -4.87
N ALA E 312 -12.53 68.80 -4.43
CA ALA E 312 -13.40 69.38 -3.41
C ALA E 312 -14.87 69.17 -3.75
N GLY E 313 -15.55 68.42 -2.90
CA GLY E 313 -16.96 68.15 -3.13
C GLY E 313 -17.24 67.04 -4.12
N GLN E 314 -16.40 66.02 -4.17
CA GLN E 314 -16.58 64.90 -5.10
C GLN E 314 -16.96 63.65 -4.31
N THR E 315 -17.96 62.93 -4.82
CA THR E 315 -18.45 61.71 -4.18
C THR E 315 -17.50 60.56 -4.48
N VAL E 316 -16.56 60.35 -3.60
CA VAL E 316 -15.62 59.25 -3.72
C VAL E 316 -16.27 58.04 -3.06
N VAL E 317 -15.91 56.85 -3.55
CA VAL E 317 -16.51 55.64 -3.01
C VAL E 317 -15.86 55.39 -1.65
N THR E 318 -16.63 54.76 -0.77
CA THR E 318 -16.19 54.33 0.54
C THR E 318 -16.53 52.84 0.79
N VAL E 319 -17.09 52.22 -0.25
CA VAL E 319 -17.47 50.81 -0.27
C VAL E 319 -17.08 50.33 -1.65
N GLY E 320 -16.10 49.45 -1.73
CA GLY E 320 -15.63 48.93 -3.01
C GLY E 320 -15.14 47.51 -2.89
N GLY E 321 -14.19 47.17 -3.76
CA GLY E 321 -13.62 45.83 -3.77
C GLY E 321 -14.17 44.91 -4.83
N GLN E 322 -15.26 45.28 -5.50
CA GLN E 322 -15.82 44.42 -6.53
C GLN E 322 -16.32 45.20 -7.75
N LEU E 323 -16.05 46.49 -7.83
CA LEU E 323 -16.52 47.29 -8.95
C LEU E 323 -15.66 47.08 -10.19
N LEU E 324 -16.26 47.40 -11.33
CA LEU E 324 -15.57 47.28 -12.62
C LEU E 324 -14.63 48.47 -12.78
N HIS E 325 -13.34 48.18 -12.83
CA HIS E 325 -12.30 49.20 -12.94
C HIS E 325 -12.48 50.18 -14.10
N PRO E 326 -12.59 49.73 -15.36
CA PRO E 326 -12.73 50.70 -16.47
C PRO E 326 -13.87 51.68 -16.27
N GLY E 327 -15.09 51.17 -16.14
CA GLY E 327 -16.24 52.01 -15.95
C GLY E 327 -17.25 51.26 -15.12
N GLN E 328 -18.11 52.01 -14.44
CA GLN E 328 -19.10 51.34 -13.61
C GLN E 328 -20.30 52.24 -13.38
N VAL E 329 -21.47 51.78 -13.79
CA VAL E 329 -22.69 52.53 -13.58
C VAL E 329 -23.05 52.32 -12.11
N VAL E 330 -23.02 53.39 -11.35
CA VAL E 330 -23.24 53.33 -9.91
C VAL E 330 -24.70 53.56 -9.54
N GLU E 331 -25.05 53.08 -8.35
CA GLU E 331 -26.38 53.23 -7.78
C GLU E 331 -26.38 54.44 -6.85
N VAL E 332 -27.54 55.07 -6.74
CA VAL E 332 -27.67 56.26 -5.90
C VAL E 332 -27.27 55.93 -4.47
N ALA E 333 -26.24 56.63 -3.99
CA ALA E 333 -25.74 56.49 -2.63
C ALA E 333 -26.08 57.70 -1.79
N GLN E 334 -26.83 58.65 -2.36
CA GLN E 334 -27.20 59.88 -1.65
C GLN E 334 -27.83 59.67 -0.27
N PRO E 335 -28.74 58.72 -0.06
CA PRO E 335 -29.31 58.57 1.28
C PRO E 335 -28.23 58.33 2.31
N PRO E 336 -28.43 58.80 3.54
CA PRO E 336 -27.41 58.58 4.58
C PRO E 336 -27.09 57.11 4.75
N GLN E 337 -28.13 56.28 4.66
CA GLN E 337 -28.00 54.83 4.74
C GLN E 337 -29.06 54.29 3.80
N PRO E 338 -28.73 54.14 2.51
CA PRO E 338 -29.70 53.63 1.54
C PRO E 338 -30.21 52.24 1.92
N THR E 339 -29.65 51.68 2.98
CA THR E 339 -30.01 50.38 3.51
C THR E 339 -30.71 50.58 4.85
N GLN E 340 -31.73 49.79 5.11
CA GLN E 340 -32.48 49.88 6.36
C GLN E 340 -31.68 49.38 7.56
N SER E 341 -30.41 49.04 7.34
CA SER E 341 -29.55 48.55 8.42
C SER E 341 -29.33 49.59 9.51
N THR E 342 -29.50 50.88 9.21
CA THR E 342 -29.30 51.91 10.23
C THR E 342 -30.31 51.81 11.37
N ALA E 343 -31.45 51.14 11.14
CA ALA E 343 -32.47 50.97 12.15
C ALA E 343 -32.83 49.51 12.39
N SER E 344 -32.40 48.60 11.51
CA SER E 344 -32.70 47.18 11.68
C SER E 344 -32.09 46.63 12.96
N ARG E 345 -30.98 47.20 13.41
CA ARG E 345 -30.33 46.73 14.64
C ARG E 345 -31.28 46.86 15.82
N ASP E 346 -32.07 47.91 15.86
CA ASP E 346 -33.03 48.13 16.93
C ASP E 346 -34.36 47.43 16.63
N ALA E 347 -34.97 47.77 15.49
CA ALA E 347 -36.24 47.16 15.12
C ALA E 347 -36.47 47.34 13.62
N VAL E 348 -37.08 46.33 13.01
CA VAL E 348 -37.40 46.34 11.58
C VAL E 348 -38.89 46.57 11.35
N GLY E 349 -39.74 45.70 11.89
CA GLY E 349 -41.17 45.82 11.74
C GLY E 349 -41.81 44.85 10.76
N GLY E 350 -41.07 43.86 10.28
CA GLY E 350 -41.63 42.88 9.35
C GLY E 350 -41.98 41.56 9.98
N GLY E 351 -43.27 41.34 10.23
CA GLY E 351 -43.71 40.10 10.83
C GLY E 351 -43.54 40.07 12.34
N GLN E 352 -43.57 38.86 12.89
CA GLN E 352 -43.42 38.63 14.31
C GLN E 352 -41.97 38.34 14.66
N PRO E 353 -41.57 38.56 15.91
CA PRO E 353 -40.18 38.32 16.30
C PRO E 353 -39.87 36.83 16.40
N GLY E 354 -38.57 36.53 16.48
CA GLY E 354 -38.12 35.16 16.60
C GLY E 354 -38.35 34.61 17.99
N ASN E 355 -37.72 33.47 18.24
CA ASN E 355 -37.83 32.78 19.52
C ASN E 355 -36.50 32.78 20.27
N SER E 356 -36.57 32.47 21.55
CA SER E 356 -35.42 32.40 22.44
C SER E 356 -35.85 31.79 23.76
N ARG E 357 -34.91 31.13 24.44
CA ARG E 357 -35.21 30.50 25.72
C ARG E 357 -35.43 31.57 26.79
N GLY E 358 -36.61 31.56 27.41
CA GLY E 358 -36.94 32.51 28.44
C GLY E 358 -38.24 33.24 28.19
N GLY E 359 -38.78 33.12 26.99
CA GLY E 359 -40.03 33.77 26.65
C GLY E 359 -41.12 32.83 26.18
N ASP E 360 -40.75 31.67 25.66
CA ASP E 360 -41.70 30.68 25.18
C ASP E 360 -41.73 29.48 26.12
N GLU E 361 -42.77 28.67 25.97
CA GLU E 361 -42.96 27.49 26.81
C GLU E 361 -42.21 26.30 26.22
N PRO E 362 -41.25 25.72 26.92
CA PRO E 362 -40.54 24.56 26.37
C PRO E 362 -41.45 23.36 26.33
N PRO E 363 -41.20 22.40 25.44
CA PRO E 363 -42.06 21.22 25.36
C PRO E 363 -41.81 20.28 26.53
N PRO E 364 -42.82 19.51 26.94
CA PRO E 364 -42.63 18.57 28.06
C PRO E 364 -41.60 17.51 27.72
N ALA E 365 -40.58 17.40 28.56
CA ALA E 365 -39.49 16.46 28.39
C ALA E 365 -39.26 15.72 29.69
N PRO E 366 -38.55 14.59 29.65
CA PRO E 366 -38.28 13.85 30.87
C PRO E 366 -37.57 14.72 31.88
N PRO E 367 -37.79 14.49 33.17
CA PRO E 367 -37.15 15.32 34.20
C PRO E 367 -35.63 15.26 34.13
N ARG E 368 -35.03 16.43 33.98
CA ARG E 368 -33.58 16.51 33.91
C ARG E 368 -32.99 16.28 35.30
N PRO E 369 -31.86 15.58 35.40
CA PRO E 369 -31.23 15.43 36.70
C PRO E 369 -30.88 16.83 37.17
N VAL E 370 -31.56 17.28 38.22
CA VAL E 370 -31.38 18.64 38.73
C VAL E 370 -29.92 18.93 39.07
N LEU E 371 -29.59 20.23 39.08
CA LEU E 371 -28.24 20.68 39.39
C LEU E 371 -27.82 20.28 40.80
N THR E 372 -28.78 19.96 41.66
CA THR E 372 -28.58 19.54 43.07
C THR E 372 -27.45 20.31 43.73
N VAL E 373 -27.48 21.63 43.56
CA VAL E 373 -26.47 22.51 44.16
C VAL E 373 -26.88 22.98 45.54
N THR E 374 -28.05 22.59 46.03
CA THR E 374 -28.53 23.03 47.33
C THR E 374 -27.59 22.63 48.46
N VAL E 375 -27.36 23.57 49.36
CA VAL E 375 -26.51 23.40 50.54
C VAL E 375 -27.11 24.26 51.64
N LYS E 376 -27.15 23.73 52.86
CA LYS E 376 -27.70 24.47 53.98
C LYS E 376 -26.97 25.79 54.17
N THR E 377 -27.71 26.89 54.13
CA THR E 377 -27.14 28.22 54.30
C THR E 377 -27.33 28.72 55.72
N SER E 621 -25.36 34.97 52.17
CA SER E 621 -24.84 33.99 51.23
C SER E 621 -24.66 34.58 49.84
N VAL E 622 -23.78 33.93 49.07
CA VAL E 622 -23.45 34.32 47.71
C VAL E 622 -23.74 33.14 46.78
N LEU E 623 -24.08 33.47 45.53
CA LEU E 623 -24.38 32.46 44.52
C LEU E 623 -23.90 33.00 43.17
N PRO E 624 -23.23 32.18 42.36
CA PRO E 624 -22.77 32.67 41.05
C PRO E 624 -23.92 33.19 40.21
N ALA E 625 -23.68 34.33 39.56
CA ALA E 625 -24.70 34.96 38.72
C ALA E 625 -25.23 34.03 37.64
N SER E 626 -24.44 33.03 37.23
CA SER E 626 -24.89 32.11 36.20
C SER E 626 -26.06 31.26 36.68
N VAL E 627 -26.07 30.91 37.97
CA VAL E 627 -27.16 30.09 38.51
C VAL E 627 -28.49 30.81 38.35
N LEU E 628 -28.62 31.97 38.99
CA LEU E 628 -29.86 32.73 38.90
C LEU E 628 -30.04 33.26 37.48
N LEU E 629 -31.26 33.14 36.97
CA LEU E 629 -31.60 33.58 35.62
C LEU E 629 -32.80 34.52 35.66
N GLU E 630 -32.73 35.53 36.53
CA GLU E 630 -33.81 36.50 36.67
C GLU E 630 -33.94 37.31 35.39
N ARG E 631 -35.13 37.26 34.79
CA ARG E 631 -35.43 37.98 33.55
C ARG E 631 -36.54 38.98 33.84
N ASP E 632 -36.19 40.27 33.81
CA ASP E 632 -37.13 41.36 34.07
C ASP E 632 -37.82 41.22 35.42
N GLY E 633 -37.24 40.46 36.34
CA GLY E 633 -37.82 40.27 37.65
C GLY E 633 -39.00 39.33 37.70
N LYS E 634 -39.42 38.77 36.57
CA LYS E 634 -40.55 37.86 36.53
C LYS E 634 -40.14 36.39 36.62
N THR E 635 -38.84 36.10 36.58
CA THR E 635 -38.40 34.73 36.72
C THR E 635 -37.31 34.73 37.78
N GLN E 636 -37.70 34.91 39.03
CA GLN E 636 -36.71 34.73 40.06
C GLN E 636 -36.68 33.20 40.21
N VAL E 637 -35.49 32.68 40.48
CA VAL E 637 -35.22 31.26 40.61
C VAL E 637 -36.00 30.49 41.69
N TRP E 638 -37.22 30.95 41.98
CA TRP E 638 -38.17 30.40 42.95
C TRP E 638 -38.14 28.90 43.12
N VAL E 639 -37.69 28.13 42.11
CA VAL E 639 -37.65 26.67 42.25
C VAL E 639 -36.94 26.29 43.52
N VAL E 640 -37.56 25.42 44.31
CA VAL E 640 -37.00 24.95 45.57
C VAL E 640 -36.17 23.70 45.30
N ASP E 641 -35.02 23.61 45.97
CA ASP E 641 -34.15 22.46 45.84
C ASP E 641 -34.48 21.54 47.03
N GLY E 642 -35.56 20.80 46.89
CA GLY E 642 -35.99 19.90 47.95
C GLY E 642 -36.31 18.51 47.44
N LYS E 643 -37.44 17.95 47.90
CA LYS E 643 -37.83 16.61 47.47
C LYS E 643 -38.74 16.62 46.25
N GLN E 644 -39.23 17.80 45.82
CA GLN E 644 -40.15 17.86 44.69
C GLN E 644 -39.80 18.84 43.58
N SER E 645 -38.86 19.76 43.78
CA SER E 645 -38.51 20.77 42.77
C SER E 645 -39.74 21.59 42.41
N SER E 646 -40.35 22.16 43.45
CA SER E 646 -41.54 22.97 43.35
C SER E 646 -41.18 24.44 43.23
N VAL E 647 -42.20 25.30 43.33
CA VAL E 647 -42.03 26.75 43.26
C VAL E 647 -42.28 27.33 44.65
N ALA E 648 -41.70 28.49 44.92
CA ALA E 648 -41.86 29.14 46.21
C ALA E 648 -41.92 30.65 46.04
N LEU E 649 -42.21 31.32 47.16
CA LEU E 649 -42.32 32.78 47.19
C LEU E 649 -40.99 33.39 47.67
N ARG E 650 -39.99 33.33 46.79
CA ARG E 650 -38.66 33.86 47.07
C ARG E 650 -38.38 34.90 45.97
N GLU E 651 -38.89 36.11 46.17
CA GLU E 651 -38.72 37.19 45.21
C GLU E 651 -37.76 38.26 45.72
N VAL E 652 -36.79 37.88 46.55
CA VAL E 652 -35.82 38.84 47.07
C VAL E 652 -34.91 39.28 45.94
N GLN E 653 -34.69 40.58 45.82
CA GLN E 653 -33.84 41.16 44.78
C GLN E 653 -32.88 42.17 45.41
N VAL E 654 -31.60 41.83 45.43
CA VAL E 654 -30.56 42.70 45.99
C VAL E 654 -29.87 43.42 44.85
N LEU E 655 -29.63 44.71 45.03
CA LEU E 655 -29.00 45.53 43.99
C LEU E 655 -27.50 45.28 43.83
N SER E 656 -26.89 44.46 44.69
CA SER E 656 -25.45 44.16 44.57
C SER E 656 -25.28 43.21 43.41
N ARG E 657 -25.48 43.75 42.20
CA ARG E 657 -25.39 43.00 40.95
C ARG E 657 -24.10 43.40 40.23
N ASP E 658 -23.00 42.71 40.56
CA ASP E 658 -21.71 42.95 39.94
C ASP E 658 -21.45 42.00 38.78
N GLU E 659 -22.49 41.33 38.29
CA GLU E 659 -22.43 40.38 37.18
C GLU E 659 -21.48 39.22 37.47
N ARG E 660 -21.12 39.02 38.73
CA ARG E 660 -20.23 37.93 39.13
C ARG E 660 -20.85 37.01 40.16
N GLN E 661 -21.55 37.58 41.15
CA GLN E 661 -22.20 36.78 42.18
C GLN E 661 -23.26 37.64 42.87
N VAL E 662 -24.35 36.99 43.24
CA VAL E 662 -25.46 37.65 43.92
C VAL E 662 -25.38 37.27 45.40
N VAL E 663 -25.38 38.29 46.25
CA VAL E 663 -25.32 38.09 47.70
C VAL E 663 -26.57 38.69 48.31
N ILE E 664 -27.23 37.92 49.17
CA ILE E 664 -28.44 38.40 49.81
C ILE E 664 -28.35 38.19 51.32
N GLY E 665 -29.08 39.00 52.05
CA GLY E 665 -29.09 38.92 53.50
C GLY E 665 -30.42 38.42 54.04
N GLN E 666 -31.49 38.60 53.27
CA GLN E 666 -32.82 38.17 53.64
C GLN E 666 -33.43 37.36 52.50
N GLY E 667 -34.46 36.58 52.83
CA GLY E 667 -35.12 35.77 51.83
C GLY E 667 -34.30 34.59 51.34
N LEU E 668 -33.44 34.03 52.19
CA LEU E 668 -32.60 32.90 51.83
C LEU E 668 -32.95 31.71 52.72
N ALA E 669 -32.73 30.51 52.19
CA ALA E 669 -33.04 29.28 52.93
C ALA E 669 -32.16 28.16 52.38
N ASP E 670 -32.40 26.95 52.87
CA ASP E 670 -31.62 25.79 52.42
C ASP E 670 -31.99 25.39 51.00
N GLY E 671 -33.28 25.41 50.68
CA GLY E 671 -33.74 25.05 49.35
C GLY E 671 -33.93 26.27 48.47
N ASP E 672 -33.13 27.31 48.75
CA ASP E 672 -33.22 28.55 47.98
C ASP E 672 -32.47 28.47 46.66
N ARG E 673 -31.41 27.66 46.58
CA ARG E 673 -30.65 27.55 45.35
C ARG E 673 -31.51 26.98 44.22
N VAL E 674 -31.03 27.15 42.99
CA VAL E 674 -31.75 26.75 41.80
C VAL E 674 -30.77 26.15 40.78
N VAL E 675 -31.31 25.83 39.61
CA VAL E 675 -30.53 25.29 38.50
C VAL E 675 -29.58 26.35 37.97
N ARG E 676 -28.47 25.89 37.37
CA ARG E 676 -27.47 26.81 36.82
C ARG E 676 -27.83 27.30 35.43
N ALA E 677 -27.89 26.39 34.46
CA ALA E 677 -28.19 26.74 33.08
C ALA E 677 -29.63 26.45 32.67
N GLY E 678 -30.22 25.38 33.19
CA GLY E 678 -31.58 25.05 32.84
C GLY E 678 -32.60 25.74 33.71
N VAL E 679 -32.62 27.07 33.68
CA VAL E 679 -33.56 27.83 34.49
C VAL E 679 -34.70 28.29 33.60
N ASN E 680 -34.38 29.12 32.60
CA ASN E 680 -35.43 29.59 31.69
C ASN E 680 -35.97 28.45 30.84
N SER E 681 -35.13 27.47 30.52
CA SER E 681 -35.54 26.32 29.73
C SER E 681 -36.32 25.30 30.55
N LEU E 682 -36.74 25.67 31.76
CA LEU E 682 -37.48 24.80 32.64
C LEU E 682 -38.79 25.47 33.03
N LYS E 683 -39.83 24.63 33.19
CA LYS E 683 -41.15 25.11 33.58
C LYS E 683 -41.30 25.07 35.10
N PRO E 684 -42.01 26.04 35.67
CA PRO E 684 -42.16 26.05 37.14
C PRO E 684 -42.93 24.84 37.63
N GLY E 685 -42.56 24.38 38.83
CA GLY E 685 -43.19 23.24 39.45
C GLY E 685 -42.88 21.90 38.80
N GLN E 686 -42.08 21.89 37.74
CA GLN E 686 -41.74 20.64 37.08
C GLN E 686 -40.92 19.74 37.99
N LYS E 687 -41.27 18.45 38.01
CA LYS E 687 -40.55 17.49 38.82
C LYS E 687 -39.19 17.19 38.20
N ILE E 688 -38.28 16.70 39.04
CA ILE E 688 -36.94 16.35 38.57
C ILE E 688 -36.62 14.92 39.00
N LYS E 689 -35.40 14.48 38.74
CA LYS E 689 -34.95 13.15 39.09
C LYS E 689 -33.68 13.26 39.93
N LEU E 690 -33.57 12.41 40.94
CA LEU E 690 -32.38 12.44 41.79
C LEU E 690 -31.18 11.80 41.11
N ASP E 691 -31.41 10.80 40.26
CA ASP E 691 -30.32 10.13 39.57
C ASP E 691 -29.61 11.13 38.66
N GLU E 692 -28.34 11.38 38.93
CA GLU E 692 -27.54 12.32 38.17
C GLU E 692 -26.44 11.61 37.38
N ASP E 693 -26.04 12.24 36.27
CA ASP E 693 -25.00 11.69 35.41
C ASP E 693 -23.63 12.02 35.99
N ALA E 694 -22.79 11.00 36.15
CA ALA E 694 -21.46 11.18 36.70
C ALA E 694 -20.58 9.99 36.35
N ARG E 695 -19.29 10.25 36.20
CA ARG E 695 -18.32 9.20 35.88
C ARG E 695 -16.92 9.60 36.29
N CYS F 1 -24.47 -41.06 31.41
CA CYS F 1 -24.80 -39.72 30.98
C CYS F 1 -24.47 -38.60 32.00
N GLY F 2 -24.79 -38.84 33.27
CA GLY F 2 -24.54 -37.88 34.32
C GLY F 2 -23.55 -38.37 35.36
N ALA F 3 -22.56 -37.53 35.69
CA ALA F 3 -21.55 -37.89 36.67
C ALA F 3 -21.70 -37.16 38.00
N GLU F 4 -20.65 -37.26 38.82
CA GLU F 4 -20.62 -36.64 40.14
C GLU F 4 -19.39 -35.74 40.26
N PRO F 5 -19.57 -34.44 40.53
CA PRO F 5 -18.42 -33.57 40.65
C PRO F 5 -17.70 -33.81 41.97
N PRO F 6 -16.41 -33.51 42.04
CA PRO F 6 -15.67 -33.71 43.29
C PRO F 6 -16.16 -32.76 44.38
N ALA F 7 -15.74 -33.04 45.60
CA ALA F 7 -16.12 -32.22 46.74
C ALA F 7 -15.47 -30.84 46.66
N GLU F 8 -15.92 -29.96 47.55
CA GLU F 8 -15.40 -28.60 47.59
C GLU F 8 -14.16 -28.57 48.47
N GLU F 9 -13.18 -27.79 48.05
CA GLU F 9 -11.92 -27.64 48.78
C GLU F 9 -11.75 -26.18 49.16
N HIS F 10 -11.57 -25.94 50.45
CA HIS F 10 -11.38 -24.58 50.92
C HIS F 10 -10.12 -24.01 50.29
N VAL F 11 -10.21 -22.77 49.80
CA VAL F 11 -9.05 -22.15 49.18
C VAL F 11 -7.94 -22.06 50.21
N ARG F 12 -6.80 -22.67 49.90
CA ARG F 12 -5.68 -22.65 50.83
C ARG F 12 -5.23 -21.22 51.08
N VAL F 13 -4.83 -20.94 52.32
CA VAL F 13 -4.39 -19.60 52.70
C VAL F 13 -3.58 -19.71 53.98
N LEU F 14 -2.76 -18.70 54.25
CA LEU F 14 -1.93 -18.65 55.45
C LEU F 14 -2.22 -17.33 56.16
N ALA F 15 -3.03 -17.38 57.21
CA ALA F 15 -3.42 -16.22 57.99
C ALA F 15 -2.62 -16.18 59.30
N GLN F 16 -2.98 -15.26 60.17
CA GLN F 16 -2.29 -15.14 61.45
C GLN F 16 -3.18 -14.36 62.42
N THR F 17 -3.19 -14.78 63.68
CA THR F 17 -3.99 -14.14 64.69
C THR F 17 -3.55 -12.69 64.91
N VAL F 18 -4.40 -11.95 65.62
CA VAL F 18 -4.13 -10.55 65.95
C VAL F 18 -3.44 -10.49 67.30
N LYS F 19 -2.29 -9.82 67.36
CA LYS F 19 -1.53 -9.68 68.59
C LYS F 19 -1.07 -8.23 68.69
N MET F 20 -1.71 -7.46 69.56
CA MET F 20 -1.34 -6.06 69.75
C MET F 20 0.15 -5.94 70.04
N ALA F 21 0.84 -5.08 69.30
CA ALA F 21 2.26 -4.91 69.49
C ALA F 21 2.62 -3.43 69.50
N GLU F 22 3.71 -3.12 70.21
CA GLU F 22 4.24 -1.76 70.34
C GLU F 22 5.37 -1.51 69.34
N PHE F 23 5.35 -2.22 68.21
CA PHE F 23 6.37 -2.07 67.19
C PHE F 23 6.36 -0.64 66.65
N ALA F 24 7.49 0.06 66.81
CA ALA F 24 7.61 1.44 66.35
C ALA F 24 7.51 1.52 64.83
N ALA F 260 3.31 4.14 68.47
CA ALA F 260 2.06 3.56 68.01
C ALA F 260 1.53 2.54 69.00
N GLU F 261 0.79 3.03 70.00
CA GLU F 261 0.23 2.16 71.02
C GLU F 261 -0.71 1.14 70.40
N HIS F 262 -0.66 -0.08 70.92
CA HIS F 262 -1.49 -1.21 70.47
C HIS F 262 -1.55 -1.29 68.94
N SER F 263 -0.42 -1.02 68.30
CA SER F 263 -0.38 -1.09 66.85
C SER F 263 -0.51 -2.54 66.39
N VAL F 264 -0.77 -2.70 65.09
CA VAL F 264 -0.92 -4.03 64.50
C VAL F 264 -0.02 -4.11 63.29
N VAL F 265 0.88 -5.10 63.28
CA VAL F 265 1.81 -5.28 62.17
C VAL F 265 1.45 -6.55 61.43
N LEU F 266 1.79 -6.57 60.14
CA LEU F 266 1.52 -7.71 59.27
C LEU F 266 2.41 -7.57 58.04
N PRO F 267 2.61 -8.65 57.28
CA PRO F 267 3.45 -8.54 56.08
C PRO F 267 2.85 -7.55 55.08
N TRP F 268 3.69 -7.12 54.14
CA TRP F 268 3.28 -6.16 53.13
C TRP F 268 2.23 -6.69 52.16
N SER F 269 1.99 -8.01 52.12
CA SER F 269 1.03 -8.60 51.20
C SER F 269 -0.28 -8.97 51.89
N ALA F 270 -0.75 -8.12 52.80
CA ALA F 270 -1.98 -8.38 53.53
C ALA F 270 -2.84 -7.13 53.63
N LEU F 271 -3.00 -6.40 52.52
CA LEU F 271 -3.80 -5.18 52.52
C LEU F 271 -4.59 -5.10 51.23
N SER F 272 -5.88 -4.76 51.35
CA SER F 272 -6.74 -4.64 50.19
C SER F 272 -7.67 -3.45 50.36
N LYS F 273 -7.86 -2.69 49.29
CA LYS F 273 -8.72 -1.52 49.37
C LYS F 273 -10.19 -1.90 49.20
N VAL F 274 -11.03 -1.44 50.12
CA VAL F 274 -12.46 -1.67 50.08
C VAL F 274 -13.12 -0.30 50.03
N GLY F 275 -14.13 -0.16 49.18
CA GLY F 275 -14.81 1.12 49.07
C GLY F 275 -13.80 2.22 48.82
N GLU F 276 -13.63 3.09 49.81
CA GLU F 276 -12.68 4.21 49.71
C GLU F 276 -11.76 4.22 50.92
N GLN F 277 -11.23 3.05 51.26
CA GLN F 277 -10.33 2.94 52.41
C GLN F 277 -9.67 1.57 52.46
N PRO F 278 -8.46 1.47 53.00
CA PRO F 278 -7.81 0.17 53.11
C PRO F 278 -8.57 -0.71 54.10
N ALA F 279 -8.37 -2.02 53.97
CA ALA F 279 -9.04 -2.98 54.83
C ALA F 279 -8.35 -4.32 54.69
N VAL F 280 -8.81 -5.28 55.49
CA VAL F 280 -8.27 -6.63 55.51
C VAL F 280 -9.43 -7.62 55.65
N TRP F 281 -9.09 -8.90 55.74
CA TRP F 281 -10.07 -9.96 55.89
C TRP F 281 -9.83 -10.70 57.20
N LEU F 282 -10.91 -10.89 57.95
CA LEU F 282 -10.86 -11.59 59.22
C LEU F 282 -11.61 -12.91 59.07
N LEU F 283 -11.10 -13.95 59.71
CA LEU F 283 -11.68 -15.28 59.61
C LEU F 283 -12.46 -15.65 60.85
N ASP F 284 -13.70 -16.07 60.66
CA ASP F 284 -14.56 -16.49 61.75
C ASP F 284 -14.13 -17.86 62.26
N GLN F 285 -14.49 -18.15 63.51
CA GLN F 285 -14.13 -19.44 64.09
C GLN F 285 -14.79 -20.59 63.35
N GLN F 286 -15.92 -20.34 62.69
CA GLN F 286 -16.65 -21.38 61.98
C GLN F 286 -16.28 -21.45 60.50
N GLY F 287 -14.98 -21.53 60.22
CA GLY F 287 -14.46 -21.63 58.87
C GLY F 287 -15.07 -20.79 57.77
N LYS F 288 -14.99 -19.47 57.89
CA LYS F 288 -15.53 -18.57 56.87
C LYS F 288 -14.76 -17.26 56.96
N ALA F 289 -14.84 -16.46 55.91
CA ALA F 289 -14.13 -15.19 55.85
C ALA F 289 -15.09 -14.02 55.73
N ARG F 290 -14.68 -12.89 56.32
CA ARG F 290 -15.44 -11.65 56.30
C ARG F 290 -14.45 -10.51 56.09
N LEU F 291 -14.96 -9.37 55.64
CA LEU F 291 -14.12 -8.20 55.41
C LEU F 291 -14.25 -7.21 56.56
N GLN F 292 -13.13 -6.61 56.94
CA GLN F 292 -13.11 -5.64 58.02
C GLN F 292 -12.37 -4.39 57.54
N PRO F 293 -13.01 -3.23 57.54
CA PRO F 293 -12.33 -2.01 57.09
C PRO F 293 -11.37 -1.53 58.15
N VAL F 294 -10.20 -1.07 57.71
CA VAL F 294 -9.20 -0.58 58.63
C VAL F 294 -8.82 0.85 58.29
N ARG F 295 -7.90 1.41 59.09
CA ARG F 295 -7.42 2.78 58.91
C ARG F 295 -5.92 2.75 59.21
N VAL F 296 -5.12 2.54 58.18
CA VAL F 296 -3.68 2.47 58.36
C VAL F 296 -3.10 3.88 58.40
N ALA F 297 -2.23 4.12 59.35
CA ALA F 297 -1.58 5.40 59.53
C ALA F 297 -0.07 5.26 59.61
N ARG F 298 0.42 4.21 60.25
CA ARG F 298 1.85 3.98 60.36
C ARG F 298 2.43 3.55 59.03
N TYR F 299 3.68 3.93 58.79
CA TYR F 299 4.35 3.58 57.55
C TYR F 299 4.41 2.06 57.39
N ALA F 300 4.64 1.62 56.15
CA ALA F 300 4.70 0.20 55.83
C ALA F 300 6.01 -0.11 55.12
N SER F 301 7.02 -0.52 55.88
CA SER F 301 8.33 -0.88 55.32
C SER F 301 8.38 -2.41 55.30
N GLU F 302 7.77 -2.98 54.24
CA GLU F 302 7.68 -4.41 54.02
C GLU F 302 6.75 -5.03 55.06
N LYS F 303 6.37 -4.23 56.05
CA LYS F 303 5.49 -4.66 57.12
C LYS F 303 4.47 -3.56 57.35
N VAL F 304 3.23 -3.81 56.93
CA VAL F 304 2.17 -2.82 57.11
C VAL F 304 1.80 -2.75 58.59
N VAL F 305 1.71 -1.53 59.11
CA VAL F 305 1.36 -1.28 60.50
C VAL F 305 0.14 -0.38 60.50
N ILE F 306 -0.93 -0.87 61.10
CA ILE F 306 -2.19 -0.14 61.17
C ILE F 306 -2.55 0.11 62.62
N ASP F 307 -3.52 1.01 62.80
CA ASP F 307 -4.01 1.41 64.12
C ASP F 307 -5.51 1.66 64.00
N GLY F 308 -6.31 0.82 64.64
CA GLY F 308 -7.75 0.98 64.59
C GLY F 308 -8.46 -0.19 63.92
N GLY F 309 -9.64 -0.53 64.43
CA GLY F 309 -10.40 -1.63 63.86
C GLY F 309 -9.68 -2.96 64.01
N LEU F 310 -9.56 -3.44 65.24
CA LEU F 310 -8.87 -4.69 65.51
C LEU F 310 -9.69 -5.57 66.43
N GLU F 311 -9.37 -6.86 66.43
CA GLU F 311 -10.01 -7.87 67.26
C GLU F 311 -8.88 -8.64 67.91
N ALA F 312 -8.58 -8.31 69.18
CA ALA F 312 -7.50 -8.97 69.91
C ALA F 312 -7.61 -10.48 69.79
N GLY F 313 -6.61 -11.09 69.15
CA GLY F 313 -6.60 -12.53 68.98
C GLY F 313 -7.45 -13.03 67.83
N GLN F 314 -7.53 -12.28 66.74
CA GLN F 314 -8.31 -12.67 65.58
C GLN F 314 -7.39 -13.01 64.42
N THR F 315 -7.67 -14.13 63.76
CA THR F 315 -6.87 -14.60 62.63
C THR F 315 -7.21 -13.79 61.39
N VAL F 316 -6.45 -12.74 61.17
CA VAL F 316 -6.61 -11.91 59.99
C VAL F 316 -5.78 -12.53 58.89
N VAL F 317 -6.20 -12.33 57.64
CA VAL F 317 -5.47 -12.92 56.52
C VAL F 317 -4.21 -12.09 56.32
N THR F 318 -3.17 -12.77 55.83
CA THR F 318 -1.91 -12.17 55.46
C THR F 318 -1.48 -12.57 54.04
N VAL F 319 -2.37 -13.31 53.37
CA VAL F 319 -2.21 -13.79 52.01
C VAL F 319 -3.60 -13.65 51.40
N GLY F 320 -3.74 -12.76 50.44
CA GLY F 320 -5.02 -12.53 49.78
C GLY F 320 -4.86 -12.11 48.35
N GLY F 321 -5.81 -11.34 47.86
CA GLY F 321 -5.79 -10.85 46.49
C GLY F 321 -6.68 -11.62 45.53
N GLN F 322 -7.22 -12.77 45.94
CA GLN F 322 -8.07 -13.55 45.06
C GLN F 322 -9.27 -14.16 45.77
N LEU F 323 -9.50 -13.82 47.03
CA LEU F 323 -10.61 -14.40 47.78
C LEU F 323 -11.94 -13.76 47.40
N LEU F 324 -13.01 -14.49 47.69
CA LEU F 324 -14.36 -14.01 47.42
C LEU F 324 -14.75 -13.03 48.51
N HIS F 325 -14.97 -11.79 48.12
CA HIS F 325 -15.31 -10.70 49.04
C HIS F 325 -16.51 -10.98 49.94
N PRO F 326 -17.70 -11.32 49.40
CA PRO F 326 -18.85 -11.55 50.29
C PRO F 326 -18.59 -12.58 51.37
N GLY F 327 -18.24 -13.79 50.98
CA GLY F 327 -17.95 -14.85 51.94
C GLY F 327 -16.93 -15.76 51.33
N GLN F 328 -16.20 -16.47 52.19
CA GLN F 328 -15.17 -17.36 51.66
C GLN F 328 -14.85 -18.45 52.68
N VAL F 329 -15.06 -19.69 52.27
CA VAL F 329 -14.73 -20.83 53.13
C VAL F 329 -13.22 -20.97 53.06
N VAL F 330 -12.56 -20.76 54.19
CA VAL F 330 -11.11 -20.76 54.25
C VAL F 330 -10.55 -22.12 54.63
N GLU F 331 -9.29 -22.32 54.27
CA GLU F 331 -8.55 -23.54 54.56
C GLU F 331 -7.73 -23.32 55.84
N VAL F 332 -7.52 -24.40 56.57
CA VAL F 332 -6.77 -24.32 57.82
C VAL F 332 -5.39 -23.73 57.57
N ALA F 333 -5.12 -22.61 58.23
CA ALA F 333 -3.84 -21.92 58.13
C ALA F 333 -3.07 -22.04 59.44
N GLN F 334 -3.60 -22.79 60.40
CA GLN F 334 -2.96 -22.97 61.70
C GLN F 334 -1.50 -23.41 61.65
N PRO F 335 -1.07 -24.34 60.79
CA PRO F 335 0.34 -24.72 60.79
C PRO F 335 1.22 -23.51 60.54
N PRO F 336 2.43 -23.49 61.12
CA PRO F 336 3.31 -22.34 60.89
C PRO F 336 3.56 -22.11 59.42
N GLN F 337 3.71 -23.19 58.67
CA GLN F 337 3.90 -23.16 57.23
C GLN F 337 3.16 -24.37 56.71
N PRO F 338 1.86 -24.25 56.43
CA PRO F 338 1.08 -25.40 55.92
C PRO F 338 1.64 -25.94 54.62
N THR F 339 2.65 -25.25 54.10
CA THR F 339 3.35 -25.63 52.88
C THR F 339 4.75 -26.10 53.23
N GLN F 340 5.21 -27.13 52.55
CA GLN F 340 6.55 -27.67 52.79
C GLN F 340 7.67 -26.74 52.31
N SER F 341 7.29 -25.53 51.87
CA SER F 341 8.27 -24.56 51.38
C SER F 341 9.23 -24.11 52.48
N THR F 342 8.86 -24.24 53.75
CA THR F 342 9.73 -23.82 54.84
C THR F 342 11.01 -24.65 54.90
N ALA F 343 11.00 -25.85 54.33
CA ALA F 343 12.17 -26.72 54.31
C ALA F 343 12.58 -27.13 52.91
N SER F 344 11.73 -26.91 51.90
CA SER F 344 12.07 -27.28 50.53
C SER F 344 13.29 -26.53 50.03
N ARG F 345 13.52 -25.31 50.53
CA ARG F 345 14.68 -24.53 50.10
C ARG F 345 15.97 -25.28 50.39
N ASP F 346 16.03 -25.98 51.52
CA ASP F 346 17.21 -26.75 51.89
C ASP F 346 17.16 -28.15 51.29
N ALA F 347 16.09 -28.90 51.58
CA ALA F 347 15.97 -30.25 51.05
C ALA F 347 14.52 -30.70 51.13
N VAL F 348 14.08 -31.46 50.14
CA VAL F 348 12.72 -31.98 50.06
C VAL F 348 12.68 -33.47 50.40
N GLY F 349 13.41 -34.29 49.64
CA GLY F 349 13.45 -35.72 49.86
C GLY F 349 12.68 -36.56 48.87
N GLY F 350 12.18 -35.97 47.79
CA GLY F 350 11.42 -36.73 46.81
C GLY F 350 12.21 -37.06 45.56
N GLY F 351 12.66 -38.31 45.46
CA GLY F 351 13.42 -38.75 44.31
C GLY F 351 14.89 -38.36 44.39
N GLN F 352 15.53 -38.38 43.22
CA GLN F 352 16.94 -38.04 43.10
C GLN F 352 17.10 -36.58 42.70
N PRO F 353 18.25 -35.98 43.00
CA PRO F 353 18.46 -34.56 42.66
C PRO F 353 18.64 -34.35 41.17
N GLY F 354 18.57 -33.08 40.78
CA GLY F 354 18.72 -32.70 39.39
C GLY F 354 20.19 -32.76 38.96
N ASN F 355 20.45 -32.18 37.79
CA ASN F 355 21.78 -32.15 37.22
C ASN F 355 22.32 -30.73 37.16
N SER F 356 23.62 -30.62 36.95
CA SER F 356 24.34 -29.36 36.87
C SER F 356 25.76 -29.63 36.39
N ARG F 357 26.34 -28.64 35.72
CA ARG F 357 27.71 -28.78 35.21
C ARG F 357 28.71 -28.77 36.37
N GLY F 358 29.48 -29.84 36.49
CA GLY F 358 30.46 -29.95 37.55
C GLY F 358 30.34 -31.22 38.36
N GLY F 359 29.24 -31.94 38.19
CA GLY F 359 29.02 -33.18 38.92
C GLY F 359 28.81 -34.39 38.04
N ASP F 360 28.34 -34.19 36.82
CA ASP F 360 28.09 -35.26 35.87
C ASP F 360 29.12 -35.23 34.75
N GLU F 361 29.20 -36.34 34.02
CA GLU F 361 30.15 -36.48 32.92
C GLU F 361 29.56 -35.92 31.64
N PRO F 362 30.16 -34.89 31.04
CA PRO F 362 29.63 -34.36 29.78
C PRO F 362 29.83 -35.35 28.66
N PRO F 363 28.99 -35.29 27.62
CA PRO F 363 29.15 -36.24 26.51
C PRO F 363 30.34 -35.88 25.65
N PRO F 364 30.95 -36.87 24.99
CA PRO F 364 32.11 -36.58 24.12
C PRO F 364 31.71 -35.68 22.96
N ALA F 365 32.40 -34.56 22.84
CA ALA F 365 32.17 -33.57 21.80
C ALA F 365 33.48 -33.21 21.14
N PRO F 366 33.42 -32.59 19.95
CA PRO F 366 34.66 -32.19 19.29
C PRO F 366 35.48 -31.27 20.17
N PRO F 367 36.81 -31.32 20.06
CA PRO F 367 37.66 -30.48 20.91
C PRO F 367 37.38 -28.99 20.73
N ARG F 368 37.04 -28.34 21.83
CA ARG F 368 36.75 -26.92 21.79
C ARG F 368 38.05 -26.14 21.61
N PRO F 369 38.05 -25.06 20.83
CA PRO F 369 39.27 -24.25 20.73
C PRO F 369 39.56 -23.74 22.13
N VAL F 370 40.65 -24.23 22.72
CA VAL F 370 41.01 -23.88 24.09
C VAL F 370 41.10 -22.36 24.29
N LEU F 371 40.96 -21.95 25.55
CA LEU F 371 41.03 -20.55 25.92
C LEU F 371 42.39 -19.95 25.59
N THR F 372 43.41 -20.79 25.41
CA THR F 372 44.80 -20.41 25.08
C THR F 372 45.23 -19.14 25.82
N VAL F 373 44.95 -19.11 27.12
CA VAL F 373 45.32 -17.95 27.94
C VAL F 373 46.70 -18.12 28.56
N THR F 374 47.37 -19.23 28.30
CA THR F 374 48.69 -19.47 28.87
C THR F 374 49.72 -18.41 28.48
N VAL F 375 50.48 -17.98 29.47
CA VAL F 375 51.53 -16.98 29.32
C VAL F 375 52.64 -17.35 30.31
N LYS F 376 53.89 -17.24 29.87
CA LYS F 376 55.01 -17.57 30.74
C LYS F 376 54.98 -16.72 32.01
N THR F 377 54.96 -17.39 33.15
CA THR F 377 54.92 -16.70 34.44
C THR F 377 56.31 -16.64 35.06
N SER F 621 51.98 -14.81 40.85
CA SER F 621 51.07 -14.50 39.76
C SER F 621 49.61 -14.50 40.23
N VAL F 622 48.78 -13.78 39.45
CA VAL F 622 47.36 -13.64 39.71
C VAL F 622 46.59 -14.14 38.50
N LEU F 623 45.38 -14.63 38.75
CA LEU F 623 44.51 -15.15 37.70
C LEU F 623 43.06 -14.85 38.09
N PRO F 624 42.24 -14.37 37.17
CA PRO F 624 40.84 -14.08 37.52
C PRO F 624 40.14 -15.31 38.07
N ALA F 625 39.35 -15.09 39.13
CA ALA F 625 38.63 -16.18 39.77
C ALA F 625 37.71 -16.92 38.81
N SER F 626 37.29 -16.27 37.72
CA SER F 626 36.42 -16.93 36.77
C SER F 626 37.13 -18.07 36.05
N VAL F 627 38.44 -17.92 35.80
CA VAL F 627 39.20 -18.96 35.11
C VAL F 627 39.17 -20.26 35.92
N LEU F 628 39.73 -20.21 37.14
CA LEU F 628 39.74 -21.39 37.98
C LEU F 628 38.33 -21.74 38.42
N LEU F 629 38.00 -23.03 38.36
CA LEU F 629 36.69 -23.54 38.73
C LEU F 629 36.82 -24.66 39.75
N GLU F 630 37.58 -24.38 40.82
CA GLU F 630 37.78 -25.36 41.88
C GLU F 630 36.47 -25.63 42.60
N ARG F 631 36.05 -26.89 42.60
CA ARG F 631 34.82 -27.32 43.24
C ARG F 631 35.18 -28.30 44.35
N ASP F 632 34.98 -27.88 45.61
CA ASP F 632 35.28 -28.70 46.79
C ASP F 632 36.72 -29.18 46.81
N GLY F 633 37.61 -28.52 46.08
CA GLY F 633 39.00 -28.89 46.03
C GLY F 633 39.30 -30.13 45.19
N LYS F 634 38.29 -30.74 44.58
CA LYS F 634 38.50 -31.93 43.77
C LYS F 634 38.65 -31.61 42.29
N THR F 635 38.45 -30.36 41.89
CA THR F 635 38.65 -30.00 40.49
C THR F 635 39.54 -28.77 40.49
N GLN F 636 40.81 -28.96 40.80
CA GLN F 636 41.69 -27.83 40.61
C GLN F 636 41.97 -27.89 39.09
N VAL F 637 42.11 -26.71 38.51
CA VAL F 637 42.32 -26.52 37.08
C VAL F 637 43.56 -27.18 36.46
N TRP F 638 43.98 -28.31 37.04
CA TRP F 638 45.12 -29.14 36.66
C TRP F 638 45.41 -29.18 35.15
N VAL F 639 44.42 -28.95 34.28
CA VAL F 639 44.68 -28.99 32.84
C VAL F 639 45.87 -28.11 32.50
N VAL F 640 46.81 -28.68 31.74
CA VAL F 640 48.02 -27.96 31.33
C VAL F 640 47.74 -27.27 30.00
N ASP F 641 48.23 -26.05 29.86
CA ASP F 641 48.09 -25.29 28.64
C ASP F 641 49.38 -25.49 27.85
N GLY F 642 49.46 -26.63 27.18
CA GLY F 642 50.65 -26.97 26.40
C GLY F 642 50.31 -27.46 25.01
N LYS F 643 50.97 -28.52 24.57
CA LYS F 643 50.72 -29.07 23.25
C LYS F 643 49.64 -30.15 23.25
N GLN F 644 49.20 -30.62 24.41
CA GLN F 644 48.21 -31.69 24.46
C GLN F 644 46.97 -31.44 25.33
N SER F 645 46.97 -30.42 26.19
CA SER F 645 45.84 -30.16 27.08
C SER F 645 45.59 -31.38 27.98
N SER F 646 46.65 -31.78 28.67
CA SER F 646 46.64 -32.92 29.56
C SER F 646 46.36 -32.48 30.99
N VAL F 647 46.53 -33.40 31.94
CA VAL F 647 46.31 -33.14 33.35
C VAL F 647 47.66 -33.15 34.05
N ALA F 648 47.74 -32.45 35.18
CA ALA F 648 48.99 -32.38 35.93
C ALA F 648 48.70 -32.35 37.43
N LEU F 649 49.78 -32.43 38.20
CA LEU F 649 49.70 -32.42 39.67
C LEU F 649 49.93 -31.00 40.19
N ARG F 650 48.93 -30.16 39.98
CA ARG F 650 48.95 -28.77 40.43
C ARG F 650 47.75 -28.58 41.35
N GLU F 651 47.92 -28.97 42.61
CA GLU F 651 46.85 -28.87 43.61
C GLU F 651 47.12 -27.77 44.63
N VAL F 652 47.83 -26.72 44.24
CA VAL F 652 48.12 -25.63 45.15
C VAL F 652 46.83 -24.86 45.43
N GLN F 653 46.58 -24.56 46.70
CA GLN F 653 45.38 -23.85 47.12
C GLN F 653 45.77 -22.75 48.10
N VAL F 654 45.64 -21.49 47.66
CA VAL F 654 45.97 -20.33 48.47
C VAL F 654 44.68 -19.78 49.05
N LEU F 655 44.70 -19.42 50.34
CA LEU F 655 43.53 -18.90 51.02
C LEU F 655 43.18 -17.46 50.63
N SER F 656 44.01 -16.78 49.84
CA SER F 656 43.71 -15.41 49.42
C SER F 656 42.61 -15.48 48.37
N ARG F 657 41.42 -15.81 48.83
CA ARG F 657 40.23 -15.96 47.99
C ARG F 657 39.30 -14.76 48.23
N ASP F 658 39.53 -13.69 47.48
CA ASP F 658 38.72 -12.49 47.57
C ASP F 658 37.61 -12.47 46.51
N GLU F 659 37.34 -13.62 45.89
CA GLU F 659 36.32 -13.79 44.86
C GLU F 659 36.57 -12.89 43.65
N ARG F 660 37.77 -12.36 43.51
CA ARG F 660 38.13 -11.50 42.39
C ARG F 660 39.33 -12.02 41.61
N GLN F 661 40.34 -12.53 42.30
CA GLN F 661 41.52 -13.06 41.64
C GLN F 661 42.27 -13.94 42.63
N VAL F 662 42.86 -15.01 42.11
CA VAL F 662 43.63 -15.96 42.89
C VAL F 662 45.10 -15.69 42.63
N VAL F 663 45.86 -15.48 43.69
CA VAL F 663 47.29 -15.22 43.61
C VAL F 663 48.03 -16.32 44.35
N ILE F 664 49.03 -16.90 43.70
CA ILE F 664 49.80 -17.97 44.33
C ILE F 664 51.29 -17.66 44.22
N GLY F 665 52.06 -18.22 45.15
CA GLY F 665 53.49 -18.02 45.18
C GLY F 665 54.25 -19.28 44.82
N GLN F 666 53.63 -20.43 45.03
CA GLN F 666 54.22 -21.73 44.73
C GLN F 666 53.26 -22.55 43.90
N GLY F 667 53.80 -23.57 43.23
CA GLY F 667 52.98 -24.42 42.40
C GLY F 667 52.49 -23.78 41.13
N LEU F 668 53.24 -22.84 40.57
CA LEU F 668 52.87 -22.14 39.35
C LEU F 668 53.89 -22.45 38.26
N ALA F 669 53.45 -22.39 37.02
CA ALA F 669 54.32 -22.65 35.87
C ALA F 669 53.75 -21.95 34.64
N ASP F 670 54.38 -22.20 33.49
CA ASP F 670 53.92 -21.57 32.25
C ASP F 670 52.61 -22.18 31.77
N GLY F 671 52.47 -23.50 31.88
CA GLY F 671 51.26 -24.18 31.45
C GLY F 671 50.32 -24.41 32.62
N ASP F 672 50.38 -23.52 33.61
CA ASP F 672 49.54 -23.63 34.78
C ASP F 672 48.13 -23.09 34.55
N ARG F 673 47.97 -22.12 33.65
CA ARG F 673 46.65 -21.56 33.38
C ARG F 673 45.72 -22.62 32.81
N VAL F 674 44.42 -22.31 32.84
CA VAL F 674 43.38 -23.23 32.41
C VAL F 674 42.29 -22.45 31.67
N VAL F 675 41.24 -23.18 31.29
CA VAL F 675 40.08 -22.62 30.61
C VAL F 675 39.32 -21.68 31.55
N ARG F 676 38.62 -20.71 30.96
CA ARG F 676 37.85 -19.75 31.75
C ARG F 676 36.49 -20.27 32.16
N ALA F 677 35.62 -20.54 31.19
CA ALA F 677 34.27 -21.02 31.45
C ALA F 677 34.10 -22.52 31.26
N GLY F 678 34.79 -23.11 30.28
CA GLY F 678 34.68 -24.51 30.02
C GLY F 678 35.63 -25.35 30.87
N VAL F 679 35.48 -25.27 32.19
CA VAL F 679 36.34 -26.03 33.09
C VAL F 679 35.60 -27.26 33.56
N ASN F 680 34.49 -27.05 34.28
CA ASN F 680 33.70 -28.17 34.77
C ASN F 680 33.04 -28.91 33.61
N SER F 681 32.70 -28.20 32.55
CA SER F 681 32.07 -28.81 31.38
C SER F 681 33.07 -29.52 30.49
N LEU F 682 34.29 -29.72 30.98
CA LEU F 682 35.36 -30.38 30.25
C LEU F 682 35.87 -31.58 31.04
N LYS F 683 36.24 -32.63 30.32
CA LYS F 683 36.77 -33.84 30.92
C LYS F 683 38.29 -33.77 31.01
N PRO F 684 38.89 -34.31 32.08
CA PRO F 684 40.34 -34.25 32.21
C PRO F 684 41.05 -35.01 31.10
N GLY F 685 42.22 -34.50 30.71
CA GLY F 685 43.01 -35.11 29.67
C GLY F 685 42.45 -34.98 28.27
N GLN F 686 41.28 -34.36 28.10
CA GLN F 686 40.70 -34.21 26.78
C GLN F 686 41.56 -33.33 25.89
N LYS F 687 41.73 -33.75 24.64
CA LYS F 687 42.51 -32.99 23.70
C LYS F 687 41.73 -31.76 23.23
N ILE F 688 42.46 -30.77 22.73
CA ILE F 688 41.84 -29.54 22.25
C ILE F 688 42.35 -29.27 20.84
N LYS F 689 41.95 -28.13 20.28
CA LYS F 689 42.35 -27.73 18.95
C LYS F 689 42.97 -26.34 19.02
N LEU F 690 44.04 -26.13 18.23
CA LEU F 690 44.71 -24.84 18.24
C LEU F 690 43.92 -23.80 17.46
N ASP F 691 43.20 -24.22 16.42
CA ASP F 691 42.41 -23.29 15.62
C ASP F 691 41.33 -22.67 16.48
N GLU F 692 41.39 -21.34 16.64
CA GLU F 692 40.44 -20.60 17.47
C GLU F 692 39.57 -19.69 16.61
N ASP F 693 38.37 -19.42 17.11
CA ASP F 693 37.41 -18.56 16.42
C ASP F 693 37.76 -17.10 16.68
N ALA F 694 37.90 -16.32 15.61
CA ALA F 694 38.22 -14.91 15.73
C ALA F 694 37.86 -14.18 14.44
N ARG F 695 37.50 -12.90 14.59
CA ARG F 695 37.13 -12.08 13.44
C ARG F 695 37.30 -10.60 13.76
#